data_8R6R
#
_entry.id   8R6R
#
_cell.length_a   1.00
_cell.length_b   1.00
_cell.length_c   1.00
_cell.angle_alpha   90.00
_cell.angle_beta   90.00
_cell.angle_gamma   90.00
#
_symmetry.space_group_name_H-M   'P 1'
#
loop_
_entity.id
_entity.type
_entity.pdbx_description
1 polymer 'DNA-directed RNA polymerase subunit alpha'
2 polymer 'DNA-directed RNA polymerase subunit beta'
3 polymer "DNA-directed RNA polymerase subunit beta'"
4 polymer 'DNA-directed RNA polymerase subunit omega'
5 polymer 'RNA polymerase sigma factor SigA'
6 polymer 'RNA polymerase-binding protein RbpA'
7 polymer 'DNA 50-MER'
8 polymer 'DNA 50-MER'
9 non-polymer 'ZINC ION'
10 non-polymer 'MAGNESIUM ION'
#
loop_
_entity_poly.entity_id
_entity_poly.type
_entity_poly.pdbx_seq_one_letter_code
_entity_poly.pdbx_strand_id
1 'polypeptide(L)'
;MLISQRPTLSEETVAENRSRFVIEPLEPGFGYTLGNSLRRTLLSSIPGAAVTSIRIDGVLHEFTTVPGVKEDVTDIILNL
KGLVVSSDDDEPVTMYLRKQGPGVVTAGDIVPPAGVTVHNPDMHIATLNDKGKLEVELVVERGRGYVPAVQNKASGAEIG
RIPVDSIYSPVLKVTYKVEATRVEQRTDFDKLIIDVETKNSISPRDALASAGGTLVELFGLARELNADSEHIEIGPSPAE
ADHIASFALPIDDLDLTVRSYNCLKREGVHTVGELVARTESDLLDIRNFGQKSIDEVKIKLHQLGLSLKDSPATFDPSEV
AGYDAATGTWTSDAGYDLDDNQDYAETEQL
;
A,B
2 'polypeptide(L)'
;MLEGCILAVSSQSKSNAITNNSVPGAPNRVSFAKLREPLEVPGLLDVQTDSFEWLVGSDRWRQAAIDRGEENPVGGLEEV
LAELSPIEDFSGSMSLSFSDPRFDEVKASVDECKDKDMTYAAPLFVTAEFINNNTGEIKSQTVFMGDFPMMTEKGTFIIN
GTERVVVSQLVRSPGVYFDETIDKSTEKTLHSVKVIPGRGAWLEFDVDKRDTVGVRIDRKRRQPVTVLLKALGWTNEQIV
ERFGFSEIMMGTLEKDTTSGTDEALLDIYRKLRPGEPPTKESAQTLLENLFFKEKRYDLARVGRYKVNKKLGLNAGKPIT
SSTLTEEDVVATIEYLVRLHEGQTSMTVPGGVEVPVEVDDIDHFGNRRLRTVGELIQNQIRVGLSRMERVVRERMTTQDV
EAITPQTLINIRPVVAAIKEFFGTSQLSQFMDQNNPLSGLTHKRRLSALGPGGLSRERAGLEVRDVHPSHYGRMCPIETP
EGPNIGLIGSLSVYARVNPFGFIETPYRKVENGVVTDQIDYLTADEEDRHVVAQANSPTDENGRFTEDRVMVRKKGGEVE
FVSADQVDYMDVSPRQMVSVATAMIPFLEHDDANRALMGANMQRQAVPLVRSEAPLVGTGMELRAAIDAGDVVVADKTGV
IEEVSADYITVMADDGTRQSYRLRKFARSNHGTCANQRPIVDAGQRVEAGQVIADGPCTQNGEMALGKNLLVAIMPWEGH
NYEDAIILSNRLVEEDVLTSIHIEEHEIDARDTKLGAEEITRDIPNVSDEVLADLDERGIVRIGAEVRDGDILVGKVTPK
GETELTPEERLLRAIFGEKAREVRDTSLKVPHGESGKVIGIRVFSREDDDELPAGVNELVRVYVAQKRKISDGDKLAGRH
GNKGVIGKILPVEDMPFLPDGTPVDIILNTHGVPRRMNIGQILETHLGWVAKAGWNIDVAAGVPDWASKLPEELYSAPAD
STVATPVFDGAQEGELAGLLGSTLPNRDGEVMVDADGKSTLFDGRSGEPFPYPVTVGYMYILKLHHLVDDKIHARSTGPY
SMITQQPLGGKAQFGGQRFGEMECWAMQAYGAAYTLQELLTIKSDDTVGRVKVYEAIVKGENIPEPGIPESFKVLLKELQ
SLCLNVEVLSSDGAAIEMRDGDDEDLERAAANLGINLSRNESASVEDLA
;
C
3 'polypeptide(L)'
;MLDVNFFDELRIGLATADDIRNWSYGEVKKPETINYRTLKPEKDGLFCEKIFGPTRDWECYCGKYKRVRFKGIICERCGV
EVTRAKVRRERMGHIELAAPVTHIWYFKGVPSRLGYLLDLAPKDLEKIIYFAAYVITSVDDEMRHNELSTLEAEMAVEKK
AVEDQRDADLEARAQKLEADLAELEAEGAKSDVRRKVRDSGEREMRQLRDRAQRELDRLDEIWNTFTKLAPKQLIVDEVL
YRELQDRYGEYFTGAMGAESIKKLIENFDIDAEAESLREVIRSGKGQKKLRALKRLKVVAAFQQSGNSPMGMVLDAVPVI
PPELRPMVQLDGGRFATSDLNDLYRRVINRNNRLKRLIDLGAPEIIVNNEKRMLQESVDALFDNGRRGRPVTGPGNRPLK
SLSDLLKGKQGRFRQNLLGKRVDYSGRSVIVVGPQLKLHQCGLPKLMALELFKPFVMKRLVDLNHAQNIKSAKRMVERQR
PQVWDVLEEVIAEHPVLLNRAPTLHRLGIQAFEPQLVEGKAIQLHPLVCEAFNADFDGDQMAVHLPLSAEAQAEARILML
SSNNILSPASGKPLAMPRLDMVTGLYYLTTLVEGATGEYQAATKDAPEQGVYSSPAEAIMAMDRGALSVRAKIKVRLTEL
RPPTDLEAQLFENGWKPGDAWTAETTLGRVMFNELLPKSYPFVNEQMHKKVQARIINDLAERFPMIVVAQTVDKLKDAGF
YWATRSGVTVSMADVLVPPQKQEILERHEAEADAIERKYQRGALNHTERNESLVKIWQDATEEVGKALEEFYPADNPIIT
IVKSGATGNLTQTRTLAGMKGLVTNPKGEFIPRPIKSSFREGLTVLEYFINTHGARKGLADTALRTADSGYLTRRLVDVS
QDVIVREHDCETERGINVTLAERGPDGTLIRDAHVETSAFARTLATDAVDANGNVIIERGHDLGDPAIDALLAAGITTVK
VRSVLTCTSATGVCAMCYGRSMATGKLVDIGEAVGIVAAQSIGEPGTQLTMRTFHQGGVTGGADIVGGLPRVQELFEARV
PRNKAPIADVAGRVRLEESDKFFKITIVPDDGGEEVVYDKLSKRQRLRVITHEDGTEGVLSDGDHVEVGDQLMEGAADPH
EVLRVQGPREVQIHLVKEVQEVYRAQGVSIHDKHIEVIVRQMLRRVTIIDSGSTEFLPGSLTERAEFEAENRRVVAEGGE
PAAGRPVLMGITKASLATDSWLSAASFQETTRVLTDAAINCRSDKLNGLKENVIIGKLIPAGTGISRYRNIQVQPTEEAR
AAAYTIPSYEDQYYSPDFGQATGAAVPLDDYGYSDYR
;
D
4 'polypeptide(L)'
;MSTPHADAQLNAADDLGIDSSAASAYDTPLGITNPPIDELLSRASSKYALVIYAAKRARQINDYYNQLGDGILEYVGPLV
EPGLQEKPLSIALREIHGDLLEHTEGE
;
E
5 'polypeptide(L)'
;MAATKASPATEEPVKRTATKTPAKKAPAKRAAKSAAAKAGGKAPAKKAPAKRAAKGTAAKPEDGVTDDLEVTDDLEAEPG
EDLDVEDTDLELDDLDSDDDTAVEDEEEEADAATPAVATAKAADDDIDEPSEKDKASGDFVWDEEESEALRQARKDAELT
ASADSVRAYLKQIGKVALLNAEEEVELAKRIEAGLYATQKLAELAEKGEKLPVQQRRDMQWICRDGDRAKNHLLEANLRL
VVSLAKRYTGRGMAFLDLIQEGNLGLIRAVEKFDYTKGYKFSTYATWWIRQAITRAMADQARTIRIPVHMVEVINKLGRI
QRELLQDLGREPTPEELAKEMDITPEKVLEIQQYAREPISLDQTIGDEGDSQLGDFIEDSEAVVAVDAVSFTLLQDQLQS
VLETLSEREAGVVRLRFGLTDGQPRTLDEIGQVYGVTRERIRQIESKTMSKLRHPSRSQVLRDYLD
;
F
6 'polypeptide(L)'
;MADRVLRGSRLGAVSYETDRNHDLAPRQVARYRTDNGEEFDVPFADDAEIPGTWLCRNGLEGTLIEGDVPEPKKVKPPRT
HWDMLLERRSVEELEELLKERLDLIKAKRRGTGS
;
J
7 'polydeoxyribonucleotide'
;(DG)(DC)(DT)(DT)(DG)(DA)(DC)(DA)(DA)(DA)(DA)(DG)(DT)(DG)(DT)(DT)(DA)(DA)(DA)(DT)
(DT)(DG)(DT)(DG)(DC)(DT)(DA)(DT)(DA)(DC)(DT)(DG)(DG)(DG)(DA)(DG)(DC)(DC)(DG)(DT)
(DC)(DA)(DC)(DG)(DG)(DA)(DT)(DG)(DC)(DG)
;
O
8 'polydeoxyribonucleotide'
;(DC)(DG)(DC)(DA)(DT)(DC)(DC)(DG)(DT)(DG)(DA)(DG)(DT)(DC)(DG)(DA)(DG)(DG)(DA)(DT)
(DA)(DA)(DT)(DA)(DA)(DG)(DC)(DA)(DC)(DA)(DA)(DT)(DT)(DT)(DA)(DA)(DC)(DA)(DC)(DT)
(DT)(DT)(DT)(DG)(DT)(DC)(DA)(DA)(DG)(DC)
;
P
#
loop_
_chem_comp.id
_chem_comp.type
_chem_comp.name
_chem_comp.formula
DA DNA linking 2'-DEOXYADENOSINE-5'-MONOPHOSPHATE 'C10 H14 N5 O6 P'
DC DNA linking 2'-DEOXYCYTIDINE-5'-MONOPHOSPHATE 'C9 H14 N3 O7 P'
DG DNA linking 2'-DEOXYGUANOSINE-5'-MONOPHOSPHATE 'C10 H14 N5 O7 P'
DT DNA linking THYMIDINE-5'-MONOPHOSPHATE 'C10 H15 N2 O8 P'
MG non-polymer 'MAGNESIUM ION' 'Mg 2'
ZN non-polymer 'ZINC ION' 'Zn 2'
#
# COMPACT_ATOMS: atom_id res chain seq x y z
N MET A 1 -13.63 -69.11 17.99
CA MET A 1 -13.45 -69.22 19.46
C MET A 1 -13.93 -67.96 20.17
N LEU A 2 -14.80 -68.15 21.16
CA LEU A 2 -15.35 -67.07 21.97
C LEU A 2 -14.98 -67.35 23.42
N ILE A 3 -13.87 -66.77 23.88
CA ILE A 3 -13.36 -67.06 25.21
C ILE A 3 -14.24 -66.39 26.26
N SER A 4 -14.47 -67.09 27.37
CA SER A 4 -15.26 -66.56 28.47
C SER A 4 -14.32 -66.01 29.54
N GLN A 5 -13.60 -64.95 29.17
CA GLN A 5 -12.67 -64.28 30.06
C GLN A 5 -12.88 -62.78 29.99
N ARG A 6 -12.52 -62.10 31.06
CA ARG A 6 -12.73 -60.66 31.19
C ARG A 6 -11.42 -59.98 31.57
N PRO A 7 -11.27 -58.70 31.23
CA PRO A 7 -10.03 -57.99 31.58
C PRO A 7 -9.92 -57.76 33.07
N THR A 8 -8.68 -57.66 33.53
CA THR A 8 -8.36 -57.38 34.93
C THR A 8 -7.31 -56.28 34.99
N LEU A 9 -7.38 -55.49 36.05
CA LEU A 9 -6.51 -54.33 36.26
C LEU A 9 -5.62 -54.57 37.47
N SER A 10 -4.33 -54.33 37.29
CA SER A 10 -3.34 -54.50 38.35
C SER A 10 -2.49 -53.24 38.46
N GLU A 11 -2.22 -52.81 39.69
CA GLU A 11 -1.50 -51.58 39.96
C GLU A 11 -0.05 -51.87 40.31
N GLU A 12 0.79 -50.84 40.17
CA GLU A 12 2.18 -50.93 40.59
C GLU A 12 2.69 -49.52 40.85
N THR A 13 3.03 -49.22 42.10
CA THR A 13 3.50 -47.89 42.47
C THR A 13 4.99 -47.79 42.17
N VAL A 14 5.36 -46.94 41.22
CA VAL A 14 6.76 -46.70 40.92
C VAL A 14 7.37 -45.66 41.85
N ALA A 15 6.57 -44.70 42.31
CA ALA A 15 7.02 -43.68 43.24
C ALA A 15 5.81 -43.18 44.01
N GLU A 16 6.01 -42.14 44.83
CA GLU A 16 4.90 -41.59 45.60
C GLU A 16 3.82 -41.00 44.69
N ASN A 17 4.20 -40.58 43.48
CA ASN A 17 3.27 -39.91 42.58
C ASN A 17 3.23 -40.51 41.18
N ARG A 18 4.04 -41.53 40.89
CA ARG A 18 4.04 -42.17 39.58
C ARG A 18 3.59 -43.62 39.75
N SER A 19 2.62 -44.03 38.95
CA SER A 19 2.04 -45.36 39.06
C SER A 19 1.78 -45.94 37.67
N ARG A 20 1.97 -47.26 37.56
CA ARG A 20 1.80 -47.98 36.30
C ARG A 20 0.72 -49.04 36.50
N PHE A 21 -0.24 -49.08 35.57
CA PHE A 21 -1.39 -49.95 35.69
C PHE A 21 -1.50 -50.81 34.44
N VAL A 22 -1.79 -52.09 34.63
CA VAL A 22 -1.86 -53.07 33.54
C VAL A 22 -3.29 -53.57 33.45
N ILE A 23 -3.89 -53.44 32.28
CA ILE A 23 -5.22 -53.95 31.99
C ILE A 23 -5.08 -55.05 30.96
N GLU A 24 -5.56 -56.25 31.29
CA GLU A 24 -5.42 -57.36 30.37
C GLU A 24 -6.23 -58.58 30.82
N PRO A 25 -6.64 -59.46 29.90
CA PRO A 25 -6.47 -59.36 28.45
C PRO A 25 -7.65 -58.68 27.75
N LEU A 26 -7.38 -58.07 26.59
CA LEU A 26 -8.41 -57.41 25.79
C LEU A 26 -8.41 -58.01 24.38
N GLU A 27 -9.54 -57.88 23.72
CA GLU A 27 -9.62 -58.32 22.33
C GLU A 27 -8.66 -57.48 21.48
N PRO A 28 -8.15 -58.02 20.39
CA PRO A 28 -7.10 -57.32 19.65
C PRO A 28 -7.60 -55.98 19.12
N GLY A 29 -6.77 -54.95 19.29
CA GLY A 29 -7.07 -53.63 18.79
C GLY A 29 -7.63 -52.65 19.81
N PHE A 30 -7.69 -53.02 21.08
CA PHE A 30 -8.25 -52.14 22.11
C PHE A 30 -7.21 -51.35 22.89
N GLY A 31 -5.95 -51.80 22.93
CA GLY A 31 -4.98 -51.17 23.81
C GLY A 31 -4.81 -49.69 23.54
N TYR A 32 -4.51 -49.34 22.29
CA TYR A 32 -4.26 -47.93 21.95
C TYR A 32 -5.50 -47.08 22.18
N THR A 33 -6.68 -47.58 21.80
CA THR A 33 -7.90 -46.80 21.94
C THR A 33 -8.20 -46.49 23.41
N LEU A 34 -8.11 -47.52 24.27
CA LEU A 34 -8.36 -47.31 25.69
C LEU A 34 -7.31 -46.40 26.30
N GLY A 35 -6.05 -46.58 25.92
CA GLY A 35 -5.01 -45.67 26.41
C GLY A 35 -5.29 -44.24 26.02
N ASN A 36 -5.73 -44.01 24.78
CA ASN A 36 -6.05 -42.67 24.33
C ASN A 36 -7.20 -42.08 25.12
N SER A 37 -8.26 -42.87 25.35
CA SER A 37 -9.38 -42.38 26.12
C SER A 37 -8.94 -41.98 27.53
N LEU A 38 -8.14 -42.84 28.17
CA LEU A 38 -7.68 -42.56 29.52
C LEU A 38 -6.81 -41.31 29.55
N ARG A 39 -5.90 -41.17 28.58
CA ARG A 39 -5.03 -39.99 28.58
C ARG A 39 -5.84 -38.72 28.35
N ARG A 40 -6.78 -38.75 27.40
CA ARG A 40 -7.59 -37.56 27.12
C ARG A 40 -8.41 -37.17 28.32
N THR A 41 -8.92 -38.15 29.08
CA THR A 41 -9.68 -37.83 30.28
C THR A 41 -8.76 -37.28 31.38
N LEU A 42 -7.63 -37.94 31.62
CA LEU A 42 -6.76 -37.55 32.72
C LEU A 42 -6.17 -36.16 32.51
N LEU A 43 -5.69 -35.87 31.30
CA LEU A 43 -4.91 -34.65 31.09
C LEU A 43 -5.76 -33.39 31.29
N SER A 44 -7.08 -33.48 31.08
CA SER A 44 -7.89 -32.26 31.06
C SER A 44 -9.25 -32.39 31.75
N SER A 45 -9.46 -33.43 32.56
CA SER A 45 -10.75 -33.55 33.25
C SER A 45 -10.61 -34.04 34.69
N ILE A 46 -9.44 -33.93 35.29
CA ILE A 46 -9.24 -34.30 36.69
C ILE A 46 -9.40 -33.04 37.53
N PRO A 47 -10.46 -32.92 38.34
CA PRO A 47 -10.70 -31.68 39.07
C PRO A 47 -9.65 -31.44 40.15
N GLY A 48 -9.50 -30.17 40.49
CA GLY A 48 -8.54 -29.79 41.52
C GLY A 48 -8.81 -28.39 42.01
N ALA A 49 -7.83 -27.83 42.72
CA ALA A 49 -7.91 -26.49 43.27
C ALA A 49 -6.63 -25.73 42.98
N ALA A 50 -6.77 -24.42 42.77
CA ALA A 50 -5.63 -23.57 42.47
C ALA A 50 -5.97 -22.13 42.85
N VAL A 51 -4.93 -21.31 42.96
CA VAL A 51 -5.12 -19.91 43.33
C VAL A 51 -5.98 -19.21 42.29
N THR A 52 -6.78 -18.25 42.74
CA THR A 52 -7.64 -17.46 41.86
C THR A 52 -7.31 -15.99 41.84
N SER A 53 -6.85 -15.42 42.96
CA SER A 53 -6.47 -14.02 43.01
C SER A 53 -5.49 -13.81 44.15
N ILE A 54 -4.73 -12.73 44.06
CA ILE A 54 -3.75 -12.37 45.08
C ILE A 54 -3.81 -10.86 45.31
N ARG A 55 -3.70 -10.46 46.57
CA ARG A 55 -3.68 -9.05 46.95
C ARG A 55 -2.42 -8.81 47.78
N ILE A 56 -1.69 -7.76 47.44
CA ILE A 56 -0.47 -7.41 48.16
C ILE A 56 -0.67 -6.06 48.83
N ASP A 57 0.05 -5.86 49.93
CA ASP A 57 -0.18 -4.68 50.78
C ASP A 57 0.08 -3.39 50.02
N GLY A 58 1.19 -3.33 49.29
CA GLY A 58 1.64 -2.06 48.72
C GLY A 58 1.71 -2.03 47.20
N VAL A 59 0.73 -2.62 46.53
CA VAL A 59 0.63 -2.54 45.07
C VAL A 59 -0.83 -2.35 44.69
N LEU A 60 -1.10 -1.42 43.79
CA LEU A 60 -2.44 -1.21 43.27
C LEU A 60 -2.72 -2.01 42.00
N HIS A 61 -1.68 -2.61 41.41
CA HIS A 61 -1.83 -3.41 40.20
C HIS A 61 -0.53 -4.19 39.99
N GLU A 62 -0.60 -5.17 39.09
CA GLU A 62 0.49 -6.13 38.95
C GLU A 62 1.73 -5.57 38.26
N PHE A 63 1.63 -4.42 37.60
CA PHE A 63 2.77 -3.84 36.90
C PHE A 63 3.49 -2.83 37.81
N THR A 64 3.96 -3.32 38.95
CA THR A 64 4.65 -2.49 39.93
C THR A 64 5.75 -3.32 40.58
N THR A 65 6.33 -2.78 41.64
CA THR A 65 7.36 -3.47 42.41
C THR A 65 7.15 -3.15 43.88
N VAL A 66 7.58 -4.08 44.73
CA VAL A 66 7.47 -3.94 46.18
C VAL A 66 8.83 -3.47 46.71
N PRO A 67 8.89 -2.37 47.47
CA PRO A 67 10.18 -1.92 48.00
C PRO A 67 10.84 -3.01 48.83
N GLY A 68 12.14 -3.19 48.61
CA GLY A 68 12.90 -4.19 49.33
C GLY A 68 12.70 -5.61 48.87
N VAL A 69 11.98 -5.84 47.78
CA VAL A 69 11.75 -7.17 47.23
C VAL A 69 12.49 -7.27 45.91
N LYS A 70 13.42 -8.23 45.83
CA LYS A 70 14.22 -8.37 44.62
C LYS A 70 13.34 -8.71 43.42
N GLU A 71 12.39 -9.62 43.60
CA GLU A 71 11.53 -10.04 42.50
C GLU A 71 10.45 -9.00 42.24
N ASP A 72 10.08 -8.87 40.97
CA ASP A 72 8.99 -8.00 40.58
C ASP A 72 7.65 -8.66 40.88
N VAL A 73 6.57 -7.89 40.74
CA VAL A 73 5.23 -8.44 40.99
C VAL A 73 4.93 -9.53 39.97
N THR A 74 5.30 -9.31 38.70
CA THR A 74 5.06 -10.32 37.69
C THR A 74 5.85 -11.60 37.98
N ASP A 75 7.10 -11.46 38.43
CA ASP A 75 7.87 -12.63 38.82
C ASP A 75 7.23 -13.35 40.00
N ILE A 76 6.70 -12.59 40.96
CA ILE A 76 6.02 -13.20 42.09
C ILE A 76 4.79 -13.98 41.63
N ILE A 77 4.02 -13.41 40.70
CA ILE A 77 2.86 -14.12 40.18
C ILE A 77 3.28 -15.39 39.44
N LEU A 78 4.36 -15.30 38.66
CA LEU A 78 4.85 -16.48 37.96
C LEU A 78 5.24 -17.58 38.95
N ASN A 79 5.92 -17.21 40.03
CA ASN A 79 6.30 -18.20 41.03
C ASN A 79 5.06 -18.77 41.72
N LEU A 80 4.07 -17.94 42.02
CA LEU A 80 2.87 -18.41 42.68
C LEU A 80 2.06 -19.35 41.80
N LYS A 81 2.11 -19.16 40.47
CA LYS A 81 1.36 -20.03 39.59
C LYS A 81 1.85 -21.48 39.65
N GLY A 82 3.06 -21.70 40.17
CA GLY A 82 3.57 -23.04 40.39
C GLY A 82 3.17 -23.67 41.70
N LEU A 83 2.39 -22.97 42.52
CA LEU A 83 1.99 -23.49 43.81
C LEU A 83 1.08 -24.70 43.66
N VAL A 84 1.33 -25.73 44.45
CA VAL A 84 0.48 -26.92 44.50
C VAL A 84 -0.42 -26.80 45.73
N VAL A 85 -1.72 -26.75 45.51
CA VAL A 85 -2.69 -26.54 46.57
C VAL A 85 -3.84 -27.52 46.42
N SER A 86 -4.43 -27.88 47.55
CA SER A 86 -5.59 -28.76 47.59
C SER A 86 -6.60 -28.20 48.59
N SER A 87 -7.87 -28.21 48.21
CA SER A 87 -8.94 -27.67 49.04
C SER A 87 -10.02 -28.73 49.21
N ASP A 88 -10.56 -28.82 50.43
CA ASP A 88 -11.58 -29.80 50.75
C ASP A 88 -13.00 -29.29 50.54
N ASP A 89 -13.19 -27.98 50.44
CA ASP A 89 -14.50 -27.38 50.25
C ASP A 89 -14.54 -26.62 48.94
N ASP A 90 -15.71 -26.63 48.30
CA ASP A 90 -15.84 -26.01 46.99
C ASP A 90 -15.77 -24.49 47.06
N GLU A 91 -16.25 -23.90 48.16
CA GLU A 91 -16.28 -22.45 48.26
C GLU A 91 -14.86 -21.89 48.37
N PRO A 92 -14.68 -20.62 47.99
CA PRO A 92 -13.32 -20.04 48.05
C PRO A 92 -12.80 -19.99 49.47
N VAL A 93 -11.47 -20.10 49.59
CA VAL A 93 -10.77 -20.04 50.86
C VAL A 93 -9.66 -19.01 50.75
N THR A 94 -9.27 -18.46 51.90
CA THR A 94 -8.26 -17.40 51.95
C THR A 94 -7.02 -17.90 52.69
N MET A 95 -5.87 -17.53 52.17
CA MET A 95 -4.58 -17.87 52.76
C MET A 95 -3.75 -16.60 52.89
N TYR A 96 -2.85 -16.60 53.88
CA TYR A 96 -2.06 -15.42 54.20
C TYR A 96 -0.58 -15.75 54.20
N LEU A 97 0.23 -14.75 53.88
CA LEU A 97 1.69 -14.88 53.89
C LEU A 97 2.28 -13.55 54.33
N ARG A 98 2.89 -13.53 55.51
CA ARG A 98 3.53 -12.33 56.05
C ARG A 98 4.99 -12.60 56.33
N LYS A 99 5.85 -11.65 55.96
CA LYS A 99 7.28 -11.78 56.19
C LYS A 99 7.88 -10.39 56.32
N GLN A 100 8.80 -10.25 57.28
CA GLN A 100 9.47 -8.99 57.55
C GLN A 100 10.96 -9.24 57.71
N GLY A 101 11.76 -8.26 57.29
CA GLY A 101 13.19 -8.35 57.42
C GLY A 101 13.84 -9.17 56.33
N PRO A 102 15.16 -9.29 56.38
CA PRO A 102 15.87 -10.02 55.33
C PRO A 102 15.61 -11.51 55.40
N GLY A 103 15.81 -12.18 54.27
CA GLY A 103 15.69 -13.62 54.20
C GLY A 103 15.12 -14.03 52.86
N VAL A 104 14.61 -15.26 52.82
CA VAL A 104 14.00 -15.83 51.62
C VAL A 104 12.60 -16.32 51.99
N VAL A 105 11.60 -15.86 51.26
CA VAL A 105 10.22 -16.26 51.47
C VAL A 105 9.87 -17.33 50.46
N THR A 106 9.38 -18.48 50.95
CA THR A 106 9.09 -19.64 50.12
C THR A 106 7.66 -20.10 50.40
N ALA A 107 7.23 -21.11 49.66
CA ALA A 107 5.90 -21.65 49.86
C ALA A 107 5.73 -22.27 51.24
N GLY A 108 6.83 -22.62 51.90
CA GLY A 108 6.76 -23.17 53.24
C GLY A 108 6.48 -22.15 54.33
N ASP A 109 6.47 -20.88 53.99
CA ASP A 109 6.19 -19.81 54.96
C ASP A 109 4.71 -19.44 54.99
N ILE A 110 3.88 -20.04 54.16
CA ILE A 110 2.46 -19.71 54.13
C ILE A 110 1.77 -20.31 55.35
N VAL A 111 0.61 -19.74 55.69
CA VAL A 111 -0.18 -20.18 56.84
C VAL A 111 -1.58 -20.50 56.36
N PRO A 112 -1.81 -21.68 55.76
CA PRO A 112 -3.13 -22.00 55.23
C PRO A 112 -4.12 -22.29 56.33
N PRO A 113 -5.41 -22.11 56.09
CA PRO A 113 -6.42 -22.45 57.10
C PRO A 113 -6.78 -23.93 57.02
N ALA A 114 -7.77 -24.31 57.83
CA ALA A 114 -8.25 -25.69 57.80
C ALA A 114 -8.96 -25.98 56.49
N GLY A 115 -8.77 -27.20 55.98
CA GLY A 115 -9.34 -27.59 54.72
C GLY A 115 -8.51 -27.24 53.50
N VAL A 116 -7.36 -26.61 53.68
CA VAL A 116 -6.48 -26.23 52.59
C VAL A 116 -5.07 -26.71 52.91
N THR A 117 -4.40 -27.27 51.91
CA THR A 117 -3.05 -27.81 52.10
C THR A 117 -2.18 -27.45 50.90
N VAL A 118 -0.88 -27.32 51.16
CA VAL A 118 0.12 -27.08 50.13
C VAL A 118 1.22 -28.12 50.28
N HIS A 119 1.65 -28.71 49.17
CA HIS A 119 2.49 -29.90 49.18
C HIS A 119 3.91 -29.64 48.66
N ASN A 120 4.26 -28.39 48.37
CA ASN A 120 5.59 -28.05 47.87
C ASN A 120 6.12 -26.87 48.67
N PRO A 121 6.50 -27.09 49.94
CA PRO A 121 6.98 -25.99 50.78
C PRO A 121 8.32 -25.40 50.33
N ASP A 122 9.08 -26.10 49.50
CA ASP A 122 10.40 -25.63 49.08
C ASP A 122 10.34 -24.70 47.87
N MET A 123 9.14 -24.44 47.33
CA MET A 123 9.02 -23.55 46.18
C MET A 123 9.47 -22.15 46.56
N HIS A 124 10.44 -21.63 45.81
CA HIS A 124 10.99 -20.30 46.06
C HIS A 124 10.01 -19.24 45.55
N ILE A 125 9.60 -18.34 46.44
CA ILE A 125 8.68 -17.26 46.07
C ILE A 125 9.41 -15.95 45.85
N ALA A 126 10.26 -15.54 46.78
CA ALA A 126 10.98 -14.28 46.63
C ALA A 126 12.06 -14.19 47.71
N THR A 127 12.83 -13.11 47.66
CA THR A 127 13.85 -12.80 48.65
C THR A 127 13.70 -11.36 49.09
N LEU A 128 14.07 -11.09 50.35
CA LEU A 128 13.89 -9.78 50.96
C LEU A 128 15.20 -9.32 51.58
N ASN A 129 15.50 -8.04 51.44
CA ASN A 129 16.70 -7.45 52.03
C ASN A 129 16.36 -6.91 53.41
N ASP A 130 17.23 -6.07 53.96
CA ASP A 130 17.07 -5.58 55.32
C ASP A 130 15.68 -4.99 55.56
N LYS A 131 15.23 -4.11 54.67
CA LYS A 131 13.97 -3.40 54.86
C LYS A 131 12.81 -4.04 54.11
N GLY A 132 12.95 -5.30 53.70
CA GLY A 132 11.86 -5.96 53.01
C GLY A 132 10.67 -6.19 53.91
N LYS A 133 9.47 -6.15 53.30
CA LYS A 133 8.23 -6.35 54.04
C LYS A 133 7.19 -6.82 53.03
N LEU A 134 6.89 -8.12 53.05
CA LEU A 134 6.00 -8.73 52.08
C LEU A 134 4.78 -9.29 52.79
N GLU A 135 3.60 -8.78 52.44
CA GLU A 135 2.33 -9.30 52.93
C GLU A 135 1.44 -9.61 51.74
N VAL A 136 0.90 -10.83 51.69
CA VAL A 136 0.11 -11.30 50.56
C VAL A 136 -1.08 -12.08 51.07
N GLU A 137 -2.23 -11.91 50.41
CA GLU A 137 -3.43 -12.67 50.69
C GLU A 137 -3.91 -13.32 49.40
N LEU A 138 -4.10 -14.63 49.44
CA LEU A 138 -4.40 -15.42 48.24
C LEU A 138 -5.76 -16.09 48.39
N VAL A 139 -6.45 -16.26 47.26
CA VAL A 139 -7.75 -16.90 47.21
C VAL A 139 -7.63 -18.20 46.44
N VAL A 140 -8.19 -19.28 46.99
CA VAL A 140 -8.12 -20.60 46.40
C VAL A 140 -9.54 -21.10 46.16
N GLU A 141 -9.75 -21.69 44.97
CA GLU A 141 -11.04 -22.23 44.57
C GLU A 141 -10.82 -23.58 43.89
N ARG A 142 -11.91 -24.33 43.77
CA ARG A 142 -11.89 -25.62 43.09
C ARG A 142 -12.34 -25.46 41.64
N GLY A 143 -11.86 -26.36 40.79
CA GLY A 143 -12.19 -26.30 39.38
C GLY A 143 -11.50 -27.42 38.63
N ARG A 144 -11.53 -27.31 37.29
CA ARG A 144 -10.92 -28.32 36.43
C ARG A 144 -10.37 -27.64 35.19
N GLY A 145 -9.38 -28.28 34.58
CA GLY A 145 -8.81 -27.78 33.34
C GLY A 145 -8.10 -26.45 33.56
N TYR A 146 -8.32 -25.53 32.62
CA TYR A 146 -7.68 -24.23 32.62
C TYR A 146 -8.74 -23.14 32.48
N VAL A 147 -8.61 -22.08 33.29
CA VAL A 147 -9.50 -20.94 33.20
C VAL A 147 -8.65 -19.66 33.29
N PRO A 148 -8.75 -18.75 32.32
CA PRO A 148 -7.96 -17.53 32.39
C PRO A 148 -8.46 -16.59 33.47
N ALA A 149 -7.58 -15.67 33.87
CA ALA A 149 -7.91 -14.72 34.92
C ALA A 149 -9.13 -13.88 34.52
N VAL A 150 -9.99 -13.61 35.50
CA VAL A 150 -11.21 -12.82 35.29
C VAL A 150 -10.95 -11.42 35.79
N GLN A 151 -11.25 -10.43 34.95
CA GLN A 151 -10.99 -9.04 35.29
C GLN A 151 -11.86 -8.58 36.45
N ASN A 152 -11.35 -7.61 37.21
CA ASN A 152 -12.02 -7.17 38.42
C ASN A 152 -13.41 -6.62 38.13
N LYS A 153 -13.51 -5.70 37.16
CA LYS A 153 -14.78 -5.00 36.94
C LYS A 153 -15.88 -5.96 36.51
N ALA A 154 -15.52 -7.02 35.78
CA ALA A 154 -16.49 -8.06 35.49
C ALA A 154 -16.92 -8.77 36.77
N SER A 155 -15.98 -9.00 37.69
CA SER A 155 -16.29 -9.61 38.97
C SER A 155 -16.79 -8.61 40.00
N GLY A 156 -16.78 -7.32 39.68
CA GLY A 156 -17.27 -6.32 40.62
C GLY A 156 -16.36 -6.06 41.80
N ALA A 157 -15.07 -6.36 41.67
CA ALA A 157 -14.14 -6.18 42.76
C ALA A 157 -13.54 -4.77 42.74
N GLU A 158 -13.12 -4.32 43.92
CA GLU A 158 -12.50 -3.01 44.06
C GLU A 158 -11.02 -3.08 43.67
N ILE A 159 -10.46 -1.91 43.35
CA ILE A 159 -9.07 -1.82 42.95
C ILE A 159 -8.18 -2.51 43.98
N GLY A 160 -7.14 -3.20 43.50
CA GLY A 160 -6.13 -3.80 44.35
C GLY A 160 -5.98 -5.29 44.18
N ARG A 161 -7.10 -6.01 44.01
CA ARG A 161 -7.04 -7.45 43.79
C ARG A 161 -6.45 -7.72 42.41
N ILE A 162 -5.56 -8.70 42.35
CA ILE A 162 -4.87 -9.04 41.10
C ILE A 162 -5.29 -10.43 40.66
N PRO A 163 -6.25 -10.56 39.75
CA PRO A 163 -6.62 -11.90 39.27
C PRO A 163 -5.46 -12.58 38.58
N VAL A 164 -5.38 -13.90 38.77
CA VAL A 164 -4.32 -14.71 38.19
C VAL A 164 -4.94 -15.94 37.53
N ASP A 165 -4.22 -16.49 36.57
CA ASP A 165 -4.68 -17.69 35.88
C ASP A 165 -4.64 -18.89 36.83
N SER A 166 -5.55 -19.82 36.62
CA SER A 166 -5.72 -20.98 37.49
C SER A 166 -5.36 -22.25 36.75
N ILE A 167 -4.49 -23.06 37.36
CA ILE A 167 -4.10 -24.36 36.83
C ILE A 167 -4.68 -25.41 37.78
N TYR A 168 -5.78 -26.03 37.38
CA TYR A 168 -6.47 -26.98 38.26
C TYR A 168 -6.02 -28.41 38.07
N SER A 169 -5.69 -28.81 36.85
CA SER A 169 -5.37 -30.20 36.58
C SER A 169 -4.13 -30.61 37.38
N PRO A 170 -4.20 -31.67 38.20
CA PRO A 170 -3.02 -32.14 38.91
C PRO A 170 -2.15 -33.12 38.14
N VAL A 171 -2.64 -33.65 37.02
CA VAL A 171 -1.87 -34.63 36.27
C VAL A 171 -0.67 -33.95 35.62
N LEU A 172 0.51 -34.54 35.81
CA LEU A 172 1.74 -34.01 35.26
C LEU A 172 2.13 -34.67 33.94
N LYS A 173 1.97 -35.99 33.84
CA LYS A 173 2.34 -36.71 32.63
C LYS A 173 1.53 -38.00 32.54
N VAL A 174 1.29 -38.44 31.31
CA VAL A 174 0.55 -39.69 31.06
C VAL A 174 1.13 -40.31 29.80
N THR A 175 1.17 -41.65 29.77
CA THR A 175 1.60 -42.37 28.59
C THR A 175 1.04 -43.79 28.65
N TYR A 176 1.13 -44.49 27.53
CA TYR A 176 0.65 -45.86 27.48
C TYR A 176 1.38 -46.64 26.39
N LYS A 177 1.28 -47.96 26.49
CA LYS A 177 1.84 -48.87 25.50
C LYS A 177 1.01 -50.15 25.49
N VAL A 178 1.20 -50.95 24.44
CA VAL A 178 0.42 -52.16 24.23
C VAL A 178 1.37 -53.30 23.86
N GLU A 179 1.11 -54.47 24.43
CA GLU A 179 1.85 -55.69 24.11
C GLU A 179 0.88 -56.79 23.71
N ALA A 180 1.42 -57.83 23.09
CA ALA A 180 0.63 -58.97 22.64
C ALA A 180 0.84 -60.14 23.59
N THR A 181 -0.27 -60.67 24.12
CA THR A 181 -0.21 -61.73 25.10
C THR A 181 -0.33 -63.10 24.43
N ARG A 182 -0.36 -64.16 25.24
CA ARG A 182 -0.48 -65.52 24.72
C ARG A 182 -1.43 -66.37 25.57
N VAL A 183 -2.29 -65.74 26.39
CA VAL A 183 -3.08 -66.49 27.34
C VAL A 183 -4.03 -67.46 26.64
N GLU A 184 -4.69 -67.01 25.58
CA GLU A 184 -5.68 -67.83 24.87
C GLU A 184 -5.29 -68.09 23.43
N GLN A 185 -5.00 -67.04 22.66
CA GLN A 185 -4.64 -67.18 21.25
C GLN A 185 -3.34 -66.43 21.00
N ARG A 186 -2.48 -67.03 20.17
CA ARG A 186 -1.14 -66.49 19.94
C ARG A 186 -1.19 -65.09 19.34
N THR A 187 -0.75 -64.09 20.12
CA THR A 187 -0.57 -62.71 19.68
C THR A 187 -1.88 -62.03 19.29
N ASP A 188 -3.03 -62.66 19.55
CA ASP A 188 -4.32 -62.12 19.16
C ASP A 188 -5.02 -61.36 20.28
N PHE A 189 -4.36 -61.15 21.42
CA PHE A 189 -4.96 -60.41 22.52
C PHE A 189 -3.95 -59.40 23.05
N ASP A 190 -4.47 -58.29 23.58
CA ASP A 190 -3.68 -57.11 23.91
C ASP A 190 -3.62 -56.91 25.43
N LYS A 191 -2.44 -56.50 25.89
CA LYS A 191 -2.22 -56.07 27.26
C LYS A 191 -1.83 -54.60 27.23
N LEU A 192 -2.58 -53.77 27.96
CA LEU A 192 -2.38 -52.32 27.94
C LEU A 192 -1.70 -51.88 29.23
N ILE A 193 -0.62 -51.13 29.10
CA ILE A 193 0.11 -50.61 30.26
C ILE A 193 0.02 -49.08 30.19
N ILE A 194 -0.55 -48.47 31.22
CA ILE A 194 -0.74 -47.03 31.29
C ILE A 194 0.05 -46.50 32.47
N ASP A 195 0.91 -45.52 32.22
CA ASP A 195 1.72 -44.90 33.24
C ASP A 195 1.21 -43.48 33.48
N VAL A 196 0.98 -43.14 34.75
CA VAL A 196 0.47 -41.84 35.15
C VAL A 196 1.43 -41.25 36.17
N GLU A 197 1.64 -39.94 36.07
CA GLU A 197 2.44 -39.22 37.05
C GLU A 197 1.74 -37.91 37.36
N THR A 198 1.49 -37.66 38.63
CA THR A 198 0.75 -36.49 39.09
C THR A 198 1.61 -35.68 40.04
N LYS A 199 1.24 -34.42 40.22
CA LYS A 199 1.84 -33.63 41.29
C LYS A 199 1.34 -34.17 42.63
N ASN A 200 2.00 -33.72 43.70
CA ASN A 200 1.72 -34.28 45.02
C ASN A 200 0.32 -33.93 45.53
N SER A 201 -0.50 -33.24 44.76
CA SER A 201 -1.86 -32.93 45.20
C SER A 201 -2.65 -34.20 45.49
N ILE A 202 -2.66 -35.14 44.53
CA ILE A 202 -3.37 -36.40 44.69
C ILE A 202 -2.54 -37.53 44.11
N SER A 203 -2.83 -38.75 44.56
CA SER A 203 -2.18 -39.93 44.04
C SER A 203 -2.76 -40.32 42.69
N PRO A 204 -1.99 -41.03 41.85
CA PRO A 204 -2.52 -41.41 40.53
C PRO A 204 -3.79 -42.24 40.60
N ARG A 205 -3.94 -43.05 41.66
CA ARG A 205 -5.08 -43.95 41.75
C ARG A 205 -6.40 -43.18 41.77
N ASP A 206 -6.46 -42.09 42.54
CA ASP A 206 -7.69 -41.29 42.60
C ASP A 206 -8.00 -40.65 41.25
N ALA A 207 -6.97 -40.15 40.55
CA ALA A 207 -7.19 -39.55 39.24
C ALA A 207 -7.72 -40.59 38.25
N LEU A 208 -7.14 -41.79 38.27
CA LEU A 208 -7.62 -42.85 37.38
C LEU A 208 -9.06 -43.21 37.70
N ALA A 209 -9.40 -43.28 39.00
CA ALA A 209 -10.77 -43.56 39.38
C ALA A 209 -11.72 -42.49 38.87
N SER A 210 -11.33 -41.22 38.99
CA SER A 210 -12.19 -40.13 38.51
C SER A 210 -12.38 -40.21 37.00
N ALA A 211 -11.30 -40.49 36.26
CA ALA A 211 -11.41 -40.62 34.81
C ALA A 211 -12.35 -41.75 34.44
N GLY A 212 -12.20 -42.90 35.12
CA GLY A 212 -13.10 -44.01 34.86
C GLY A 212 -14.54 -43.66 35.15
N GLY A 213 -14.78 -42.97 36.26
CA GLY A 213 -16.15 -42.59 36.60
C GLY A 213 -16.79 -41.68 35.57
N THR A 214 -16.05 -40.65 35.15
CA THR A 214 -16.60 -39.73 34.16
C THR A 214 -16.85 -40.43 32.84
N LEU A 215 -15.94 -41.31 32.42
CA LEU A 215 -16.15 -42.05 31.17
C LEU A 215 -17.36 -42.96 31.28
N VAL A 216 -17.53 -43.64 32.41
CA VAL A 216 -18.69 -44.50 32.61
C VAL A 216 -19.97 -43.69 32.52
N GLU A 217 -20.00 -42.53 33.17
CA GLU A 217 -21.20 -41.70 33.13
C GLU A 217 -21.47 -41.23 31.70
N LEU A 218 -20.42 -40.89 30.96
CA LEU A 218 -20.61 -40.44 29.58
C LEU A 218 -21.20 -41.56 28.71
N PHE A 219 -20.67 -42.78 28.85
CA PHE A 219 -21.20 -43.90 28.07
C PHE A 219 -22.56 -44.37 28.57
N GLY A 220 -22.96 -43.96 29.78
CA GLY A 220 -24.32 -44.24 30.21
C GLY A 220 -25.36 -43.69 29.26
N LEU A 221 -25.04 -42.58 28.57
CA LEU A 221 -25.97 -42.05 27.58
C LEU A 221 -26.21 -43.04 26.45
N ALA A 222 -25.13 -43.64 25.95
CA ALA A 222 -25.28 -44.69 24.93
C ALA A 222 -26.02 -45.89 25.50
N ARG A 223 -25.72 -46.27 26.73
CA ARG A 223 -26.43 -47.39 27.35
C ARG A 223 -27.92 -47.12 27.46
N GLU A 224 -28.31 -45.87 27.62
CA GLU A 224 -29.70 -45.54 27.89
C GLU A 224 -30.65 -45.89 26.75
N LEU A 225 -30.13 -46.18 25.56
CA LEU A 225 -31.00 -46.58 24.46
C LEU A 225 -31.82 -47.82 24.78
N ASN A 226 -31.37 -48.63 25.73
CA ASN A 226 -32.08 -49.84 26.12
C ASN A 226 -32.14 -50.85 24.98
N MET B 1 -18.90 -32.82 40.25
CA MET B 1 -19.44 -31.52 39.75
C MET B 1 -20.23 -31.72 38.46
N LEU B 2 -21.32 -30.97 38.33
CA LEU B 2 -22.24 -31.16 37.21
C LEU B 2 -21.62 -30.65 35.91
N ILE B 3 -21.94 -31.33 34.81
CA ILE B 3 -21.49 -30.90 33.50
C ILE B 3 -22.19 -29.60 33.11
N SER B 4 -21.57 -28.86 32.19
CA SER B 4 -22.15 -27.60 31.73
C SER B 4 -23.49 -27.83 31.05
N GLN B 5 -23.55 -28.81 30.15
CA GLN B 5 -24.77 -29.11 29.42
C GLN B 5 -24.94 -30.61 29.27
N ARG B 6 -26.17 -31.09 29.46
CA ARG B 6 -26.46 -32.51 29.34
C ARG B 6 -26.53 -32.90 27.87
N PRO B 7 -25.71 -33.84 27.40
CA PRO B 7 -25.82 -34.28 26.00
C PRO B 7 -27.11 -35.05 25.75
N THR B 8 -27.53 -35.03 24.49
CA THR B 8 -28.73 -35.71 24.04
C THR B 8 -28.43 -36.48 22.77
N LEU B 9 -29.20 -37.54 22.55
CA LEU B 9 -28.99 -38.46 21.44
C LEU B 9 -30.20 -38.45 20.52
N SER B 10 -29.98 -38.30 19.23
CA SER B 10 -31.03 -38.37 18.23
C SER B 10 -30.60 -39.33 17.13
N GLU B 11 -31.59 -39.89 16.43
CA GLU B 11 -31.36 -40.96 15.46
C GLU B 11 -31.94 -40.61 14.10
N GLU B 12 -31.13 -40.79 13.05
CA GLU B 12 -31.60 -40.74 11.67
C GLU B 12 -31.53 -42.16 11.11
N THR B 13 -32.69 -42.71 10.75
CA THR B 13 -32.77 -44.07 10.20
C THR B 13 -32.39 -44.00 8.72
N VAL B 14 -31.09 -44.11 8.47
CA VAL B 14 -30.59 -43.97 7.09
C VAL B 14 -31.16 -45.06 6.21
N ALA B 15 -31.12 -46.30 6.68
CA ALA B 15 -31.55 -47.43 5.87
C ALA B 15 -31.91 -48.58 6.81
N GLU B 16 -32.46 -49.65 6.21
CA GLU B 16 -32.89 -50.80 6.99
C GLU B 16 -31.74 -51.47 7.72
N ASN B 17 -30.50 -51.25 7.27
CA ASN B 17 -29.33 -51.82 7.94
C ASN B 17 -28.28 -50.75 8.23
N ARG B 18 -28.65 -49.48 8.19
CA ARG B 18 -27.75 -48.39 8.54
C ARG B 18 -28.50 -47.36 9.35
N SER B 19 -27.75 -46.68 10.23
CA SER B 19 -28.34 -45.62 11.04
C SER B 19 -27.26 -44.63 11.44
N ARG B 20 -27.68 -43.39 11.68
CA ARG B 20 -26.76 -42.32 12.06
C ARG B 20 -27.22 -41.70 13.37
N PHE B 21 -26.38 -41.83 14.40
CA PHE B 21 -26.68 -41.31 15.73
C PHE B 21 -25.91 -40.02 15.95
N VAL B 22 -26.63 -38.97 16.35
CA VAL B 22 -26.02 -37.68 16.66
C VAL B 22 -26.11 -37.47 18.16
N ILE B 23 -24.96 -37.22 18.79
CA ILE B 23 -24.87 -36.95 20.22
C ILE B 23 -24.36 -35.52 20.37
N GLU B 24 -25.16 -34.68 21.02
CA GLU B 24 -24.80 -33.27 21.15
C GLU B 24 -25.62 -32.64 22.26
N PRO B 25 -25.13 -31.56 22.89
CA PRO B 25 -23.82 -30.94 22.69
C PRO B 25 -22.76 -31.43 23.66
N LEU B 26 -21.73 -32.11 23.16
CA LEU B 26 -20.63 -32.55 24.00
C LEU B 26 -19.69 -31.40 24.29
N GLU B 27 -19.05 -31.45 25.46
CA GLU B 27 -18.10 -30.41 25.83
C GLU B 27 -16.84 -30.53 24.98
N PRO B 28 -16.11 -29.42 24.79
CA PRO B 28 -14.88 -29.48 24.00
C PRO B 28 -13.96 -30.60 24.45
N GLY B 29 -13.42 -31.33 23.47
CA GLY B 29 -12.43 -32.36 23.72
C GLY B 29 -12.99 -33.75 23.94
N PHE B 30 -14.31 -33.90 24.04
CA PHE B 30 -14.91 -35.20 24.32
C PHE B 30 -15.39 -35.91 23.06
N GLY B 31 -15.59 -35.18 21.96
CA GLY B 31 -16.06 -35.82 20.74
C GLY B 31 -15.09 -36.89 20.24
N TYR B 32 -13.81 -36.54 20.16
CA TYR B 32 -12.79 -37.50 19.73
C TYR B 32 -12.52 -38.55 20.79
N THR B 33 -12.74 -38.22 22.06
CA THR B 33 -12.61 -39.24 23.11
C THR B 33 -13.66 -40.32 22.96
N LEU B 34 -14.89 -39.94 22.59
CA LEU B 34 -15.97 -40.90 22.48
C LEU B 34 -15.99 -41.62 21.15
N GLY B 35 -15.67 -40.92 20.06
CA GLY B 35 -15.84 -41.47 18.74
C GLY B 35 -15.03 -42.72 18.44
N ASN B 36 -13.71 -42.63 18.61
CA ASN B 36 -12.86 -43.77 18.29
C ASN B 36 -13.15 -44.94 19.21
N SER B 37 -13.37 -44.67 20.51
CA SER B 37 -13.68 -45.74 21.44
C SER B 37 -14.97 -46.45 21.05
N LEU B 38 -16.01 -45.68 20.72
CA LEU B 38 -17.28 -46.29 20.32
C LEU B 38 -17.11 -47.10 19.05
N ARG B 39 -16.37 -46.56 18.08
CA ARG B 39 -16.16 -47.29 16.81
C ARG B 39 -15.45 -48.62 17.06
N ARG B 40 -14.35 -48.58 17.80
CA ARG B 40 -13.59 -49.81 18.02
C ARG B 40 -14.40 -50.81 18.83
N THR B 41 -15.13 -50.36 19.84
CA THR B 41 -15.98 -51.26 20.60
C THR B 41 -17.04 -51.90 19.72
N LEU B 42 -17.71 -51.09 18.88
CA LEU B 42 -18.71 -51.65 18.00
C LEU B 42 -18.12 -52.69 17.06
N LEU B 43 -16.92 -52.42 16.54
CA LEU B 43 -16.34 -53.34 15.56
C LEU B 43 -15.71 -54.57 16.18
N SER B 44 -15.37 -54.55 17.47
CA SER B 44 -14.64 -55.68 18.05
C SER B 44 -15.11 -56.05 19.46
N SER B 45 -16.40 -55.88 19.76
CA SER B 45 -16.90 -56.35 21.06
C SER B 45 -18.14 -57.21 20.92
N ILE B 46 -18.96 -56.97 19.90
CA ILE B 46 -20.19 -57.74 19.71
C ILE B 46 -19.81 -59.09 19.14
N PRO B 47 -20.16 -60.21 19.80
CA PRO B 47 -19.84 -61.52 19.24
C PRO B 47 -20.88 -61.97 18.23
N GLY B 48 -20.46 -62.92 17.39
CA GLY B 48 -21.34 -63.45 16.37
C GLY B 48 -20.78 -64.73 15.79
N ALA B 49 -21.59 -65.36 14.95
CA ALA B 49 -21.23 -66.61 14.29
C ALA B 49 -21.01 -66.38 12.81
N ALA B 50 -19.94 -67.00 12.28
CA ALA B 50 -19.61 -66.86 10.87
C ALA B 50 -18.93 -68.12 10.39
N VAL B 51 -18.96 -68.34 9.08
CA VAL B 51 -18.31 -69.50 8.48
C VAL B 51 -16.81 -69.32 8.54
N THR B 52 -16.09 -70.42 8.74
CA THR B 52 -14.64 -70.35 8.95
C THR B 52 -13.89 -71.28 8.00
N SER B 53 -14.48 -72.40 7.63
CA SER B 53 -13.81 -73.35 6.75
C SER B 53 -14.85 -74.16 6.01
N ILE B 54 -14.49 -74.61 4.80
CA ILE B 54 -15.39 -75.37 3.94
C ILE B 54 -14.63 -76.51 3.27
N ARG B 55 -15.39 -77.48 2.77
CA ARG B 55 -14.88 -78.63 2.04
C ARG B 55 -15.84 -78.94 0.89
N ILE B 56 -15.28 -79.22 -0.27
CA ILE B 56 -16.05 -79.51 -1.48
C ILE B 56 -15.61 -80.85 -2.04
N ASP B 57 -16.59 -81.71 -2.33
CA ASP B 57 -16.26 -83.02 -2.90
C ASP B 57 -15.75 -82.89 -4.33
N GLY B 58 -16.32 -81.97 -5.11
CA GLY B 58 -15.96 -81.85 -6.51
C GLY B 58 -14.53 -81.43 -6.75
N VAL B 59 -13.89 -80.81 -5.76
CA VAL B 59 -12.51 -80.35 -5.89
C VAL B 59 -11.74 -80.79 -4.65
N LEU B 60 -10.57 -81.39 -4.85
CA LEU B 60 -9.71 -81.82 -3.75
C LEU B 60 -8.38 -81.10 -3.78
N HIS B 61 -7.67 -81.12 -4.92
CA HIS B 61 -6.57 -80.22 -5.19
C HIS B 61 -6.96 -79.28 -6.35
N GLU B 62 -6.02 -78.41 -6.72
CA GLU B 62 -6.17 -77.57 -7.91
C GLU B 62 -7.46 -76.75 -7.83
N PHE B 63 -7.49 -75.89 -6.81
CA PHE B 63 -8.66 -75.05 -6.57
C PHE B 63 -8.82 -74.01 -7.67
N THR B 64 -9.43 -74.42 -8.79
CA THR B 64 -9.76 -73.50 -9.89
C THR B 64 -11.25 -73.42 -10.13
N THR B 65 -11.90 -74.55 -10.37
CA THR B 65 -13.34 -74.58 -10.62
C THR B 65 -13.89 -75.95 -10.25
N VAL B 66 -15.13 -75.97 -9.80
CA VAL B 66 -15.84 -77.22 -9.53
C VAL B 66 -16.53 -77.66 -10.81
N PRO B 67 -16.31 -78.88 -11.30
CA PRO B 67 -16.96 -79.28 -12.55
C PRO B 67 -18.48 -79.30 -12.43
N GLY B 68 -19.15 -78.90 -13.50
CA GLY B 68 -20.59 -78.94 -13.57
C GLY B 68 -21.32 -77.76 -12.98
N VAL B 69 -20.61 -76.74 -12.51
CA VAL B 69 -21.23 -75.55 -11.96
C VAL B 69 -20.64 -74.31 -12.62
N LYS B 70 -21.46 -73.27 -12.76
CA LYS B 70 -21.02 -72.07 -13.47
C LYS B 70 -20.01 -71.28 -12.66
N GLU B 71 -20.21 -71.18 -11.35
CA GLU B 71 -19.39 -70.30 -10.52
C GLU B 71 -18.02 -70.89 -10.25
N ASP B 72 -17.03 -70.02 -10.09
CA ASP B 72 -15.69 -70.41 -9.72
C ASP B 72 -15.63 -70.72 -8.22
N VAL B 73 -14.58 -71.42 -7.82
CA VAL B 73 -14.44 -71.80 -6.41
C VAL B 73 -14.35 -70.56 -5.53
N THR B 74 -13.57 -69.56 -5.95
CA THR B 74 -13.46 -68.34 -5.17
C THR B 74 -14.77 -67.58 -5.14
N ASP B 75 -15.53 -67.60 -6.24
CA ASP B 75 -16.84 -66.95 -6.24
C ASP B 75 -17.77 -67.60 -5.22
N ILE B 76 -17.77 -68.93 -5.15
CA ILE B 76 -18.59 -69.63 -4.15
C ILE B 76 -18.09 -69.31 -2.76
N ILE B 77 -16.78 -69.22 -2.57
CA ILE B 77 -16.23 -68.87 -1.26
C ILE B 77 -16.74 -67.49 -0.83
N LEU B 78 -16.71 -66.53 -1.75
CA LEU B 78 -17.18 -65.18 -1.42
C LEU B 78 -18.68 -65.17 -1.14
N ASN B 79 -19.46 -65.93 -1.92
CA ASN B 79 -20.89 -66.00 -1.67
C ASN B 79 -21.17 -66.57 -0.28
N LEU B 80 -20.45 -67.62 0.10
CA LEU B 80 -20.61 -68.18 1.44
C LEU B 80 -20.18 -67.17 2.51
N LYS B 81 -19.10 -66.43 2.26
CA LYS B 81 -18.70 -65.38 3.17
C LYS B 81 -19.84 -64.39 3.39
N GLY B 82 -20.51 -64.01 2.32
CA GLY B 82 -21.67 -63.12 2.43
C GLY B 82 -22.91 -63.86 2.90
N LEU B 83 -22.83 -64.46 4.08
CA LEU B 83 -23.93 -65.24 4.64
C LEU B 83 -24.16 -64.82 6.08
N VAL B 84 -25.42 -64.87 6.50
CA VAL B 84 -25.83 -64.52 7.86
C VAL B 84 -26.16 -65.82 8.59
N VAL B 85 -25.41 -66.09 9.66
CA VAL B 85 -25.58 -67.30 10.45
C VAL B 85 -25.68 -66.89 11.92
N SER B 86 -26.71 -67.39 12.61
CA SER B 86 -26.89 -67.16 14.03
C SER B 86 -26.92 -68.52 14.73
N SER B 87 -25.98 -68.75 15.63
CA SER B 87 -25.86 -70.00 16.37
C SER B 87 -26.19 -69.74 17.83
N ASP B 88 -27.16 -70.49 18.36
CA ASP B 88 -27.52 -70.35 19.77
C ASP B 88 -26.34 -70.70 20.66
N ASP B 89 -25.83 -71.92 20.53
CA ASP B 89 -24.66 -72.36 21.28
C ASP B 89 -23.39 -72.02 20.51
N ASP B 90 -22.28 -71.96 21.25
CA ASP B 90 -20.98 -71.65 20.67
C ASP B 90 -20.21 -72.87 20.19
N GLU B 91 -20.84 -74.04 20.12
CA GLU B 91 -20.14 -75.21 19.62
C GLU B 91 -19.73 -74.99 18.16
N PRO B 92 -18.57 -75.53 17.73
CA PRO B 92 -18.17 -75.46 16.31
C PRO B 92 -18.92 -76.48 15.46
N VAL B 93 -20.13 -76.09 15.04
CA VAL B 93 -21.02 -77.04 14.38
C VAL B 93 -20.59 -77.23 12.92
N THR B 94 -21.05 -78.33 12.33
CA THR B 94 -20.79 -78.65 10.93
C THR B 94 -22.11 -78.73 10.19
N MET B 95 -22.14 -78.12 9.00
CA MET B 95 -23.36 -78.02 8.20
C MET B 95 -23.06 -78.50 6.79
N TYR B 96 -24.11 -78.95 6.10
CA TYR B 96 -24.01 -79.54 4.77
C TYR B 96 -24.95 -78.85 3.82
N LEU B 97 -24.64 -78.97 2.52
CA LEU B 97 -25.52 -78.48 1.46
C LEU B 97 -25.31 -79.34 0.23
N ARG B 98 -26.40 -79.97 -0.23
CA ARG B 98 -26.37 -80.86 -1.39
C ARG B 98 -27.45 -80.44 -2.37
N LYS B 99 -27.13 -80.54 -3.66
CA LYS B 99 -28.12 -80.25 -4.70
C LYS B 99 -27.73 -81.00 -5.96
N GLN B 100 -28.76 -81.35 -6.75
CA GLN B 100 -28.57 -82.07 -8.00
C GLN B 100 -29.45 -81.46 -9.09
N GLY B 101 -29.03 -81.63 -10.33
CA GLY B 101 -29.81 -81.18 -11.46
C GLY B 101 -29.62 -79.71 -11.76
N PRO B 102 -30.12 -79.27 -12.91
CA PRO B 102 -30.01 -77.85 -13.26
C PRO B 102 -30.90 -76.98 -12.38
N GLY B 103 -30.49 -75.73 -12.22
CA GLY B 103 -31.24 -74.79 -11.43
C GLY B 103 -30.30 -73.81 -10.76
N VAL B 104 -30.78 -73.21 -9.67
CA VAL B 104 -30.01 -72.25 -8.89
C VAL B 104 -30.01 -72.71 -7.44
N VAL B 105 -28.82 -72.80 -6.84
CA VAL B 105 -28.68 -73.14 -5.44
C VAL B 105 -28.63 -71.85 -4.64
N THR B 106 -29.56 -71.70 -3.70
CA THR B 106 -29.77 -70.47 -2.95
C THR B 106 -29.69 -70.77 -1.46
N ALA B 107 -29.46 -69.72 -0.68
CA ALA B 107 -29.35 -69.89 0.77
C ALA B 107 -30.60 -70.51 1.37
N GLY B 108 -31.75 -70.34 0.72
CA GLY B 108 -32.99 -70.89 1.24
C GLY B 108 -33.13 -72.39 1.07
N ASP B 109 -32.24 -73.03 0.31
CA ASP B 109 -32.28 -74.46 0.08
C ASP B 109 -31.36 -75.24 1.00
N ILE B 110 -30.67 -74.57 1.93
CA ILE B 110 -29.76 -75.22 2.86
C ILE B 110 -30.55 -75.66 4.10
N VAL B 111 -30.19 -76.81 4.64
CA VAL B 111 -30.86 -77.37 5.81
C VAL B 111 -29.96 -77.12 7.02
N PRO B 112 -30.32 -76.23 7.93
CA PRO B 112 -29.49 -75.98 9.11
C PRO B 112 -29.85 -76.91 10.24
N PRO B 113 -28.87 -77.34 11.04
CA PRO B 113 -29.18 -78.19 12.20
C PRO B 113 -29.88 -77.39 13.28
N ALA B 114 -30.32 -78.11 14.32
CA ALA B 114 -31.01 -77.47 15.43
C ALA B 114 -30.11 -76.44 16.08
N GLY B 115 -30.69 -75.31 16.45
CA GLY B 115 -29.96 -74.24 17.11
C GLY B 115 -29.26 -73.26 16.18
N VAL B 116 -29.45 -73.38 14.88
CA VAL B 116 -28.83 -72.49 13.90
C VAL B 116 -29.92 -71.89 13.04
N THR B 117 -29.80 -70.59 12.75
CA THR B 117 -30.79 -69.86 11.98
C THR B 117 -30.11 -69.08 10.86
N VAL B 118 -30.79 -68.99 9.72
CA VAL B 118 -30.32 -68.23 8.58
C VAL B 118 -31.38 -67.16 8.27
N HIS B 119 -30.96 -65.90 8.29
CA HIS B 119 -31.87 -64.78 8.11
C HIS B 119 -31.94 -64.27 6.68
N ASN B 120 -31.20 -64.88 5.75
CA ASN B 120 -31.18 -64.48 4.35
C ASN B 120 -31.42 -65.71 3.48
N PRO B 121 -32.66 -66.17 3.40
CA PRO B 121 -32.98 -67.32 2.54
C PRO B 121 -33.06 -66.98 1.06
N ASP B 122 -32.75 -65.75 0.66
CA ASP B 122 -32.80 -65.33 -0.72
C ASP B 122 -31.42 -64.96 -1.27
N MET B 123 -30.36 -65.47 -0.65
CA MET B 123 -29.00 -65.13 -1.06
C MET B 123 -28.52 -66.16 -2.07
N HIS B 124 -28.18 -65.69 -3.26
CA HIS B 124 -27.79 -66.58 -4.35
C HIS B 124 -26.43 -67.20 -4.07
N ILE B 125 -26.39 -68.53 -3.94
CA ILE B 125 -25.12 -69.23 -3.71
C ILE B 125 -24.44 -69.55 -5.03
N ALA B 126 -25.14 -70.17 -5.97
CA ALA B 126 -24.54 -70.53 -7.26
C ALA B 126 -25.64 -70.98 -8.21
N THR B 127 -25.23 -71.37 -9.41
CA THR B 127 -26.14 -71.88 -10.43
C THR B 127 -25.55 -73.15 -11.03
N LEU B 128 -26.36 -74.20 -11.12
CA LEU B 128 -25.91 -75.50 -11.60
C LEU B 128 -26.55 -75.78 -12.96
N ASN B 129 -25.75 -76.32 -13.87
CA ASN B 129 -26.22 -76.63 -15.22
C ASN B 129 -26.79 -78.05 -15.26
N ASP B 130 -27.03 -78.56 -16.46
CA ASP B 130 -27.58 -79.91 -16.62
C ASP B 130 -26.64 -80.95 -16.03
N LYS B 131 -27.22 -81.99 -15.45
CA LYS B 131 -26.47 -83.07 -14.81
C LYS B 131 -25.55 -82.51 -13.72
N GLY B 132 -26.04 -81.52 -12.99
CA GLY B 132 -25.25 -80.92 -11.94
C GLY B 132 -25.33 -81.68 -10.64
N LYS B 133 -24.27 -81.58 -9.84
CA LYS B 133 -24.21 -82.23 -8.54
C LYS B 133 -23.23 -81.43 -7.68
N LEU B 134 -23.78 -80.62 -6.77
CA LEU B 134 -22.99 -79.79 -5.89
C LEU B 134 -23.13 -80.30 -4.46
N GLU B 135 -22.01 -80.68 -3.86
CA GLU B 135 -21.95 -81.10 -2.47
C GLU B 135 -20.91 -80.26 -1.76
N VAL B 136 -21.29 -79.65 -0.64
CA VAL B 136 -20.37 -78.82 0.13
C VAL B 136 -20.68 -78.97 1.60
N GLU B 137 -19.65 -78.84 2.43
CA GLU B 137 -19.81 -78.81 3.88
C GLU B 137 -19.02 -77.63 4.43
N LEU B 138 -19.44 -77.14 5.59
CA LEU B 138 -18.79 -75.98 6.18
C LEU B 138 -18.88 -76.05 7.69
N VAL B 139 -18.04 -75.26 8.35
CA VAL B 139 -17.95 -75.23 9.80
C VAL B 139 -18.33 -73.84 10.29
N VAL B 140 -19.12 -73.80 11.37
CA VAL B 140 -19.63 -72.56 11.94
C VAL B 140 -19.17 -72.47 13.38
N GLU B 141 -18.55 -71.34 13.72
CA GLU B 141 -18.11 -71.04 15.08
C GLU B 141 -18.52 -69.64 15.46
N ARG B 142 -18.59 -69.39 16.77
CA ARG B 142 -18.75 -68.05 17.30
C ARG B 142 -17.39 -67.43 17.57
N GLY B 143 -17.34 -66.10 17.47
CA GLY B 143 -16.09 -65.40 17.66
C GLY B 143 -16.33 -63.91 17.78
N ARG B 144 -15.23 -63.18 18.02
CA ARG B 144 -15.26 -61.74 18.16
C ARG B 144 -14.21 -61.12 17.26
N GLY B 145 -14.61 -60.12 16.49
CA GLY B 145 -13.71 -59.44 15.58
C GLY B 145 -13.55 -60.19 14.27
N TYR B 146 -12.57 -59.74 13.50
CA TYR B 146 -12.23 -60.33 12.20
C TYR B 146 -10.90 -61.02 12.33
N VAL B 147 -10.86 -62.32 12.02
CA VAL B 147 -9.69 -63.16 12.20
C VAL B 147 -9.27 -63.69 10.83
N PRO B 148 -8.01 -63.53 10.42
CA PRO B 148 -7.58 -64.11 9.15
C PRO B 148 -7.59 -65.62 9.19
N ALA B 149 -7.76 -66.23 8.03
CA ALA B 149 -7.80 -67.68 7.92
C ALA B 149 -6.57 -68.31 8.56
N VAL B 150 -6.81 -69.17 9.54
CA VAL B 150 -5.71 -69.81 10.25
C VAL B 150 -5.08 -70.87 9.36
N GLN B 151 -3.76 -70.82 9.22
CA GLN B 151 -3.06 -71.77 8.37
C GLN B 151 -3.16 -73.17 8.96
N ASN B 152 -3.41 -74.15 8.10
CA ASN B 152 -3.58 -75.55 8.51
C ASN B 152 -2.45 -76.43 8.00
N LYS B 153 -1.23 -75.89 7.93
CA LYS B 153 -0.09 -76.69 7.49
C LYS B 153 0.23 -77.82 8.46
N ALA B 154 -0.25 -77.72 9.71
CA ALA B 154 -0.11 -78.80 10.67
C ALA B 154 -1.32 -79.74 10.64
N SER B 155 -2.51 -79.20 10.40
CA SER B 155 -3.73 -79.99 10.28
C SER B 155 -4.13 -80.23 8.83
N GLY B 156 -3.26 -79.89 7.87
CA GLY B 156 -3.57 -80.05 6.47
C GLY B 156 -3.63 -81.49 6.01
N ALA B 157 -3.27 -82.45 6.86
CA ALA B 157 -3.34 -83.85 6.48
C ALA B 157 -4.73 -84.21 5.97
N GLU B 158 -5.77 -83.60 6.55
CA GLU B 158 -7.14 -83.76 6.06
C GLU B 158 -7.31 -82.90 4.81
N ILE B 159 -6.64 -83.34 3.74
CA ILE B 159 -6.62 -82.57 2.51
C ILE B 159 -8.04 -82.30 2.03
N GLY B 160 -8.22 -81.19 1.31
CA GLY B 160 -9.50 -80.77 0.81
C GLY B 160 -10.20 -79.71 1.63
N ARG B 161 -9.69 -79.41 2.82
CA ARG B 161 -10.30 -78.38 3.66
C ARG B 161 -9.87 -77.00 3.19
N ILE B 162 -10.80 -76.04 3.28
CA ILE B 162 -10.56 -74.69 2.76
C ILE B 162 -10.84 -73.67 3.85
N PRO B 163 -9.86 -73.32 4.69
CA PRO B 163 -10.11 -72.28 5.69
C PRO B 163 -10.32 -70.92 5.03
N VAL B 164 -11.16 -70.11 5.66
CA VAL B 164 -11.49 -68.77 5.17
C VAL B 164 -11.54 -67.81 6.35
N ASP B 165 -11.48 -66.52 6.03
CA ASP B 165 -11.58 -65.48 7.04
C ASP B 165 -13.00 -65.44 7.61
N SER B 166 -13.09 -65.01 8.87
CA SER B 166 -14.35 -65.00 9.61
C SER B 166 -14.74 -63.56 9.93
N ILE B 167 -15.94 -63.17 9.51
CA ILE B 167 -16.51 -61.88 9.86
C ILE B 167 -17.53 -62.15 10.96
N TYR B 168 -17.07 -62.11 12.21
CA TYR B 168 -17.96 -62.39 13.34
C TYR B 168 -18.83 -61.18 13.67
N SER B 169 -18.28 -59.97 13.56
CA SER B 169 -18.98 -58.79 14.03
C SER B 169 -20.25 -58.54 13.21
N PRO B 170 -21.43 -58.47 13.83
CA PRO B 170 -22.62 -58.08 13.06
C PRO B 170 -22.52 -56.69 12.45
N VAL B 171 -21.77 -55.79 13.09
CA VAL B 171 -21.57 -54.44 12.57
C VAL B 171 -20.54 -54.51 11.45
N LEU B 172 -20.88 -53.95 10.29
CA LEU B 172 -20.05 -54.04 9.10
C LEU B 172 -19.23 -52.78 8.84
N LYS B 173 -19.81 -51.60 9.02
CA LYS B 173 -19.15 -50.36 8.66
C LYS B 173 -19.57 -49.26 9.62
N VAL B 174 -18.58 -48.61 10.24
CA VAL B 174 -18.80 -47.55 11.20
C VAL B 174 -17.86 -46.39 10.89
N THR B 175 -18.39 -45.17 10.95
CA THR B 175 -17.57 -43.99 10.72
C THR B 175 -18.12 -42.82 11.53
N TYR B 176 -17.22 -42.01 12.09
CA TYR B 176 -17.62 -40.92 12.97
C TYR B 176 -17.09 -39.59 12.45
N LYS B 177 -17.84 -38.53 12.76
CA LYS B 177 -17.59 -37.18 12.29
C LYS B 177 -17.92 -36.22 13.42
N VAL B 178 -16.96 -35.40 13.83
CA VAL B 178 -17.13 -34.49 14.95
C VAL B 178 -17.32 -33.09 14.39
N GLU B 179 -18.55 -32.63 14.37
CA GLU B 179 -18.86 -31.29 13.89
C GLU B 179 -18.87 -30.29 15.04
N ALA B 180 -18.72 -29.02 14.70
CA ALA B 180 -18.77 -27.95 15.68
C ALA B 180 -20.19 -27.41 15.80
N THR B 181 -20.58 -27.08 17.02
CA THR B 181 -21.90 -26.57 17.32
C THR B 181 -21.82 -25.51 18.41
N ARG B 182 -22.89 -24.72 18.48
CA ARG B 182 -22.98 -23.54 19.33
C ARG B 182 -23.84 -23.83 20.54
N VAL B 183 -23.29 -23.59 21.73
CA VAL B 183 -24.11 -23.39 22.91
C VAL B 183 -24.53 -21.93 22.97
N GLU B 184 -25.54 -21.63 23.78
CA GLU B 184 -26.16 -20.31 23.82
C GLU B 184 -25.15 -19.17 23.72
N GLN B 185 -23.95 -19.36 24.27
CA GLN B 185 -22.96 -18.29 24.35
C GLN B 185 -21.64 -18.60 23.64
N ARG B 186 -21.39 -19.85 23.30
CA ARG B 186 -20.07 -20.27 22.84
C ARG B 186 -20.19 -21.22 21.64
N THR B 187 -19.16 -21.20 20.80
CA THR B 187 -19.22 -21.83 19.48
C THR B 187 -18.30 -23.05 19.37
N ASP B 188 -17.91 -23.66 20.49
CA ASP B 188 -16.88 -24.69 20.46
C ASP B 188 -17.35 -26.03 21.00
N PHE B 189 -18.66 -26.29 21.07
CA PHE B 189 -19.07 -27.64 21.48
C PHE B 189 -19.09 -28.58 20.30
N ASP B 190 -19.18 -29.87 20.60
CA ASP B 190 -19.00 -30.94 19.63
C ASP B 190 -20.28 -31.72 19.45
N LYS B 191 -20.67 -31.94 18.20
CA LYS B 191 -21.74 -32.84 17.82
C LYS B 191 -21.09 -34.06 17.18
N LEU B 192 -21.18 -35.21 17.85
CA LEU B 192 -20.58 -36.44 17.36
C LEU B 192 -21.63 -37.21 16.56
N ILE B 193 -21.36 -37.37 15.26
CA ILE B 193 -22.25 -38.09 14.35
C ILE B 193 -21.57 -39.42 14.01
N ILE B 194 -22.25 -40.52 14.28
CA ILE B 194 -21.69 -41.84 14.07
C ILE B 194 -22.64 -42.63 13.18
N ASP B 195 -22.14 -43.08 12.03
CA ASP B 195 -22.90 -43.90 11.09
C ASP B 195 -22.48 -45.35 11.26
N VAL B 196 -23.47 -46.22 11.42
CA VAL B 196 -23.25 -47.63 11.69
C VAL B 196 -24.05 -48.45 10.70
N GLU B 197 -23.40 -49.47 10.12
CA GLU B 197 -24.03 -50.44 9.25
C GLU B 197 -23.97 -51.81 9.91
N THR B 198 -25.02 -52.61 9.71
CA THR B 198 -25.17 -53.88 10.42
C THR B 198 -25.62 -54.95 9.44
N LYS B 199 -25.31 -56.20 9.80
CA LYS B 199 -25.88 -57.34 9.11
C LYS B 199 -27.38 -57.41 9.36
N ASN B 200 -28.04 -58.31 8.65
CA ASN B 200 -29.48 -58.47 8.82
C ASN B 200 -29.83 -59.07 10.17
N SER B 201 -28.88 -59.72 10.84
CA SER B 201 -29.19 -60.39 12.10
C SER B 201 -29.53 -59.38 13.20
N ILE B 202 -28.82 -58.26 13.25
CA ILE B 202 -28.96 -57.30 14.35
C ILE B 202 -29.55 -56.00 13.82
N SER B 203 -29.83 -55.07 14.73
CA SER B 203 -30.28 -53.73 14.39
C SER B 203 -29.29 -52.70 14.94
N PRO B 204 -29.17 -51.54 14.30
CA PRO B 204 -28.16 -50.56 14.77
C PRO B 204 -28.32 -50.15 16.22
N ARG B 205 -29.56 -49.97 16.68
CA ARG B 205 -29.77 -49.52 18.06
C ARG B 205 -29.26 -50.56 19.05
N ASP B 206 -29.55 -51.84 18.80
CA ASP B 206 -29.08 -52.89 19.68
C ASP B 206 -27.56 -52.95 19.70
N ALA B 207 -26.93 -52.82 18.53
CA ALA B 207 -25.47 -52.84 18.48
C ALA B 207 -24.87 -51.68 19.25
N LEU B 208 -25.43 -50.48 19.09
CA LEU B 208 -24.91 -49.33 19.82
C LEU B 208 -25.09 -49.51 21.33
N ALA B 209 -26.25 -50.04 21.74
CA ALA B 209 -26.47 -50.27 23.17
C ALA B 209 -25.50 -51.29 23.72
N SER B 210 -25.24 -52.37 22.97
CA SER B 210 -24.28 -53.37 23.42
C SER B 210 -22.89 -52.78 23.53
N ALA B 211 -22.49 -51.96 22.56
CA ALA B 211 -21.18 -51.33 22.61
C ALA B 211 -21.07 -50.42 23.84
N GLY B 212 -22.11 -49.62 24.10
CA GLY B 212 -22.08 -48.77 25.28
C GLY B 212 -21.98 -49.58 26.56
N GLY B 213 -22.74 -50.67 26.66
CA GLY B 213 -22.66 -51.52 27.83
C GLY B 213 -21.28 -52.10 28.01
N THR B 214 -20.66 -52.57 26.93
CA THR B 214 -19.31 -53.12 27.02
C THR B 214 -18.32 -52.07 27.49
N LEU B 215 -18.42 -50.85 26.95
CA LEU B 215 -17.50 -49.80 27.36
C LEU B 215 -17.69 -49.44 28.83
N VAL B 216 -18.95 -49.34 29.28
CA VAL B 216 -19.23 -49.05 30.68
C VAL B 216 -18.63 -50.13 31.57
N GLU B 217 -18.85 -51.39 31.22
CA GLU B 217 -18.30 -52.48 32.01
C GLU B 217 -16.78 -52.44 32.05
N LEU B 218 -16.16 -52.15 30.90
CA LEU B 218 -14.71 -52.15 30.83
C LEU B 218 -14.13 -51.04 31.70
N PHE B 219 -14.70 -49.83 31.63
CA PHE B 219 -14.19 -48.72 32.43
C PHE B 219 -14.59 -48.80 33.89
N GLY B 220 -15.58 -49.63 34.23
CA GLY B 220 -15.84 -49.91 35.63
C GLY B 220 -14.64 -50.53 36.31
N LEU B 221 -13.83 -51.28 35.55
CA LEU B 221 -12.62 -51.89 36.10
C LEU B 221 -11.70 -50.83 36.71
N ALA B 222 -11.67 -49.63 36.15
CA ALA B 222 -10.89 -48.54 36.72
C ALA B 222 -11.71 -47.69 37.69
N ARG B 223 -13.01 -47.52 37.42
CA ARG B 223 -13.85 -46.76 38.34
C ARG B 223 -13.87 -47.37 39.74
N GLU B 224 -13.77 -48.70 39.83
CA GLU B 224 -13.86 -49.36 41.12
C GLU B 224 -12.68 -49.05 42.05
N LEU B 225 -11.62 -48.44 41.53
CA LEU B 225 -10.45 -48.18 42.36
C LEU B 225 -10.82 -47.32 43.57
N ASN B 226 -11.50 -46.20 43.33
CA ASN B 226 -11.88 -45.30 44.41
C ASN B 226 -13.20 -44.64 44.00
N ALA B 227 -14.30 -45.19 44.50
CA ALA B 227 -15.62 -44.65 44.15
C ALA B 227 -15.85 -43.25 44.72
N ASP B 228 -15.08 -42.85 45.74
CA ASP B 228 -15.28 -41.55 46.36
C ASP B 228 -14.61 -40.41 45.61
N SER B 229 -13.76 -40.71 44.62
CA SER B 229 -13.09 -39.66 43.87
C SER B 229 -14.11 -38.86 43.07
N GLU B 230 -13.86 -37.55 42.96
CA GLU B 230 -14.79 -36.67 42.28
C GLU B 230 -14.74 -36.90 40.77
N HIS B 231 -15.90 -36.88 40.13
CA HIS B 231 -16.02 -37.10 38.70
C HIS B 231 -17.03 -36.12 38.12
N ILE B 232 -16.92 -35.90 36.81
CA ILE B 232 -17.80 -34.97 36.10
C ILE B 232 -19.04 -35.77 35.70
N GLU B 233 -20.02 -35.80 36.59
CA GLU B 233 -21.23 -36.59 36.38
C GLU B 233 -22.24 -35.77 35.57
N ILE B 234 -22.79 -36.39 34.52
CA ILE B 234 -23.83 -35.76 33.72
C ILE B 234 -25.12 -35.59 34.50
N GLY B 235 -25.33 -36.37 35.56
CA GLY B 235 -26.58 -36.38 36.27
C GLY B 235 -27.59 -37.27 35.56
N PRO B 236 -28.84 -37.27 36.04
CA PRO B 236 -29.88 -38.10 35.43
C PRO B 236 -30.37 -37.56 34.10
N SER C 22 37.47 -13.53 28.58
CA SER C 22 37.42 -12.12 28.24
C SER C 22 36.36 -11.39 29.07
N VAL C 23 35.12 -11.84 28.97
CA VAL C 23 34.01 -11.26 29.72
C VAL C 23 33.90 -12.00 31.04
N PRO C 24 34.05 -11.33 32.18
CA PRO C 24 34.02 -12.07 33.47
C PRO C 24 32.76 -12.87 33.69
N GLY C 25 31.60 -12.33 33.33
CA GLY C 25 30.34 -12.95 33.70
C GLY C 25 29.69 -13.75 32.59
N ALA C 26 30.45 -14.10 31.55
CA ALA C 26 29.88 -14.83 30.43
C ALA C 26 29.57 -16.27 30.86
N PRO C 27 28.34 -16.74 30.66
CA PRO C 27 28.04 -18.13 31.01
C PRO C 27 28.79 -19.10 30.11
N ASN C 28 29.19 -20.23 30.69
CA ASN C 28 29.97 -21.21 29.95
C ASN C 28 29.12 -21.82 28.84
N ARG C 29 29.48 -21.53 27.59
CA ARG C 29 28.80 -22.06 26.42
C ARG C 29 29.85 -22.74 25.53
N VAL C 30 29.80 -24.07 25.45
CA VAL C 30 30.74 -24.81 24.64
C VAL C 30 30.51 -24.48 23.17
N SER C 31 31.60 -24.28 22.43
CA SER C 31 31.54 -23.84 21.05
C SER C 31 32.18 -24.88 20.13
N PHE C 32 31.59 -25.06 18.95
CA PHE C 32 32.13 -25.93 17.93
C PHE C 32 33.26 -25.29 17.15
N ALA C 33 33.73 -24.11 17.56
CA ALA C 33 34.74 -23.39 16.81
C ALA C 33 36.00 -24.24 16.65
N LYS C 34 36.50 -24.30 15.42
CA LYS C 34 37.74 -25.00 15.11
C LYS C 34 38.91 -24.07 14.85
N LEU C 35 38.65 -22.86 14.36
CA LEU C 35 39.69 -21.86 14.15
C LEU C 35 39.87 -21.02 15.39
N ARG C 36 41.04 -20.39 15.49
CA ARG C 36 41.37 -19.51 16.60
C ARG C 36 41.14 -18.05 16.19
N GLU C 37 40.78 -17.23 17.18
CA GLU C 37 40.50 -15.82 16.92
C GLU C 37 41.74 -15.00 17.22
N PRO C 38 42.40 -14.43 16.21
CA PRO C 38 43.54 -13.54 16.48
C PRO C 38 43.17 -12.10 16.77
N LEU C 39 41.93 -11.70 16.51
CA LEU C 39 41.48 -10.33 16.72
C LEU C 39 40.08 -10.35 17.30
N GLU C 40 39.95 -9.87 18.54
CA GLU C 40 38.64 -9.81 19.18
C GLU C 40 37.74 -8.81 18.47
N VAL C 41 36.44 -9.08 18.49
CA VAL C 41 35.49 -8.18 17.85
C VAL C 41 35.57 -6.80 18.50
N PRO C 42 35.76 -5.73 17.75
CA PRO C 42 35.89 -4.40 18.35
C PRO C 42 34.53 -3.88 18.81
N GLY C 43 34.55 -2.67 19.36
CA GLY C 43 33.31 -2.05 19.83
C GLY C 43 32.30 -1.95 18.69
N LEU C 44 31.05 -2.27 19.02
CA LEU C 44 29.99 -2.30 18.03
C LEU C 44 29.32 -0.95 17.83
N LEU C 45 29.67 0.06 18.63
CA LEU C 45 29.14 1.41 18.46
C LEU C 45 30.25 2.45 18.30
N ASP C 46 31.44 2.02 17.88
CA ASP C 46 32.53 2.97 17.68
C ASP C 46 32.21 3.95 16.56
N VAL C 47 31.47 3.50 15.54
CA VAL C 47 31.22 4.35 14.37
C VAL C 47 30.54 5.64 14.78
N GLN C 48 29.59 5.56 15.72
CA GLN C 48 28.86 6.74 16.16
C GLN C 48 29.66 7.54 17.18
N THR C 49 30.14 6.89 18.24
CA THR C 49 30.78 7.61 19.34
C THR C 49 32.07 8.26 18.90
N ASP C 50 32.90 7.56 18.12
CA ASP C 50 34.15 8.15 17.67
C ASP C 50 33.91 9.35 16.77
N SER C 51 32.93 9.24 15.87
CA SER C 51 32.60 10.37 15.01
C SER C 51 32.15 11.57 15.82
N PHE C 52 31.28 11.34 16.81
CA PHE C 52 30.82 12.46 17.63
C PHE C 52 31.98 13.06 18.42
N GLU C 53 32.85 12.23 18.98
CA GLU C 53 34.00 12.74 19.72
C GLU C 53 34.88 13.59 18.83
N TRP C 54 35.06 13.16 17.57
CA TRP C 54 35.79 13.99 16.62
C TRP C 54 35.08 15.32 16.41
N LEU C 55 33.75 15.30 16.31
CA LEU C 55 33.01 16.54 16.09
C LEU C 55 33.24 17.53 17.23
N VAL C 56 33.04 17.08 18.47
CA VAL C 56 33.24 17.98 19.62
C VAL C 56 34.70 18.20 19.95
N GLY C 57 35.61 17.44 19.33
CA GLY C 57 37.02 17.62 19.60
C GLY C 57 37.41 17.32 21.03
N SER C 58 36.86 16.25 21.60
CA SER C 58 37.21 15.89 22.97
C SER C 58 38.69 15.56 23.08
N ASP C 59 39.31 16.02 24.17
CA ASP C 59 40.72 15.70 24.39
C ASP C 59 40.94 14.20 24.45
N ARG C 60 39.93 13.44 24.89
CA ARG C 60 40.01 11.99 24.87
C ARG C 60 39.98 11.42 23.47
N TRP C 61 39.65 12.24 22.47
CA TRP C 61 39.81 11.85 21.07
C TRP C 61 41.15 12.33 20.51
N ARG C 62 41.62 13.50 20.94
CA ARG C 62 42.93 13.97 20.51
C ARG C 62 44.03 13.04 21.00
N GLN C 63 43.88 12.49 22.21
CA GLN C 63 44.88 11.58 22.73
C GLN C 63 45.05 10.36 21.83
N ALA C 64 43.97 9.90 21.20
CA ALA C 64 44.05 8.77 20.28
C ALA C 64 44.48 9.19 18.89
N ALA C 65 44.04 10.37 18.43
CA ALA C 65 44.46 10.85 17.12
C ALA C 65 45.96 11.08 17.07
N ILE C 66 46.53 11.58 18.16
CA ILE C 66 47.97 11.84 18.20
C ILE C 66 48.75 10.53 18.07
N ASP C 67 48.22 9.45 18.63
CA ASP C 67 48.91 8.16 18.57
C ASP C 67 49.06 7.68 17.12
N ARG C 68 48.22 8.17 16.21
CA ARG C 68 48.30 7.81 14.80
C ARG C 68 49.39 8.58 14.05
N GLY C 69 50.31 9.22 14.76
CA GLY C 69 51.36 9.98 14.12
C GLY C 69 50.84 11.21 13.40
N GLU C 70 49.90 11.93 14.00
CA GLU C 70 49.35 13.15 13.44
C GLU C 70 49.74 14.33 14.31
N GLU C 71 50.26 15.38 13.69
CA GLU C 71 50.73 16.56 14.40
C GLU C 71 49.65 17.64 14.38
N ASN C 72 49.37 18.22 15.55
CA ASN C 72 48.39 19.28 15.69
C ASN C 72 47.05 18.92 15.06
N PRO C 73 46.40 17.85 15.52
CA PRO C 73 45.07 17.51 14.98
C PRO C 73 44.04 18.56 15.33
N VAL C 74 43.05 18.70 14.46
CA VAL C 74 42.01 19.71 14.58
C VAL C 74 40.65 19.02 14.65
N GLY C 75 39.81 19.48 15.58
CA GLY C 75 38.45 18.99 15.66
C GLY C 75 37.58 19.55 14.56
N GLY C 76 36.44 18.88 14.35
CA GLY C 76 35.55 19.29 13.26
C GLY C 76 34.96 20.66 13.47
N LEU C 77 34.49 20.95 14.68
CA LEU C 77 33.96 22.27 14.96
C LEU C 77 35.08 23.31 14.96
N GLU C 78 36.26 22.93 15.46
CA GLU C 78 37.42 23.80 15.31
C GLU C 78 37.77 24.03 13.85
N GLU C 79 37.52 23.04 12.98
CA GLU C 79 37.73 23.24 11.55
C GLU C 79 36.72 24.23 10.99
N VAL C 80 35.46 24.10 11.40
CA VAL C 80 34.43 25.03 10.93
C VAL C 80 34.78 26.45 11.35
N LEU C 81 35.29 26.62 12.56
CA LEU C 81 35.68 27.96 13.02
C LEU C 81 36.93 28.45 12.31
N ALA C 82 37.90 27.56 12.07
CA ALA C 82 39.11 27.95 11.36
C ALA C 82 38.81 28.35 9.93
N GLU C 83 37.70 27.88 9.36
CA GLU C 83 37.31 28.35 8.05
C GLU C 83 37.05 29.85 8.05
N LEU C 84 36.32 30.34 9.06
CA LEU C 84 36.05 31.77 9.20
C LEU C 84 37.01 32.41 10.21
N SER C 85 38.30 32.42 9.89
CA SER C 85 39.32 32.94 10.79
C SER C 85 40.60 33.21 9.99
N PRO C 86 40.86 34.43 9.53
CA PRO C 86 40.28 35.76 9.84
C PRO C 86 39.07 36.17 9.01
N ILE C 87 38.25 37.08 9.56
CA ILE C 87 37.15 37.70 8.85
C ILE C 87 37.52 39.14 8.56
N GLU C 88 36.93 39.69 7.50
CA GLU C 88 37.22 41.06 7.08
C GLU C 88 35.99 41.64 6.40
N ASP C 89 36.00 42.97 6.27
CA ASP C 89 34.94 43.70 5.60
C ASP C 89 35.39 44.12 4.21
N PHE C 90 34.59 44.96 3.57
CA PHE C 90 34.89 45.36 2.20
C PHE C 90 36.25 46.04 2.08
N SER C 91 36.55 46.95 3.02
CA SER C 91 37.78 47.75 2.97
C SER C 91 38.80 47.35 4.02
N GLY C 92 38.57 46.23 4.72
CA GLY C 92 39.52 45.74 5.71
C GLY C 92 39.87 46.77 6.77
N SER C 93 38.85 47.50 7.25
CA SER C 93 39.09 48.44 8.35
C SER C 93 39.14 47.73 9.70
N MET C 94 38.35 46.67 9.88
CA MET C 94 38.34 45.90 11.11
C MET C 94 38.08 44.44 10.78
N SER C 95 38.63 43.55 11.62
CA SER C 95 38.54 42.12 11.41
C SER C 95 37.93 41.42 12.62
N LEU C 96 37.17 40.37 12.34
CA LEU C 96 36.54 39.53 13.34
C LEU C 96 37.16 38.14 13.34
N SER C 97 37.02 37.43 14.45
CA SER C 97 37.58 36.09 14.55
C SER C 97 36.81 35.28 15.58
N PHE C 98 36.76 33.97 15.35
CA PHE C 98 36.17 33.01 16.28
C PHE C 98 37.18 31.93 16.59
N SER C 99 37.05 31.32 17.77
CA SER C 99 37.93 30.21 18.13
C SER C 99 37.42 29.54 19.39
N ASP C 100 38.07 28.43 19.74
CA ASP C 100 37.95 27.76 21.03
C ASP C 100 36.49 27.56 21.47
N PRO C 101 35.77 26.62 20.88
CA PRO C 101 34.45 26.26 21.41
C PRO C 101 34.59 25.59 22.78
N ARG C 102 33.58 25.79 23.62
CA ARG C 102 33.59 25.25 24.98
C ARG C 102 32.27 24.55 25.28
N PHE C 103 32.31 23.66 26.26
CA PHE C 103 31.13 22.97 26.76
C PHE C 103 31.20 22.94 28.28
N ASP C 104 30.19 23.52 28.93
CA ASP C 104 30.20 23.59 30.39
C ASP C 104 29.70 22.29 31.01
N GLU C 105 28.43 21.95 30.77
CA GLU C 105 27.83 20.76 31.33
C GLU C 105 26.41 20.61 30.81
N VAL C 106 25.88 19.38 30.78
CA VAL C 106 24.51 19.18 30.35
C VAL C 106 23.57 19.86 31.34
N LYS C 107 22.44 20.36 30.81
CA LYS C 107 21.49 21.07 31.66
C LYS C 107 20.91 20.15 32.74
N ALA C 108 20.56 18.92 32.38
CA ALA C 108 19.97 17.97 33.31
C ALA C 108 20.43 16.56 32.95
N SER C 109 20.00 15.60 33.76
CA SER C 109 20.37 14.21 33.56
C SER C 109 19.53 13.58 32.44
N VAL C 110 19.97 12.40 32.00
CA VAL C 110 19.29 11.72 30.90
C VAL C 110 17.86 11.37 31.31
N ASP C 111 17.71 10.73 32.48
CA ASP C 111 16.37 10.31 32.92
C ASP C 111 15.46 11.51 33.14
N GLU C 112 15.97 12.55 33.80
CA GLU C 112 15.18 13.75 34.02
C GLU C 112 14.85 14.43 32.71
N CYS C 113 15.82 14.50 31.79
CA CYS C 113 15.56 15.13 30.50
C CYS C 113 14.47 14.39 29.74
N LYS C 114 14.48 13.06 29.81
CA LYS C 114 13.48 12.28 29.07
C LYS C 114 12.11 12.34 29.73
N ASP C 115 12.05 12.29 31.06
CA ASP C 115 10.76 12.30 31.73
C ASP C 115 10.13 13.69 31.73
N LYS C 116 10.93 14.74 31.67
CA LYS C 116 10.44 16.10 31.56
C LYS C 116 10.29 16.56 30.11
N ASP C 117 10.24 15.62 29.18
CA ASP C 117 10.03 15.83 27.75
C ASP C 117 10.67 17.13 27.27
N MET C 118 11.90 17.40 27.71
CA MET C 118 12.71 18.50 27.21
C MET C 118 13.87 17.95 26.40
N THR C 119 14.65 18.85 25.81
CA THR C 119 15.69 18.48 24.86
C THR C 119 17.04 18.38 25.56
N TYR C 120 17.72 17.24 25.36
CA TYR C 120 19.08 17.07 25.85
C TYR C 120 20.01 18.02 25.10
N ALA C 121 20.86 18.73 25.84
CA ALA C 121 21.79 19.67 25.21
C ALA C 121 22.67 20.27 26.29
N ALA C 122 23.79 20.84 25.84
CA ALA C 122 24.72 21.56 26.71
C ALA C 122 25.11 22.88 26.05
N PRO C 123 25.35 23.93 26.83
CA PRO C 123 25.68 25.22 26.23
C PRO C 123 27.00 25.18 25.47
N LEU C 124 27.07 25.95 24.39
CA LEU C 124 28.26 26.07 23.59
C LEU C 124 28.75 27.53 23.62
N PHE C 125 30.01 27.72 24.01
CA PHE C 125 30.62 29.03 24.09
C PHE C 125 31.83 29.08 23.15
N VAL C 126 31.89 30.10 22.31
CA VAL C 126 33.00 30.31 21.39
C VAL C 126 33.62 31.67 21.70
N THR C 127 34.94 31.69 21.83
CA THR C 127 35.62 32.95 22.13
C THR C 127 35.83 33.73 20.84
N ALA C 128 35.26 34.93 20.78
CA ALA C 128 35.35 35.81 19.63
C ALA C 128 36.35 36.92 19.91
N GLU C 129 36.96 37.42 18.84
CA GLU C 129 38.00 38.44 18.92
C GLU C 129 37.75 39.49 17.85
N PHE C 130 38.10 40.74 18.19
CA PHE C 130 37.88 41.89 17.32
C PHE C 130 39.18 42.68 17.24
N ILE C 131 39.57 43.05 16.01
CA ILE C 131 40.80 43.80 15.75
C ILE C 131 40.43 45.02 14.92
N ASN C 132 40.98 46.17 15.26
CA ASN C 132 40.79 47.40 14.50
C ASN C 132 42.09 47.71 13.77
N ASN C 133 42.06 47.59 12.44
CA ASN C 133 43.25 47.85 11.65
C ASN C 133 43.60 49.34 11.61
N ASN C 134 42.59 50.20 11.69
CA ASN C 134 42.80 51.64 11.63
C ASN C 134 43.32 52.22 12.94
N THR C 135 43.22 51.48 14.05
CA THR C 135 43.65 51.97 15.35
C THR C 135 44.55 51.00 16.11
N GLY C 136 44.54 49.71 15.80
CA GLY C 136 45.34 48.74 16.53
C GLY C 136 44.70 48.23 17.80
N GLU C 137 43.47 48.63 18.10
CA GLU C 137 42.80 48.19 19.32
C GLU C 137 42.25 46.78 19.11
N ILE C 138 42.47 45.91 20.09
CA ILE C 138 42.03 44.53 20.02
C ILE C 138 41.28 44.17 21.29
N LYS C 139 40.33 43.24 21.16
CA LYS C 139 39.60 42.75 22.32
C LYS C 139 39.10 41.34 22.02
N SER C 140 38.68 40.65 23.08
CA SER C 140 38.16 39.29 22.94
C SER C 140 37.28 38.96 24.13
N GLN C 141 36.28 38.12 23.89
CA GLN C 141 35.41 37.65 24.96
C GLN C 141 34.61 36.45 24.44
N THR C 142 34.00 35.72 25.38
CA THR C 142 33.20 34.58 25.03
C THR C 142 31.82 35.01 24.52
N VAL C 143 31.25 34.20 23.64
CA VAL C 143 29.94 34.43 23.05
C VAL C 143 29.12 33.16 23.18
N PHE C 144 27.90 33.28 23.69
CA PHE C 144 26.99 32.14 23.81
C PHE C 144 26.40 31.84 22.44
N MET C 145 26.66 30.62 21.94
CA MET C 145 26.31 30.23 20.58
C MET C 145 25.28 29.11 20.59
N GLY C 146 24.31 29.20 21.51
CA GLY C 146 23.25 28.22 21.58
C GLY C 146 23.58 27.03 22.47
N ASP C 147 22.64 26.09 22.50
CA ASP C 147 22.80 24.83 23.21
C ASP C 147 22.92 23.71 22.18
N PHE C 148 24.01 22.97 22.23
CA PHE C 148 24.33 21.90 21.30
C PHE C 148 23.81 20.58 21.84
N PRO C 149 23.04 19.80 21.05
CA PRO C 149 22.51 18.53 21.57
C PRO C 149 23.56 17.45 21.73
N MET C 150 24.27 17.47 22.86
CA MET C 150 25.31 16.49 23.11
C MET C 150 24.73 15.07 23.06
N MET C 151 25.50 14.15 22.49
CA MET C 151 25.08 12.76 22.37
C MET C 151 25.18 12.05 23.72
N THR C 152 24.40 10.98 23.85
CA THR C 152 24.44 10.16 25.05
C THR C 152 25.56 9.13 24.95
N GLU C 153 25.64 8.25 25.95
CA GLU C 153 26.64 7.20 25.92
C GLU C 153 26.26 6.07 24.96
N LYS C 154 24.97 5.85 24.76
CA LYS C 154 24.48 4.78 23.89
C LYS C 154 24.41 5.19 22.42
N GLY C 155 25.02 6.31 22.05
CA GLY C 155 25.06 6.72 20.66
C GLY C 155 23.77 7.30 20.13
N THR C 156 22.92 7.84 21.00
CA THR C 156 21.64 8.40 20.59
C THR C 156 21.50 9.81 21.15
N PHE C 157 20.60 10.58 20.54
CA PHE C 157 20.23 11.90 21.01
C PHE C 157 18.83 11.84 21.62
N ILE C 158 18.55 12.80 22.51
CA ILE C 158 17.24 12.91 23.14
C ILE C 158 16.72 14.31 22.85
N ILE C 159 15.64 14.40 22.08
CA ILE C 159 15.04 15.67 21.69
C ILE C 159 13.55 15.62 22.00
N ASN C 160 13.07 16.62 22.75
CA ASN C 160 11.65 16.74 23.07
C ASN C 160 11.12 15.45 23.70
N GLY C 161 11.95 14.83 24.54
CA GLY C 161 11.54 13.63 25.24
C GLY C 161 11.55 12.36 24.42
N THR C 162 12.03 12.41 23.18
CA THR C 162 12.07 11.25 22.30
C THR C 162 13.51 10.93 21.93
N GLU C 163 13.82 9.65 21.83
CA GLU C 163 15.16 9.20 21.49
C GLU C 163 15.28 9.06 19.98
N ARG C 164 16.33 9.65 19.42
CA ARG C 164 16.55 9.67 17.98
C ARG C 164 17.98 9.23 17.69
N VAL C 165 18.17 8.72 16.47
CA VAL C 165 19.49 8.28 16.01
C VAL C 165 19.76 8.92 14.65
N VAL C 166 21.04 9.06 14.33
CA VAL C 166 21.49 9.62 13.06
C VAL C 166 22.12 8.49 12.26
N VAL C 167 21.57 8.24 11.07
CA VAL C 167 22.06 7.17 10.19
C VAL C 167 22.97 7.79 9.14
N SER C 168 24.13 7.19 8.93
CA SER C 168 25.08 7.69 7.95
C SER C 168 24.44 7.74 6.57
N GLN C 169 25.07 8.49 5.67
CA GLN C 169 24.60 8.61 4.29
C GLN C 169 25.73 8.25 3.34
N LEU C 170 25.47 7.31 2.44
CA LEU C 170 26.44 6.93 1.42
C LEU C 170 26.33 7.88 0.23
N VAL C 171 27.48 8.37 -0.24
CA VAL C 171 27.53 9.36 -1.31
C VAL C 171 28.80 9.13 -2.14
N ARG C 172 28.90 9.87 -3.23
CA ARG C 172 30.02 9.77 -4.16
C ARG C 172 31.10 10.77 -3.76
N SER C 173 32.31 10.27 -3.51
CA SER C 173 33.37 11.12 -3.02
C SER C 173 33.87 12.07 -4.12
N PRO C 174 34.35 13.25 -3.75
CA PRO C 174 34.91 14.16 -4.75
C PRO C 174 36.15 13.57 -5.41
N GLY C 175 36.34 13.91 -6.68
CA GLY C 175 37.48 13.45 -7.43
C GLY C 175 37.25 13.56 -8.92
N VAL C 176 38.09 12.85 -9.67
CA VAL C 176 38.01 12.80 -11.13
C VAL C 176 37.46 11.44 -11.52
N TYR C 177 36.40 11.43 -12.31
CA TYR C 177 35.68 10.21 -12.68
C TYR C 177 35.81 9.99 -14.18
N PHE C 178 36.85 9.25 -14.57
CA PHE C 178 37.02 8.87 -15.97
C PHE C 178 35.99 7.81 -16.34
N ASP C 179 35.32 8.02 -17.47
CA ASP C 179 34.23 7.15 -17.89
C ASP C 179 34.25 7.01 -19.41
N GLU C 180 33.64 5.93 -19.89
CA GLU C 180 33.61 5.59 -21.30
C GLU C 180 32.23 5.06 -21.66
N THR C 181 31.83 5.27 -22.92
CA THR C 181 30.55 4.75 -23.38
C THR C 181 30.59 4.59 -24.89
N ILE C 182 29.82 3.61 -25.38
CA ILE C 182 29.73 3.35 -26.81
C ILE C 182 28.46 4.00 -27.35
N ASP C 183 28.41 4.18 -28.67
CA ASP C 183 27.26 4.75 -29.35
C ASP C 183 26.51 3.66 -30.09
N LYS C 184 25.20 3.61 -29.89
CA LYS C 184 24.38 2.58 -30.52
C LYS C 184 24.39 2.71 -32.04
N SER C 185 24.24 3.92 -32.54
CA SER C 185 24.02 4.12 -33.97
C SER C 185 25.29 3.88 -34.78
N THR C 186 26.43 4.41 -34.32
CA THR C 186 27.65 4.44 -35.12
C THR C 186 28.76 3.57 -34.56
N GLU C 187 28.54 2.87 -33.45
CA GLU C 187 29.52 1.93 -32.90
C GLU C 187 30.86 2.61 -32.63
N LYS C 188 30.81 3.85 -32.15
CA LYS C 188 31.99 4.61 -31.78
C LYS C 188 32.02 4.83 -30.27
N THR C 189 33.21 4.78 -29.69
CA THR C 189 33.39 4.91 -28.25
C THR C 189 33.89 6.30 -27.91
N LEU C 190 33.27 6.94 -26.92
CA LEU C 190 33.66 8.27 -26.47
C LEU C 190 33.86 8.26 -24.96
N HIS C 191 34.80 9.08 -24.52
CA HIS C 191 35.23 9.14 -23.12
C HIS C 191 34.92 10.50 -22.54
N SER C 192 34.82 10.54 -21.21
CA SER C 192 34.52 11.76 -20.48
C SER C 192 35.21 11.70 -19.12
N VAL C 193 35.37 12.87 -18.50
CA VAL C 193 35.96 12.99 -17.18
C VAL C 193 35.04 13.92 -16.37
N LYS C 194 34.12 13.32 -15.62
CA LYS C 194 33.20 14.08 -14.79
C LYS C 194 33.87 14.43 -13.47
N VAL C 195 33.79 15.69 -13.07
CA VAL C 195 34.35 16.18 -11.82
C VAL C 195 33.23 16.78 -11.00
N ILE C 196 33.00 16.23 -9.82
CA ILE C 196 31.96 16.69 -8.89
C ILE C 196 32.65 17.36 -7.71
N PRO C 197 32.37 18.64 -7.44
CA PRO C 197 33.02 19.30 -6.30
C PRO C 197 32.24 19.13 -5.01
N GLY C 198 32.88 19.53 -3.91
CA GLY C 198 32.17 19.61 -2.65
C GLY C 198 31.07 20.66 -2.67
N ARG C 199 31.37 21.82 -3.25
CA ARG C 199 30.37 22.88 -3.42
C ARG C 199 30.70 23.65 -4.69
N GLY C 200 29.66 24.19 -5.32
CA GLY C 200 29.83 24.98 -6.53
C GLY C 200 29.22 24.35 -7.75
N ALA C 201 29.85 24.57 -8.91
CA ALA C 201 29.38 24.05 -10.18
C ALA C 201 30.35 23.02 -10.72
N TRP C 202 29.81 21.92 -11.24
CA TRP C 202 30.63 20.84 -11.75
C TRP C 202 31.08 21.12 -13.19
N LEU C 203 32.00 20.29 -13.67
CA LEU C 203 32.47 20.37 -15.05
C LEU C 203 32.86 18.97 -15.50
N GLU C 204 32.92 18.78 -16.82
CA GLU C 204 33.29 17.48 -17.36
C GLU C 204 33.94 17.65 -18.72
N PHE C 205 35.05 16.92 -18.93
CA PHE C 205 35.66 16.83 -20.24
C PHE C 205 34.83 15.93 -21.15
N ASP C 206 35.23 15.86 -22.42
CA ASP C 206 34.56 15.00 -23.37
C ASP C 206 35.44 14.82 -24.59
N VAL C 207 35.21 13.73 -25.31
CA VAL C 207 35.88 13.44 -26.58
C VAL C 207 34.80 12.99 -27.53
N ASP C 208 34.26 13.92 -28.32
CA ASP C 208 33.13 13.62 -29.18
C ASP C 208 33.54 12.65 -30.29
N LYS C 209 32.53 12.01 -30.88
CA LYS C 209 32.78 11.09 -31.99
C LYS C 209 33.45 11.78 -33.16
N ARG C 210 33.32 13.10 -33.27
CA ARG C 210 33.98 13.87 -34.32
C ARG C 210 35.32 14.44 -33.86
N ASP C 211 35.84 13.98 -32.73
CA ASP C 211 37.14 14.37 -32.18
C ASP C 211 37.12 15.78 -31.59
N THR C 212 35.96 16.37 -31.37
CA THR C 212 35.87 17.67 -30.72
C THR C 212 35.84 17.47 -29.22
N VAL C 213 36.85 18.00 -28.53
CA VAL C 213 36.98 17.81 -27.07
C VAL C 213 36.16 18.93 -26.44
N GLY C 214 34.86 18.68 -26.31
CA GLY C 214 33.93 19.69 -25.85
C GLY C 214 33.63 19.65 -24.37
N VAL C 215 34.09 20.66 -23.65
CA VAL C 215 33.82 20.76 -22.21
C VAL C 215 32.48 21.45 -22.00
N ARG C 216 31.72 20.96 -21.02
CA ARG C 216 30.51 21.62 -20.55
C ARG C 216 30.82 22.12 -19.14
N ILE C 217 31.28 23.37 -19.06
CA ILE C 217 31.77 23.93 -17.81
C ILE C 217 30.68 23.97 -16.74
N ASP C 218 29.42 24.00 -17.14
CA ASP C 218 28.30 24.06 -16.20
C ASP C 218 27.06 23.56 -16.95
N ARG C 219 25.89 23.83 -16.39
CA ARG C 219 24.66 23.59 -17.12
C ARG C 219 24.58 24.42 -18.40
N LYS C 220 25.52 25.35 -18.61
CA LYS C 220 25.62 26.07 -19.87
C LYS C 220 26.12 25.12 -20.96
N ARG C 221 26.32 25.67 -22.16
CA ARG C 221 26.51 24.85 -23.35
C ARG C 221 27.98 24.43 -23.49
N ARG C 222 28.27 23.75 -24.60
CA ARG C 222 29.52 23.04 -24.82
C ARG C 222 30.44 23.82 -25.76
N GLN C 223 31.74 23.77 -25.48
CA GLN C 223 32.75 24.36 -26.34
C GLN C 223 34.03 23.55 -26.22
N PRO C 224 34.93 23.65 -27.19
CA PRO C 224 36.18 22.87 -27.12
C PRO C 224 37.01 23.23 -25.89
N VAL C 225 37.72 22.23 -25.37
CA VAL C 225 38.56 22.46 -24.20
C VAL C 225 39.74 23.37 -24.53
N THR C 226 40.11 23.47 -25.81
CA THR C 226 41.21 24.36 -26.19
C THR C 226 40.89 25.80 -25.82
N VAL C 227 39.64 26.22 -25.97
CA VAL C 227 39.25 27.56 -25.55
C VAL C 227 39.37 27.71 -24.05
N LEU C 228 38.92 26.69 -23.31
CA LEU C 228 39.04 26.73 -21.85
C LEU C 228 40.49 26.91 -21.42
N LEU C 229 41.41 26.22 -22.09
CA LEU C 229 42.82 26.33 -21.74
C LEU C 229 43.41 27.65 -22.21
N LYS C 230 42.94 28.17 -23.35
CA LYS C 230 43.43 29.45 -23.85
C LYS C 230 43.03 30.60 -22.93
N ALA C 231 41.83 30.52 -22.35
CA ALA C 231 41.29 31.65 -21.61
C ALA C 231 42.14 32.02 -20.39
N LEU C 232 43.04 31.14 -19.95
CA LEU C 232 43.82 31.37 -18.73
C LEU C 232 45.29 31.07 -19.00
N GLY C 233 46.05 32.12 -19.33
CA GLY C 233 47.50 32.04 -19.35
C GLY C 233 48.09 31.41 -20.60
N TRP C 234 47.87 30.11 -20.79
CA TRP C 234 48.53 29.38 -21.85
C TRP C 234 48.21 29.97 -23.22
N THR C 235 49.24 30.23 -24.01
CA THR C 235 49.10 30.77 -25.35
C THR C 235 48.98 29.62 -26.35
N ASN C 236 49.07 29.95 -27.64
CA ASN C 236 48.93 28.93 -28.69
C ASN C 236 50.15 28.02 -28.78
N GLU C 237 51.35 28.57 -28.59
CA GLU C 237 52.57 27.81 -28.78
C GLU C 237 52.95 26.98 -27.56
N GLN C 238 52.33 27.23 -26.40
CA GLN C 238 52.69 26.47 -25.20
C GLN C 238 52.09 25.07 -25.23
N ILE C 239 50.91 24.90 -25.82
CA ILE C 239 50.21 23.62 -25.76
C ILE C 239 51.00 22.51 -26.42
N VAL C 240 51.88 22.83 -27.38
CA VAL C 240 52.61 21.79 -28.09
C VAL C 240 53.73 21.18 -27.25
N GLU C 241 54.16 21.88 -26.19
CA GLU C 241 55.31 21.42 -25.43
C GLU C 241 55.05 20.06 -24.77
N ARG C 242 53.87 19.90 -24.17
CA ARG C 242 53.60 18.75 -23.30
C ARG C 242 52.67 17.71 -23.90
N PHE C 243 51.94 18.04 -24.97
CA PHE C 243 50.97 17.14 -25.56
C PHE C 243 51.33 16.79 -27.00
N GLY C 244 52.63 16.74 -27.30
CA GLY C 244 53.07 16.47 -28.66
C GLY C 244 53.16 15.00 -29.00
N PHE C 245 52.26 14.19 -28.42
CA PHE C 245 52.23 12.75 -28.70
C PHE C 245 50.80 12.23 -28.80
N SER C 246 49.86 13.08 -29.20
CA SER C 246 48.44 12.73 -29.25
C SER C 246 47.86 13.11 -30.60
N GLU C 247 46.85 12.34 -31.03
CA GLU C 247 46.17 12.57 -32.30
C GLU C 247 44.97 13.50 -32.15
N ILE C 248 44.17 13.31 -31.10
CA ILE C 248 42.96 14.11 -30.94
C ILE C 248 43.31 15.58 -30.76
N MET C 249 44.29 15.87 -29.91
CA MET C 249 44.71 17.25 -29.75
C MET C 249 45.44 17.76 -30.98
N MET C 250 46.14 16.89 -31.69
CA MET C 250 46.73 17.28 -32.97
C MET C 250 45.67 17.84 -33.89
N GLY C 251 44.54 17.13 -33.99
CA GLY C 251 43.44 17.63 -34.80
C GLY C 251 42.79 18.88 -34.21
N THR C 252 42.65 18.91 -32.89
CA THR C 252 41.91 20.01 -32.25
C THR C 252 42.66 21.33 -32.36
N LEU C 253 44.00 21.28 -32.28
CA LEU C 253 44.79 22.51 -32.34
C LEU C 253 44.70 23.20 -33.68
N GLU C 254 44.19 22.53 -34.71
CA GLU C 254 44.01 23.12 -36.03
C GLU C 254 42.54 23.20 -36.46
N LYS C 255 41.64 22.45 -35.80
CA LYS C 255 40.22 22.63 -36.07
C LYS C 255 39.72 23.97 -35.56
N ASP C 256 40.19 24.38 -34.37
CA ASP C 256 39.81 25.67 -33.82
C ASP C 256 40.64 26.79 -34.44
N THR C 257 40.23 28.03 -34.16
CA THR C 257 40.94 29.20 -34.69
C THR C 257 40.74 30.35 -33.70
N THR C 258 41.74 30.56 -32.85
CA THR C 258 41.72 31.69 -31.93
C THR C 258 43.11 31.91 -31.35
N SER C 259 43.63 33.13 -31.47
CA SER C 259 44.92 33.48 -30.90
C SER C 259 44.86 34.54 -29.82
N GLY C 260 43.79 35.35 -29.79
CA GLY C 260 43.66 36.39 -28.80
C GLY C 260 43.14 35.89 -27.46
N THR C 261 43.93 36.09 -26.40
CA THR C 261 43.49 35.70 -25.07
C THR C 261 42.24 36.46 -24.65
N ASP C 262 42.17 37.75 -25.00
CA ASP C 262 40.99 38.54 -24.68
C ASP C 262 39.76 37.98 -25.40
N GLU C 263 39.90 37.58 -26.66
CA GLU C 263 38.79 36.99 -27.38
C GLU C 263 38.33 35.69 -26.73
N ALA C 264 39.28 34.80 -26.44
CA ALA C 264 38.92 33.55 -25.78
C ALA C 264 38.31 33.82 -24.41
N LEU C 265 38.93 34.70 -23.63
CA LEU C 265 38.36 35.09 -22.36
C LEU C 265 36.98 35.69 -22.54
N LEU C 266 36.84 36.63 -23.49
CA LEU C 266 35.55 37.27 -23.71
C LEU C 266 34.55 36.31 -24.33
N ASP C 267 35.00 35.38 -25.18
CA ASP C 267 34.09 34.39 -25.73
C ASP C 267 33.50 33.52 -24.63
N ILE C 268 34.37 33.02 -23.74
CA ILE C 268 33.89 32.19 -22.63
C ILE C 268 33.03 33.02 -21.69
N TYR C 269 33.35 34.30 -21.52
CA TYR C 269 32.51 35.17 -20.68
C TYR C 269 31.11 35.30 -21.26
N ARG C 270 31.01 35.58 -22.56
CA ARG C 270 29.71 35.74 -23.18
C ARG C 270 28.93 34.44 -23.15
N LYS C 271 29.61 33.31 -23.37
CA LYS C 271 28.89 32.04 -23.38
C LYS C 271 28.48 31.59 -21.99
N LEU C 272 29.28 31.91 -20.97
CA LEU C 272 28.93 31.55 -19.60
C LEU C 272 27.75 32.40 -19.11
N ARG C 273 27.82 33.71 -19.32
CA ARG C 273 26.80 34.65 -18.84
C ARG C 273 26.44 35.60 -19.99
N PRO C 274 25.75 35.10 -21.00
CA PRO C 274 25.38 35.97 -22.13
C PRO C 274 24.46 37.09 -21.71
N GLY C 275 24.59 38.23 -22.38
CA GLY C 275 23.78 39.40 -22.08
C GLY C 275 24.34 40.32 -21.03
N GLU C 276 25.56 40.05 -20.53
CA GLU C 276 26.17 40.89 -19.52
C GLU C 276 27.37 41.66 -20.10
N PRO C 277 27.68 42.83 -19.58
CA PRO C 277 28.75 43.65 -20.17
C PRO C 277 30.12 43.09 -19.83
N PRO C 278 30.89 42.66 -20.81
CA PRO C 278 32.23 42.13 -20.53
C PRO C 278 33.26 43.24 -20.36
N THR C 279 34.25 42.97 -19.51
CA THR C 279 35.39 43.85 -19.33
C THR C 279 36.66 43.01 -19.31
N LYS C 280 37.78 43.65 -19.65
CA LYS C 280 39.03 42.91 -19.81
C LYS C 280 39.60 42.41 -18.50
N GLU C 281 39.21 43.00 -17.37
CA GLU C 281 39.65 42.54 -16.05
C GLU C 281 38.63 41.62 -15.39
N SER C 282 37.34 41.93 -15.49
CA SER C 282 36.33 41.02 -14.95
C SER C 282 36.36 39.67 -15.62
N ALA C 283 36.91 39.58 -16.83
CA ALA C 283 37.01 38.28 -17.51
C ALA C 283 37.87 37.33 -16.69
N GLN C 284 39.01 37.81 -16.20
CA GLN C 284 39.84 37.00 -15.31
C GLN C 284 39.27 36.95 -13.90
N THR C 285 38.61 38.02 -13.45
CA THR C 285 38.09 38.05 -12.09
C THR C 285 37.01 36.99 -11.88
N LEU C 286 36.10 36.84 -12.83
CA LEU C 286 34.97 35.94 -12.64
C LEU C 286 35.40 34.48 -12.75
N LEU C 287 36.30 34.17 -13.68
CA LEU C 287 36.77 32.79 -13.83
C LEU C 287 37.56 32.34 -12.60
N GLU C 288 38.30 33.26 -11.97
CA GLU C 288 39.02 32.94 -10.75
C GLU C 288 38.11 32.85 -9.54
N ASN C 289 36.89 33.40 -9.61
CA ASN C 289 35.97 33.43 -8.49
C ASN C 289 35.11 32.18 -8.40
N LEU C 290 35.25 31.26 -9.35
CA LEU C 290 34.40 30.07 -9.40
C LEU C 290 35.16 28.75 -9.46
N PHE C 291 36.49 28.76 -9.69
CA PHE C 291 37.31 27.56 -9.61
C PHE C 291 38.48 27.68 -8.65
N PHE C 292 39.12 28.84 -8.55
CA PHE C 292 40.39 28.97 -7.83
C PHE C 292 40.29 29.89 -6.62
N LYS C 293 39.12 29.98 -6.00
CA LYS C 293 38.96 30.75 -4.76
C LYS C 293 38.10 29.96 -3.79
N GLU C 294 38.52 29.92 -2.53
CA GLU C 294 37.86 29.07 -1.54
C GLU C 294 36.46 29.56 -1.19
N LYS C 295 36.16 30.84 -1.39
CA LYS C 295 34.88 31.39 -0.95
C LYS C 295 33.71 30.93 -1.81
N ARG C 296 33.98 30.42 -3.01
CA ARG C 296 32.93 29.93 -3.90
C ARG C 296 33.07 28.45 -4.19
N TYR C 297 34.25 28.00 -4.60
CA TYR C 297 34.49 26.63 -5.01
C TYR C 297 35.49 26.00 -4.06
N ASP C 298 35.16 24.80 -3.56
CA ASP C 298 35.98 24.17 -2.53
C ASP C 298 35.96 22.66 -2.69
N LEU C 299 37.13 22.05 -2.58
CA LEU C 299 37.27 20.60 -2.45
C LEU C 299 37.80 20.28 -1.06
N ALA C 300 37.10 19.39 -0.36
CA ALA C 300 37.45 19.11 1.03
C ALA C 300 38.81 18.43 1.11
N ARG C 301 39.26 18.20 2.35
CA ARG C 301 40.52 17.50 2.58
C ARG C 301 40.56 16.18 1.81
N VAL C 302 39.44 15.45 1.79
CA VAL C 302 39.39 14.17 1.09
C VAL C 302 39.54 14.36 -0.40
N GLY C 303 38.91 15.40 -0.96
CA GLY C 303 38.94 15.59 -2.40
C GLY C 303 40.36 15.80 -2.92
N ARG C 304 41.12 16.68 -2.26
CA ARG C 304 42.49 16.90 -2.68
C ARG C 304 43.33 15.64 -2.54
N TYR C 305 43.13 14.89 -1.46
CA TYR C 305 43.87 13.64 -1.28
C TYR C 305 43.59 12.68 -2.43
N LYS C 306 42.31 12.50 -2.77
CA LYS C 306 41.95 11.58 -3.84
C LYS C 306 42.53 12.04 -5.17
N VAL C 307 42.37 13.32 -5.49
CA VAL C 307 42.89 13.83 -6.77
C VAL C 307 44.40 13.68 -6.83
N ASN C 308 45.09 14.00 -5.74
CA ASN C 308 46.54 13.94 -5.73
C ASN C 308 47.04 12.53 -5.94
N LYS C 309 46.50 11.56 -5.19
CA LYS C 309 46.98 10.19 -5.33
C LYS C 309 46.55 9.58 -6.65
N LYS C 310 45.38 9.95 -7.18
CA LYS C 310 44.94 9.43 -8.46
C LYS C 310 45.85 9.91 -9.59
N LEU C 311 46.34 11.15 -9.49
CA LEU C 311 47.18 11.75 -10.51
C LEU C 311 48.64 11.90 -10.09
N GLY C 312 48.97 11.60 -8.85
CA GLY C 312 50.36 11.64 -8.42
C GLY C 312 50.90 13.03 -8.14
N LEU C 313 50.05 14.02 -7.95
CA LEU C 313 50.49 15.39 -7.67
C LEU C 313 50.70 15.58 -6.18
N ASN C 314 51.64 16.47 -5.84
CA ASN C 314 51.90 16.83 -4.45
C ASN C 314 52.19 15.59 -3.60
N ALA C 315 52.99 14.69 -4.15
CA ALA C 315 53.28 13.42 -3.48
C ALA C 315 53.84 13.64 -2.07
N GLY C 316 53.07 13.24 -1.06
CA GLY C 316 53.51 13.29 0.31
C GLY C 316 53.36 14.62 1.01
N LYS C 317 53.04 15.68 0.29
CA LYS C 317 52.94 17.00 0.91
C LYS C 317 51.63 17.12 1.69
N PRO C 318 51.67 17.55 2.97
CA PRO C 318 50.44 17.70 3.73
C PRO C 318 49.76 19.05 3.52
N ILE C 319 50.09 19.73 2.42
CA ILE C 319 49.64 21.10 2.15
C ILE C 319 48.14 21.21 2.39
N THR C 320 47.71 22.37 2.89
CA THR C 320 46.34 22.58 3.33
C THR C 320 45.42 23.10 2.22
N SER C 321 45.90 23.17 0.99
CA SER C 321 45.07 23.68 -0.10
C SER C 321 43.80 22.83 -0.24
N SER C 322 42.69 23.50 -0.55
CA SER C 322 41.40 22.83 -0.62
C SER C 322 40.58 23.30 -1.82
N THR C 323 41.23 23.79 -2.86
CA THR C 323 40.54 24.26 -4.05
C THR C 323 41.40 23.96 -5.27
N LEU C 324 40.76 23.95 -6.44
CA LEU C 324 41.42 23.50 -7.66
C LEU C 324 42.74 24.22 -7.87
N THR C 325 43.65 23.55 -8.56
CA THR C 325 44.92 24.12 -9.00
C THR C 325 45.06 23.83 -10.48
N GLU C 326 45.40 24.86 -11.26
CA GLU C 326 45.40 24.72 -12.71
C GLU C 326 46.33 23.62 -13.19
N GLU C 327 47.35 23.28 -12.41
CA GLU C 327 48.20 22.14 -12.76
C GLU C 327 47.37 20.86 -12.83
N ASP C 328 46.46 20.66 -11.88
CA ASP C 328 45.66 19.44 -11.88
C ASP C 328 44.71 19.37 -13.06
N VAL C 329 44.28 20.52 -13.60
CA VAL C 329 43.37 20.49 -14.75
C VAL C 329 44.09 19.96 -15.99
N VAL C 330 45.31 20.47 -16.23
CA VAL C 330 46.07 19.98 -17.36
C VAL C 330 46.52 18.54 -17.11
N ALA C 331 46.78 18.18 -15.86
CA ALA C 331 47.04 16.77 -15.55
C ALA C 331 45.82 15.91 -15.86
N THR C 332 44.62 16.42 -15.60
CA THR C 332 43.40 15.68 -15.91
C THR C 332 43.24 15.48 -17.41
N ILE C 333 43.48 16.53 -18.20
CA ILE C 333 43.35 16.35 -19.65
C ILE C 333 44.45 15.42 -20.17
N GLU C 334 45.65 15.48 -19.59
CA GLU C 334 46.71 14.54 -19.97
C GLU C 334 46.31 13.11 -19.66
N TYR C 335 45.75 12.89 -18.47
CA TYR C 335 45.29 11.56 -18.10
C TYR C 335 44.21 11.07 -19.06
N LEU C 336 43.29 11.96 -19.44
CA LEU C 336 42.26 11.60 -20.40
C LEU C 336 42.87 11.21 -21.74
N VAL C 337 43.88 11.96 -22.19
CA VAL C 337 44.53 11.64 -23.47
C VAL C 337 45.19 10.27 -23.39
N ARG C 338 45.92 10.00 -22.30
CA ARG C 338 46.57 8.69 -22.17
C ARG C 338 45.53 7.57 -22.11
N LEU C 339 44.42 7.79 -21.40
CA LEU C 339 43.40 6.76 -21.30
C LEU C 339 42.75 6.49 -22.66
N HIS C 340 42.52 7.55 -23.45
CA HIS C 340 41.91 7.35 -24.76
C HIS C 340 42.79 6.48 -25.65
N GLU C 341 44.10 6.70 -25.60
CA GLU C 341 45.02 5.81 -26.29
C GLU C 341 44.99 4.41 -25.69
N GLY C 342 44.86 4.32 -24.37
CA GLY C 342 44.78 3.05 -23.68
C GLY C 342 46.05 2.58 -23.02
N GLN C 343 47.02 3.46 -22.80
CA GLN C 343 48.26 3.05 -22.16
C GLN C 343 48.02 2.67 -20.71
N THR C 344 48.89 1.79 -20.19
CA THR C 344 48.69 1.25 -18.86
C THR C 344 48.99 2.26 -17.76
N SER C 345 49.94 3.16 -17.99
CA SER C 345 50.38 4.08 -16.95
C SER C 345 50.84 5.38 -17.59
N MET C 346 50.96 6.41 -16.74
CA MET C 346 51.38 7.74 -17.18
C MET C 346 52.16 8.38 -16.04
N THR C 347 52.63 9.61 -16.27
CA THR C 347 53.39 10.34 -15.26
C THR C 347 53.34 11.82 -15.57
N VAL C 348 52.98 12.63 -14.59
CA VAL C 348 52.97 14.09 -14.71
C VAL C 348 54.37 14.60 -14.40
N PRO C 349 54.99 15.40 -15.29
CA PRO C 349 56.29 15.99 -14.96
C PRO C 349 56.30 16.69 -13.60
N GLY C 350 57.07 16.15 -12.66
CA GLY C 350 57.12 16.65 -11.30
C GLY C 350 56.45 15.73 -10.30
N GLY C 351 55.52 14.90 -10.73
CA GLY C 351 54.80 13.99 -9.85
C GLY C 351 55.47 12.64 -9.76
N VAL C 352 54.64 11.59 -9.66
CA VAL C 352 55.11 10.22 -9.56
C VAL C 352 54.38 9.37 -10.60
N GLU C 353 54.96 8.21 -10.89
CA GLU C 353 54.36 7.30 -11.85
C GLU C 353 53.09 6.69 -11.27
N VAL C 354 52.02 6.72 -12.06
CA VAL C 354 50.73 6.17 -11.63
C VAL C 354 50.11 5.39 -12.76
N PRO C 355 49.27 4.42 -12.43
CA PRO C 355 48.59 3.62 -13.46
C PRO C 355 47.46 4.40 -14.11
N VAL C 356 47.08 3.94 -15.31
CA VAL C 356 46.00 4.53 -16.09
C VAL C 356 44.92 3.48 -16.26
N GLU C 357 43.73 3.77 -15.72
CA GLU C 357 42.59 2.87 -15.85
C GLU C 357 41.32 3.67 -15.68
N VAL C 358 40.21 3.08 -16.13
CA VAL C 358 38.90 3.67 -15.94
C VAL C 358 38.42 3.35 -14.53
N ASP C 359 37.68 4.30 -13.93
CA ASP C 359 37.31 4.23 -12.52
C ASP C 359 35.89 3.68 -12.38
N ASP C 360 35.71 2.75 -11.45
CA ASP C 360 34.40 2.25 -11.09
C ASP C 360 33.74 3.23 -10.13
N ILE C 361 32.48 3.57 -10.39
CA ILE C 361 31.80 4.61 -9.61
C ILE C 361 31.14 4.04 -8.36
N ASP C 362 30.71 2.78 -8.38
CA ASP C 362 30.13 2.14 -7.20
C ASP C 362 31.17 1.47 -6.32
N HIS C 363 32.43 1.40 -6.77
CA HIS C 363 33.49 0.83 -5.96
C HIS C 363 33.68 1.67 -4.70
N PHE C 364 33.78 1.01 -3.55
CA PHE C 364 33.91 1.74 -2.28
C PHE C 364 35.23 2.46 -2.12
N GLY C 365 36.09 2.52 -3.13
CA GLY C 365 37.26 3.39 -3.07
C GLY C 365 36.95 4.83 -3.38
N ASN C 366 35.76 5.10 -3.92
CA ASN C 366 35.29 6.45 -4.16
C ASN C 366 33.90 6.71 -3.61
N ARG C 367 33.18 5.66 -3.19
CA ARG C 367 31.93 5.84 -2.46
C ARG C 367 32.25 5.90 -0.97
N ARG C 368 31.78 6.97 -0.31
CA ARG C 368 32.10 7.21 1.09
C ARG C 368 30.84 7.53 1.86
N LEU C 369 30.86 7.19 3.15
CA LEU C 369 29.74 7.43 4.03
C LEU C 369 30.04 8.61 4.94
N ARG C 370 29.13 9.58 4.96
CA ARG C 370 29.21 10.68 5.92
C ARG C 370 28.40 10.31 7.15
N THR C 371 29.05 10.38 8.31
CA THR C 371 28.46 9.91 9.56
C THR C 371 27.73 11.06 10.27
N VAL C 372 27.37 10.85 11.53
CA VAL C 372 26.67 11.87 12.29
C VAL C 372 27.50 13.13 12.40
N GLY C 373 28.81 12.98 12.62
CA GLY C 373 29.66 14.15 12.82
C GLY C 373 29.63 15.09 11.63
N GLU C 374 29.84 14.55 10.43
CA GLU C 374 29.84 15.39 9.24
C GLU C 374 28.44 15.91 8.91
N LEU C 375 27.41 15.10 9.19
CA LEU C 375 26.05 15.58 8.96
C LEU C 375 25.74 16.79 9.82
N ILE C 376 26.17 16.76 11.09
CA ILE C 376 25.97 17.92 11.95
C ILE C 376 26.86 19.07 11.51
N GLN C 377 28.09 18.77 11.10
CA GLN C 377 29.02 19.83 10.70
C GLN C 377 28.53 20.57 9.48
N ASN C 378 27.84 19.90 8.56
CA ASN C 378 27.29 20.60 7.39
C ASN C 378 26.29 21.66 7.81
N GLN C 379 25.36 21.30 8.70
CA GLN C 379 24.37 22.27 9.16
C GLN C 379 25.02 23.39 9.95
N ILE C 380 26.02 23.06 10.77
CA ILE C 380 26.74 24.10 11.49
C ILE C 380 27.41 25.06 10.51
N ARG C 381 28.01 24.51 9.44
CA ARG C 381 28.65 25.35 8.44
C ARG C 381 27.64 26.28 7.77
N VAL C 382 26.47 25.75 7.41
CA VAL C 382 25.45 26.58 6.76
C VAL C 382 25.00 27.70 7.70
N GLY C 383 24.73 27.35 8.96
CA GLY C 383 24.30 28.35 9.92
C GLY C 383 25.36 29.41 10.14
N LEU C 384 26.63 29.00 10.24
CA LEU C 384 27.72 29.96 10.40
C LEU C 384 27.86 30.85 9.18
N SER C 385 27.64 30.31 7.98
CA SER C 385 27.70 31.14 6.78
C SER C 385 26.62 32.20 6.79
N ARG C 386 25.38 31.81 7.14
CA ARG C 386 24.31 32.80 7.19
C ARG C 386 24.58 33.84 8.28
N MET C 387 25.09 33.40 9.42
CA MET C 387 25.44 34.34 10.49
C MET C 387 26.53 35.29 10.05
N GLU C 388 27.52 34.79 9.28
CA GLU C 388 28.58 35.66 8.79
C GLU C 388 28.03 36.69 7.82
N ARG C 389 27.08 36.28 6.96
CA ARG C 389 26.39 37.24 6.10
C ARG C 389 25.72 38.33 6.93
N VAL C 390 24.98 37.92 7.97
CA VAL C 390 24.24 38.89 8.76
C VAL C 390 25.18 39.83 9.50
N VAL C 391 26.29 39.31 10.02
CA VAL C 391 27.21 40.17 10.76
C VAL C 391 27.94 41.13 9.80
N ARG C 392 28.32 40.64 8.62
CA ARG C 392 28.93 41.56 7.66
C ARG C 392 27.95 42.61 7.18
N GLU C 393 26.64 42.34 7.25
CA GLU C 393 25.70 43.43 6.98
C GLU C 393 25.58 44.38 8.18
N ARG C 394 25.45 43.83 9.39
CA ARG C 394 25.25 44.65 10.58
C ARG C 394 26.47 45.50 10.91
N MET C 395 27.66 45.13 10.40
CA MET C 395 28.87 45.85 10.75
C MET C 395 28.80 47.31 10.32
N THR C 396 28.22 47.57 9.14
CA THR C 396 28.34 48.89 8.53
C THR C 396 27.76 49.98 9.42
N THR C 397 26.58 49.76 10.00
CA THR C 397 25.89 50.83 10.70
C THR C 397 26.64 51.26 11.96
N GLN C 398 27.22 50.31 12.69
CA GLN C 398 27.77 50.60 14.00
C GLN C 398 29.11 51.34 13.89
N ASP C 399 29.53 51.91 15.01
CA ASP C 399 30.73 52.75 15.06
C ASP C 399 31.97 51.86 15.12
N VAL C 400 33.12 52.47 15.42
CA VAL C 400 34.40 51.79 15.41
C VAL C 400 35.12 51.89 16.75
N GLU C 401 34.45 52.39 17.79
CA GLU C 401 35.03 52.48 19.12
C GLU C 401 34.25 51.71 20.17
N ALA C 402 32.92 51.79 20.17
CA ALA C 402 32.10 51.13 21.16
C ALA C 402 31.56 49.78 20.70
N ILE C 403 31.98 49.33 19.52
CA ILE C 403 31.47 48.08 18.96
C ILE C 403 32.17 46.90 19.60
N THR C 404 31.43 45.82 19.82
CA THR C 404 31.96 44.57 20.37
C THR C 404 31.34 43.40 19.63
N PRO C 405 32.03 42.26 19.57
CA PRO C 405 31.47 41.09 18.89
C PRO C 405 30.04 40.76 19.32
N GLN C 406 29.75 40.84 20.62
CA GLN C 406 28.40 40.51 21.09
C GLN C 406 27.36 41.39 20.41
N THR C 407 27.65 42.68 20.25
CA THR C 407 26.72 43.56 19.55
C THR C 407 26.61 43.16 18.08
N LEU C 408 27.73 42.78 17.46
CA LEU C 408 27.72 42.43 16.05
C LEU C 408 26.94 41.15 15.79
N ILE C 409 27.14 40.13 16.63
CA ILE C 409 26.71 38.78 16.31
C ILE C 409 25.24 38.61 16.69
N ASN C 410 24.52 37.84 15.86
CA ASN C 410 23.15 37.39 16.15
C ASN C 410 23.14 35.89 15.91
N ILE C 411 23.14 35.11 17.00
CA ILE C 411 23.29 33.65 16.91
C ILE C 411 22.04 32.94 16.43
N ARG C 412 20.99 33.66 16.06
CA ARG C 412 19.74 33.05 15.64
C ARG C 412 19.91 31.99 14.55
N PRO C 413 20.64 32.25 13.46
CA PRO C 413 20.60 31.29 12.34
C PRO C 413 21.21 29.94 12.67
N VAL C 414 22.36 29.90 13.34
CA VAL C 414 23.02 28.63 13.61
C VAL C 414 22.16 27.76 14.52
N VAL C 415 21.64 28.35 15.59
CA VAL C 415 20.81 27.59 16.52
C VAL C 415 19.54 27.13 15.83
N ALA C 416 18.90 28.00 15.03
CA ALA C 416 17.68 27.61 14.34
C ALA C 416 17.93 26.51 13.32
N ALA C 417 19.08 26.50 12.66
CA ALA C 417 19.37 25.47 11.68
C ALA C 417 19.73 24.15 12.33
N ILE C 418 20.47 24.19 13.45
CA ILE C 418 20.75 22.95 14.17
C ILE C 418 19.46 22.35 14.70
N LYS C 419 18.59 23.18 15.28
CA LYS C 419 17.32 22.66 15.79
C LYS C 419 16.43 22.18 14.66
N GLU C 420 16.51 22.80 13.48
CA GLU C 420 15.73 22.32 12.34
C GLU C 420 16.28 21.02 11.78
N PHE C 421 17.59 20.79 11.89
CA PHE C 421 18.17 19.57 11.34
C PHE C 421 17.62 18.33 12.03
N PHE C 422 17.68 18.30 13.36
CA PHE C 422 17.27 17.09 14.09
C PHE C 422 15.77 16.83 13.91
N GLY C 423 14.95 17.87 13.99
CA GLY C 423 13.51 17.70 13.95
C GLY C 423 12.90 17.54 12.57
N THR C 424 13.68 17.74 11.51
CA THR C 424 13.15 17.68 10.15
C THR C 424 14.00 16.86 9.18
N SER C 425 15.28 16.65 9.46
CA SER C 425 16.12 15.90 8.52
C SER C 425 15.63 14.47 8.39
N GLN C 426 15.60 13.97 7.16
CA GLN C 426 15.20 12.59 6.91
C GLN C 426 16.20 11.59 7.47
N LEU C 427 17.42 12.03 7.80
CA LEU C 427 18.45 11.16 8.32
C LEU C 427 18.44 11.06 9.85
N SER C 428 17.59 11.83 10.53
CA SER C 428 17.38 11.70 11.96
C SER C 428 16.08 10.92 12.17
N GLN C 429 16.21 9.74 12.78
CA GLN C 429 15.12 8.77 12.77
C GLN C 429 14.81 8.32 14.20
N PHE C 430 13.53 8.05 14.46
CA PHE C 430 13.13 7.39 15.69
C PHE C 430 13.89 6.08 15.82
N MET C 431 14.56 5.89 16.95
CA MET C 431 15.33 4.67 17.15
C MET C 431 14.37 3.48 17.24
N ASP C 432 14.74 2.38 16.58
CA ASP C 432 13.89 1.20 16.50
C ASP C 432 14.03 0.40 17.79
N GLN C 433 13.35 0.88 18.84
CA GLN C 433 13.40 0.22 20.14
C GLN C 433 12.37 -0.90 20.22
N ASN C 434 12.40 -1.82 19.26
CA ASN C 434 11.58 -3.01 19.35
C ASN C 434 12.26 -4.12 20.14
N ASN C 435 13.59 -4.10 20.19
CA ASN C 435 14.40 -5.01 21.00
C ASN C 435 15.84 -4.54 20.94
N PRO C 436 16.71 -5.02 21.84
CA PRO C 436 18.10 -4.53 21.83
C PRO C 436 18.80 -4.70 20.50
N LEU C 437 18.57 -5.83 19.82
CA LEU C 437 19.23 -6.06 18.53
C LEU C 437 18.76 -5.05 17.49
N SER C 438 17.47 -4.73 17.49
CA SER C 438 16.94 -3.78 16.52
C SER C 438 17.61 -2.42 16.69
N GLY C 439 17.72 -1.95 17.93
CA GLY C 439 18.40 -0.69 18.18
C GLY C 439 19.87 -0.75 17.82
N LEU C 440 20.52 -1.88 18.13
CA LEU C 440 21.95 -2.01 17.81
C LEU C 440 22.18 -1.96 16.31
N THR C 441 21.30 -2.58 15.53
CA THR C 441 21.45 -2.60 14.08
C THR C 441 20.82 -1.39 13.41
N HIS C 442 20.16 -0.52 14.17
CA HIS C 442 19.74 0.76 13.63
C HIS C 442 20.85 1.81 13.71
N LYS C 443 21.61 1.80 14.80
CA LYS C 443 22.71 2.74 14.94
C LYS C 443 23.79 2.52 13.89
N ARG C 444 23.93 1.28 13.41
CA ARG C 444 24.97 0.92 12.46
C ARG C 444 24.45 0.87 11.02
N ARG C 445 23.25 1.38 10.77
CA ARG C 445 22.67 1.32 9.44
C ARG C 445 23.37 2.29 8.50
N LEU C 446 23.50 1.88 7.24
CA LEU C 446 24.00 2.73 6.17
C LEU C 446 22.85 3.00 5.20
N SER C 447 22.67 4.27 4.84
CA SER C 447 21.55 4.69 4.01
C SER C 447 22.07 5.45 2.79
N ALA C 448 21.49 5.17 1.63
CA ALA C 448 21.80 5.90 0.40
C ALA C 448 20.80 7.00 0.10
N LEU C 449 19.63 6.98 0.72
CA LEU C 449 18.60 7.96 0.46
C LEU C 449 18.85 9.23 1.29
N GLY C 450 17.92 10.17 1.23
CA GLY C 450 18.02 11.40 1.98
C GLY C 450 18.65 12.52 1.18
N PRO C 451 18.65 13.73 1.76
CA PRO C 451 19.25 14.86 1.05
C PRO C 451 20.74 14.64 0.80
N GLY C 452 21.21 15.08 -0.36
CA GLY C 452 22.60 14.92 -0.74
C GLY C 452 22.97 13.57 -1.29
N GLY C 453 22.00 12.66 -1.45
CA GLY C 453 22.28 11.33 -1.95
C GLY C 453 21.35 10.93 -3.09
N LEU C 454 21.20 9.63 -3.29
CA LEU C 454 20.35 9.14 -4.38
C LEU C 454 18.90 9.57 -4.16
N SER C 455 18.39 10.40 -5.06
CA SER C 455 17.01 10.86 -4.95
C SER C 455 16.07 9.67 -4.97
N ARG C 456 15.09 9.68 -4.05
CA ARG C 456 14.15 8.56 -3.97
C ARG C 456 13.30 8.43 -5.22
N GLU C 457 13.08 9.53 -5.93
CA GLU C 457 12.30 9.47 -7.16
C GLU C 457 13.01 8.65 -8.23
N ARG C 458 14.32 8.81 -8.34
CA ARG C 458 15.08 8.09 -9.37
C ARG C 458 15.31 6.63 -8.96
N ALA C 459 16.05 6.42 -7.88
CA ALA C 459 16.30 5.09 -7.34
C ALA C 459 16.74 4.12 -8.43
N GLY C 460 17.92 4.40 -9.00
CA GLY C 460 18.43 3.58 -10.08
C GLY C 460 18.55 2.12 -9.65
N LEU C 461 18.10 1.22 -10.54
CA LEU C 461 18.14 -0.21 -10.26
C LEU C 461 19.54 -0.79 -10.34
N GLU C 462 20.47 -0.11 -11.00
CA GLU C 462 21.79 -0.69 -11.24
C GLU C 462 22.67 -0.67 -9.99
N VAL C 463 22.53 0.36 -9.15
CA VAL C 463 23.41 0.52 -7.99
C VAL C 463 23.06 -0.43 -6.85
N ARG C 464 21.93 -1.14 -6.93
CA ARG C 464 21.47 -1.93 -5.80
C ARG C 464 22.22 -3.25 -5.63
N ASP C 465 22.90 -3.72 -6.68
CA ASP C 465 23.49 -5.06 -6.62
C ASP C 465 24.83 -5.03 -5.87
N VAL C 466 25.29 -6.22 -5.52
CA VAL C 466 26.53 -6.35 -4.73
C VAL C 466 27.74 -6.11 -5.64
N HIS C 467 28.65 -5.28 -5.15
CA HIS C 467 29.93 -5.06 -5.82
C HIS C 467 31.03 -5.83 -5.07
N PRO C 468 32.01 -6.39 -5.77
CA PRO C 468 33.00 -7.26 -5.09
C PRO C 468 33.73 -6.60 -3.93
N SER C 469 33.61 -5.29 -3.73
CA SER C 469 34.30 -4.61 -2.64
C SER C 469 33.50 -4.59 -1.35
N HIS C 470 32.27 -5.10 -1.37
CA HIS C 470 31.45 -5.17 -0.15
C HIS C 470 32.02 -6.15 0.86
N TYR C 471 32.89 -7.06 0.44
CA TYR C 471 33.40 -8.09 1.35
C TYR C 471 34.09 -7.46 2.54
N GLY C 472 33.54 -7.69 3.73
CA GLY C 472 34.13 -7.21 4.96
C GLY C 472 33.82 -5.77 5.29
N ARG C 473 33.03 -5.08 4.47
CA ARG C 473 32.73 -3.67 4.68
C ARG C 473 31.23 -3.41 4.83
N MET C 474 30.41 -4.01 3.98
CA MET C 474 28.97 -3.84 4.03
C MET C 474 28.31 -5.21 3.86
N CYS C 475 27.36 -5.52 4.73
CA CYS C 475 26.74 -6.83 4.71
C CYS C 475 25.92 -7.02 3.44
N PRO C 476 26.10 -8.13 2.71
CA PRO C 476 25.29 -8.35 1.51
C PRO C 476 23.92 -8.98 1.78
N ILE C 477 23.65 -9.43 2.99
CA ILE C 477 22.45 -10.22 3.28
C ILE C 477 21.35 -9.33 3.86
N GLU C 478 21.73 -8.30 4.60
CA GLU C 478 20.78 -7.47 5.34
C GLU C 478 20.37 -6.27 4.49
N THR C 479 19.13 -6.29 4.01
CA THR C 479 18.53 -5.16 3.31
C THR C 479 17.04 -5.18 3.58
N PRO C 480 16.38 -4.02 3.53
CA PRO C 480 14.91 -4.02 3.57
C PRO C 480 14.33 -4.78 2.38
N GLU C 481 13.22 -5.46 2.61
CA GLU C 481 12.57 -6.24 1.57
C GLU C 481 11.60 -5.42 0.74
N GLY C 482 11.40 -4.14 1.07
CA GLY C 482 10.53 -3.27 0.32
C GLY C 482 11.23 -2.65 -0.88
N PRO C 483 10.67 -1.56 -1.41
CA PRO C 483 11.33 -0.90 -2.55
C PRO C 483 12.71 -0.37 -2.23
N ASN C 484 13.05 -0.21 -0.96
CA ASN C 484 14.37 0.25 -0.55
C ASN C 484 15.43 -0.85 -0.62
N ILE C 485 15.15 -1.96 -1.30
CA ILE C 485 16.11 -3.05 -1.39
C ILE C 485 17.41 -2.54 -1.99
N GLY C 486 18.52 -2.98 -1.42
CA GLY C 486 19.84 -2.66 -1.94
C GLY C 486 20.37 -1.31 -1.48
N LEU C 487 19.49 -0.31 -1.40
CA LEU C 487 19.95 1.04 -1.09
C LEU C 487 20.41 1.15 0.37
N ILE C 488 19.90 0.29 1.25
CA ILE C 488 20.15 0.38 2.68
C ILE C 488 20.74 -0.95 3.14
N GLY C 489 21.84 -0.88 3.89
CA GLY C 489 22.45 -2.07 4.43
C GLY C 489 23.24 -1.74 5.68
N SER C 490 23.51 -2.78 6.47
CA SER C 490 24.19 -2.62 7.74
C SER C 490 25.70 -2.75 7.58
N LEU C 491 26.43 -2.09 8.47
CA LEU C 491 27.89 -2.14 8.45
C LEU C 491 28.37 -3.52 8.90
N SER C 492 29.58 -3.86 8.49
CA SER C 492 30.17 -5.14 8.85
C SER C 492 30.58 -5.15 10.32
N VAL C 493 30.87 -6.34 10.83
CA VAL C 493 31.20 -6.50 12.24
C VAL C 493 32.56 -5.88 12.55
N TYR C 494 33.56 -6.15 11.70
CA TYR C 494 34.93 -5.70 11.94
C TYR C 494 35.25 -4.37 11.30
N ALA C 495 34.30 -3.75 10.61
CA ALA C 495 34.59 -2.55 9.83
C ALA C 495 34.79 -1.34 10.74
N ARG C 496 35.70 -0.46 10.32
CA ARG C 496 35.87 0.85 10.92
C ARG C 496 36.02 1.87 9.79
N VAL C 497 35.71 3.11 10.11
CA VAL C 497 35.70 4.19 9.11
C VAL C 497 37.03 4.94 9.18
N ASN C 498 37.68 5.07 8.03
CA ASN C 498 38.86 5.90 7.95
C ASN C 498 38.47 7.35 8.20
N PRO C 499 39.37 8.20 8.72
CA PRO C 499 38.99 9.59 8.97
C PRO C 499 38.45 10.30 7.74
N PHE C 500 38.86 9.88 6.55
CA PHE C 500 38.37 10.48 5.32
C PHE C 500 36.96 10.02 4.97
N GLY C 501 36.43 9.01 5.66
CA GLY C 501 35.11 8.48 5.37
C GLY C 501 35.09 7.22 4.54
N PHE C 502 36.21 6.54 4.38
CA PHE C 502 36.28 5.29 3.64
C PHE C 502 36.40 4.14 4.61
N ILE C 503 35.58 3.10 4.41
CA ILE C 503 35.49 2.00 5.35
C ILE C 503 36.70 1.09 5.18
N GLU C 504 37.44 0.88 6.26
CA GLU C 504 38.56 -0.05 6.27
C GLU C 504 38.09 -1.42 6.77
N THR C 505 39.01 -2.38 6.71
CA THR C 505 38.74 -3.70 7.27
C THR C 505 40.08 -4.36 7.59
N PRO C 506 40.16 -5.17 8.64
CA PRO C 506 41.45 -5.74 9.03
C PRO C 506 41.82 -6.97 8.22
N TYR C 507 43.12 -7.15 8.04
CA TYR C 507 43.67 -8.33 7.39
C TYR C 507 44.96 -8.73 8.09
N ARG C 508 45.21 -10.04 8.13
CA ARG C 508 46.44 -10.56 8.70
C ARG C 508 47.54 -10.51 7.66
N LYS C 509 48.66 -9.86 8.00
CA LYS C 509 49.82 -9.88 7.12
C LYS C 509 50.40 -11.29 7.08
N VAL C 510 50.78 -11.72 5.88
CA VAL C 510 51.39 -13.02 5.67
C VAL C 510 52.71 -12.82 4.92
N GLU C 511 53.57 -13.81 5.00
CA GLU C 511 54.95 -13.70 4.57
C GLU C 511 55.30 -14.98 3.83
N ASN C 512 56.60 -15.30 3.74
CA ASN C 512 57.06 -16.34 2.82
C ASN C 512 56.55 -17.69 3.29
N GLY C 513 55.25 -17.93 3.13
CA GLY C 513 54.65 -19.17 3.56
C GLY C 513 54.31 -19.22 5.04
N VAL C 514 54.29 -18.09 5.72
CA VAL C 514 54.02 -18.04 7.16
C VAL C 514 53.06 -16.89 7.44
N VAL C 515 52.08 -17.14 8.32
CA VAL C 515 51.12 -16.13 8.72
C VAL C 515 51.67 -15.42 9.95
N THR C 516 51.63 -14.09 9.94
CA THR C 516 52.20 -13.27 10.99
C THR C 516 51.12 -12.78 11.95
N ASP C 517 51.57 -12.14 13.03
CA ASP C 517 50.69 -11.59 14.06
C ASP C 517 50.39 -10.12 13.84
N GLN C 518 50.81 -9.55 12.72
CA GLN C 518 50.56 -8.14 12.42
C GLN C 518 49.23 -8.02 11.67
N ILE C 519 48.24 -7.46 12.34
CA ILE C 519 46.93 -7.21 11.74
C ILE C 519 46.89 -5.75 11.32
N ASP C 520 46.66 -5.52 10.01
CA ASP C 520 46.66 -4.19 9.44
C ASP C 520 45.29 -3.90 8.83
N TYR C 521 44.76 -2.71 9.11
CA TYR C 521 43.53 -2.28 8.47
C TYR C 521 43.83 -1.74 7.09
N LEU C 522 43.04 -2.15 6.11
CA LEU C 522 43.23 -1.76 4.72
C LEU C 522 41.94 -1.18 4.17
N THR C 523 42.09 -0.19 3.29
CA THR C 523 40.98 0.31 2.50
C THR C 523 40.81 -0.54 1.25
N ALA C 524 39.70 -0.31 0.54
CA ALA C 524 39.43 -1.07 -0.67
C ALA C 524 40.54 -0.89 -1.69
N ASP C 525 40.91 0.36 -1.97
CA ASP C 525 41.93 0.62 -2.98
C ASP C 525 43.27 0.04 -2.58
N GLU C 526 43.69 0.26 -1.33
CA GLU C 526 44.98 -0.25 -0.89
C GLU C 526 44.99 -1.76 -0.79
N GLU C 527 43.83 -2.36 -0.49
CA GLU C 527 43.74 -3.82 -0.48
C GLU C 527 43.78 -4.38 -1.90
N ASP C 528 43.31 -3.62 -2.88
CA ASP C 528 43.27 -4.09 -4.25
C ASP C 528 44.66 -4.44 -4.79
N ARG C 529 45.72 -3.86 -4.22
CA ARG C 529 47.06 -4.09 -4.75
C ARG C 529 47.58 -5.49 -4.42
N HIS C 530 47.07 -6.14 -3.38
CA HIS C 530 47.65 -7.35 -2.83
C HIS C 530 46.76 -8.54 -3.11
N VAL C 531 47.21 -9.71 -2.64
CA VAL C 531 46.47 -10.96 -2.74
C VAL C 531 46.04 -11.36 -1.33
N VAL C 532 44.74 -11.62 -1.17
CA VAL C 532 44.16 -11.91 0.14
C VAL C 532 43.57 -13.31 0.10
N ALA C 533 43.95 -14.14 1.07
CA ALA C 533 43.53 -15.53 1.15
C ALA C 533 42.37 -15.69 2.13
N GLN C 534 41.66 -16.80 1.98
CA GLN C 534 40.49 -17.07 2.79
C GLN C 534 40.89 -17.51 4.19
N ALA C 535 39.96 -17.29 5.14
CA ALA C 535 40.25 -17.60 6.54
C ALA C 535 40.22 -19.09 6.80
N ASN C 536 39.31 -19.82 6.17
CA ASN C 536 39.14 -21.25 6.44
C ASN C 536 40.34 -22.08 6.00
N SER C 537 41.27 -21.52 5.23
CA SER C 537 42.39 -22.30 4.75
C SER C 537 43.22 -22.79 5.94
N PRO C 538 43.89 -23.94 5.80
CA PRO C 538 44.59 -24.54 6.94
C PRO C 538 46.00 -24.00 7.11
N THR C 539 46.45 -24.03 8.36
CA THR C 539 47.80 -23.61 8.71
C THR C 539 48.32 -24.50 9.83
N ASP C 540 49.65 -24.64 9.88
CA ASP C 540 50.29 -25.44 10.91
C ASP C 540 50.37 -24.65 12.22
N GLU C 541 51.00 -25.26 13.23
CA GLU C 541 51.11 -24.60 14.51
C GLU C 541 51.91 -23.30 14.41
N ASN C 542 53.02 -23.33 13.67
CA ASN C 542 53.80 -22.12 13.48
C ASN C 542 53.04 -21.09 12.67
N GLY C 543 52.32 -21.53 11.64
CA GLY C 543 51.57 -20.63 10.78
C GLY C 543 51.83 -20.88 9.30
N ARG C 544 52.46 -22.00 8.98
CA ARG C 544 52.72 -22.35 7.58
C ARG C 544 51.46 -22.90 6.93
N PHE C 545 51.32 -22.61 5.64
CA PHE C 545 50.20 -23.14 4.86
C PHE C 545 50.44 -24.61 4.55
N THR C 546 49.50 -25.46 4.94
CA THR C 546 49.67 -26.90 4.74
C THR C 546 49.53 -27.27 3.26
N GLU C 547 48.52 -26.72 2.59
CA GLU C 547 48.22 -27.09 1.21
C GLU C 547 49.07 -26.26 0.25
N ASP C 548 49.52 -26.90 -0.83
CA ASP C 548 50.38 -26.23 -1.79
C ASP C 548 49.66 -25.07 -2.47
N ARG C 549 48.41 -25.28 -2.86
CA ARG C 549 47.61 -24.28 -3.58
C ARG C 549 46.51 -23.78 -2.68
N VAL C 550 46.41 -22.45 -2.54
CA VAL C 550 45.48 -21.81 -1.63
C VAL C 550 44.50 -20.98 -2.45
N MET C 551 43.23 -21.01 -2.04
CA MET C 551 42.17 -20.25 -2.70
C MET C 551 42.11 -18.85 -2.13
N VAL C 552 42.17 -17.85 -3.02
CA VAL C 552 42.33 -16.44 -2.63
C VAL C 552 41.43 -15.59 -3.52
N ARG C 553 41.37 -14.31 -3.18
CA ARG C 553 40.69 -13.30 -3.98
C ARG C 553 41.70 -12.50 -4.79
N LYS C 554 41.21 -11.89 -5.87
CA LYS C 554 42.08 -11.25 -6.85
C LYS C 554 41.43 -9.96 -7.35
N LYS C 555 42.30 -9.12 -7.93
CA LYS C 555 42.01 -7.69 -8.12
C LYS C 555 40.65 -7.44 -8.76
N GLY C 556 40.27 -8.27 -9.72
CA GLY C 556 38.98 -8.12 -10.35
C GLY C 556 37.82 -8.38 -9.42
N GLY C 557 38.10 -8.54 -8.12
CA GLY C 557 37.09 -8.99 -7.19
C GLY C 557 36.68 -10.41 -7.47
N GLU C 558 37.64 -11.26 -7.82
CA GLU C 558 37.33 -12.61 -8.29
C GLU C 558 38.00 -13.63 -7.38
N VAL C 559 37.59 -14.89 -7.53
CA VAL C 559 38.10 -15.99 -6.71
C VAL C 559 38.98 -16.86 -7.59
N GLU C 560 40.21 -17.10 -7.15
CA GLU C 560 41.19 -17.88 -7.90
C GLU C 560 41.97 -18.76 -6.95
N PHE C 561 42.85 -19.59 -7.52
CA PHE C 561 43.80 -20.38 -6.75
C PHE C 561 45.21 -19.91 -7.07
N VAL C 562 46.07 -19.85 -6.05
CA VAL C 562 47.46 -19.40 -6.23
C VAL C 562 48.37 -20.23 -5.34
N SER C 563 49.64 -20.28 -5.72
CA SER C 563 50.63 -20.98 -4.92
C SER C 563 50.92 -20.21 -3.64
N ALA C 564 51.71 -20.83 -2.76
CA ALA C 564 51.98 -20.22 -1.46
C ALA C 564 52.75 -18.91 -1.61
N ASP C 565 53.72 -18.87 -2.51
CA ASP C 565 54.57 -17.68 -2.62
C ASP C 565 53.76 -16.44 -3.01
N GLN C 566 52.67 -16.62 -3.75
CA GLN C 566 51.93 -15.47 -4.28
C GLN C 566 51.10 -14.77 -3.21
N VAL C 567 50.68 -15.49 -2.16
CA VAL C 567 49.78 -14.89 -1.18
C VAL C 567 50.45 -13.71 -0.50
N ASP C 568 49.64 -12.69 -0.17
CA ASP C 568 50.14 -11.48 0.48
C ASP C 568 49.33 -11.05 1.69
N TYR C 569 48.08 -11.51 1.85
CA TYR C 569 47.28 -11.20 3.02
C TYR C 569 46.23 -12.29 3.22
N MET C 570 45.54 -12.24 4.36
CA MET C 570 44.48 -13.17 4.67
C MET C 570 43.40 -12.46 5.47
N ASP C 571 42.18 -13.00 5.41
CA ASP C 571 41.09 -12.48 6.21
C ASP C 571 41.35 -12.74 7.69
N VAL C 572 40.67 -11.97 8.54
CA VAL C 572 40.92 -12.06 9.97
C VAL C 572 40.12 -13.20 10.59
N SER C 573 38.86 -13.38 10.17
CA SER C 573 38.01 -14.43 10.73
C SER C 573 36.91 -14.72 9.71
N PRO C 574 36.33 -15.93 9.77
CA PRO C 574 35.27 -16.26 8.81
C PRO C 574 34.07 -15.33 8.87
N ARG C 575 33.74 -14.80 10.05
CA ARG C 575 32.57 -13.95 10.22
C ARG C 575 32.78 -12.54 9.67
N GLN C 576 33.90 -12.28 9.00
CA GLN C 576 34.26 -10.90 8.67
C GLN C 576 33.24 -10.26 7.74
N MET C 577 32.63 -11.03 6.84
CA MET C 577 31.79 -10.46 5.79
C MET C 577 30.34 -10.24 6.21
N VAL C 578 29.93 -10.73 7.38
CA VAL C 578 28.53 -10.66 7.79
C VAL C 578 28.39 -9.66 8.93
N SER C 579 27.19 -9.08 9.03
CA SER C 579 26.89 -8.11 10.07
C SER C 579 26.54 -8.81 11.37
N VAL C 580 26.18 -8.03 12.39
CA VAL C 580 25.90 -8.58 13.70
C VAL C 580 24.65 -9.47 13.66
N ALA C 581 23.58 -8.97 13.04
CA ALA C 581 22.34 -9.74 13.01
C ALA C 581 22.49 -11.02 12.21
N THR C 582 23.03 -10.92 10.99
CA THR C 582 23.23 -12.11 10.17
C THR C 582 24.17 -13.10 10.85
N ALA C 583 25.07 -12.62 11.70
CA ALA C 583 25.97 -13.51 12.42
C ALA C 583 25.25 -14.35 13.47
N MET C 584 24.06 -13.94 13.90
CA MET C 584 23.33 -14.64 14.95
C MET C 584 22.39 -15.71 14.41
N ILE C 585 22.56 -16.12 13.15
CA ILE C 585 21.76 -17.18 12.56
C ILE C 585 22.62 -18.43 12.49
N PRO C 586 22.34 -19.46 13.28
CA PRO C 586 23.15 -20.69 13.20
C PRO C 586 22.95 -21.40 11.87
N PHE C 587 24.02 -22.02 11.39
CA PHE C 587 24.00 -22.75 10.12
C PHE C 587 23.53 -21.85 8.98
N LEU C 588 24.12 -20.66 8.90
CA LEU C 588 23.77 -19.74 7.83
C LEU C 588 24.17 -20.28 6.46
N GLU C 589 25.33 -20.94 6.38
CA GLU C 589 25.84 -21.41 5.10
C GLU C 589 24.96 -22.48 4.46
N HIS C 590 24.02 -23.06 5.21
CA HIS C 590 23.09 -24.02 4.67
C HIS C 590 21.79 -23.38 4.19
N ASP C 591 21.72 -22.05 4.18
CA ASP C 591 20.50 -21.33 3.81
C ASP C 591 20.78 -20.40 2.63
N ASP C 592 19.83 -20.33 1.71
CA ASP C 592 19.96 -19.44 0.56
C ASP C 592 19.90 -17.99 1.00
N ALA C 593 20.44 -17.10 0.16
CA ALA C 593 20.54 -15.69 0.52
C ALA C 593 19.17 -15.08 0.81
N ASN C 594 18.13 -15.49 0.08
CA ASN C 594 16.82 -14.90 0.26
C ASN C 594 16.27 -15.19 1.65
N ARG C 595 16.27 -16.45 2.05
CA ARG C 595 15.73 -16.82 3.35
C ARG C 595 16.58 -16.25 4.48
N ALA C 596 17.89 -16.19 4.28
CA ALA C 596 18.76 -15.57 5.29
C ALA C 596 18.42 -14.09 5.44
N LEU C 597 18.20 -13.40 4.33
CA LEU C 597 17.81 -11.99 4.39
C LEU C 597 16.49 -11.82 5.14
N MET C 598 15.51 -12.67 4.83
CA MET C 598 14.22 -12.58 5.52
C MET C 598 14.36 -12.84 7.01
N GLY C 599 15.16 -13.84 7.38
CA GLY C 599 15.36 -14.13 8.80
C GLY C 599 16.07 -13.00 9.52
N ALA C 600 17.09 -12.41 8.88
CA ALA C 600 17.78 -11.29 9.50
C ALA C 600 16.84 -10.11 9.68
N ASN C 601 15.99 -9.83 8.69
CA ASN C 601 15.03 -8.74 8.83
C ASN C 601 14.03 -9.02 9.95
N MET C 602 13.57 -10.27 10.05
CA MET C 602 12.55 -10.58 11.05
C MET C 602 13.11 -10.63 12.47
N GLN C 603 14.41 -10.95 12.62
CA GLN C 603 15.00 -10.96 13.95
C GLN C 603 14.90 -9.60 14.63
N ARG C 604 14.74 -8.53 13.85
CA ARG C 604 14.58 -7.19 14.38
C ARG C 604 13.13 -6.84 14.69
N GLN C 605 12.21 -7.77 14.46
CA GLN C 605 10.79 -7.55 14.75
C GLN C 605 10.30 -8.36 15.95
N ALA C 606 11.21 -9.01 16.67
CA ALA C 606 10.83 -9.89 17.78
C ALA C 606 10.51 -9.05 19.01
N VAL C 607 9.29 -9.17 19.52
CA VAL C 607 8.86 -8.45 20.71
C VAL C 607 9.41 -9.15 21.94
N PRO C 608 9.94 -8.44 22.93
CA PRO C 608 10.38 -9.11 24.16
C PRO C 608 9.22 -9.73 24.90
N LEU C 609 9.50 -10.85 25.57
CA LEU C 609 8.50 -11.60 26.30
C LEU C 609 8.60 -11.31 27.80
N VAL C 610 7.62 -11.81 28.55
CA VAL C 610 7.59 -11.58 29.99
C VAL C 610 8.85 -12.13 30.63
N ARG C 611 9.20 -13.38 30.33
CA ARG C 611 10.42 -13.99 30.80
C ARG C 611 11.24 -14.42 29.59
N SER C 612 12.51 -14.02 29.56
CA SER C 612 13.39 -14.31 28.44
C SER C 612 14.10 -15.65 28.66
N GLU C 613 14.39 -16.34 27.55
CA GLU C 613 15.11 -17.60 27.58
C GLU C 613 16.13 -17.59 26.45
N ALA C 614 17.40 -17.80 26.78
CA ALA C 614 18.43 -17.81 25.76
C ALA C 614 18.30 -19.05 24.88
N PRO C 615 18.66 -18.95 23.60
CA PRO C 615 18.55 -20.13 22.72
C PRO C 615 19.43 -21.27 23.20
N LEU C 616 18.91 -22.49 23.04
CA LEU C 616 19.72 -23.67 23.32
C LEU C 616 20.89 -23.76 22.35
N VAL C 617 20.64 -23.50 21.08
CA VAL C 617 21.66 -23.54 20.03
C VAL C 617 21.73 -22.17 19.39
N GLY C 618 22.94 -21.63 19.26
CA GLY C 618 23.11 -20.32 18.68
C GLY C 618 24.57 -20.06 18.35
N THR C 619 24.82 -18.82 17.92
CA THR C 619 26.17 -18.40 17.58
C THR C 619 26.92 -17.99 18.85
N GLY C 620 28.23 -17.76 18.69
CA GLY C 620 28.99 -17.18 19.77
C GLY C 620 28.76 -15.70 19.98
N MET C 621 28.00 -15.06 19.08
CA MET C 621 27.84 -13.61 19.12
C MET C 621 26.79 -13.16 20.16
N GLU C 622 25.81 -14.02 20.46
CA GLU C 622 24.69 -13.59 21.30
C GLU C 622 25.14 -12.81 22.52
N LEU C 623 26.31 -13.14 23.07
CA LEU C 623 26.80 -12.40 24.22
C LEU C 623 27.02 -10.93 23.88
N ARG C 624 27.97 -10.65 22.98
CA ARG C 624 28.39 -9.27 22.74
C ARG C 624 27.23 -8.41 22.27
N ALA C 625 26.39 -8.95 21.37
CA ALA C 625 25.27 -8.18 20.84
C ALA C 625 24.41 -7.61 21.95
N ALA C 626 24.43 -8.20 23.15
CA ALA C 626 23.70 -7.63 24.27
C ALA C 626 24.55 -6.61 25.03
N ILE C 627 25.79 -6.98 25.36
CA ILE C 627 26.62 -6.11 26.19
C ILE C 627 26.82 -4.77 25.50
N ASP C 628 27.12 -4.78 24.21
CA ASP C 628 27.31 -3.55 23.46
C ASP C 628 26.00 -2.85 23.12
N ALA C 629 24.86 -3.51 23.30
CA ALA C 629 23.58 -2.86 23.03
C ALA C 629 23.27 -1.78 24.05
N GLY C 630 23.90 -1.83 25.23
CA GLY C 630 23.66 -0.85 26.27
C GLY C 630 22.43 -1.09 27.11
N ASP C 631 21.72 -2.20 26.89
CA ASP C 631 20.50 -2.51 27.63
C ASP C 631 20.76 -3.38 28.85
N VAL C 632 22.02 -3.70 29.14
CA VAL C 632 22.39 -4.50 30.30
C VAL C 632 23.28 -3.66 31.21
N VAL C 633 22.90 -3.57 32.49
CA VAL C 633 23.71 -2.82 33.44
C VAL C 633 25.02 -3.56 33.67
N VAL C 634 26.13 -2.82 33.65
CA VAL C 634 27.46 -3.39 33.78
C VAL C 634 28.16 -2.74 34.97
N ALA C 635 29.11 -3.46 35.54
CA ALA C 635 29.86 -2.97 36.69
C ALA C 635 30.94 -2.00 36.22
N ASP C 636 30.99 -0.83 36.85
CA ASP C 636 31.99 0.18 36.52
C ASP C 636 33.28 0.01 37.32
N LYS C 637 33.29 -0.85 38.34
CA LYS C 637 34.47 -1.07 39.14
C LYS C 637 34.36 -2.41 39.84
N THR C 638 35.50 -3.08 40.02
CA THR C 638 35.52 -4.35 40.73
C THR C 638 35.19 -4.15 42.20
N GLY C 639 34.41 -5.06 42.76
CA GLY C 639 34.04 -4.96 44.15
C GLY C 639 33.05 -6.04 44.59
N VAL C 640 32.12 -5.66 45.48
CA VAL C 640 31.15 -6.58 46.03
C VAL C 640 29.79 -5.90 46.03
N ILE C 641 28.74 -6.65 45.67
CA ILE C 641 27.38 -6.11 45.72
C ILE C 641 26.98 -5.91 47.17
N GLU C 642 26.46 -4.72 47.48
CA GLU C 642 26.10 -4.40 48.86
C GLU C 642 24.64 -4.76 49.15
N GLU C 643 23.71 -4.20 48.40
CA GLU C 643 22.29 -4.48 48.58
C GLU C 643 21.61 -4.47 47.22
N VAL C 644 20.65 -5.37 47.03
CA VAL C 644 19.98 -5.58 45.75
C VAL C 644 18.48 -5.40 45.96
N SER C 645 17.85 -4.65 45.06
CA SER C 645 16.41 -4.45 45.09
C SER C 645 15.90 -4.37 43.67
N ALA C 646 14.60 -4.63 43.51
CA ALA C 646 13.99 -4.62 42.19
C ALA C 646 14.06 -3.25 41.53
N ASP C 647 14.21 -2.18 42.31
CA ASP C 647 14.21 -0.83 41.77
C ASP C 647 15.60 -0.29 41.51
N TYR C 648 16.62 -0.78 42.21
CA TYR C 648 17.98 -0.28 42.01
C TYR C 648 18.96 -1.22 42.69
N ILE C 649 20.22 -1.09 42.32
CA ILE C 649 21.31 -1.93 42.82
C ILE C 649 22.41 -1.01 43.34
N THR C 650 23.16 -1.51 44.32
CA THR C 650 24.30 -0.80 44.88
C THR C 650 25.49 -1.74 44.93
N VAL C 651 26.68 -1.19 44.66
CA VAL C 651 27.92 -1.95 44.65
C VAL C 651 29.00 -1.15 45.38
N MET C 652 29.87 -1.86 46.10
CA MET C 652 30.97 -1.26 46.84
C MET C 652 32.27 -1.63 46.14
N ALA C 653 32.95 -0.64 45.57
CA ALA C 653 34.20 -0.89 44.88
C ALA C 653 35.27 -1.35 45.85
N ASP C 654 36.43 -1.69 45.31
CA ASP C 654 37.58 -2.12 46.10
C ASP C 654 38.46 -0.97 46.53
N ASP C 655 38.11 0.27 46.16
CA ASP C 655 38.88 1.45 46.54
C ASP C 655 38.05 2.40 47.40
N GLY C 656 37.16 1.85 48.22
CA GLY C 656 36.35 2.67 49.10
C GLY C 656 35.41 3.59 48.37
N THR C 657 34.72 3.09 47.34
CA THR C 657 33.77 3.86 46.57
C THR C 657 32.46 3.08 46.45
N ARG C 658 31.35 3.81 46.44
CA ARG C 658 30.01 3.24 46.36
C ARG C 658 29.33 3.74 45.10
N GLN C 659 28.80 2.81 44.30
CA GLN C 659 28.08 3.14 43.07
C GLN C 659 26.66 2.60 43.15
N SER C 660 25.73 3.33 42.56
CA SER C 660 24.33 2.96 42.56
C SER C 660 23.78 3.05 41.15
N TYR C 661 23.09 1.99 40.72
CA TYR C 661 22.48 1.94 39.39
C TYR C 661 20.98 1.77 39.52
N ARG C 662 20.23 2.68 38.89
CA ARG C 662 18.78 2.60 38.90
C ARG C 662 18.30 1.77 37.72
N LEU C 663 17.32 0.90 37.98
CA LEU C 663 16.80 -0.02 36.99
C LEU C 663 15.45 0.47 36.48
N ARG C 664 15.31 0.55 35.16
CA ARG C 664 14.05 0.97 34.56
C ARG C 664 13.00 -0.13 34.74
N LYS C 665 11.75 0.29 34.96
CA LYS C 665 10.65 -0.63 35.22
C LYS C 665 9.46 -0.28 34.35
N PHE C 666 9.04 -1.24 33.51
CA PHE C 666 7.78 -1.14 32.77
C PHE C 666 7.70 0.17 31.99
N ALA C 667 8.83 0.60 31.44
CA ALA C 667 8.86 1.81 30.64
C ALA C 667 8.37 1.52 29.22
N ARG C 668 7.73 2.52 28.63
CA ARG C 668 7.23 2.38 27.26
C ARG C 668 8.34 2.66 26.25
N SER C 669 8.37 1.86 25.20
CA SER C 669 9.28 2.07 24.09
C SER C 669 8.60 2.89 22.99
N ASN C 670 9.40 3.34 22.04
CA ASN C 670 8.85 4.14 20.94
C ASN C 670 7.77 3.37 20.18
N HIS C 671 7.89 2.04 20.12
CA HIS C 671 6.97 1.22 19.35
C HIS C 671 5.94 0.50 20.21
N GLY C 672 5.87 0.82 21.50
CA GLY C 672 4.82 0.31 22.37
C GLY C 672 5.19 -0.88 23.23
N THR C 673 6.39 -1.45 23.05
CA THR C 673 6.77 -2.62 23.82
C THR C 673 7.20 -2.20 25.23
N CYS C 674 7.57 -3.20 26.04
CA CYS C 674 7.96 -2.99 27.43
C CYS C 674 9.47 -3.07 27.56
N ALA C 675 10.09 -2.00 28.04
CA ALA C 675 11.54 -1.94 28.23
C ALA C 675 11.90 -2.24 29.68
N ASN C 676 11.52 -3.42 30.15
CA ASN C 676 11.75 -3.83 31.52
C ASN C 676 13.20 -4.22 31.75
N GLN C 677 13.66 -4.04 32.99
CA GLN C 677 14.97 -4.49 33.42
C GLN C 677 14.84 -5.16 34.78
N ARG C 678 15.74 -6.12 35.04
CA ARG C 678 15.71 -6.88 36.28
C ARG C 678 17.12 -7.34 36.62
N PRO C 679 17.45 -7.49 37.90
CA PRO C 679 18.80 -7.88 38.29
C PRO C 679 19.00 -9.39 38.19
N ILE C 680 20.28 -9.78 38.21
CA ILE C 680 20.66 -11.18 38.20
C ILE C 680 21.68 -11.53 39.27
N VAL C 681 22.09 -10.57 40.10
CA VAL C 681 23.10 -10.80 41.11
C VAL C 681 22.43 -10.92 42.47
N ASP C 682 23.21 -11.35 43.47
CA ASP C 682 22.74 -11.50 44.83
C ASP C 682 23.72 -10.84 45.78
N ALA C 683 23.22 -10.49 46.97
CA ALA C 683 24.04 -9.80 47.95
C ALA C 683 25.28 -10.62 48.28
N GLY C 684 26.41 -9.93 48.41
CA GLY C 684 27.67 -10.60 48.71
C GLY C 684 28.39 -11.19 47.51
N GLN C 685 27.96 -10.86 46.30
CA GLN C 685 28.58 -11.38 45.10
C GLN C 685 29.70 -10.45 44.64
N ARG C 686 30.88 -11.02 44.40
CA ARG C 686 32.05 -10.25 43.96
C ARG C 686 32.00 -10.15 42.45
N VAL C 687 31.62 -8.98 41.95
CA VAL C 687 31.54 -8.73 40.52
C VAL C 687 32.87 -8.17 40.04
N GLU C 688 33.10 -8.25 38.73
CA GLU C 688 34.30 -7.74 38.09
C GLU C 688 33.92 -6.66 37.08
N ALA C 689 34.92 -5.86 36.70
CA ALA C 689 34.68 -4.79 35.75
C ALA C 689 34.11 -5.34 34.45
N GLY C 690 33.08 -4.67 33.93
CA GLY C 690 32.47 -5.11 32.69
C GLY C 690 31.61 -6.35 32.83
N GLN C 691 31.06 -6.60 34.01
CA GLN C 691 30.22 -7.76 34.26
C GLN C 691 28.76 -7.35 34.31
N VAL C 692 27.91 -8.07 33.57
CA VAL C 692 26.49 -7.74 33.55
C VAL C 692 25.90 -7.93 34.94
N ILE C 693 25.08 -6.97 35.36
CA ILE C 693 24.46 -7.01 36.69
C ILE C 693 22.95 -7.15 36.53
N ALA C 694 22.41 -6.64 35.43
CA ALA C 694 20.96 -6.69 35.19
C ALA C 694 20.72 -7.01 33.73
N ASP C 695 19.62 -7.71 33.47
CA ASP C 695 19.23 -8.10 32.12
C ASP C 695 18.33 -7.06 31.49
N GLY C 696 18.45 -6.91 30.18
CA GLY C 696 17.57 -6.05 29.42
C GLY C 696 16.29 -6.78 29.07
N PRO C 697 15.48 -6.20 28.19
CA PRO C 697 14.24 -6.88 27.80
C PRO C 697 14.48 -8.27 27.22
N CYS C 698 15.28 -8.34 26.15
CA CYS C 698 15.62 -9.61 25.53
C CYS C 698 17.04 -10.01 25.93
N THR C 699 17.18 -10.44 27.19
CA THR C 699 18.48 -10.85 27.69
C THR C 699 18.30 -11.85 28.82
N GLN C 700 19.25 -12.80 28.89
CA GLN C 700 19.32 -13.74 30.00
C GLN C 700 20.79 -14.06 30.22
N ASN C 701 21.29 -13.79 31.44
CA ASN C 701 22.70 -14.01 31.77
C ASN C 701 23.62 -13.23 30.83
N GLY C 702 23.15 -12.09 30.34
CA GLY C 702 23.94 -11.28 29.44
C GLY C 702 23.97 -11.76 28.00
N GLU C 703 23.09 -12.67 27.62
CA GLU C 703 23.03 -13.22 26.27
C GLU C 703 21.70 -12.84 25.64
N MET C 704 21.74 -12.47 24.36
CA MET C 704 20.53 -12.07 23.65
C MET C 704 19.51 -13.21 23.65
N ALA C 705 18.28 -12.89 24.02
CA ALA C 705 17.18 -13.86 24.08
C ALA C 705 15.96 -13.22 23.42
N LEU C 706 15.83 -13.41 22.11
CA LEU C 706 14.75 -12.80 21.35
C LEU C 706 13.52 -13.68 21.24
N GLY C 707 13.58 -14.92 21.71
CA GLY C 707 12.48 -15.84 21.56
C GLY C 707 12.63 -17.03 22.49
N LYS C 708 11.81 -18.04 22.23
CA LYS C 708 11.74 -19.23 23.09
C LYS C 708 12.08 -20.47 22.27
N ASN C 709 12.83 -21.38 22.90
CA ASN C 709 13.13 -22.67 22.29
C ASN C 709 12.11 -23.70 22.77
N LEU C 710 11.46 -24.38 21.83
CA LEU C 710 10.37 -25.27 22.16
C LEU C 710 10.39 -26.49 21.24
N LEU C 711 9.67 -27.52 21.67
CA LEU C 711 9.67 -28.80 20.98
C LEU C 711 8.86 -28.72 19.69
N VAL C 712 9.48 -29.13 18.58
CA VAL C 712 8.89 -29.07 17.25
C VAL C 712 8.99 -30.43 16.58
N ALA C 713 7.95 -30.78 15.83
CA ALA C 713 7.94 -31.99 15.02
C ALA C 713 7.57 -31.61 13.59
N ILE C 714 8.35 -32.09 12.63
CA ILE C 714 8.14 -31.72 11.23
C ILE C 714 7.24 -32.78 10.59
N MET C 715 5.98 -32.40 10.33
CA MET C 715 5.04 -33.30 9.68
C MET C 715 3.74 -32.57 9.36
N PRO C 716 3.09 -32.87 8.23
CA PRO C 716 1.75 -32.31 7.99
C PRO C 716 0.74 -32.90 8.96
N TRP C 717 -0.28 -32.11 9.29
CA TRP C 717 -1.23 -32.51 10.33
C TRP C 717 -2.62 -31.99 9.95
N GLU C 718 -3.41 -32.85 9.32
CA GLU C 718 -4.82 -32.63 9.04
C GLU C 718 -5.10 -31.35 8.28
N GLY C 719 -4.07 -30.74 7.69
CA GLY C 719 -4.26 -29.54 6.89
C GLY C 719 -4.39 -28.26 7.66
N HIS C 720 -4.35 -28.31 9.00
CA HIS C 720 -4.42 -27.08 9.78
C HIS C 720 -3.15 -26.24 9.63
N ASN C 721 -2.03 -26.86 9.27
CA ASN C 721 -0.79 -26.15 8.97
C ASN C 721 -0.52 -26.08 7.47
N TYR C 722 -1.57 -26.17 6.66
CA TYR C 722 -1.43 -26.13 5.22
C TYR C 722 -0.97 -24.75 4.74
N GLU C 723 -0.12 -24.74 3.72
CA GLU C 723 0.38 -23.49 3.14
C GLU C 723 1.07 -22.62 4.18
N ASP C 724 2.02 -23.21 4.90
CA ASP C 724 2.94 -22.53 5.80
C ASP C 724 2.27 -22.00 7.06
N ALA C 725 1.05 -22.44 7.38
CA ALA C 725 0.44 -22.09 8.65
C ALA C 725 1.11 -22.88 9.78
N ILE C 726 0.86 -22.43 11.01
CA ILE C 726 1.52 -23.00 12.19
C ILE C 726 0.44 -23.45 13.17
N ILE C 727 0.76 -24.52 13.91
CA ILE C 727 -0.14 -25.10 14.90
C ILE C 727 0.58 -25.12 16.24
N LEU C 728 -0.10 -24.65 17.28
CA LEU C 728 0.48 -24.51 18.61
C LEU C 728 -0.27 -25.35 19.62
N SER C 729 0.47 -25.91 20.58
CA SER C 729 -0.13 -26.55 21.73
C SER C 729 -0.70 -25.50 22.67
N ASN C 730 -1.82 -25.84 23.32
CA ASN C 730 -2.42 -24.92 24.29
C ASN C 730 -1.51 -24.68 25.47
N ARG C 731 -0.49 -25.53 25.66
CA ARG C 731 0.46 -25.32 26.75
C ARG C 731 1.09 -23.93 26.67
N LEU C 732 1.49 -23.52 25.47
CA LEU C 732 2.12 -22.21 25.31
C LEU C 732 1.21 -21.08 25.77
N VAL C 733 -0.10 -21.32 25.83
CA VAL C 733 -1.02 -20.32 26.36
C VAL C 733 -1.22 -20.49 27.86
N GLU C 734 -1.21 -21.74 28.35
CA GLU C 734 -1.48 -21.96 29.77
C GLU C 734 -0.38 -21.37 30.65
N GLU C 735 0.87 -21.60 30.29
CA GLU C 735 2.00 -21.17 31.11
C GLU C 735 2.64 -19.88 30.59
N ASP C 736 1.95 -19.15 29.71
CA ASP C 736 2.39 -17.83 29.28
C ASP C 736 3.79 -17.85 28.70
N VAL C 737 4.08 -18.89 27.90
CA VAL C 737 5.40 -19.00 27.29
C VAL C 737 5.65 -17.85 26.31
N LEU C 738 4.59 -17.43 25.60
CA LEU C 738 4.71 -16.40 24.56
C LEU C 738 3.81 -15.21 24.84
N THR C 739 3.63 -14.87 26.11
CA THR C 739 2.86 -13.69 26.49
C THR C 739 3.77 -12.46 26.50
N SER C 740 3.20 -11.31 26.12
CA SER C 740 3.98 -10.08 26.04
C SER C 740 3.20 -8.92 26.64
N ILE C 741 3.92 -7.93 27.16
CA ILE C 741 3.32 -6.76 27.79
C ILE C 741 3.43 -5.59 26.82
N HIS C 742 2.33 -4.87 26.63
CA HIS C 742 2.31 -3.72 25.73
C HIS C 742 1.63 -2.54 26.43
N ILE C 743 2.26 -1.37 26.34
CA ILE C 743 1.82 -0.16 27.03
C ILE C 743 1.55 0.91 25.98
N GLU C 744 0.34 1.47 26.00
CA GLU C 744 -0.02 2.60 25.17
C GLU C 744 -0.07 3.87 26.01
N GLU C 745 0.07 5.00 25.33
CA GLU C 745 0.19 6.31 25.97
C GLU C 745 -0.85 7.25 25.37
N HIS C 746 -1.92 7.52 26.12
CA HIS C 746 -2.94 8.46 25.68
C HIS C 746 -2.69 9.84 26.27
N GLU C 747 -3.11 10.86 25.54
CA GLU C 747 -2.88 12.25 25.90
C GLU C 747 -4.17 13.05 25.78
N ILE C 748 -4.27 14.12 26.55
CA ILE C 748 -5.28 15.13 26.30
C ILE C 748 -4.85 16.44 26.97
N ASP C 749 -5.08 17.54 26.27
CA ASP C 749 -4.69 18.86 26.72
C ASP C 749 -5.93 19.74 26.86
N ALA C 750 -6.01 20.46 27.97
CA ALA C 750 -7.05 21.44 28.21
C ALA C 750 -6.50 22.81 27.90
N ARG C 751 -7.17 23.52 26.98
CA ARG C 751 -6.71 24.81 26.50
C ARG C 751 -7.91 25.73 26.28
N ASP C 752 -7.66 27.04 26.36
CA ASP C 752 -8.73 28.02 26.38
C ASP C 752 -9.37 28.19 25.01
N THR C 753 -10.59 28.69 25.01
CA THR C 753 -11.34 29.02 23.80
C THR C 753 -11.98 30.40 23.97
N LYS C 754 -12.55 30.92 22.88
CA LYS C 754 -13.13 32.25 22.92
C LYS C 754 -14.49 32.30 23.61
N LEU C 755 -15.14 31.15 23.81
CA LEU C 755 -16.37 31.10 24.59
C LEU C 755 -16.13 30.76 26.05
N GLY C 756 -14.90 30.44 26.42
CA GLY C 756 -14.59 30.05 27.79
C GLY C 756 -13.42 29.08 27.81
N ALA C 757 -12.93 28.82 29.02
CA ALA C 757 -11.82 27.91 29.20
C ALA C 757 -12.33 26.47 29.29
N GLU C 758 -11.41 25.53 29.06
CA GLU C 758 -11.68 24.11 29.20
C GLU C 758 -11.19 23.63 30.56
N GLU C 759 -12.02 22.87 31.25
CA GLU C 759 -11.75 22.43 32.61
C GLU C 759 -11.69 20.91 32.67
N ILE C 760 -10.82 20.40 33.52
CA ILE C 760 -10.72 18.97 33.80
C ILE C 760 -11.37 18.71 35.14
N THR C 761 -12.42 17.90 35.15
CA THR C 761 -13.20 17.67 36.36
C THR C 761 -13.73 16.25 36.36
N ARG C 762 -14.07 15.76 37.56
CA ARG C 762 -14.70 14.46 37.68
C ARG C 762 -16.07 14.46 37.01
N ASP C 763 -16.87 15.48 37.28
CA ASP C 763 -18.25 15.50 36.80
C ASP C 763 -18.32 15.91 35.34
N ILE C 764 -19.13 15.19 34.58
CA ILE C 764 -19.43 15.55 33.20
C ILE C 764 -20.90 15.33 32.92
N PRO C 765 -21.46 16.13 32.00
CA PRO C 765 -22.90 16.03 31.76
C PRO C 765 -23.30 14.72 31.09
N ASN C 766 -24.54 14.31 31.37
CA ASN C 766 -25.20 13.25 30.61
C ASN C 766 -24.48 11.90 30.75
N VAL C 767 -24.15 11.54 31.99
CA VAL C 767 -23.60 10.23 32.29
C VAL C 767 -24.04 9.81 33.69
N SER C 768 -24.12 8.51 33.89
CA SER C 768 -24.49 7.98 35.21
C SER C 768 -23.31 8.10 36.17
N ASP C 769 -23.63 8.12 37.46
CA ASP C 769 -22.59 8.20 38.48
C ASP C 769 -21.71 6.95 38.50
N GLU C 770 -22.23 5.81 38.02
CA GLU C 770 -21.42 4.60 37.96
C GLU C 770 -20.35 4.68 36.87
N VAL C 771 -20.55 5.53 35.87
CA VAL C 771 -19.53 5.71 34.83
C VAL C 771 -18.28 6.33 35.42
N LEU C 772 -18.42 7.15 36.46
CA LEU C 772 -17.31 7.85 37.09
C LEU C 772 -16.76 7.08 38.29
N ALA C 773 -16.83 5.75 38.27
CA ALA C 773 -16.48 4.96 39.46
C ALA C 773 -15.01 5.15 39.83
N ASP C 774 -14.11 5.10 38.85
CA ASP C 774 -12.67 5.13 39.11
C ASP C 774 -12.05 6.47 38.73
N LEU C 775 -12.82 7.55 38.80
CA LEU C 775 -12.33 8.88 38.44
C LEU C 775 -12.07 9.69 39.71
N ASP C 776 -10.87 10.25 39.81
CA ASP C 776 -10.53 11.11 40.93
C ASP C 776 -11.42 12.34 40.94
N GLU C 777 -11.37 13.07 42.06
CA GLU C 777 -12.06 14.35 42.12
C GLU C 777 -11.54 15.31 41.05
N ARG C 778 -10.28 15.14 40.64
CA ARG C 778 -9.68 15.96 39.60
C ARG C 778 -9.79 15.33 38.21
N GLY C 779 -10.70 14.37 38.03
CA GLY C 779 -11.06 13.86 36.73
C GLY C 779 -10.27 12.67 36.24
N ILE C 780 -8.99 12.57 36.62
CA ILE C 780 -8.13 11.54 36.06
C ILE C 780 -8.43 10.20 36.73
N VAL C 781 -8.32 9.12 35.96
CA VAL C 781 -8.62 7.79 36.46
C VAL C 781 -7.57 7.36 37.47
N ARG C 782 -7.96 6.45 38.36
CA ARG C 782 -7.05 5.96 39.39
C ARG C 782 -5.95 5.09 38.78
N ILE C 783 -4.80 5.07 39.46
CA ILE C 783 -3.74 4.14 39.08
C ILE C 783 -4.16 2.73 39.44
N GLY C 784 -3.97 1.80 38.51
CA GLY C 784 -4.33 0.42 38.73
C GLY C 784 -5.76 0.05 38.36
N ALA C 785 -6.58 1.03 38.01
CA ALA C 785 -7.95 0.74 37.61
C ALA C 785 -7.98 0.12 36.22
N GLU C 786 -8.85 -0.87 36.03
CA GLU C 786 -9.01 -1.50 34.73
C GLU C 786 -9.96 -0.67 33.88
N VAL C 787 -9.56 -0.41 32.63
CA VAL C 787 -10.32 0.42 31.71
C VAL C 787 -10.73 -0.42 30.51
N ARG C 788 -12.02 -0.41 30.20
CA ARG C 788 -12.54 -1.12 29.05
C ARG C 788 -12.63 -0.19 27.85
N ASP C 789 -13.12 -0.73 26.73
CA ASP C 789 -13.31 0.08 25.54
C ASP C 789 -14.36 1.16 25.80
N GLY C 790 -14.05 2.38 25.40
CA GLY C 790 -14.98 3.48 25.55
C GLY C 790 -15.11 4.05 26.94
N ASP C 791 -14.29 3.60 27.89
CA ASP C 791 -14.35 4.13 29.24
C ASP C 791 -13.72 5.53 29.29
N ILE C 792 -13.95 6.22 30.40
CA ILE C 792 -13.45 7.57 30.59
C ILE C 792 -12.07 7.51 31.24
N LEU C 793 -11.10 8.15 30.62
CA LEU C 793 -9.77 8.33 31.20
C LEU C 793 -9.59 9.70 31.84
N VAL C 794 -10.12 10.75 31.20
CA VAL C 794 -10.07 12.10 31.75
C VAL C 794 -11.34 12.83 31.34
N GLY C 795 -12.07 13.35 32.34
CA GLY C 795 -13.26 14.13 32.06
C GLY C 795 -12.90 15.58 31.81
N LYS C 796 -13.36 16.11 30.68
CA LYS C 796 -13.00 17.47 30.26
C LYS C 796 -14.21 18.11 29.59
N VAL C 797 -14.86 19.01 30.31
CA VAL C 797 -15.99 19.77 29.76
C VAL C 797 -15.46 21.02 29.10
N THR C 798 -16.08 21.40 27.98
CA THR C 798 -15.68 22.58 27.23
C THR C 798 -16.91 23.42 26.90
N PRO C 799 -16.75 24.74 26.78
CA PRO C 799 -17.92 25.59 26.55
C PRO C 799 -18.65 25.22 25.26
N LYS C 800 -19.98 25.26 25.33
CA LYS C 800 -20.84 25.05 24.17
C LYS C 800 -21.68 26.28 23.85
N GLY C 801 -22.43 26.78 24.83
CA GLY C 801 -23.16 28.03 24.66
C GLY C 801 -24.34 27.97 23.72
N GLU C 802 -24.72 26.79 23.23
CA GLU C 802 -25.88 26.65 22.35
C GLU C 802 -27.11 26.43 23.23
N THR C 803 -27.92 27.48 23.37
CA THR C 803 -29.02 27.49 24.34
C THR C 803 -30.33 26.98 23.76
N GLU C 804 -30.60 27.24 22.48
CA GLU C 804 -31.89 26.91 21.88
C GLU C 804 -31.94 25.42 21.56
N LEU C 805 -32.39 24.64 22.54
CA LEU C 805 -32.58 23.22 22.36
C LEU C 805 -33.92 22.95 21.67
N THR C 806 -34.02 21.77 21.05
CA THR C 806 -35.26 21.41 20.39
C THR C 806 -36.38 21.23 21.41
N PRO C 807 -37.63 21.49 21.01
CA PRO C 807 -38.73 21.44 21.99
C PRO C 807 -38.88 20.09 22.66
N GLU C 808 -38.63 18.99 21.93
CA GLU C 808 -38.71 17.67 22.56
C GLU C 808 -37.67 17.53 23.65
N GLU C 809 -36.43 17.98 23.40
CA GLU C 809 -35.40 17.93 24.42
C GLU C 809 -35.77 18.82 25.60
N ARG C 810 -36.37 19.97 25.32
CA ARG C 810 -36.86 20.83 26.40
C ARG C 810 -37.86 20.08 27.27
N LEU C 811 -38.81 19.39 26.65
CA LEU C 811 -39.81 18.65 27.40
C LEU C 811 -39.17 17.55 28.24
N LEU C 812 -38.25 16.79 27.63
CA LEU C 812 -37.61 15.70 28.37
C LEU C 812 -36.81 16.23 29.55
N ARG C 813 -36.05 17.30 29.34
CA ARG C 813 -35.24 17.86 30.43
C ARG C 813 -36.10 18.53 31.49
N ALA C 814 -37.31 18.97 31.13
CA ALA C 814 -38.24 19.49 32.13
C ALA C 814 -38.90 18.36 32.92
N ILE C 815 -39.13 17.21 32.30
CA ILE C 815 -39.76 16.09 32.99
C ILE C 815 -38.85 15.60 34.12
N PHE C 816 -37.56 15.47 33.85
CA PHE C 816 -36.61 14.92 34.80
C PHE C 816 -35.75 16.04 35.39
N GLY C 817 -34.79 15.63 36.23
CA GLY C 817 -33.98 16.59 36.97
C GLY C 817 -32.89 17.26 36.17
N GLU C 818 -32.54 16.73 34.99
CA GLU C 818 -31.50 17.31 34.15
C GLU C 818 -32.05 18.55 33.45
N LYS C 819 -32.15 19.62 34.23
CA LYS C 819 -32.78 20.85 33.75
C LYS C 819 -32.07 21.38 32.51
N ALA C 820 -30.77 21.67 32.61
CA ALA C 820 -30.02 22.22 31.49
C ALA C 820 -28.55 22.37 31.82
N ARG C 821 -27.70 22.34 30.79
CA ARG C 821 -26.28 22.63 30.93
C ARG C 821 -25.78 23.26 29.64
N GLU C 822 -24.71 24.03 29.75
CA GLU C 822 -24.17 24.80 28.63
C GLU C 822 -22.77 24.37 28.23
N VAL C 823 -22.38 23.13 28.55
CA VAL C 823 -21.04 22.63 28.27
C VAL C 823 -21.13 21.25 27.65
N ARG C 824 -20.04 20.84 27.02
CA ARG C 824 -19.96 19.56 26.33
C ARG C 824 -19.38 18.47 27.24
N ASP C 825 -19.39 17.24 26.73
CA ASP C 825 -18.85 16.08 27.42
C ASP C 825 -17.62 15.54 26.70
N THR C 826 -16.76 16.44 26.21
CA THR C 826 -15.59 16.05 25.43
C THR C 826 -14.51 15.45 26.33
N SER C 827 -14.78 14.29 26.91
CA SER C 827 -13.80 13.61 27.73
C SER C 827 -12.90 12.72 26.87
N LEU C 828 -11.74 12.39 27.41
CA LEU C 828 -10.84 11.44 26.75
C LEU C 828 -11.32 10.02 27.04
N LYS C 829 -11.40 9.20 25.99
CA LYS C 829 -11.95 7.86 26.09
C LYS C 829 -10.99 6.86 25.46
N VAL C 830 -11.01 5.64 25.98
CA VAL C 830 -10.12 4.60 25.45
C VAL C 830 -10.51 4.32 24.00
N PRO C 831 -9.55 4.14 23.08
CA PRO C 831 -9.92 3.83 21.70
C PRO C 831 -10.70 2.52 21.62
N HIS C 832 -11.58 2.45 20.61
CA HIS C 832 -12.43 1.28 20.44
C HIS C 832 -11.58 0.12 19.95
N GLY C 833 -11.07 -0.69 20.87
CA GLY C 833 -10.20 -1.80 20.54
C GLY C 833 -9.07 -1.99 21.53
N GLU C 834 -8.87 -1.01 22.41
CA GLU C 834 -7.80 -1.05 23.40
C GLU C 834 -8.38 -1.25 24.80
N SER C 835 -7.63 -1.96 25.64
CA SER C 835 -8.03 -2.19 27.02
C SER C 835 -6.79 -2.56 27.82
N GLY C 836 -6.90 -2.42 29.13
CA GLY C 836 -5.79 -2.74 30.02
C GLY C 836 -5.98 -2.10 31.38
N LYS C 837 -4.87 -1.98 32.10
CA LYS C 837 -4.84 -1.39 33.42
C LYS C 837 -3.95 -0.15 33.42
N VAL C 838 -4.40 0.90 34.10
CA VAL C 838 -3.65 2.15 34.14
C VAL C 838 -2.45 1.96 35.05
N ILE C 839 -1.25 2.13 34.49
CA ILE C 839 -0.01 1.94 35.24
C ILE C 839 0.63 3.27 35.64
N GLY C 840 0.24 4.38 35.04
CA GLY C 840 0.85 5.65 35.37
C GLY C 840 0.14 6.85 34.79
N ILE C 841 0.31 7.99 35.46
CA ILE C 841 -0.27 9.26 35.01
C ILE C 841 0.77 10.35 35.20
N ARG C 842 0.82 11.29 34.26
CA ARG C 842 1.66 12.48 34.37
C ARG C 842 0.82 13.69 34.02
N VAL C 843 1.05 14.79 34.73
CA VAL C 843 0.30 16.02 34.54
C VAL C 843 1.26 17.19 34.45
N PHE C 844 1.15 17.98 33.39
CA PHE C 844 1.86 19.24 33.23
C PHE C 844 0.86 20.38 33.27
N SER C 845 1.19 21.43 34.02
CA SER C 845 0.28 22.53 34.23
C SER C 845 1.00 23.86 34.02
N ARG C 846 0.29 24.81 33.39
CA ARG C 846 0.79 26.17 33.31
C ARG C 846 0.81 26.85 34.67
N GLU C 847 0.13 26.28 35.66
CA GLU C 847 0.10 26.87 36.99
C GLU C 847 1.49 26.98 37.59
N ASP C 848 2.40 26.07 37.21
CA ASP C 848 3.76 26.06 37.74
C ASP C 848 4.78 26.40 36.66
N ASP C 849 4.34 27.06 35.59
CA ASP C 849 5.24 27.52 34.53
C ASP C 849 5.99 26.36 33.88
N ASP C 850 5.27 25.27 33.60
CA ASP C 850 5.83 24.21 32.78
C ASP C 850 5.86 24.66 31.32
N GLU C 851 6.83 24.13 30.58
CA GLU C 851 7.05 24.56 29.20
C GLU C 851 6.01 23.94 28.27
N LEU C 852 4.75 24.27 28.54
CA LEU C 852 3.67 23.88 27.65
C LEU C 852 3.75 24.70 26.37
N PRO C 853 3.73 24.07 25.19
CA PRO C 853 3.75 24.87 23.96
C PRO C 853 2.59 25.84 23.92
N ALA C 854 2.86 27.03 23.39
CA ALA C 854 1.91 28.14 23.48
C ALA C 854 0.52 27.70 23.04
N GLY C 855 -0.48 28.13 23.79
CA GLY C 855 -1.86 27.79 23.52
C GLY C 855 -2.42 26.63 24.31
N VAL C 856 -1.73 26.18 25.37
CA VAL C 856 -2.18 25.06 26.18
C VAL C 856 -2.09 25.45 27.65
N ASN C 857 -3.14 25.13 28.41
CA ASN C 857 -3.19 25.39 29.84
C ASN C 857 -2.77 24.19 30.69
N GLU C 858 -3.25 22.99 30.34
CA GLU C 858 -2.88 21.78 31.07
C GLU C 858 -2.76 20.62 30.09
N LEU C 859 -2.00 19.61 30.48
CA LEU C 859 -1.80 18.43 29.64
C LEU C 859 -1.69 17.22 30.56
N VAL C 860 -2.38 16.13 30.21
CA VAL C 860 -2.38 14.92 31.01
C VAL C 860 -2.07 13.73 30.11
N ARG C 861 -1.15 12.88 30.56
CA ARG C 861 -0.76 11.65 29.89
C ARG C 861 -1.12 10.47 30.78
N VAL C 862 -1.76 9.46 30.18
CA VAL C 862 -2.17 8.25 30.89
C VAL C 862 -1.58 7.05 30.18
N TYR C 863 -0.96 6.16 30.95
CA TYR C 863 -0.38 4.93 30.41
C TYR C 863 -1.30 3.76 30.70
N VAL C 864 -1.66 3.02 29.66
CA VAL C 864 -2.53 1.85 29.79
C VAL C 864 -1.74 0.65 29.31
N ALA C 865 -1.47 -0.28 30.21
CA ALA C 865 -0.69 -1.48 29.92
C ALA C 865 -1.59 -2.70 29.91
N GLN C 866 -1.23 -3.68 29.08
CA GLN C 866 -2.01 -4.89 28.96
C GLN C 866 -1.12 -6.05 28.57
N LYS C 867 -1.45 -7.23 29.10
CA LYS C 867 -0.81 -8.47 28.72
C LYS C 867 -1.52 -9.07 27.52
N ARG C 868 -0.75 -9.77 26.68
CA ARG C 868 -1.27 -10.38 25.46
C ARG C 868 -0.74 -11.80 25.39
N LYS C 869 -1.65 -12.77 25.49
CA LYS C 869 -1.34 -14.16 25.23
C LYS C 869 -1.39 -14.44 23.73
N ILE C 870 -0.60 -15.42 23.29
CA ILE C 870 -0.64 -15.79 21.88
C ILE C 870 -2.02 -16.33 21.54
N SER C 871 -2.46 -16.06 20.32
CA SER C 871 -3.80 -16.45 19.90
C SER C 871 -3.80 -16.65 18.39
N ASP C 872 -4.94 -17.13 17.87
CA ASP C 872 -5.07 -17.33 16.44
C ASP C 872 -4.83 -16.01 15.70
N GLY C 873 -4.09 -16.09 14.60
CA GLY C 873 -3.76 -14.93 13.81
C GLY C 873 -2.42 -14.30 14.12
N ASP C 874 -1.78 -14.65 15.23
CA ASP C 874 -0.46 -14.13 15.55
C ASP C 874 0.56 -14.69 14.56
N LYS C 875 1.72 -14.02 14.49
CA LYS C 875 2.77 -14.35 13.52
C LYS C 875 4.00 -14.82 14.28
N LEU C 876 4.50 -16.01 13.95
CA LEU C 876 5.76 -16.49 14.51
C LEU C 876 6.69 -16.95 13.39
N ALA C 877 7.99 -16.77 13.62
CA ALA C 877 8.99 -17.14 12.63
C ALA C 877 10.25 -17.59 13.34
N GLY C 878 11.02 -18.44 12.67
CA GLY C 878 12.33 -18.85 13.12
C GLY C 878 13.38 -17.85 12.69
N ARG C 879 14.64 -18.29 12.77
CA ARG C 879 15.75 -17.47 12.33
C ARG C 879 16.10 -17.67 10.86
N HIS C 880 15.31 -18.45 10.12
CA HIS C 880 15.62 -18.81 8.74
C HIS C 880 14.52 -18.42 7.77
N GLY C 881 13.69 -17.42 8.11
CA GLY C 881 12.71 -16.93 7.17
C GLY C 881 11.52 -17.85 6.94
N ASN C 882 11.06 -18.54 7.98
CA ASN C 882 9.96 -19.50 7.88
C ASN C 882 8.72 -19.01 8.63
N LYS C 883 8.41 -17.73 8.51
CA LYS C 883 7.31 -17.15 9.27
C LYS C 883 5.96 -17.75 8.85
N GLY C 884 5.02 -17.70 9.78
CA GLY C 884 3.68 -18.18 9.53
C GLY C 884 2.71 -17.70 10.59
N VAL C 885 1.44 -17.70 10.21
CA VAL C 885 0.35 -17.33 11.11
C VAL C 885 -0.04 -18.54 11.94
N ILE C 886 -0.83 -18.34 12.99
CA ILE C 886 -1.27 -19.42 13.86
C ILE C 886 -2.65 -19.86 13.39
N GLY C 887 -2.69 -20.95 12.63
CA GLY C 887 -3.97 -21.43 12.14
C GLY C 887 -4.86 -21.99 13.24
N LYS C 888 -4.25 -22.69 14.20
CA LYS C 888 -5.02 -23.38 15.23
C LYS C 888 -4.18 -23.55 16.48
N ILE C 889 -4.81 -23.36 17.64
CA ILE C 889 -4.23 -23.71 18.93
C ILE C 889 -5.04 -24.88 19.47
N LEU C 890 -4.37 -25.98 19.78
CA LEU C 890 -5.06 -27.22 20.10
C LEU C 890 -4.84 -27.62 21.56
N PRO C 891 -5.80 -28.31 22.18
CA PRO C 891 -5.59 -28.78 23.55
C PRO C 891 -4.38 -29.69 23.66
N VAL C 892 -3.82 -29.74 24.87
CA VAL C 892 -2.62 -30.54 25.09
C VAL C 892 -2.87 -32.01 24.79
N GLU C 893 -4.12 -32.47 24.91
CA GLU C 893 -4.44 -33.86 24.66
C GLU C 893 -4.58 -34.18 23.17
N ASP C 894 -4.66 -33.17 22.30
CA ASP C 894 -4.75 -33.39 20.86
C ASP C 894 -3.39 -33.41 20.18
N MET C 895 -2.32 -32.99 20.87
CA MET C 895 -1.00 -32.92 20.28
C MET C 895 -0.39 -34.32 20.18
N PRO C 896 0.37 -34.61 19.11
CA PRO C 896 1.18 -35.83 19.11
C PRO C 896 2.19 -35.78 20.25
N PHE C 897 2.45 -36.95 20.84
CA PHE C 897 3.34 -37.05 21.99
C PHE C 897 4.33 -38.18 21.80
N LEU C 898 5.51 -38.00 22.36
CA LEU C 898 6.54 -39.01 22.32
C LEU C 898 6.12 -40.20 23.18
N PRO C 899 6.78 -41.35 23.02
CA PRO C 899 6.42 -42.51 23.84
C PRO C 899 6.47 -42.22 25.32
N ASP C 900 7.41 -41.39 25.78
CA ASP C 900 7.50 -41.05 27.19
C ASP C 900 6.28 -40.28 27.68
N GLY C 901 5.52 -39.66 26.78
CA GLY C 901 4.28 -38.98 27.12
C GLY C 901 4.32 -37.48 26.96
N THR C 902 5.45 -36.88 26.61
CA THR C 902 5.53 -35.43 26.46
C THR C 902 4.95 -35.01 25.12
N PRO C 903 3.91 -34.18 25.09
CA PRO C 903 3.38 -33.71 23.81
C PRO C 903 4.29 -32.67 23.16
N VAL C 904 4.12 -32.51 21.85
CA VAL C 904 4.88 -31.54 21.07
C VAL C 904 4.17 -30.20 21.13
N ASP C 905 4.97 -29.12 21.12
CA ASP C 905 4.43 -27.78 21.26
C ASP C 905 4.05 -27.17 19.90
N ILE C 906 4.87 -27.37 18.88
CA ILE C 906 4.62 -26.82 17.55
C ILE C 906 4.86 -27.91 16.52
N ILE C 907 4.13 -27.84 15.41
CA ILE C 907 4.29 -28.77 14.30
C ILE C 907 4.27 -27.97 13.01
N LEU C 908 5.28 -28.19 12.16
CA LEU C 908 5.51 -27.42 10.95
C LEU C 908 5.31 -28.30 9.73
N ASN C 909 4.73 -27.72 8.68
CA ASN C 909 4.46 -28.49 7.47
C ASN C 909 5.75 -28.91 6.79
N THR C 910 5.74 -30.12 6.23
CA THR C 910 6.93 -30.65 5.57
C THR C 910 7.15 -30.02 4.21
N HIS C 911 6.08 -29.78 3.45
CA HIS C 911 6.21 -29.36 2.06
C HIS C 911 6.87 -28.00 1.92
N GLY C 912 6.87 -27.17 2.97
CA GLY C 912 7.48 -25.86 2.86
C GLY C 912 8.99 -25.88 2.98
N VAL C 913 9.55 -26.89 3.64
CA VAL C 913 10.98 -26.91 3.89
C VAL C 913 11.79 -26.97 2.60
N PRO C 914 11.53 -27.90 1.68
CA PRO C 914 12.44 -28.06 0.54
C PRO C 914 12.27 -27.02 -0.55
N ARG C 915 11.02 -26.64 -0.86
CA ARG C 915 10.78 -25.71 -1.95
C ARG C 915 11.21 -24.30 -1.58
N ARG C 916 10.86 -23.85 -0.37
CA ARG C 916 11.38 -22.57 0.11
C ARG C 916 12.89 -22.63 0.32
N MET C 917 13.47 -23.82 0.39
CA MET C 917 14.91 -24.04 0.34
C MET C 917 15.61 -23.34 1.50
N ASN C 918 15.29 -23.80 2.71
CA ASN C 918 16.00 -23.40 3.93
C ASN C 918 16.15 -24.66 4.80
N ILE C 919 17.22 -25.41 4.57
CA ILE C 919 17.47 -26.63 5.34
C ILE C 919 18.18 -26.35 6.66
N GLY C 920 18.64 -25.11 6.88
CA GLY C 920 19.29 -24.81 8.14
C GLY C 920 18.40 -25.08 9.34
N GLN C 921 17.08 -24.99 9.16
CA GLN C 921 16.17 -25.21 10.29
C GLN C 921 16.17 -26.67 10.73
N ILE C 922 16.38 -27.61 9.81
CA ILE C 922 16.44 -29.01 10.19
C ILE C 922 17.66 -29.26 11.06
N LEU C 923 18.82 -28.74 10.65
CA LEU C 923 20.01 -28.86 11.48
C LEU C 923 19.83 -28.15 12.82
N GLU C 924 19.16 -27.00 12.81
CA GLU C 924 18.86 -26.31 14.05
C GLU C 924 18.04 -27.20 14.99
N THR C 925 17.01 -27.84 14.45
CA THR C 925 16.16 -28.71 15.25
C THR C 925 16.96 -29.88 15.82
N HIS C 926 17.79 -30.51 15.00
CA HIS C 926 18.54 -31.67 15.45
C HIS C 926 19.56 -31.30 16.53
N LEU C 927 20.31 -30.21 16.31
CA LEU C 927 21.25 -29.78 17.34
C LEU C 927 20.53 -29.27 18.58
N GLY C 928 19.32 -28.74 18.43
CA GLY C 928 18.55 -28.36 19.60
C GLY C 928 18.16 -29.56 20.43
N TRP C 929 17.76 -30.65 19.78
CA TRP C 929 17.50 -31.88 20.53
C TRP C 929 18.77 -32.39 21.19
N VAL C 930 19.90 -32.34 20.47
CA VAL C 930 21.17 -32.80 21.05
C VAL C 930 21.52 -31.98 22.27
N ALA C 931 21.23 -30.67 22.24
CA ALA C 931 21.56 -29.80 23.37
C ALA C 931 20.60 -30.03 24.54
N LYS C 932 19.30 -30.20 24.25
CA LYS C 932 18.33 -30.36 25.33
C LYS C 932 18.67 -31.57 26.19
N ALA C 933 18.88 -32.72 25.56
CA ALA C 933 19.27 -33.94 26.26
C ALA C 933 20.77 -34.13 26.11
N GLY C 934 21.46 -34.23 27.24
CA GLY C 934 22.91 -34.33 27.23
C GLY C 934 23.41 -35.42 26.29
N TRP C 935 24.68 -35.31 25.88
CA TRP C 935 25.28 -36.27 24.98
C TRP C 935 26.62 -36.73 25.55
N ASN C 936 26.97 -37.98 25.25
CA ASN C 936 28.24 -38.54 25.69
C ASN C 936 28.68 -39.58 24.66
N ILE C 937 29.97 -39.54 24.31
CA ILE C 937 30.56 -40.44 23.35
C ILE C 937 31.63 -41.26 24.05
N ASP C 938 31.49 -42.58 24.01
CA ASP C 938 32.44 -43.46 24.66
C ASP C 938 33.78 -43.46 23.93
N VAL C 939 34.84 -43.76 24.66
CA VAL C 939 36.20 -43.83 24.12
C VAL C 939 36.78 -45.17 24.54
N ALA C 940 36.62 -46.19 23.70
CA ALA C 940 37.18 -47.51 23.93
C ALA C 940 38.26 -47.84 22.92
N ALA C 941 37.94 -47.76 21.62
CA ALA C 941 38.93 -47.94 20.57
C ALA C 941 39.37 -46.58 20.02
N GLY C 942 39.84 -45.73 20.94
CA GLY C 942 40.17 -44.38 20.57
C GLY C 942 38.92 -43.55 20.35
N VAL C 943 39.13 -42.33 19.88
CA VAL C 943 38.03 -41.43 19.57
C VAL C 943 37.39 -41.89 18.26
N PRO C 944 36.07 -41.75 18.09
CA PRO C 944 35.47 -42.12 16.81
C PRO C 944 36.03 -41.28 15.67
N ASP C 945 36.08 -41.88 14.48
CA ASP C 945 36.65 -41.19 13.33
C ASP C 945 35.93 -39.88 13.05
N TRP C 946 34.59 -39.89 13.16
CA TRP C 946 33.82 -38.68 12.90
C TRP C 946 34.07 -37.59 13.93
N ALA C 947 34.67 -37.93 15.07
CA ALA C 947 34.97 -36.97 16.12
C ALA C 947 36.47 -36.71 16.23
N SER C 948 37.20 -36.89 15.13
CA SER C 948 38.65 -36.72 15.17
C SER C 948 39.04 -35.30 15.53
N LYS C 949 38.36 -34.31 14.94
CA LYS C 949 38.70 -32.90 15.14
C LYS C 949 37.84 -32.23 16.20
N LEU C 950 36.93 -32.95 16.84
CA LEU C 950 36.06 -32.35 17.84
C LEU C 950 36.88 -31.99 19.08
N PRO C 951 36.80 -30.75 19.58
CA PRO C 951 37.55 -30.41 20.80
C PRO C 951 37.18 -31.33 21.96
N GLU C 952 38.10 -31.39 22.93
CA GLU C 952 37.92 -32.29 24.06
C GLU C 952 36.67 -31.96 24.87
N GLU C 953 36.45 -30.66 25.12
CA GLU C 953 35.34 -30.27 25.99
C GLU C 953 33.98 -30.67 25.42
N LEU C 954 33.91 -30.99 24.13
CA LEU C 954 32.67 -31.40 23.50
C LEU C 954 32.42 -32.90 23.57
N TYR C 955 33.36 -33.67 24.13
CA TYR C 955 33.15 -35.12 24.21
C TYR C 955 31.95 -35.46 25.07
N SER C 956 31.81 -34.80 26.21
CA SER C 956 30.71 -35.08 27.13
C SER C 956 30.14 -33.78 27.66
N ALA C 957 28.81 -33.71 27.73
CA ALA C 957 28.11 -32.56 28.29
C ALA C 957 26.90 -33.05 29.07
N PRO C 958 26.43 -32.27 30.03
CA PRO C 958 25.24 -32.67 30.81
C PRO C 958 23.96 -32.30 30.08
N ALA C 959 22.84 -32.61 30.72
CA ALA C 959 21.53 -32.30 30.15
C ALA C 959 21.24 -30.81 30.26
N ASP C 960 20.36 -30.34 29.37
CA ASP C 960 19.97 -28.93 29.32
C ASP C 960 21.19 -28.04 29.18
N SER C 961 22.17 -28.49 28.40
CA SER C 961 23.35 -27.70 28.13
C SER C 961 23.09 -26.72 26.99
N THR C 962 24.04 -25.83 26.75
CA THR C 962 23.98 -24.85 25.68
C THR C 962 25.21 -24.98 24.81
N VAL C 963 25.01 -24.86 23.50
CA VAL C 963 26.07 -25.05 22.52
C VAL C 963 26.16 -23.83 21.61
N ALA C 964 27.36 -23.55 21.12
CA ALA C 964 27.59 -22.45 20.20
C ALA C 964 28.09 -23.01 18.87
N THR C 965 27.49 -22.55 17.77
CA THR C 965 27.85 -22.97 16.43
C THR C 965 28.20 -21.73 15.61
N PRO C 966 29.47 -21.31 15.62
CA PRO C 966 29.83 -20.09 14.91
C PRO C 966 29.51 -20.17 13.42
N VAL C 967 29.04 -19.05 12.87
CA VAL C 967 28.68 -19.01 11.46
C VAL C 967 29.91 -19.20 10.60
N PHE C 968 29.78 -20.04 9.57
CA PHE C 968 30.89 -20.40 8.68
C PHE C 968 31.98 -21.18 9.42
N ASP C 969 31.73 -21.54 10.67
CA ASP C 969 32.62 -22.41 11.41
C ASP C 969 31.82 -23.34 12.35
N GLY C 970 30.59 -23.63 11.98
CA GLY C 970 29.71 -24.42 12.83
C GLY C 970 30.02 -25.90 12.76
N ALA C 971 29.08 -26.69 13.30
CA ALA C 971 29.24 -28.13 13.36
C ALA C 971 28.90 -28.75 12.01
N GLN C 972 29.88 -29.41 11.40
CA GLN C 972 29.63 -30.12 10.15
C GLN C 972 28.66 -31.27 10.40
N GLU C 973 27.92 -31.64 9.35
CA GLU C 973 26.84 -32.60 9.52
C GLU C 973 27.34 -33.95 10.03
N GLY C 974 28.61 -34.29 9.81
CA GLY C 974 29.13 -35.54 10.34
C GLY C 974 29.19 -35.52 11.87
N GLU C 975 29.70 -34.43 12.44
CA GLU C 975 29.76 -34.32 13.90
C GLU C 975 28.36 -34.33 14.50
N LEU C 976 27.42 -33.62 13.87
CA LEU C 976 26.06 -33.59 14.39
C LEU C 976 25.37 -34.95 14.25
N ALA C 977 25.66 -35.68 13.17
CA ALA C 977 25.14 -37.04 13.05
C ALA C 977 25.69 -37.94 14.15
N GLY C 978 26.99 -37.83 14.42
CA GLY C 978 27.56 -38.60 15.52
C GLY C 978 26.92 -38.24 16.86
N LEU C 979 26.70 -36.95 17.09
CA LEU C 979 26.06 -36.52 18.33
C LEU C 979 24.65 -37.08 18.45
N LEU C 980 23.90 -37.05 17.35
CA LEU C 980 22.57 -37.67 17.35
C LEU C 980 22.65 -39.15 17.69
N GLY C 981 23.64 -39.83 17.13
CA GLY C 981 23.82 -41.26 17.41
C GLY C 981 24.36 -41.56 18.78
N SER C 982 24.89 -40.57 19.50
CA SER C 982 25.46 -40.75 20.83
C SER C 982 24.73 -39.90 21.87
N THR C 983 23.41 -39.88 21.82
CA THR C 983 22.62 -39.15 22.79
C THR C 983 22.47 -39.98 24.08
N LEU C 984 22.09 -39.30 25.15
CA LEU C 984 21.86 -39.93 26.44
C LEU C 984 20.39 -40.26 26.62
N PRO C 985 20.07 -41.23 27.48
CA PRO C 985 18.67 -41.62 27.66
C PRO C 985 17.94 -40.71 28.64
N ASN C 986 16.63 -40.91 28.70
CA ASN C 986 15.76 -40.13 29.58
C ASN C 986 15.71 -40.77 30.96
N ARG C 987 14.77 -40.32 31.79
CA ARG C 987 14.66 -40.85 33.15
C ARG C 987 14.43 -42.36 33.16
N ASP C 988 13.82 -42.90 32.12
CA ASP C 988 13.49 -44.31 32.04
C ASP C 988 14.62 -45.14 31.43
N GLY C 989 15.77 -44.55 31.17
CA GLY C 989 16.87 -45.28 30.56
C GLY C 989 16.59 -45.71 29.14
N GLU C 990 16.04 -44.82 28.32
CA GLU C 990 15.76 -45.11 26.93
C GLU C 990 15.94 -43.86 26.11
N VAL C 991 16.03 -44.02 24.79
CA VAL C 991 16.22 -42.93 23.85
C VAL C 991 14.97 -42.82 22.99
N MET C 992 14.40 -41.62 22.96
CA MET C 992 13.16 -41.41 22.20
C MET C 992 13.45 -41.13 20.73
N VAL C 993 14.54 -40.42 20.44
CA VAL C 993 14.93 -40.05 19.09
C VAL C 993 16.10 -40.93 18.67
N ASP C 994 15.96 -41.62 17.55
CA ASP C 994 16.97 -42.55 17.10
C ASP C 994 18.19 -41.80 16.57
N ALA C 995 19.15 -42.55 16.02
CA ALA C 995 20.38 -41.96 15.51
C ALA C 995 20.14 -41.10 14.27
N ASP C 996 18.97 -41.20 13.64
CA ASP C 996 18.66 -40.41 12.45
C ASP C 996 17.86 -39.16 12.77
N GLY C 997 17.65 -38.85 14.05
CA GLY C 997 16.91 -37.67 14.43
C GLY C 997 15.41 -37.81 14.32
N LYS C 998 14.88 -39.03 14.24
CA LYS C 998 13.46 -39.28 14.12
C LYS C 998 12.98 -40.08 15.33
N SER C 999 11.69 -39.94 15.64
CA SER C 999 11.08 -40.66 16.74
C SER C 999 9.64 -40.99 16.40
N THR C 1000 9.14 -42.07 16.99
CA THR C 1000 7.74 -42.43 16.81
C THR C 1000 6.85 -41.47 17.57
N LEU C 1001 5.66 -41.22 17.02
CA LEU C 1001 4.68 -40.33 17.63
C LEU C 1001 3.33 -41.01 17.68
N PHE C 1002 2.58 -40.72 18.74
CA PHE C 1002 1.23 -41.25 18.92
C PHE C 1002 0.23 -40.16 18.60
N ASP C 1003 -0.77 -40.49 17.77
CA ASP C 1003 -1.80 -39.53 17.44
C ASP C 1003 -2.63 -39.21 18.66
N GLY C 1004 -2.76 -37.92 18.97
CA GLY C 1004 -3.53 -37.50 20.14
C GLY C 1004 -5.03 -37.67 19.99
N ARG C 1005 -5.52 -37.71 18.75
CA ARG C 1005 -6.96 -37.86 18.53
C ARG C 1005 -7.37 -39.33 18.59
N SER C 1006 -6.81 -40.15 17.71
CA SER C 1006 -7.20 -41.55 17.61
C SER C 1006 -6.41 -42.45 18.55
N GLY C 1007 -5.17 -42.09 18.88
CA GLY C 1007 -4.35 -42.85 19.79
C GLY C 1007 -3.41 -43.82 19.11
N GLU C 1008 -3.65 -44.17 17.85
CA GLU C 1008 -2.79 -45.11 17.16
C GLU C 1008 -1.45 -44.45 16.83
N PRO C 1009 -0.35 -45.22 16.87
CA PRO C 1009 0.94 -44.65 16.51
C PRO C 1009 1.00 -44.33 15.02
N PHE C 1010 1.74 -43.28 14.69
CA PHE C 1010 1.83 -42.87 13.31
C PHE C 1010 2.58 -43.93 12.50
N PRO C 1011 2.19 -44.18 11.25
CA PRO C 1011 2.79 -45.31 10.51
C PRO C 1011 4.29 -45.21 10.34
N TYR C 1012 4.85 -44.00 10.28
CA TYR C 1012 6.26 -43.81 10.05
C TYR C 1012 6.84 -42.86 11.08
N PRO C 1013 8.14 -42.98 11.36
CA PRO C 1013 8.75 -42.05 12.33
C PRO C 1013 8.74 -40.62 11.83
N VAL C 1014 8.68 -39.69 12.78
CA VAL C 1014 8.66 -38.26 12.50
C VAL C 1014 9.89 -37.64 13.14
N THR C 1015 10.42 -36.60 12.50
CA THR C 1015 11.58 -35.90 13.02
C THR C 1015 11.15 -34.85 14.02
N VAL C 1016 11.80 -34.85 15.19
CA VAL C 1016 11.47 -33.96 16.28
C VAL C 1016 12.75 -33.35 16.82
N GLY C 1017 12.59 -32.22 17.50
CA GLY C 1017 13.71 -31.57 18.15
C GLY C 1017 13.26 -30.30 18.82
N TYR C 1018 14.21 -29.40 19.06
CA TYR C 1018 13.91 -28.13 19.71
C TYR C 1018 14.33 -26.99 18.80
N MET C 1019 13.35 -26.16 18.43
CA MET C 1019 13.57 -25.01 17.56
C MET C 1019 13.35 -23.72 18.34
N TYR C 1020 14.16 -22.71 18.02
CA TYR C 1020 14.09 -21.41 18.67
C TYR C 1020 13.25 -20.49 17.79
N ILE C 1021 12.05 -20.14 18.26
CA ILE C 1021 11.11 -19.33 17.50
C ILE C 1021 10.92 -17.99 18.20
N LEU C 1022 10.60 -16.98 17.40
CA LEU C 1022 10.35 -15.64 17.87
C LEU C 1022 8.86 -15.33 17.86
N LYS C 1023 8.50 -14.20 18.44
CA LYS C 1023 7.14 -13.65 18.36
C LYS C 1023 7.25 -12.27 17.71
N LEU C 1024 6.66 -12.12 16.54
CA LEU C 1024 6.82 -10.91 15.75
C LEU C 1024 5.80 -9.85 16.16
N HIS C 1025 6.21 -8.59 16.02
CA HIS C 1025 5.37 -7.46 16.41
C HIS C 1025 4.18 -7.27 15.48
N HIS C 1026 4.12 -7.98 14.36
CA HIS C 1026 2.99 -7.90 13.43
C HIS C 1026 1.81 -8.70 13.99
N LEU C 1027 1.35 -8.25 15.16
CA LEU C 1027 0.35 -9.00 15.91
C LEU C 1027 -1.03 -8.84 15.28
N VAL C 1028 -1.90 -9.81 15.55
CA VAL C 1028 -3.29 -9.70 15.16
C VAL C 1028 -4.08 -8.82 16.12
N ASP C 1029 -3.59 -8.64 17.34
CA ASP C 1029 -4.33 -7.89 18.36
C ASP C 1029 -4.52 -6.43 17.97
N ASP C 1030 -3.72 -5.91 17.03
CA ASP C 1030 -3.78 -4.50 16.66
C ASP C 1030 -3.94 -4.28 15.16
N LYS C 1031 -4.15 -5.35 14.38
CA LYS C 1031 -4.37 -5.21 12.94
C LYS C 1031 -5.81 -5.43 12.52
N ILE C 1032 -6.63 -6.05 13.36
CA ILE C 1032 -8.03 -6.28 13.02
C ILE C 1032 -8.81 -4.98 13.23
N HIS C 1033 -9.56 -4.57 12.21
CA HIS C 1033 -10.43 -3.42 12.33
C HIS C 1033 -11.54 -3.56 11.29
N ALA C 1034 -12.65 -2.87 11.54
CA ALA C 1034 -13.79 -2.93 10.64
C ALA C 1034 -14.74 -1.79 11.01
N ARG C 1035 -15.66 -1.50 10.09
CA ARG C 1035 -16.50 -0.32 10.20
C ARG C 1035 -17.89 -0.63 9.69
N SER C 1036 -18.91 -0.20 10.44
CA SER C 1036 -20.31 -0.28 10.01
C SER C 1036 -20.80 1.08 9.53
N THR C 1037 -20.76 2.09 10.40
CA THR C 1037 -21.09 3.45 10.04
C THR C 1037 -20.64 4.36 11.17
N GLY C 1038 -20.00 5.48 10.82
CA GLY C 1038 -19.45 6.37 11.81
C GLY C 1038 -18.94 7.66 11.21
N PRO C 1039 -17.77 8.13 11.66
CA PRO C 1039 -17.27 9.42 11.17
C PRO C 1039 -16.87 9.36 9.70
N TYR C 1040 -16.93 10.53 9.05
CA TYR C 1040 -16.52 10.66 7.66
C TYR C 1040 -15.45 11.72 7.50
N SER C 1041 -15.09 12.03 6.26
CA SER C 1041 -14.17 13.12 5.95
C SER C 1041 -14.97 14.34 5.51
N MET C 1042 -14.50 15.52 5.90
CA MET C 1042 -15.26 16.74 5.59
C MET C 1042 -15.22 17.05 4.10
N ILE C 1043 -14.04 17.36 3.59
CA ILE C 1043 -13.93 17.90 2.23
C ILE C 1043 -14.42 16.86 1.22
N THR C 1044 -13.95 15.63 1.34
CA THR C 1044 -14.26 14.59 0.38
C THR C 1044 -15.57 13.87 0.67
N GLN C 1045 -16.16 14.07 1.85
CA GLN C 1045 -17.41 13.42 2.23
C GLN C 1045 -17.32 11.90 2.19
N GLN C 1046 -16.09 11.36 2.24
CA GLN C 1046 -15.87 9.91 2.25
C GLN C 1046 -15.48 9.45 3.65
N PRO C 1047 -15.78 8.20 4.00
CA PRO C 1047 -15.30 7.68 5.28
C PRO C 1047 -13.79 7.75 5.39
N LEU C 1048 -13.30 8.23 6.53
CA LEU C 1048 -11.87 8.31 6.75
C LEU C 1048 -11.31 6.94 7.13
N GLY C 1049 -10.00 6.80 7.01
CA GLY C 1049 -9.34 5.55 7.30
C GLY C 1049 -8.02 5.72 8.02
N GLY C 1050 -7.28 4.63 8.18
CA GLY C 1050 -5.98 4.68 8.82
C GLY C 1050 -5.99 4.07 10.22
N LYS C 1051 -5.21 4.67 11.12
CA LYS C 1051 -5.12 4.14 12.49
C LYS C 1051 -6.41 4.37 13.27
N ALA C 1052 -7.11 5.46 12.99
CA ALA C 1052 -8.25 5.85 13.80
C ALA C 1052 -9.33 4.78 13.78
N GLN C 1053 -10.16 4.76 14.82
CA GLN C 1053 -11.26 3.82 14.90
C GLN C 1053 -12.25 4.06 13.77
N PHE C 1054 -12.98 3.01 13.41
CA PHE C 1054 -13.91 3.07 12.29
C PHE C 1054 -13.18 3.45 11.00
N GLY C 1055 -11.99 2.92 10.82
CA GLY C 1055 -11.23 3.16 9.61
C GLY C 1055 -11.78 2.37 8.44
N GLY C 1056 -12.40 3.06 7.48
CA GLY C 1056 -13.03 2.37 6.37
C GLY C 1056 -12.01 1.79 5.40
N GLN C 1057 -12.50 0.87 4.57
CA GLN C 1057 -11.67 0.22 3.57
C GLN C 1057 -11.79 0.95 2.23
N ARG C 1058 -10.80 0.72 1.38
CA ARG C 1058 -10.69 1.39 0.08
C ARG C 1058 -11.07 0.42 -1.02
N PHE C 1059 -12.00 0.84 -1.88
CA PHE C 1059 -12.42 0.05 -3.04
C PHE C 1059 -11.72 0.64 -4.26
N GLY C 1060 -10.51 0.15 -4.52
CA GLY C 1060 -9.68 0.72 -5.57
C GLY C 1060 -10.22 0.53 -6.96
N GLU C 1061 -9.36 0.69 -7.97
CA GLU C 1061 -9.77 0.58 -9.36
C GLU C 1061 -9.78 -0.86 -9.86
N MET C 1062 -8.78 -1.66 -9.48
CA MET C 1062 -8.77 -3.07 -9.89
C MET C 1062 -9.96 -3.83 -9.31
N GLU C 1063 -10.42 -3.43 -8.13
CA GLU C 1063 -11.65 -4.02 -7.59
C GLU C 1063 -12.84 -3.69 -8.47
N CYS C 1064 -12.92 -2.44 -8.95
CA CYS C 1064 -13.99 -2.09 -9.87
C CYS C 1064 -13.89 -2.89 -11.15
N TRP C 1065 -12.67 -3.11 -11.65
CA TRP C 1065 -12.50 -3.92 -12.85
C TRP C 1065 -12.97 -5.35 -12.61
N ALA C 1066 -12.66 -5.92 -11.46
CA ALA C 1066 -13.13 -7.27 -11.14
C ALA C 1066 -14.64 -7.33 -11.08
N MET C 1067 -15.27 -6.34 -10.43
CA MET C 1067 -16.73 -6.32 -10.37
C MET C 1067 -17.33 -6.19 -11.77
N GLN C 1068 -16.73 -5.36 -12.62
CA GLN C 1068 -17.21 -5.21 -13.99
C GLN C 1068 -17.08 -6.53 -14.75
N ALA C 1069 -15.95 -7.22 -14.57
CA ALA C 1069 -15.79 -8.52 -15.21
C ALA C 1069 -16.84 -9.51 -14.74
N TYR C 1070 -17.23 -9.43 -13.47
CA TYR C 1070 -18.33 -10.26 -12.98
C TYR C 1070 -19.67 -9.85 -13.54
N GLY C 1071 -19.78 -8.67 -14.14
CA GLY C 1071 -21.08 -8.16 -14.55
C GLY C 1071 -21.94 -7.70 -13.41
N ALA C 1072 -21.36 -7.38 -12.26
CA ALA C 1072 -22.11 -6.96 -11.07
C ALA C 1072 -22.34 -5.46 -11.15
N ALA C 1073 -23.38 -5.07 -11.91
CA ALA C 1073 -23.68 -3.65 -12.07
C ALA C 1073 -24.29 -3.06 -10.81
N TYR C 1074 -25.24 -3.77 -10.20
CA TYR C 1074 -25.93 -3.21 -9.03
C TYR C 1074 -25.00 -3.13 -7.83
N THR C 1075 -24.24 -4.18 -7.56
CA THR C 1075 -23.35 -4.17 -6.42
C THR C 1075 -22.30 -3.07 -6.54
N LEU C 1076 -21.78 -2.85 -7.75
CA LEU C 1076 -20.80 -1.79 -7.95
C LEU C 1076 -21.41 -0.43 -7.64
N GLN C 1077 -22.64 -0.19 -8.11
CA GLN C 1077 -23.31 1.07 -7.81
C GLN C 1077 -23.52 1.24 -6.31
N GLU C 1078 -23.93 0.17 -5.63
CA GLU C 1078 -24.12 0.25 -4.19
C GLU C 1078 -22.82 0.59 -3.49
N LEU C 1079 -21.72 -0.04 -3.91
CA LEU C 1079 -20.43 0.22 -3.27
C LEU C 1079 -19.85 1.57 -3.63
N LEU C 1080 -20.35 2.21 -4.69
CA LEU C 1080 -19.80 3.50 -5.11
C LEU C 1080 -20.64 4.70 -4.68
N THR C 1081 -21.94 4.52 -4.45
CA THR C 1081 -22.82 5.63 -4.09
C THR C 1081 -23.37 5.49 -2.67
N ILE C 1082 -24.09 4.41 -2.39
CA ILE C 1082 -24.76 4.29 -1.09
C ILE C 1082 -23.74 4.32 0.05
N LYS C 1083 -22.71 3.50 -0.05
CA LYS C 1083 -21.85 3.21 1.08
C LYS C 1083 -20.61 4.09 1.15
N SER C 1084 -20.42 5.01 0.20
CA SER C 1084 -19.23 5.85 0.20
C SER C 1084 -19.54 7.34 0.36
N ASP C 1085 -20.31 7.95 -0.57
CA ASP C 1085 -20.44 9.40 -0.55
C ASP C 1085 -21.84 9.91 -0.86
N ASP C 1086 -22.88 9.08 -0.75
CA ASP C 1086 -24.25 9.54 -0.97
C ASP C 1086 -24.79 10.04 0.36
N THR C 1087 -24.64 11.34 0.60
CA THR C 1087 -25.00 11.91 1.89
C THR C 1087 -26.49 11.70 2.19
N VAL C 1088 -27.36 11.94 1.21
CA VAL C 1088 -28.79 11.73 1.40
C VAL C 1088 -29.19 10.27 1.35
N GLY C 1089 -28.32 9.40 0.85
CA GLY C 1089 -28.64 7.99 0.73
C GLY C 1089 -28.20 7.16 1.92
N ARG C 1090 -27.10 7.56 2.56
CA ARG C 1090 -26.59 6.80 3.70
C ARG C 1090 -27.61 6.75 4.83
N VAL C 1091 -28.19 7.90 5.18
CA VAL C 1091 -29.15 7.94 6.28
C VAL C 1091 -30.39 7.12 5.95
N LYS C 1092 -30.88 7.24 4.72
CA LYS C 1092 -32.07 6.49 4.34
C LYS C 1092 -31.81 4.99 4.33
N VAL C 1093 -30.62 4.57 3.88
CA VAL C 1093 -30.29 3.15 3.92
C VAL C 1093 -30.19 2.65 5.36
N TYR C 1094 -29.56 3.44 6.23
CA TYR C 1094 -29.43 3.03 7.63
C TYR C 1094 -30.79 2.88 8.29
N GLU C 1095 -31.68 3.87 8.06
CA GLU C 1095 -33.00 3.79 8.69
C GLU C 1095 -33.85 2.69 8.07
N ALA C 1096 -33.67 2.40 6.78
CA ALA C 1096 -34.35 1.27 6.17
C ALA C 1096 -33.90 -0.05 6.79
N ILE C 1097 -32.59 -0.19 7.03
CA ILE C 1097 -32.08 -1.40 7.66
C ILE C 1097 -32.64 -1.52 9.07
N VAL C 1098 -32.62 -0.42 9.82
CA VAL C 1098 -33.11 -0.47 11.20
C VAL C 1098 -34.60 -0.79 11.23
N LYS C 1099 -35.35 -0.29 10.25
CA LYS C 1099 -36.76 -0.60 10.12
C LYS C 1099 -37.03 -1.85 9.30
N GLY C 1100 -36.00 -2.40 8.66
CA GLY C 1100 -36.18 -3.59 7.82
C GLY C 1100 -36.84 -3.33 6.49
N GLU C 1101 -36.97 -2.06 6.08
CA GLU C 1101 -37.67 -1.73 4.84
C GLU C 1101 -36.76 -1.97 3.64
N ASN C 1102 -37.29 -1.71 2.45
CA ASN C 1102 -36.53 -1.91 1.23
C ASN C 1102 -35.49 -0.81 1.06
N ILE C 1103 -34.32 -1.19 0.57
CA ILE C 1103 -33.24 -0.21 0.36
C ILE C 1103 -33.61 0.71 -0.79
N PRO C 1104 -33.58 2.03 -0.60
CA PRO C 1104 -33.86 2.93 -1.73
C PRO C 1104 -32.74 2.93 -2.74
N GLU C 1105 -33.09 3.24 -3.98
CA GLU C 1105 -32.10 3.30 -5.04
C GLU C 1105 -31.13 4.46 -4.80
N PRO C 1106 -29.86 4.30 -5.17
CA PRO C 1106 -28.88 5.36 -4.90
C PRO C 1106 -29.16 6.62 -5.69
N GLY C 1107 -28.69 7.74 -5.13
CA GLY C 1107 -28.78 9.03 -5.77
C GLY C 1107 -27.47 9.46 -6.41
N ILE C 1108 -27.38 10.74 -6.70
CA ILE C 1108 -26.19 11.30 -7.34
C ILE C 1108 -25.09 11.44 -6.29
N PRO C 1109 -23.92 10.85 -6.49
CA PRO C 1109 -22.85 10.99 -5.50
C PRO C 1109 -22.26 12.40 -5.49
N GLU C 1110 -21.63 12.73 -4.36
CA GLU C 1110 -21.02 14.05 -4.22
C GLU C 1110 -19.90 14.26 -5.23
N SER C 1111 -19.22 13.18 -5.64
CA SER C 1111 -18.10 13.32 -6.57
C SER C 1111 -18.55 13.92 -7.89
N PHE C 1112 -19.63 13.40 -8.46
CA PHE C 1112 -20.11 13.90 -9.74
C PHE C 1112 -20.59 15.34 -9.61
N LYS C 1113 -21.29 15.66 -8.53
CA LYS C 1113 -21.75 17.03 -8.32
C LYS C 1113 -20.57 18.00 -8.23
N VAL C 1114 -19.53 17.62 -7.49
CA VAL C 1114 -18.37 18.49 -7.35
C VAL C 1114 -17.65 18.64 -8.68
N LEU C 1115 -17.56 17.56 -9.46
CA LEU C 1115 -16.94 17.67 -10.78
C LEU C 1115 -17.73 18.61 -11.68
N LEU C 1116 -19.05 18.50 -11.66
CA LEU C 1116 -19.89 19.40 -12.45
C LEU C 1116 -19.66 20.84 -12.02
N LYS C 1117 -19.61 21.09 -10.71
CA LYS C 1117 -19.42 22.46 -10.24
C LYS C 1117 -18.04 22.98 -10.64
N GLU C 1118 -17.02 22.13 -10.60
CA GLU C 1118 -15.69 22.56 -11.03
C GLU C 1118 -15.69 22.95 -12.50
N LEU C 1119 -16.24 22.08 -13.36
CA LEU C 1119 -16.27 22.38 -14.78
C LEU C 1119 -17.09 23.64 -15.06
N GLN C 1120 -18.17 23.85 -14.30
CA GLN C 1120 -18.91 25.10 -14.44
C GLN C 1120 -18.05 26.29 -14.02
N SER C 1121 -17.27 26.14 -12.95
CA SER C 1121 -16.36 27.19 -12.52
C SER C 1121 -15.34 27.53 -13.60
N LEU C 1122 -14.95 26.55 -14.41
CA LEU C 1122 -14.04 26.80 -15.52
C LEU C 1122 -14.75 27.38 -16.74
N CYS C 1123 -15.96 27.90 -16.58
CA CYS C 1123 -16.72 28.54 -17.67
C CYS C 1123 -17.05 27.53 -18.78
N LEU C 1124 -17.26 26.28 -18.40
CA LEU C 1124 -17.72 25.24 -19.33
C LEU C 1124 -19.13 24.85 -18.95
N ASN C 1125 -20.07 25.03 -19.87
CA ASN C 1125 -21.49 24.86 -19.60
C ASN C 1125 -21.87 23.38 -19.73
N VAL C 1126 -21.42 22.61 -18.75
CA VAL C 1126 -21.71 21.17 -18.71
C VAL C 1126 -23.18 21.01 -18.36
N GLU C 1127 -24.00 20.68 -19.36
CA GLU C 1127 -25.44 20.54 -19.19
C GLU C 1127 -25.86 19.10 -19.42
N VAL C 1128 -26.57 18.54 -18.45
CA VAL C 1128 -27.00 17.15 -18.52
C VAL C 1128 -28.24 17.04 -19.38
N LEU C 1129 -28.27 16.04 -20.26
CA LEU C 1129 -29.33 15.85 -21.23
C LEU C 1129 -30.07 14.55 -20.96
N SER C 1130 -31.37 14.55 -21.30
CA SER C 1130 -32.21 13.38 -21.14
C SER C 1130 -33.06 13.12 -22.38
N PHE D 6 -32.47 11.16 -14.04
CA PHE D 6 -32.21 10.26 -15.20
C PHE D 6 -31.17 10.84 -16.16
N PHE D 7 -30.28 9.98 -16.64
CA PHE D 7 -29.09 10.40 -17.39
C PHE D 7 -29.05 9.69 -18.72
N ASP D 8 -29.01 10.45 -19.81
CA ASP D 8 -28.90 9.88 -21.14
C ASP D 8 -27.64 10.32 -21.87
N GLU D 9 -27.21 11.56 -21.73
CA GLU D 9 -25.95 12.02 -22.29
C GLU D 9 -25.55 13.30 -21.57
N LEU D 10 -24.27 13.64 -21.67
CA LEU D 10 -23.69 14.78 -20.97
C LEU D 10 -23.10 15.74 -22.00
N ARG D 11 -23.67 16.94 -22.09
CA ARG D 11 -23.21 17.95 -23.04
C ARG D 11 -22.27 18.93 -22.36
N ILE D 12 -21.25 19.35 -23.08
CA ILE D 12 -20.23 20.27 -22.57
C ILE D 12 -20.10 21.42 -23.57
N GLY D 13 -20.84 22.51 -23.32
CA GLY D 13 -20.77 23.67 -24.16
C GLY D 13 -19.78 24.71 -23.64
N LEU D 14 -19.71 25.83 -24.36
CA LEU D 14 -18.86 26.96 -23.98
C LEU D 14 -19.74 28.03 -23.35
N ALA D 15 -19.58 28.22 -22.04
CA ALA D 15 -20.46 29.12 -21.30
C ALA D 15 -20.25 30.57 -21.73
N THR D 16 -21.36 31.27 -21.94
CA THR D 16 -21.31 32.69 -22.29
C THR D 16 -21.52 33.53 -21.03
N ALA D 17 -21.50 34.86 -21.20
CA ALA D 17 -21.64 35.76 -20.06
C ALA D 17 -23.00 35.61 -19.38
N ASP D 18 -24.06 35.48 -20.18
CA ASP D 18 -25.40 35.39 -19.61
C ASP D 18 -25.55 34.13 -18.75
N ASP D 19 -24.98 33.02 -19.20
CA ASP D 19 -25.04 31.79 -18.40
C ASP D 19 -24.31 31.98 -17.07
N ILE D 20 -23.15 32.64 -17.10
CA ILE D 20 -22.41 32.87 -15.87
C ILE D 20 -23.21 33.75 -14.92
N ARG D 21 -23.86 34.79 -15.45
CA ARG D 21 -24.72 35.62 -14.61
C ARG D 21 -25.86 34.80 -14.02
N ASN D 22 -26.45 33.90 -14.82
CA ASN D 22 -27.58 33.11 -14.33
C ASN D 22 -27.15 32.15 -13.23
N TRP D 23 -25.95 31.58 -13.34
CA TRP D 23 -25.50 30.59 -12.37
C TRP D 23 -25.28 31.17 -10.98
N SER D 24 -25.25 32.49 -10.84
CA SER D 24 -24.90 33.15 -9.58
C SER D 24 -26.11 33.83 -8.98
N TYR D 25 -26.31 33.64 -7.67
CA TYR D 25 -27.34 34.34 -6.92
C TYR D 25 -26.82 35.64 -6.30
N GLY D 26 -25.54 35.95 -6.47
CA GLY D 26 -24.97 37.16 -5.90
C GLY D 26 -23.62 37.44 -6.53
N GLU D 27 -23.13 38.65 -6.28
CA GLU D 27 -21.86 39.12 -6.81
C GLU D 27 -20.89 39.41 -5.67
N VAL D 28 -19.66 38.94 -5.80
CA VAL D 28 -18.62 39.18 -4.81
C VAL D 28 -18.03 40.55 -5.09
N LYS D 29 -18.41 41.54 -4.27
CA LYS D 29 -17.97 42.92 -4.45
C LYS D 29 -16.91 43.34 -3.44
N LYS D 30 -16.30 42.37 -2.73
CA LYS D 30 -15.41 42.73 -1.63
C LYS D 30 -14.49 41.55 -1.37
N PRO D 31 -13.22 41.78 -1.03
CA PRO D 31 -12.24 40.69 -1.01
C PRO D 31 -12.05 39.96 0.32
N GLU D 32 -12.73 40.33 1.39
CA GLU D 32 -12.55 39.65 2.66
C GLU D 32 -13.23 38.29 2.66
N THR D 33 -12.63 37.35 3.40
CA THR D 33 -13.15 35.99 3.51
C THR D 33 -14.05 35.84 4.73
N ILE D 34 -13.49 36.06 5.93
CA ILE D 34 -14.24 35.98 7.18
C ILE D 34 -13.74 37.08 8.10
N ASN D 35 -14.61 37.47 9.04
CA ASN D 35 -14.23 38.49 10.01
C ASN D 35 -13.20 37.92 10.97
N TYR D 36 -12.13 38.68 11.21
CA TYR D 36 -11.09 38.24 12.13
C TYR D 36 -11.62 38.05 13.54
N ARG D 37 -12.70 38.75 13.88
CA ARG D 37 -13.32 38.69 15.20
C ARG D 37 -14.76 38.22 15.04
N THR D 38 -15.18 37.34 15.95
CA THR D 38 -16.48 36.69 16.01
C THR D 38 -16.59 35.59 14.94
N LEU D 39 -15.62 35.50 14.02
CA LEU D 39 -15.53 34.39 13.07
C LEU D 39 -16.87 34.13 12.37
N LYS D 40 -17.31 35.12 11.59
CA LYS D 40 -18.48 34.99 10.74
C LYS D 40 -18.20 35.59 9.37
N PRO D 41 -18.91 35.12 8.34
CA PRO D 41 -18.73 35.72 7.02
C PRO D 41 -19.18 37.18 6.98
N GLU D 42 -18.60 37.93 6.06
CA GLU D 42 -18.91 39.34 5.91
C GLU D 42 -20.10 39.52 4.96
N LYS D 43 -20.53 40.78 4.82
CA LYS D 43 -21.75 41.07 4.07
C LYS D 43 -21.54 40.92 2.56
N ASP D 44 -20.31 41.10 2.07
CA ASP D 44 -20.06 41.01 0.64
C ASP D 44 -18.76 40.26 0.34
N GLY D 45 -18.26 39.46 1.27
CA GLY D 45 -17.02 38.75 1.08
C GLY D 45 -17.19 37.48 0.28
N LEU D 46 -16.09 36.74 0.19
CA LEU D 46 -16.08 35.48 -0.55
C LEU D 46 -16.88 34.38 0.12
N PHE D 47 -17.31 34.58 1.37
CA PHE D 47 -18.05 33.57 2.13
C PHE D 47 -19.42 34.08 2.59
N CYS D 48 -19.90 35.17 1.98
CA CYS D 48 -21.12 35.82 2.47
C CYS D 48 -22.29 34.84 2.54
N GLU D 49 -23.05 34.93 3.63
CA GLU D 49 -24.22 34.09 3.79
C GLU D 49 -25.33 34.50 2.82
N LYS D 50 -25.40 35.78 2.46
CA LYS D 50 -26.46 36.23 1.56
C LYS D 50 -26.36 35.56 0.20
N ILE D 51 -25.15 35.22 -0.25
CA ILE D 51 -24.94 34.64 -1.57
C ILE D 51 -25.08 33.12 -1.49
N PHE D 52 -24.27 32.49 -0.64
CA PHE D 52 -24.13 31.04 -0.62
C PHE D 52 -25.04 30.36 0.39
N GLY D 53 -25.90 31.11 1.07
CA GLY D 53 -26.84 30.54 2.01
C GLY D 53 -26.30 30.48 3.42
N PRO D 54 -27.15 30.09 4.37
CA PRO D 54 -26.76 30.12 5.78
C PRO D 54 -25.72 29.06 6.12
N THR D 55 -24.95 29.34 7.17
CA THR D 55 -24.01 28.38 7.71
C THR D 55 -24.63 27.49 8.79
N ARG D 56 -25.79 27.87 9.32
CA ARG D 56 -26.50 27.09 10.32
C ARG D 56 -27.85 26.67 9.75
N ASP D 57 -28.23 25.42 9.98
CA ASP D 57 -29.43 24.86 9.36
C ASP D 57 -30.66 25.67 9.74
N TRP D 58 -31.35 26.19 8.74
CA TRP D 58 -32.60 26.95 8.92
C TRP D 58 -32.43 28.06 9.95
N GLU D 59 -31.32 28.78 9.88
CA GLU D 59 -31.07 29.93 10.74
C GLU D 59 -30.87 31.17 9.89
N CYS D 60 -30.66 32.30 10.57
CA CYS D 60 -30.56 33.60 9.93
C CYS D 60 -29.38 34.37 10.51
N TYR D 61 -28.82 35.29 9.71
CA TYR D 61 -27.67 36.05 10.16
C TYR D 61 -28.00 36.88 11.39
N CYS D 62 -29.15 37.55 11.38
CA CYS D 62 -29.54 38.40 12.50
C CYS D 62 -30.20 37.64 13.63
N GLY D 63 -30.48 36.34 13.45
CA GLY D 63 -31.08 35.54 14.48
C GLY D 63 -32.57 35.68 14.64
N LYS D 64 -33.22 36.53 13.83
CA LYS D 64 -34.66 36.70 13.93
C LYS D 64 -35.42 35.45 13.52
N TYR D 65 -34.81 34.58 12.73
CA TYR D 65 -35.46 33.35 12.26
C TYR D 65 -34.51 32.19 12.48
N LYS D 66 -34.96 31.17 13.24
CA LYS D 66 -34.07 30.09 13.63
C LYS D 66 -34.73 28.72 13.60
N ARG D 67 -35.89 28.58 12.95
CA ARG D 67 -36.67 27.36 13.04
C ARG D 67 -37.14 26.90 11.67
N VAL D 68 -37.35 25.59 11.54
CA VAL D 68 -37.94 25.03 10.32
C VAL D 68 -39.35 25.56 10.12
N ARG D 69 -39.96 26.12 11.16
CA ARG D 69 -41.24 26.82 11.03
C ARG D 69 -41.20 27.75 9.84
N PHE D 70 -40.02 28.30 9.53
CA PHE D 70 -39.82 29.14 8.35
C PHE D 70 -38.74 28.51 7.49
N LYS D 71 -39.07 28.25 6.23
CA LYS D 71 -38.06 27.84 5.26
C LYS D 71 -38.45 28.43 3.91
N GLY D 72 -37.44 28.92 3.18
CA GLY D 72 -37.68 29.64 1.94
C GLY D 72 -37.97 31.12 2.13
N ILE D 73 -38.03 31.59 3.36
CA ILE D 73 -38.29 33.01 3.63
C ILE D 73 -36.97 33.76 3.59
N ILE D 74 -36.94 34.86 2.84
CA ILE D 74 -35.76 35.73 2.79
C ILE D 74 -35.92 36.80 3.85
N CYS D 75 -34.93 36.92 4.73
CA CYS D 75 -35.00 37.90 5.80
C CYS D 75 -35.07 39.31 5.21
N GLU D 76 -35.82 40.18 5.89
CA GLU D 76 -36.06 41.53 5.41
C GLU D 76 -35.04 42.53 5.94
N ARG D 77 -34.03 42.10 6.70
CA ARG D 77 -33.02 42.99 7.25
C ARG D 77 -31.59 42.59 6.96
N CYS D 78 -31.32 41.32 6.63
CA CYS D 78 -29.96 40.90 6.30
C CYS D 78 -29.88 40.02 5.06
N GLY D 79 -30.99 39.54 4.52
CA GLY D 79 -31.02 38.91 3.22
C GLY D 79 -30.75 37.43 3.20
N VAL D 80 -30.37 36.82 4.32
CA VAL D 80 -30.11 35.39 4.35
C VAL D 80 -31.43 34.65 4.45
N GLU D 81 -31.64 33.69 3.54
CA GLU D 81 -32.86 32.90 3.54
C GLU D 81 -32.66 31.66 4.40
N VAL D 82 -33.66 31.36 5.22
CA VAL D 82 -33.58 30.19 6.10
C VAL D 82 -33.75 28.93 5.27
N THR D 83 -32.71 28.10 5.23
CA THR D 83 -32.71 26.88 4.45
C THR D 83 -31.58 25.99 4.96
N ARG D 84 -31.58 24.74 4.54
CA ARG D 84 -30.55 23.80 4.96
C ARG D 84 -29.17 24.34 4.61
N ALA D 85 -28.20 24.09 5.50
CA ALA D 85 -26.85 24.59 5.32
C ALA D 85 -26.13 23.94 4.15
N LYS D 86 -26.66 22.87 3.58
CA LYS D 86 -25.99 22.18 2.50
C LYS D 86 -25.96 23.00 1.20
N VAL D 87 -26.71 24.09 1.12
CA VAL D 87 -26.70 24.90 -0.09
C VAL D 87 -25.38 25.61 -0.29
N ARG D 88 -24.54 25.68 0.75
CA ARG D 88 -23.26 26.37 0.63
C ARG D 88 -22.27 25.61 -0.23
N ARG D 89 -22.57 24.38 -0.64
CA ARG D 89 -21.77 23.65 -1.61
C ARG D 89 -22.52 23.45 -2.94
N GLU D 90 -23.54 24.28 -3.19
CA GLU D 90 -24.39 24.12 -4.35
C GLU D 90 -24.65 25.41 -5.11
N ARG D 91 -24.32 26.57 -4.54
CA ARG D 91 -24.58 27.86 -5.16
C ARG D 91 -23.28 28.56 -5.47
N MET D 92 -23.23 29.23 -6.61
CA MET D 92 -22.03 29.89 -7.11
C MET D 92 -22.19 31.40 -7.08
N GLY D 93 -21.07 32.10 -7.31
CA GLY D 93 -21.07 33.53 -7.42
C GLY D 93 -20.26 33.97 -8.62
N HIS D 94 -20.47 35.22 -9.02
CA HIS D 94 -19.81 35.78 -10.19
C HIS D 94 -19.21 37.14 -9.85
N ILE D 95 -18.12 37.48 -10.54
CA ILE D 95 -17.45 38.76 -10.39
C ILE D 95 -17.53 39.49 -11.72
N GLU D 96 -18.09 40.70 -11.70
CA GLU D 96 -18.23 41.49 -12.92
C GLU D 96 -16.94 42.26 -13.16
N LEU D 97 -16.22 41.90 -14.21
CA LEU D 97 -14.94 42.53 -14.50
C LEU D 97 -15.14 43.95 -15.01
N ALA D 98 -14.17 44.82 -14.70
CA ALA D 98 -14.19 46.19 -15.19
C ALA D 98 -13.75 46.30 -16.64
N ALA D 99 -13.05 45.29 -17.17
CA ALA D 99 -12.63 45.27 -18.56
C ALA D 99 -12.74 43.85 -19.07
N PRO D 100 -12.94 43.66 -20.38
CA PRO D 100 -13.03 42.30 -20.92
C PRO D 100 -11.77 41.48 -20.62
N VAL D 101 -11.91 40.16 -20.78
CA VAL D 101 -10.82 39.23 -20.55
C VAL D 101 -11.04 38.03 -21.46
N THR D 102 -9.95 37.41 -21.89
CA THR D 102 -9.98 36.25 -22.77
C THR D 102 -9.53 35.00 -22.04
N HIS D 103 -10.26 33.91 -22.25
CA HIS D 103 -9.93 32.64 -21.61
C HIS D 103 -8.58 32.14 -22.12
N ILE D 104 -7.71 31.75 -21.18
CA ILE D 104 -6.35 31.37 -21.57
C ILE D 104 -6.35 30.09 -22.39
N TRP D 105 -7.29 29.18 -22.13
CA TRP D 105 -7.32 27.92 -22.86
C TRP D 105 -7.47 28.10 -24.35
N TYR D 106 -7.98 29.26 -24.80
CA TYR D 106 -8.21 29.51 -26.21
C TYR D 106 -7.25 30.52 -26.82
N PHE D 107 -6.58 31.32 -26.00
CA PHE D 107 -5.53 32.19 -26.51
C PHE D 107 -4.36 31.39 -27.06
N LYS D 108 -4.01 30.29 -26.39
CA LYS D 108 -2.86 29.49 -26.77
C LYS D 108 -3.17 28.02 -26.50
N GLY D 109 -2.30 27.16 -27.00
CA GLY D 109 -2.46 25.73 -26.78
C GLY D 109 -2.05 24.84 -27.93
N VAL D 110 -1.65 25.43 -29.06
CA VAL D 110 -1.12 24.65 -30.18
C VAL D 110 -2.11 23.55 -30.55
N PRO D 111 -3.22 23.87 -31.23
CA PRO D 111 -3.53 25.16 -31.85
C PRO D 111 -4.13 26.19 -30.90
N SER D 112 -3.95 27.47 -31.24
CA SER D 112 -4.64 28.55 -30.55
C SER D 112 -5.96 28.78 -31.27
N ARG D 113 -7.07 28.39 -30.63
CA ARG D 113 -8.36 28.48 -31.27
C ARG D 113 -8.70 29.92 -31.66
N LEU D 114 -8.40 30.87 -30.77
CA LEU D 114 -8.68 32.28 -31.07
C LEU D 114 -7.87 32.75 -32.27
N GLY D 115 -6.59 32.38 -32.33
CA GLY D 115 -5.75 32.82 -33.45
C GLY D 115 -6.27 32.31 -34.78
N TYR D 116 -6.61 31.02 -34.84
CA TYR D 116 -7.17 30.48 -36.07
C TYR D 116 -8.50 31.14 -36.40
N LEU D 117 -9.31 31.40 -35.37
CA LEU D 117 -10.62 32.02 -35.60
C LEU D 117 -10.46 33.40 -36.23
N LEU D 118 -9.53 34.20 -35.73
CA LEU D 118 -9.34 35.56 -36.23
C LEU D 118 -8.26 35.68 -37.30
N ASP D 119 -7.49 34.62 -37.55
CA ASP D 119 -6.45 34.64 -38.57
C ASP D 119 -5.29 35.56 -38.17
N LEU D 120 -4.86 35.46 -36.92
CA LEU D 120 -3.69 36.18 -36.43
C LEU D 120 -2.69 35.19 -35.86
N ALA D 121 -1.41 35.47 -36.06
CA ALA D 121 -0.37 34.61 -35.54
C ALA D 121 -0.36 34.67 -34.01
N PRO D 122 0.08 33.60 -33.34
CA PRO D 122 0.05 33.62 -31.87
C PRO D 122 0.80 34.79 -31.25
N LYS D 123 1.96 35.16 -31.81
CA LYS D 123 2.72 36.26 -31.24
C LYS D 123 2.03 37.59 -31.49
N ASP D 124 1.48 37.78 -32.70
CA ASP D 124 0.73 39.01 -32.97
C ASP D 124 -0.50 39.10 -32.08
N LEU D 125 -1.22 37.98 -31.92
CA LEU D 125 -2.37 37.97 -31.03
C LEU D 125 -1.94 38.22 -29.58
N GLU D 126 -0.82 37.63 -29.16
CA GLU D 126 -0.32 37.86 -27.81
C GLU D 126 -0.07 39.33 -27.57
N LYS D 127 0.49 40.03 -28.56
CA LYS D 127 0.81 41.44 -28.38
C LYS D 127 -0.46 42.27 -28.20
N ILE D 128 -1.54 41.91 -28.90
CA ILE D 128 -2.77 42.69 -28.82
C ILE D 128 -3.46 42.46 -27.48
N ILE D 129 -3.64 41.20 -27.09
CA ILE D 129 -4.40 40.91 -25.88
C ILE D 129 -3.73 41.55 -24.68
N TYR D 130 -2.39 41.56 -24.67
CA TYR D 130 -1.57 41.88 -23.50
C TYR D 130 -0.96 43.28 -23.58
N PHE D 131 -1.66 44.24 -24.21
CA PHE D 131 -1.26 45.63 -24.18
C PHE D 131 0.22 45.82 -24.54
N ALA D 132 0.56 45.43 -25.77
CA ALA D 132 1.89 45.67 -26.30
C ALA D 132 1.88 46.28 -27.69
N ALA D 133 0.76 46.22 -28.41
CA ALA D 133 0.66 46.80 -29.74
C ALA D 133 -0.80 47.07 -30.04
N TYR D 134 -1.04 48.06 -30.90
CA TYR D 134 -2.39 48.41 -31.32
C TYR D 134 -2.83 47.57 -32.50
N VAL D 135 -4.13 47.47 -32.69
CA VAL D 135 -4.71 46.77 -33.82
C VAL D 135 -5.92 47.55 -34.31
N ILE D 136 -6.09 47.59 -35.64
CA ILE D 136 -7.17 48.34 -36.26
C ILE D 136 -8.42 47.47 -36.26
N THR D 137 -9.45 47.91 -35.54
CA THR D 137 -10.69 47.14 -35.50
C THR D 137 -11.47 47.26 -36.80
N SER D 138 -11.57 48.47 -37.35
CA SER D 138 -12.35 48.69 -38.56
C SER D 138 -11.92 49.99 -39.21
N VAL D 139 -12.30 50.15 -40.48
CA VAL D 139 -12.00 51.36 -41.25
C VAL D 139 -13.19 51.63 -42.18
N ASP D 140 -13.43 52.91 -42.43
CA ASP D 140 -14.55 53.35 -43.25
C ASP D 140 -14.08 53.67 -44.66
N ASP D 141 -14.76 53.09 -45.66
CA ASP D 141 -14.39 53.32 -47.04
C ASP D 141 -14.68 54.75 -47.50
N GLU D 142 -15.55 55.47 -46.80
CA GLU D 142 -15.90 56.82 -47.22
C GLU D 142 -14.71 57.78 -47.14
N MET D 143 -13.61 57.37 -46.52
CA MET D 143 -12.38 58.16 -46.51
C MET D 143 -11.18 57.32 -46.96
N ARG D 144 -11.43 56.25 -47.70
CA ARG D 144 -10.40 55.46 -48.37
C ARG D 144 -10.56 55.46 -49.88
N HIS D 145 -11.79 55.46 -50.38
CA HIS D 145 -12.09 55.55 -51.80
C HIS D 145 -12.66 56.91 -52.18
N ASN D 146 -12.47 57.91 -51.32
CA ASN D 146 -12.95 59.27 -51.58
C ASN D 146 -11.77 60.12 -52.01
N GLU D 147 -11.91 60.79 -53.16
CA GLU D 147 -10.81 61.45 -53.83
C GLU D 147 -10.77 62.96 -53.56
N LEU D 148 -11.13 63.38 -52.35
CA LEU D 148 -11.00 64.79 -52.00
C LEU D 148 -9.52 65.17 -51.87
N SER D 149 -9.21 66.42 -52.19
CA SER D 149 -7.82 66.85 -52.26
C SER D 149 -7.11 66.73 -50.91
N THR D 150 -7.81 67.08 -49.83
CA THR D 150 -7.19 67.08 -48.51
C THR D 150 -6.65 65.72 -48.10
N LEU D 151 -6.94 64.66 -48.87
CA LEU D 151 -6.42 63.35 -48.54
C LEU D 151 -4.88 63.33 -48.55
N GLU D 152 -4.28 64.03 -49.52
CA GLU D 152 -2.83 64.07 -49.67
C GLU D 152 -2.29 65.49 -49.81
N ALA D 153 -3.04 66.39 -50.46
CA ALA D 153 -2.54 67.72 -50.74
C ALA D 153 -2.23 68.51 -49.47
N GLU D 154 -2.88 68.17 -48.35
CA GLU D 154 -2.66 68.92 -47.12
C GLU D 154 -1.26 68.66 -46.56
N MET D 155 -0.85 67.39 -46.49
CA MET D 155 0.49 67.10 -45.98
C MET D 155 1.54 67.30 -47.07
N ALA D 156 1.15 67.37 -48.34
CA ALA D 156 2.09 67.78 -49.37
C ALA D 156 2.70 69.14 -49.00
N VAL D 157 1.90 70.01 -48.38
CA VAL D 157 2.39 71.33 -47.98
C VAL D 157 3.50 71.18 -46.95
N GLU D 158 3.29 70.34 -45.94
CA GLU D 158 4.32 70.15 -44.91
C GLU D 158 5.56 69.51 -45.49
N LYS D 159 5.39 68.54 -46.40
CA LYS D 159 6.55 67.92 -47.05
C LYS D 159 7.37 68.96 -47.80
N LYS D 160 6.71 69.81 -48.57
CA LYS D 160 7.42 70.85 -49.29
C LYS D 160 8.05 71.87 -48.35
N ALA D 161 7.39 72.17 -47.23
CA ALA D 161 7.98 73.08 -46.26
C ALA D 161 9.27 72.52 -45.67
N VAL D 162 9.26 71.23 -45.33
CA VAL D 162 10.48 70.61 -44.81
C VAL D 162 11.57 70.60 -45.88
N GLU D 163 11.19 70.29 -47.13
CA GLU D 163 12.17 70.31 -48.21
C GLU D 163 12.79 71.70 -48.37
N ASP D 164 11.96 72.75 -48.27
CA ASP D 164 12.48 74.10 -48.37
C ASP D 164 13.41 74.42 -47.21
N GLN D 165 13.01 74.03 -45.99
CA GLN D 165 13.81 74.36 -44.81
C GLN D 165 15.12 73.59 -44.75
N ARG D 166 15.22 72.46 -45.47
CA ARG D 166 16.47 71.70 -45.46
C ARG D 166 17.64 72.57 -45.92
N ASP D 167 17.51 73.22 -47.08
CA ASP D 167 18.60 74.03 -47.60
C ASP D 167 18.85 75.26 -46.73
N ALA D 168 17.77 75.85 -46.19
CA ALA D 168 17.95 77.00 -45.30
C ALA D 168 18.75 76.61 -44.07
N ASP D 169 18.52 75.41 -43.54
CA ASP D 169 19.31 74.94 -42.40
C ASP D 169 20.74 74.65 -42.80
N LEU D 170 20.94 74.05 -43.97
CA LEU D 170 22.30 73.76 -44.43
C LEU D 170 23.10 75.04 -44.69
N GLU D 171 22.41 76.13 -45.02
CA GLU D 171 23.09 77.35 -45.46
C GLU D 171 23.86 78.02 -44.33
N ALA D 172 23.39 77.88 -43.09
CA ALA D 172 23.97 78.66 -41.98
C ALA D 172 25.43 78.31 -41.77
N ARG D 173 25.76 77.02 -41.77
CA ARG D 173 27.13 76.60 -41.53
C ARG D 173 28.07 77.20 -42.57
N ALA D 174 27.71 77.08 -43.85
CA ALA D 174 28.57 77.61 -44.91
C ALA D 174 28.68 79.13 -44.82
N GLN D 175 27.55 79.81 -44.56
CA GLN D 175 27.57 81.27 -44.56
C GLN D 175 28.43 81.80 -43.42
N LYS D 176 28.34 81.19 -42.23
CA LYS D 176 29.20 81.60 -41.14
C LYS D 176 30.62 81.09 -41.29
N LEU D 177 30.82 80.04 -42.09
CA LEU D 177 32.18 79.61 -42.43
C LEU D 177 32.86 80.61 -43.33
N GLU D 178 32.10 81.29 -44.19
CA GLU D 178 32.69 82.32 -45.05
C GLU D 178 33.40 83.38 -44.21
N ALA D 179 32.94 83.61 -42.98
CA ALA D 179 33.58 84.57 -42.08
C ALA D 179 34.51 83.92 -41.08
N ASP D 180 34.22 82.70 -40.63
CA ASP D 180 35.09 82.03 -39.67
C ASP D 180 36.48 81.81 -40.24
N LEU D 181 36.57 81.38 -41.50
CA LEU D 181 37.88 81.24 -42.14
C LEU D 181 38.56 82.59 -42.31
N ALA D 182 37.79 83.62 -42.67
CA ALA D 182 38.38 84.93 -42.94
C ALA D 182 39.02 85.51 -41.68
N GLU D 183 38.35 85.41 -40.54
CA GLU D 183 38.88 86.00 -39.32
C GLU D 183 40.18 85.34 -38.87
N LEU D 184 40.46 84.13 -39.36
CA LEU D 184 41.72 83.45 -39.09
C LEU D 184 42.57 83.28 -40.35
N GLU D 185 42.15 83.87 -41.47
CA GLU D 185 42.92 83.72 -42.70
C GLU D 185 44.31 84.32 -42.55
N ALA D 186 44.39 85.56 -42.08
CA ALA D 186 45.68 86.19 -41.83
C ALA D 186 46.37 85.59 -40.61
N GLU D 187 45.63 84.91 -39.74
CA GLU D 187 46.18 84.28 -38.55
C GLU D 187 46.60 82.83 -38.79
N GLY D 188 46.51 82.36 -40.03
CA GLY D 188 46.86 80.98 -40.34
C GLY D 188 48.36 80.73 -40.29
N ALA D 189 48.97 81.01 -39.14
CA ALA D 189 50.39 80.74 -38.97
C ALA D 189 50.67 79.24 -39.01
N LYS D 190 49.79 78.44 -38.41
CA LYS D 190 49.97 77.00 -38.31
C LYS D 190 48.64 76.32 -38.61
N SER D 191 48.71 75.00 -38.85
CA SER D 191 47.51 74.22 -39.10
C SER D 191 46.64 74.07 -37.85
N ASP D 192 47.14 74.48 -36.68
CA ASP D 192 46.34 74.36 -35.46
C ASP D 192 45.17 75.33 -35.44
N VAL D 193 45.30 76.46 -36.16
CA VAL D 193 44.32 77.54 -36.05
C VAL D 193 43.39 77.55 -37.26
N ARG D 194 43.95 77.70 -38.45
CA ARG D 194 43.15 77.96 -39.65
C ARG D 194 42.49 76.71 -40.21
N ARG D 195 42.90 75.51 -39.77
CA ARG D 195 42.30 74.27 -40.23
C ARG D 195 41.12 73.82 -39.37
N LYS D 196 40.94 74.43 -38.20
CA LYS D 196 39.88 74.01 -37.28
C LYS D 196 38.51 74.16 -37.91
N VAL D 197 38.28 75.25 -38.64
CA VAL D 197 36.96 75.51 -39.20
C VAL D 197 36.57 74.38 -40.16
N ARG D 198 37.48 74.01 -41.05
CA ARG D 198 37.21 72.90 -41.96
C ARG D 198 37.03 71.59 -41.19
N ASP D 199 37.94 71.33 -40.25
CA ASP D 199 37.88 70.06 -39.52
C ASP D 199 36.53 69.88 -38.83
N SER D 200 35.96 70.97 -38.30
CA SER D 200 34.68 70.85 -37.61
C SER D 200 33.51 70.87 -38.60
N GLY D 201 33.57 71.72 -39.61
CA GLY D 201 32.44 71.86 -40.53
C GLY D 201 32.21 70.62 -41.37
N GLU D 202 33.29 69.95 -41.80
CA GLU D 202 33.11 68.78 -42.64
C GLU D 202 32.37 67.66 -41.93
N ARG D 203 32.34 67.68 -40.59
CA ARG D 203 31.55 66.75 -39.81
C ARG D 203 30.18 67.31 -39.48
N GLU D 204 30.12 68.60 -39.13
CA GLU D 204 28.84 69.22 -38.77
C GLU D 204 27.86 69.14 -39.93
N MET D 205 28.32 69.46 -41.15
CA MET D 205 27.44 69.38 -42.31
C MET D 205 27.05 67.95 -42.63
N ARG D 206 27.99 67.01 -42.50
CA ARG D 206 27.68 65.62 -42.78
C ARG D 206 26.59 65.10 -41.84
N GLN D 207 26.55 65.60 -40.61
CA GLN D 207 25.47 65.21 -39.70
C GLN D 207 24.19 66.00 -39.95
N LEU D 208 24.32 67.28 -40.31
CA LEU D 208 23.15 68.12 -40.52
C LEU D 208 22.33 67.64 -41.70
N ARG D 209 22.99 67.25 -42.80
CA ARG D 209 22.25 66.76 -43.95
C ARG D 209 21.52 65.47 -43.62
N ASP D 210 22.15 64.59 -42.82
CA ASP D 210 21.46 63.38 -42.40
C ASP D 210 20.24 63.70 -41.55
N ARG D 211 20.36 64.68 -40.64
CA ARG D 211 19.19 65.08 -39.86
C ARG D 211 18.08 65.62 -40.77
N ALA D 212 18.44 66.44 -41.74
CA ALA D 212 17.45 66.99 -42.65
C ALA D 212 16.75 65.88 -43.44
N GLN D 213 17.51 64.89 -43.90
CA GLN D 213 16.91 63.78 -44.64
C GLN D 213 16.05 62.92 -43.73
N ARG D 214 16.44 62.77 -42.47
CA ARG D 214 15.58 62.05 -41.51
C ARG D 214 14.26 62.78 -41.33
N GLU D 215 14.29 64.11 -41.30
CA GLU D 215 13.06 64.87 -41.13
C GLU D 215 12.05 64.59 -42.23
N LEU D 216 12.50 64.10 -43.39
CA LEU D 216 11.60 63.71 -44.47
C LEU D 216 11.36 62.20 -44.52
N ASP D 217 12.34 61.39 -44.12
CA ASP D 217 12.11 59.95 -44.03
C ASP D 217 11.04 59.64 -43.00
N ARG D 218 10.95 60.46 -41.94
CA ARG D 218 9.85 60.34 -41.00
C ARG D 218 8.50 60.40 -41.72
N LEU D 219 8.30 61.45 -42.53
CA LEU D 219 7.04 61.61 -43.24
C LEU D 219 6.85 60.53 -44.29
N ASP D 220 7.94 60.07 -44.91
CA ASP D 220 7.84 59.03 -45.93
C ASP D 220 7.36 57.72 -45.33
N GLU D 221 7.99 57.29 -44.24
CA GLU D 221 7.52 56.11 -43.53
C GLU D 221 6.07 56.27 -43.10
N ILE D 222 5.71 57.46 -42.60
CA ILE D 222 4.37 57.64 -42.05
C ILE D 222 3.32 57.56 -43.17
N TRP D 223 3.61 58.11 -44.35
CA TRP D 223 2.70 57.96 -45.49
C TRP D 223 2.61 56.52 -45.98
N ASN D 224 3.76 55.86 -46.17
CA ASN D 224 3.72 54.46 -46.57
C ASN D 224 2.92 53.65 -45.56
N THR D 225 2.83 54.12 -44.32
CA THR D 225 1.94 53.48 -43.36
C THR D 225 0.48 53.89 -43.55
N PHE D 226 0.20 55.18 -43.74
CA PHE D 226 -1.20 55.58 -43.82
C PHE D 226 -1.90 54.83 -44.94
N THR D 227 -1.30 54.88 -46.14
CA THR D 227 -2.09 54.63 -47.35
C THR D 227 -2.62 53.20 -47.41
N LYS D 228 -1.94 52.25 -46.78
CA LYS D 228 -2.29 50.84 -46.87
C LYS D 228 -3.02 50.33 -45.64
N LEU D 229 -3.52 51.23 -44.79
CA LEU D 229 -4.17 50.80 -43.55
C LEU D 229 -5.34 49.87 -43.86
N ALA D 230 -5.39 48.75 -43.15
CA ALA D 230 -6.36 47.70 -43.40
C ALA D 230 -6.90 47.18 -42.08
N PRO D 231 -8.08 46.55 -42.09
CA PRO D 231 -8.65 46.05 -40.84
C PRO D 231 -7.74 45.02 -40.16
N LYS D 232 -7.85 44.95 -38.83
CA LYS D 232 -7.08 44.03 -38.01
C LYS D 232 -5.60 44.02 -38.38
N GLN D 233 -5.08 45.17 -38.82
CA GLN D 233 -3.66 45.33 -39.00
C GLN D 233 -3.00 45.65 -37.67
N LEU D 234 -1.83 45.07 -37.43
CA LEU D 234 -1.12 45.23 -36.16
C LEU D 234 -0.09 46.34 -36.30
N ILE D 235 -0.15 47.32 -35.39
CA ILE D 235 0.75 48.45 -35.37
C ILE D 235 1.54 48.40 -34.06
N VAL D 236 2.86 48.37 -34.17
CA VAL D 236 3.70 48.27 -32.98
C VAL D 236 4.12 49.65 -32.48
N ASP D 237 4.45 50.57 -33.38
CA ASP D 237 5.00 51.86 -33.00
C ASP D 237 3.87 52.75 -32.47
N GLU D 238 3.93 53.07 -31.18
CA GLU D 238 2.94 53.95 -30.58
C GLU D 238 3.19 55.42 -30.91
N VAL D 239 4.46 55.80 -31.07
CA VAL D 239 4.76 57.19 -31.46
C VAL D 239 4.20 57.47 -32.84
N LEU D 240 4.25 56.47 -33.74
CA LEU D 240 3.61 56.61 -35.04
C LEU D 240 2.09 56.70 -34.90
N TYR D 241 1.51 55.88 -34.02
CA TYR D 241 0.09 55.94 -33.76
C TYR D 241 -0.34 57.31 -33.27
N ARG D 242 0.55 58.00 -32.55
CA ARG D 242 0.24 59.37 -32.14
C ARG D 242 -0.12 60.21 -33.36
N GLU D 243 0.74 60.20 -34.37
CA GLU D 243 0.50 60.99 -35.57
C GLU D 243 -0.73 60.52 -36.33
N LEU D 244 -0.88 59.19 -36.48
CA LEU D 244 -2.07 58.70 -37.17
C LEU D 244 -3.35 59.21 -36.51
N GLN D 245 -3.47 59.01 -35.20
CA GLN D 245 -4.68 59.41 -34.49
C GLN D 245 -4.87 60.92 -34.54
N ASP D 246 -3.79 61.68 -34.35
CA ASP D 246 -3.93 63.14 -34.35
C ASP D 246 -4.38 63.65 -35.71
N ARG D 247 -3.84 63.09 -36.79
CA ARG D 247 -4.06 63.67 -38.11
C ARG D 247 -5.35 63.20 -38.76
N TYR D 248 -5.72 61.91 -38.63
CA TYR D 248 -7.08 61.57 -39.04
C TYR D 248 -7.71 60.51 -38.15
N GLY D 249 -7.46 60.53 -36.84
CA GLY D 249 -8.01 59.53 -35.96
C GLY D 249 -9.51 59.30 -36.10
N GLU D 250 -10.17 60.19 -36.84
CA GLU D 250 -11.60 60.09 -37.10
C GLU D 250 -11.95 59.09 -38.20
N TYR D 251 -10.99 58.70 -39.05
CA TYR D 251 -11.33 57.85 -40.19
C TYR D 251 -11.55 56.39 -39.83
N PHE D 252 -11.10 55.95 -38.65
CA PHE D 252 -11.04 54.53 -38.34
C PHE D 252 -11.22 54.34 -36.85
N THR D 253 -10.96 53.12 -36.39
CA THR D 253 -10.95 52.81 -34.96
C THR D 253 -9.83 51.81 -34.70
N GLY D 254 -9.01 52.11 -33.70
CA GLY D 254 -7.94 51.22 -33.30
C GLY D 254 -7.93 51.06 -31.79
N ALA D 255 -7.55 49.86 -31.35
CA ALA D 255 -7.59 49.55 -29.93
C ALA D 255 -6.58 48.44 -29.65
N MET D 256 -6.29 48.24 -28.36
CA MET D 256 -5.39 47.20 -27.91
C MET D 256 -6.01 46.50 -26.71
N GLY D 257 -5.44 45.35 -26.35
CA GLY D 257 -5.95 44.58 -25.25
C GLY D 257 -7.07 43.63 -25.66
N ALA D 258 -7.62 42.95 -24.66
CA ALA D 258 -8.71 42.00 -24.91
C ALA D 258 -9.97 42.68 -25.42
N GLU D 259 -10.15 43.98 -25.16
CA GLU D 259 -11.33 44.68 -25.67
C GLU D 259 -11.31 44.76 -27.19
N SER D 260 -10.14 45.03 -27.76
CA SER D 260 -10.04 45.11 -29.22
C SER D 260 -10.28 43.75 -29.84
N ILE D 261 -9.81 42.69 -29.19
CA ILE D 261 -10.07 41.34 -29.69
C ILE D 261 -11.54 40.99 -29.54
N LYS D 262 -12.20 41.48 -28.49
CA LYS D 262 -13.64 41.34 -28.40
C LYS D 262 -14.31 41.94 -29.62
N LYS D 263 -13.93 43.16 -29.98
CA LYS D 263 -14.50 43.78 -31.17
C LYS D 263 -14.18 42.97 -32.43
N LEU D 264 -12.95 42.48 -32.54
CA LEU D 264 -12.55 41.74 -33.72
C LEU D 264 -13.39 40.47 -33.88
N ILE D 265 -13.59 39.73 -32.79
CA ILE D 265 -14.44 38.54 -32.88
C ILE D 265 -15.89 38.94 -33.12
N GLU D 266 -16.30 40.10 -32.63
CA GLU D 266 -17.67 40.54 -32.86
C GLU D 266 -17.94 40.78 -34.34
N ASN D 267 -17.03 41.50 -35.01
CA ASN D 267 -17.23 41.78 -36.43
C ASN D 267 -16.82 40.61 -37.32
N PHE D 268 -16.09 39.64 -36.79
CA PHE D 268 -15.71 38.47 -37.58
C PHE D 268 -16.94 37.67 -37.97
N ASP D 269 -16.97 37.22 -39.23
CA ASP D 269 -18.09 36.47 -39.78
C ASP D 269 -17.66 35.03 -40.04
N ILE D 270 -18.46 34.09 -39.56
CA ILE D 270 -18.14 32.67 -39.75
C ILE D 270 -18.32 32.28 -41.21
N ASP D 271 -19.38 32.78 -41.86
CA ASP D 271 -19.68 32.40 -43.24
C ASP D 271 -18.63 32.90 -44.22
N ALA D 272 -17.76 33.83 -43.81
CA ALA D 272 -16.80 34.41 -44.74
C ALA D 272 -15.58 33.51 -44.93
N GLU D 273 -14.84 33.25 -43.85
CA GLU D 273 -13.61 32.48 -43.96
C GLU D 273 -13.86 31.03 -44.36
N ALA D 274 -15.06 30.50 -44.12
CA ALA D 274 -15.34 29.11 -44.45
C ALA D 274 -15.17 28.86 -45.95
N GLU D 275 -15.79 29.70 -46.76
CA GLU D 275 -15.68 29.53 -48.22
C GLU D 275 -14.25 29.75 -48.69
N SER D 276 -13.57 30.75 -48.13
CA SER D 276 -12.18 31.01 -48.52
C SER D 276 -11.31 29.80 -48.24
N LEU D 277 -11.46 29.19 -47.06
CA LEU D 277 -10.67 28.01 -46.73
C LEU D 277 -11.05 26.82 -47.60
N ARG D 278 -12.34 26.62 -47.84
CA ARG D 278 -12.77 25.51 -48.68
C ARG D 278 -12.19 25.63 -50.08
N GLU D 279 -12.08 26.86 -50.59
CA GLU D 279 -11.48 27.06 -51.90
C GLU D 279 -9.97 26.89 -51.86
N VAL D 280 -9.32 27.39 -50.82
CA VAL D 280 -7.86 27.35 -50.76
C VAL D 280 -7.36 25.92 -50.62
N ILE D 281 -8.08 25.09 -49.86
CA ILE D 281 -7.64 23.71 -49.67
C ILE D 281 -7.50 23.01 -51.02
N ARG D 282 -8.51 23.13 -51.86
CA ARG D 282 -8.46 22.48 -53.17
C ARG D 282 -7.67 23.31 -54.18
N SER D 283 -7.81 24.64 -54.13
CA SER D 283 -7.07 25.49 -55.05
C SER D 283 -5.56 25.37 -54.81
N GLY D 284 -5.15 25.42 -53.54
CA GLY D 284 -3.74 25.31 -53.23
C GLY D 284 -3.21 23.90 -53.32
N LYS D 285 -1.90 23.79 -53.44
CA LYS D 285 -1.22 22.51 -53.56
C LYS D 285 -0.26 22.25 -52.40
N GLY D 286 0.56 23.24 -52.05
CA GLY D 286 1.59 23.04 -51.04
C GLY D 286 1.14 23.32 -49.63
N GLN D 287 1.95 24.06 -48.88
CA GLN D 287 1.66 24.30 -47.47
C GLN D 287 0.32 25.02 -47.30
N LYS D 288 0.00 25.94 -48.20
CA LYS D 288 -1.24 26.71 -48.06
C LYS D 288 -2.44 25.79 -47.91
N LYS D 289 -2.44 24.65 -48.60
CA LYS D 289 -3.53 23.70 -48.47
C LYS D 289 -3.66 23.20 -47.03
N LEU D 290 -2.52 22.86 -46.41
CA LEU D 290 -2.55 22.38 -45.03
C LEU D 290 -3.03 23.46 -44.07
N ARG D 291 -2.54 24.69 -44.24
CA ARG D 291 -2.98 25.78 -43.38
C ARG D 291 -4.48 25.99 -43.50
N ALA D 292 -5.00 26.02 -44.73
CA ALA D 292 -6.42 26.19 -44.93
C ALA D 292 -7.20 25.04 -44.31
N LEU D 293 -6.70 23.81 -44.46
CA LEU D 293 -7.39 22.66 -43.90
C LEU D 293 -7.47 22.73 -42.38
N LYS D 294 -6.36 23.09 -41.72
CA LYS D 294 -6.36 23.17 -40.26
C LYS D 294 -7.26 24.30 -39.78
N ARG D 295 -7.17 25.46 -40.41
CA ARG D 295 -8.01 26.57 -40.01
C ARG D 295 -9.48 26.28 -40.25
N LEU D 296 -9.79 25.52 -41.31
CA LEU D 296 -11.16 25.06 -41.52
C LEU D 296 -11.59 24.11 -40.42
N LYS D 297 -10.74 23.15 -40.07
CA LYS D 297 -11.08 22.22 -39.01
C LYS D 297 -11.31 22.92 -37.69
N VAL D 298 -10.72 24.09 -37.50
CA VAL D 298 -10.96 24.85 -36.27
C VAL D 298 -12.24 25.67 -36.39
N VAL D 299 -12.38 26.44 -37.47
CA VAL D 299 -13.50 27.38 -37.59
C VAL D 299 -14.83 26.65 -37.74
N ALA D 300 -14.84 25.53 -38.48
CA ALA D 300 -16.09 24.84 -38.75
C ALA D 300 -16.81 24.40 -37.49
N ALA D 301 -16.09 24.26 -36.38
CA ALA D 301 -16.74 23.90 -35.13
C ALA D 301 -17.81 24.91 -34.75
N PHE D 302 -17.54 26.20 -34.93
CA PHE D 302 -18.53 27.22 -34.63
C PHE D 302 -19.62 27.27 -35.68
N GLN D 303 -19.31 26.87 -36.91
CA GLN D 303 -20.28 26.97 -38.01
C GLN D 303 -21.47 26.05 -37.74
N GLN D 304 -22.67 26.63 -37.66
CA GLN D 304 -23.93 25.92 -37.49
C GLN D 304 -24.00 25.13 -36.19
N SER D 305 -23.07 25.35 -35.26
CA SER D 305 -23.08 24.64 -33.99
C SER D 305 -23.86 25.37 -32.90
N GLY D 306 -24.36 26.57 -33.18
CA GLY D 306 -25.17 27.32 -32.24
C GLY D 306 -24.38 28.16 -31.26
N ASN D 307 -23.19 27.73 -30.86
CA ASN D 307 -22.39 28.45 -29.88
C ASN D 307 -21.58 29.52 -30.60
N SER D 308 -21.90 30.79 -30.33
CA SER D 308 -21.17 31.90 -30.92
C SER D 308 -19.77 32.00 -30.32
N PRO D 309 -18.82 32.59 -31.04
CA PRO D 309 -17.45 32.71 -30.52
C PRO D 309 -17.30 33.67 -29.35
N MET D 310 -18.39 34.30 -28.90
CA MET D 310 -18.30 35.22 -27.78
C MET D 310 -17.91 34.51 -26.48
N GLY D 311 -18.01 33.19 -26.44
CA GLY D 311 -17.74 32.47 -25.19
C GLY D 311 -16.32 32.63 -24.70
N MET D 312 -15.36 32.81 -25.60
CA MET D 312 -13.95 32.85 -25.25
C MET D 312 -13.46 34.25 -24.87
N VAL D 313 -14.36 35.23 -24.82
CA VAL D 313 -14.08 36.53 -24.22
C VAL D 313 -15.02 36.68 -23.03
N LEU D 314 -14.45 36.95 -21.86
CA LEU D 314 -15.18 36.89 -20.60
C LEU D 314 -15.55 38.28 -20.12
N ASP D 315 -16.82 38.46 -19.76
CA ASP D 315 -17.30 39.66 -19.09
C ASP D 315 -17.56 39.44 -17.61
N ALA D 316 -17.54 38.19 -17.15
CA ALA D 316 -17.72 37.87 -15.74
C ALA D 316 -17.11 36.51 -15.47
N VAL D 317 -16.40 36.40 -14.35
CA VAL D 317 -15.67 35.20 -13.97
C VAL D 317 -16.42 34.54 -12.82
N PRO D 318 -16.84 33.28 -12.95
CA PRO D 318 -17.62 32.65 -11.87
C PRO D 318 -16.77 32.33 -10.65
N VAL D 319 -17.46 32.13 -9.54
CA VAL D 319 -16.84 31.79 -8.26
C VAL D 319 -17.34 30.41 -7.85
N ILE D 320 -16.41 29.48 -7.62
CA ILE D 320 -16.74 28.13 -7.21
C ILE D 320 -17.37 28.20 -5.82
N PRO D 321 -18.33 27.34 -5.47
CA PRO D 321 -19.00 27.49 -4.19
C PRO D 321 -18.02 27.40 -3.05
N PRO D 322 -18.29 28.11 -1.94
CA PRO D 322 -17.28 28.18 -0.87
C PRO D 322 -16.90 26.84 -0.27
N GLU D 323 -17.85 25.91 -0.16
CA GLU D 323 -17.57 24.64 0.51
C GLU D 323 -16.45 23.87 -0.18
N LEU D 324 -16.23 24.09 -1.47
CA LEU D 324 -15.11 23.49 -2.16
C LEU D 324 -13.80 24.23 -1.92
N ARG D 325 -13.86 25.36 -1.22
CA ARG D 325 -12.69 26.13 -0.81
C ARG D 325 -12.89 26.59 0.64
N PRO D 326 -13.20 25.67 1.55
CA PRO D 326 -13.73 26.07 2.85
C PRO D 326 -12.71 26.76 3.73
N MET D 327 -13.22 27.45 4.74
CA MET D 327 -12.43 28.10 5.79
C MET D 327 -12.66 27.31 7.07
N VAL D 328 -11.73 26.41 7.38
CA VAL D 328 -11.91 25.43 8.44
C VAL D 328 -11.13 25.88 9.67
N GLN D 329 -11.79 25.83 10.83
CA GLN D 329 -11.14 26.08 12.11
C GLN D 329 -10.65 24.75 12.68
N LEU D 330 -9.34 24.60 12.81
CA LEU D 330 -8.75 23.39 13.35
C LEU D 330 -8.59 23.52 14.86
N ASP D 331 -8.07 22.46 15.49
CA ASP D 331 -7.83 22.50 16.92
C ASP D 331 -6.78 23.56 17.24
N GLY D 332 -7.04 24.33 18.29
CA GLY D 332 -6.12 25.37 18.72
C GLY D 332 -6.25 26.68 17.97
N GLY D 333 -7.33 26.88 17.21
CA GLY D 333 -7.56 28.14 16.54
C GLY D 333 -6.93 28.28 15.17
N ARG D 334 -6.16 27.29 14.72
CA ARG D 334 -5.64 27.31 13.36
C ARG D 334 -6.79 27.38 12.36
N PHE D 335 -6.62 28.20 11.33
CA PHE D 335 -7.51 28.23 10.19
C PHE D 335 -6.78 27.70 8.97
N ALA D 336 -7.49 26.97 8.11
CA ALA D 336 -6.94 26.47 6.86
C ALA D 336 -7.93 26.74 5.75
N THR D 337 -7.40 27.16 4.59
CA THR D 337 -8.22 27.49 3.45
C THR D 337 -7.46 27.20 2.17
N SER D 338 -8.20 26.81 1.14
CA SER D 338 -7.59 26.41 -0.12
C SER D 338 -6.98 27.62 -0.82
N ASP D 339 -5.99 27.34 -1.68
CA ASP D 339 -5.28 28.41 -2.38
C ASP D 339 -6.22 29.22 -3.27
N LEU D 340 -7.33 28.62 -3.71
CA LEU D 340 -8.26 29.34 -4.57
C LEU D 340 -8.69 30.66 -3.93
N ASN D 341 -9.00 30.64 -2.64
CA ASN D 341 -9.42 31.86 -1.95
C ASN D 341 -8.40 32.97 -2.17
N ASP D 342 -7.11 32.65 -2.14
CA ASP D 342 -6.09 33.66 -2.41
C ASP D 342 -6.23 34.17 -3.84
N LEU D 343 -6.25 33.26 -4.82
CA LEU D 343 -6.24 33.68 -6.22
C LEU D 343 -7.45 34.56 -6.52
N TYR D 344 -8.63 34.14 -6.07
CA TYR D 344 -9.83 34.95 -6.28
C TYR D 344 -9.61 36.37 -5.77
N ARG D 345 -9.01 36.51 -4.58
CA ARG D 345 -8.76 37.84 -4.05
C ARG D 345 -7.89 38.65 -5.01
N ARG D 346 -6.85 38.03 -5.55
CA ARG D 346 -5.97 38.75 -6.47
C ARG D 346 -6.75 39.31 -7.65
N VAL D 347 -7.89 38.69 -7.99
CA VAL D 347 -8.78 39.27 -9.00
C VAL D 347 -9.57 40.43 -8.39
N ILE D 348 -10.31 40.14 -7.31
CA ILE D 348 -11.24 41.12 -6.77
C ILE D 348 -10.51 42.40 -6.37
N ASN D 349 -9.26 42.28 -5.95
CA ASN D 349 -8.46 43.47 -5.70
C ASN D 349 -8.17 44.21 -7.00
N ARG D 350 -7.51 43.54 -7.94
CA ARG D 350 -7.07 44.23 -9.15
C ARG D 350 -8.24 44.78 -9.95
N ASN D 351 -9.36 44.08 -9.95
CA ASN D 351 -10.57 44.63 -10.56
C ASN D 351 -11.02 45.88 -9.82
N ASN D 352 -11.15 45.80 -8.49
CA ASN D 352 -11.68 46.92 -7.73
C ASN D 352 -10.85 48.17 -7.97
N ARG D 353 -9.53 48.07 -7.83
CA ARG D 353 -8.67 49.22 -8.06
C ARG D 353 -8.87 49.77 -9.47
N LEU D 354 -9.02 48.88 -10.46
CA LEU D 354 -9.30 49.35 -11.81
C LEU D 354 -10.59 50.14 -11.85
N LYS D 355 -11.63 49.65 -11.18
CA LYS D 355 -12.88 50.40 -11.09
C LYS D 355 -12.64 51.78 -10.52
N ARG D 356 -11.66 51.93 -9.63
CA ARG D 356 -11.30 53.24 -9.12
C ARG D 356 -10.53 54.05 -10.16
N LEU D 357 -9.58 53.42 -10.84
CA LEU D 357 -8.72 54.16 -11.75
C LEU D 357 -9.51 54.74 -12.92
N ILE D 358 -10.54 54.04 -13.39
CA ILE D 358 -11.39 54.61 -14.43
C ILE D 358 -12.11 55.84 -13.90
N ASP D 359 -12.52 55.81 -12.63
CA ASP D 359 -13.23 56.95 -12.05
C ASP D 359 -12.33 58.18 -12.02
N LEU D 360 -11.06 58.02 -11.65
CA LEU D 360 -10.14 59.14 -11.55
C LEU D 360 -9.68 59.66 -12.91
N GLY D 361 -9.95 58.93 -13.98
CA GLY D 361 -9.47 59.36 -15.29
C GLY D 361 -7.96 59.39 -15.40
N ALA D 362 -7.29 58.35 -14.91
CA ALA D 362 -5.84 58.32 -14.90
C ALA D 362 -5.28 58.22 -16.31
N PRO D 363 -4.00 58.56 -16.49
CA PRO D 363 -3.41 58.50 -17.84
C PRO D 363 -3.55 57.14 -18.49
N GLU D 364 -3.22 57.06 -19.79
CA GLU D 364 -3.37 55.81 -20.52
C GLU D 364 -2.45 54.73 -19.95
N ILE D 365 -1.24 55.11 -19.53
CA ILE D 365 -0.27 54.12 -19.05
C ILE D 365 -0.82 53.41 -17.82
N ILE D 366 -1.39 54.17 -16.88
CA ILE D 366 -1.86 53.57 -15.63
C ILE D 366 -2.96 52.56 -15.91
N VAL D 367 -3.96 52.96 -16.72
CA VAL D 367 -5.09 52.08 -16.97
C VAL D 367 -4.67 50.87 -17.79
N ASN D 368 -3.75 51.08 -18.75
CA ASN D 368 -3.26 49.95 -19.54
C ASN D 368 -2.53 48.94 -18.65
N ASN D 369 -1.68 49.42 -17.75
CA ASN D 369 -1.00 48.52 -16.82
C ASN D 369 -2.01 47.80 -15.95
N GLU D 370 -3.02 48.51 -15.44
CA GLU D 370 -4.01 47.87 -14.58
C GLU D 370 -4.76 46.78 -15.33
N LYS D 371 -5.14 47.04 -16.58
CA LYS D 371 -5.87 46.02 -17.34
C LYS D 371 -4.97 44.83 -17.67
N ARG D 372 -3.68 45.09 -17.92
CA ARG D 372 -2.75 43.98 -18.12
C ARG D 372 -2.65 43.11 -16.88
N MET D 373 -2.55 43.74 -15.70
CA MET D 373 -2.50 42.97 -14.46
C MET D 373 -3.80 42.20 -14.24
N LEU D 374 -4.93 42.81 -14.58
CA LEU D 374 -6.21 42.11 -14.45
C LEU D 374 -6.26 40.87 -15.33
N GLN D 375 -5.83 41.01 -16.59
CA GLN D 375 -5.79 39.86 -17.49
C GLN D 375 -4.85 38.78 -16.95
N GLU D 376 -3.67 39.17 -16.47
CA GLU D 376 -2.73 38.19 -15.93
C GLU D 376 -3.30 37.49 -14.71
N SER D 377 -4.01 38.23 -13.85
CA SER D 377 -4.57 37.61 -12.65
C SER D 377 -5.68 36.63 -13.00
N VAL D 378 -6.53 36.98 -13.97
CA VAL D 378 -7.57 36.05 -14.39
C VAL D 378 -6.95 34.81 -15.03
N ASP D 379 -5.89 35.01 -15.82
CA ASP D 379 -5.21 33.87 -16.42
C ASP D 379 -4.63 32.95 -15.34
N ALA D 380 -4.03 33.54 -14.31
CA ALA D 380 -3.53 32.73 -13.20
C ALA D 380 -4.67 32.00 -12.50
N LEU D 381 -5.80 32.68 -12.32
CA LEU D 381 -6.95 32.06 -11.66
C LEU D 381 -7.44 30.85 -12.42
N PHE D 382 -7.55 30.94 -13.75
CA PHE D 382 -8.11 29.84 -14.52
C PHE D 382 -7.13 28.69 -14.67
N ASP D 383 -5.90 28.97 -15.12
CA ASP D 383 -4.92 27.91 -15.32
C ASP D 383 -3.53 28.53 -15.12
N ASN D 384 -2.96 28.30 -13.95
CA ASN D 384 -1.67 28.89 -13.60
C ASN D 384 -0.52 28.13 -14.26
N GLY D 385 0.47 28.89 -14.74
CA GLY D 385 1.73 28.34 -15.19
C GLY D 385 1.87 28.22 -16.70
N ARG D 386 0.77 28.30 -17.46
CA ARG D 386 0.89 28.24 -18.91
C ARG D 386 1.50 29.50 -19.51
N ARG D 387 1.47 30.61 -18.80
CA ARG D 387 2.18 31.83 -19.20
C ARG D 387 3.15 32.25 -18.09
N GLY D 388 4.33 32.71 -18.50
CA GLY D 388 5.25 33.30 -17.55
C GLY D 388 5.53 32.36 -16.37
N ARG D 389 6.01 32.98 -15.29
CA ARG D 389 6.28 32.24 -14.06
C ARG D 389 5.00 32.12 -13.22
N PRO D 390 4.77 30.98 -12.58
CA PRO D 390 3.55 30.82 -11.79
C PRO D 390 3.55 31.67 -10.53
N VAL D 391 2.35 32.08 -10.12
CA VAL D 391 2.22 32.82 -8.86
C VAL D 391 2.42 31.86 -7.69
N THR D 392 3.28 32.24 -6.75
CA THR D 392 3.66 31.39 -5.65
C THR D 392 3.23 31.99 -4.32
N GLY D 393 2.96 31.13 -3.35
CA GLY D 393 2.59 31.55 -2.03
C GLY D 393 3.79 31.66 -1.11
N PRO D 394 3.56 31.61 0.20
CA PRO D 394 4.68 31.68 1.14
C PRO D 394 5.66 30.53 0.94
N GLY D 395 6.94 30.82 1.12
CA GLY D 395 7.96 29.81 0.85
C GLY D 395 8.30 29.78 -0.62
N ASN D 396 8.34 28.58 -1.19
CA ASN D 396 8.57 28.40 -2.62
C ASN D 396 7.64 27.27 -3.09
N ARG D 397 6.44 27.63 -3.53
CA ARG D 397 5.48 26.66 -4.03
C ARG D 397 4.44 27.37 -4.89
N PRO D 398 4.14 26.89 -6.09
CA PRO D 398 3.11 27.53 -6.90
C PRO D 398 1.71 27.16 -6.44
N LEU D 399 0.82 28.14 -6.48
CA LEU D 399 -0.56 27.91 -6.08
C LEU D 399 -1.28 27.03 -7.08
N LYS D 400 -2.23 26.25 -6.59
CA LYS D 400 -3.03 25.38 -7.44
C LYS D 400 -4.23 26.16 -7.96
N SER D 401 -4.39 26.20 -9.29
CA SER D 401 -5.47 26.92 -9.93
C SER D 401 -6.64 25.98 -10.20
N LEU D 402 -7.69 26.53 -10.82
CA LEU D 402 -8.86 25.73 -11.14
C LEU D 402 -8.50 24.58 -12.07
N SER D 403 -7.72 24.87 -13.11
CA SER D 403 -7.33 23.82 -14.06
C SER D 403 -6.51 22.74 -13.38
N ASP D 404 -5.73 23.09 -12.37
CA ASP D 404 -4.96 22.10 -11.63
C ASP D 404 -5.84 21.19 -10.78
N LEU D 405 -7.11 21.53 -10.60
CA LEU D 405 -8.01 20.68 -9.81
C LEU D 405 -8.33 19.38 -10.54
N LEU D 406 -8.18 19.33 -11.86
CA LEU D 406 -8.59 18.16 -12.62
C LEU D 406 -7.61 17.73 -13.70
N LYS D 407 -6.56 18.49 -14.01
CA LYS D 407 -5.68 18.16 -15.12
C LYS D 407 -4.51 17.28 -14.70
N GLY D 408 -3.97 17.50 -13.51
CA GLY D 408 -2.74 16.85 -13.09
C GLY D 408 -2.94 15.42 -12.65
N LYS D 409 -1.91 14.88 -12.01
CA LYS D 409 -1.98 13.52 -11.47
C LYS D 409 -3.14 13.41 -10.50
N GLN D 410 -3.28 14.37 -9.60
CA GLN D 410 -4.42 14.43 -8.70
C GLN D 410 -5.63 15.02 -9.44
N GLY D 411 -6.74 15.15 -8.73
CA GLY D 411 -7.95 15.70 -9.30
C GLY D 411 -8.99 14.62 -9.56
N ARG D 412 -10.12 15.07 -10.10
CA ARG D 412 -11.25 14.17 -10.32
C ARG D 412 -10.88 13.07 -11.30
N PHE D 413 -10.58 13.44 -12.54
CA PHE D 413 -10.55 12.46 -13.64
C PHE D 413 -9.55 11.35 -13.36
N ARG D 414 -8.37 11.69 -12.85
CA ARG D 414 -7.31 10.70 -12.71
C ARG D 414 -7.20 10.09 -11.31
N GLN D 415 -7.57 10.82 -10.27
CA GLN D 415 -7.33 10.38 -8.90
C GLN D 415 -8.61 10.08 -8.13
N ASN D 416 -9.53 11.04 -8.03
CA ASN D 416 -10.67 10.89 -7.14
C ASN D 416 -11.76 9.98 -7.71
N LEU D 417 -11.79 9.77 -9.02
CA LEU D 417 -12.80 8.93 -9.63
C LEU D 417 -12.38 7.48 -9.80
N LEU D 418 -11.12 7.15 -9.50
CA LEU D 418 -10.63 5.77 -9.57
C LEU D 418 -10.59 5.21 -8.14
N GLY D 419 -11.76 4.83 -7.65
CA GLY D 419 -11.86 4.21 -6.34
C GLY D 419 -12.17 5.21 -5.24
N LYS D 420 -12.82 4.71 -4.20
CA LYS D 420 -13.15 5.52 -3.04
C LYS D 420 -13.41 4.60 -1.86
N ARG D 421 -13.27 5.15 -0.65
CA ARG D 421 -13.46 4.36 0.55
C ARG D 421 -14.94 4.06 0.76
N VAL D 422 -15.20 2.94 1.44
CA VAL D 422 -16.55 2.39 1.56
C VAL D 422 -16.83 2.04 3.01
N ASP D 423 -18.11 2.04 3.36
CA ASP D 423 -18.57 1.62 4.68
C ASP D 423 -18.88 0.13 4.69
N TYR D 424 -19.32 -0.37 5.84
CA TYR D 424 -19.69 -1.77 5.99
C TYR D 424 -18.61 -2.69 5.46
N SER D 425 -17.38 -2.48 5.94
CA SER D 425 -16.24 -3.25 5.46
C SER D 425 -15.26 -3.46 6.60
N GLY D 426 -14.43 -4.48 6.45
CA GLY D 426 -13.43 -4.80 7.46
C GLY D 426 -12.22 -5.44 6.83
N ARG D 427 -11.18 -5.62 7.65
CA ARG D 427 -9.93 -6.22 7.20
C ARG D 427 -9.33 -7.00 8.35
N SER D 428 -8.62 -8.08 8.01
CA SER D 428 -7.93 -8.85 9.05
C SER D 428 -7.07 -9.91 8.39
N VAL D 429 -6.16 -10.48 9.19
CA VAL D 429 -5.31 -11.57 8.71
C VAL D 429 -6.17 -12.80 8.44
N ILE D 430 -5.66 -13.66 7.56
CA ILE D 430 -6.37 -14.87 7.14
C ILE D 430 -5.59 -16.09 7.60
N VAL D 431 -6.33 -17.14 7.96
CA VAL D 431 -5.76 -18.40 8.40
C VAL D 431 -6.49 -19.54 7.68
N VAL D 432 -5.86 -20.70 7.67
CA VAL D 432 -6.36 -21.84 6.91
C VAL D 432 -7.42 -22.56 7.74
N GLY D 433 -8.62 -22.70 7.17
CA GLY D 433 -9.65 -23.51 7.78
C GLY D 433 -9.89 -24.78 7.00
N PRO D 434 -9.37 -25.92 7.49
CA PRO D 434 -9.59 -27.19 6.79
C PRO D 434 -10.96 -27.80 7.00
N GLN D 435 -11.76 -27.24 7.92
CA GLN D 435 -13.09 -27.76 8.22
C GLN D 435 -14.19 -27.06 7.44
N LEU D 436 -13.84 -26.19 6.51
CA LEU D 436 -14.81 -25.35 5.82
C LEU D 436 -15.30 -26.03 4.54
N LYS D 437 -16.57 -25.80 4.22
CA LYS D 437 -17.09 -26.16 2.90
C LYS D 437 -16.66 -25.10 1.89
N LEU D 438 -16.72 -25.48 0.61
CA LEU D 438 -16.18 -24.60 -0.43
C LEU D 438 -16.85 -23.24 -0.42
N HIS D 439 -18.08 -23.15 0.08
CA HIS D 439 -18.83 -21.89 0.11
C HIS D 439 -18.95 -21.32 1.51
N GLN D 440 -17.94 -21.57 2.36
CA GLN D 440 -17.97 -21.13 3.74
C GLN D 440 -16.69 -20.37 4.07
N CYS D 441 -16.80 -19.44 5.02
CA CYS D 441 -15.66 -18.69 5.50
C CYS D 441 -15.92 -18.29 6.96
N GLY D 442 -14.85 -18.29 7.76
CA GLY D 442 -14.97 -17.99 9.18
C GLY D 442 -14.69 -16.53 9.46
N LEU D 443 -15.56 -15.91 10.26
CA LEU D 443 -15.42 -14.51 10.63
C LEU D 443 -15.29 -14.37 12.14
N PRO D 444 -14.44 -13.46 12.62
CA PRO D 444 -14.36 -13.24 14.07
C PRO D 444 -15.70 -12.78 14.64
N LYS D 445 -15.93 -13.14 15.91
CA LYS D 445 -17.18 -12.76 16.57
C LYS D 445 -17.31 -11.24 16.65
N LEU D 446 -16.26 -10.56 17.11
CA LEU D 446 -16.34 -9.11 17.30
C LEU D 446 -16.55 -8.41 15.97
N MET D 447 -15.78 -8.78 14.94
CA MET D 447 -15.91 -8.14 13.64
C MET D 447 -17.31 -8.35 13.07
N ALA D 448 -17.79 -9.59 13.10
CA ALA D 448 -19.12 -9.87 12.56
C ALA D 448 -20.19 -9.10 13.32
N LEU D 449 -20.10 -9.06 14.65
CA LEU D 449 -21.11 -8.36 15.44
C LEU D 449 -21.11 -6.88 15.13
N GLU D 450 -19.95 -6.23 15.19
CA GLU D 450 -19.91 -4.79 14.95
C GLU D 450 -20.31 -4.46 13.52
N LEU D 451 -20.00 -5.34 12.56
CA LEU D 451 -20.30 -5.07 11.16
C LEU D 451 -21.77 -5.29 10.84
N PHE D 452 -22.44 -6.23 11.53
CA PHE D 452 -23.86 -6.47 11.37
C PHE D 452 -24.71 -5.69 12.38
N LYS D 453 -24.07 -4.84 13.19
CA LYS D 453 -24.73 -4.04 14.21
C LYS D 453 -26.14 -3.57 13.85
N PRO D 454 -26.37 -2.98 12.67
CA PRO D 454 -27.75 -2.52 12.37
C PRO D 454 -28.76 -3.65 12.32
N PHE D 455 -28.45 -4.74 11.60
CA PHE D 455 -29.36 -5.88 11.59
C PHE D 455 -29.53 -6.45 12.99
N VAL D 456 -28.46 -6.49 13.76
CA VAL D 456 -28.52 -7.02 15.12
C VAL D 456 -29.51 -6.19 15.95
N MET D 457 -29.41 -4.87 15.86
CA MET D 457 -30.33 -4.02 16.62
C MET D 457 -31.76 -4.20 16.14
N LYS D 458 -31.97 -4.28 14.82
CA LYS D 458 -33.31 -4.49 14.30
C LYS D 458 -33.92 -5.76 14.88
N ARG D 459 -33.18 -6.86 14.83
CA ARG D 459 -33.73 -8.12 15.33
C ARG D 459 -33.91 -8.09 16.85
N LEU D 460 -32.97 -7.49 17.57
CA LEU D 460 -33.08 -7.42 19.03
C LEU D 460 -34.33 -6.66 19.44
N VAL D 461 -34.57 -5.52 18.81
CA VAL D 461 -35.79 -4.76 19.11
C VAL D 461 -37.02 -5.52 18.65
N ASP D 462 -36.90 -6.30 17.57
CA ASP D 462 -38.03 -7.09 17.10
C ASP D 462 -38.46 -8.12 18.14
N LEU D 463 -37.50 -8.78 18.78
CA LEU D 463 -37.77 -9.86 19.72
C LEU D 463 -37.91 -9.36 21.16
N ASN D 464 -38.25 -8.09 21.35
CA ASN D 464 -38.55 -7.51 22.66
C ASN D 464 -37.36 -7.53 23.61
N HIS D 465 -36.15 -7.78 23.11
CA HIS D 465 -34.98 -7.73 23.99
C HIS D 465 -34.63 -6.29 24.36
N ALA D 466 -35.01 -5.33 23.53
CA ALA D 466 -34.78 -3.92 23.79
C ALA D 466 -36.05 -3.14 23.48
N GLN D 467 -36.33 -2.12 24.30
CA GLN D 467 -37.54 -1.34 24.13
C GLN D 467 -37.46 -0.35 22.98
N ASN D 468 -36.25 0.03 22.57
CA ASN D 468 -36.09 0.96 21.46
C ASN D 468 -34.72 0.76 20.85
N ILE D 469 -34.49 1.44 19.71
CA ILE D 469 -33.26 1.24 18.95
C ILE D 469 -32.04 1.63 19.78
N LYS D 470 -32.13 2.74 20.51
CA LYS D 470 -30.97 3.20 21.27
C LYS D 470 -30.60 2.21 22.37
N SER D 471 -31.60 1.61 23.02
CA SER D 471 -31.32 0.62 24.05
C SER D 471 -30.59 -0.58 23.47
N ALA D 472 -31.05 -1.07 22.31
CA ALA D 472 -30.36 -2.17 21.65
C ALA D 472 -28.94 -1.78 21.25
N LYS D 473 -28.77 -0.56 20.76
CA LYS D 473 -27.44 -0.07 20.41
C LYS D 473 -26.52 -0.12 21.62
N ARG D 474 -26.96 0.43 22.75
CA ARG D 474 -26.14 0.44 23.95
C ARG D 474 -25.85 -0.97 24.43
N MET D 475 -26.84 -1.86 24.32
CA MET D 475 -26.62 -3.25 24.70
C MET D 475 -25.54 -3.89 23.85
N VAL D 476 -25.57 -3.64 22.54
CA VAL D 476 -24.57 -4.21 21.65
C VAL D 476 -23.21 -3.59 21.88
N GLU D 477 -23.16 -2.33 22.33
CA GLU D 477 -21.87 -1.67 22.52
C GLU D 477 -20.96 -2.46 23.44
N ARG D 478 -21.53 -3.06 24.49
CA ARG D 478 -20.76 -3.85 25.45
C ARG D 478 -20.89 -5.34 25.20
N GLN D 479 -21.47 -5.75 24.08
CA GLN D 479 -21.58 -7.15 23.71
C GLN D 479 -22.23 -7.97 24.82
N ARG D 480 -23.49 -7.66 25.09
CA ARG D 480 -24.23 -8.40 26.11
C ARG D 480 -24.41 -9.86 25.65
N PRO D 481 -24.36 -10.81 26.57
CA PRO D 481 -24.38 -12.23 26.15
C PRO D 481 -25.59 -12.63 25.33
N GLN D 482 -26.76 -12.02 25.57
CA GLN D 482 -28.01 -12.49 24.97
C GLN D 482 -28.23 -11.96 23.55
N VAL D 483 -27.18 -11.53 22.86
CA VAL D 483 -27.32 -11.07 21.48
C VAL D 483 -26.78 -12.08 20.47
N TRP D 484 -25.95 -13.03 20.90
CA TRP D 484 -25.36 -13.99 19.96
C TRP D 484 -26.43 -14.88 19.34
N ASP D 485 -27.46 -15.23 20.10
CA ASP D 485 -28.54 -16.05 19.55
C ASP D 485 -29.28 -15.33 18.43
N VAL D 486 -29.25 -14.00 18.41
CA VAL D 486 -29.83 -13.22 17.32
C VAL D 486 -28.82 -13.03 16.20
N LEU D 487 -27.56 -12.81 16.53
CA LEU D 487 -26.54 -12.63 15.52
C LEU D 487 -26.41 -13.88 14.65
N GLU D 488 -26.49 -15.06 15.26
CA GLU D 488 -26.35 -16.30 14.50
C GLU D 488 -27.43 -16.41 13.43
N GLU D 489 -28.68 -16.12 13.78
CA GLU D 489 -29.75 -16.14 12.78
C GLU D 489 -29.69 -14.93 11.86
N VAL D 490 -28.93 -13.89 12.22
CA VAL D 490 -28.75 -12.77 11.30
C VAL D 490 -27.62 -13.06 10.31
N ILE D 491 -26.50 -13.60 10.80
CA ILE D 491 -25.35 -13.84 9.93
C ILE D 491 -25.69 -14.89 8.87
N ALA D 492 -26.40 -15.94 9.26
CA ALA D 492 -26.62 -17.06 8.35
C ALA D 492 -27.41 -16.61 7.13
N GLU D 493 -27.07 -17.22 5.98
CA GLU D 493 -27.69 -16.97 4.69
C GLU D 493 -27.41 -15.58 4.14
N HIS D 494 -26.44 -14.86 4.71
CA HIS D 494 -26.08 -13.53 4.24
C HIS D 494 -24.67 -13.56 3.65
N PRO D 495 -24.52 -13.55 2.33
CA PRO D 495 -23.17 -13.65 1.75
C PRO D 495 -22.33 -12.42 2.04
N VAL D 496 -21.02 -12.63 2.05
CA VAL D 496 -20.05 -11.55 2.23
C VAL D 496 -18.95 -11.72 1.20
N LEU D 497 -18.51 -10.61 0.61
CA LEU D 497 -17.46 -10.63 -0.39
C LEU D 497 -16.10 -10.56 0.30
N LEU D 498 -15.20 -11.44 -0.08
CA LEU D 498 -13.83 -11.46 0.41
C LEU D 498 -12.89 -11.10 -0.73
N ASN D 499 -11.85 -10.33 -0.42
CA ASN D 499 -10.93 -9.82 -1.43
C ASN D 499 -9.53 -9.68 -0.85
N ARG D 500 -8.54 -10.04 -1.65
CA ARG D 500 -7.14 -9.81 -1.32
C ARG D 500 -6.60 -8.67 -2.19
N ALA D 501 -5.50 -8.08 -1.73
CA ALA D 501 -4.80 -7.08 -2.52
C ALA D 501 -3.36 -7.53 -2.76
N PRO D 502 -2.80 -7.30 -3.97
CA PRO D 502 -3.44 -6.68 -5.13
C PRO D 502 -4.38 -7.61 -5.88
N THR D 503 -5.42 -7.05 -6.49
CA THR D 503 -6.37 -7.82 -7.29
C THR D 503 -5.90 -7.84 -8.74
N LEU D 504 -5.84 -9.05 -9.32
CA LEU D 504 -5.38 -9.23 -10.69
C LEU D 504 -6.47 -9.72 -11.61
N HIS D 505 -7.16 -10.80 -11.26
CA HIS D 505 -8.24 -11.34 -12.05
C HIS D 505 -9.52 -11.38 -11.21
N ARG D 506 -10.66 -11.53 -11.90
CA ARG D 506 -11.94 -11.37 -11.23
C ARG D 506 -12.14 -12.36 -10.09
N LEU D 507 -11.42 -13.49 -10.10
CA LEU D 507 -11.53 -14.44 -8.99
C LEU D 507 -10.92 -13.91 -7.70
N GLY D 508 -10.28 -12.74 -7.74
CA GLY D 508 -9.75 -12.14 -6.53
C GLY D 508 -10.81 -11.58 -5.59
N ILE D 509 -12.06 -11.50 -6.05
CA ILE D 509 -13.20 -11.13 -5.22
C ILE D 509 -14.21 -12.24 -5.30
N GLN D 510 -14.60 -12.80 -4.15
CA GLN D 510 -15.52 -13.92 -4.17
C GLN D 510 -16.47 -13.86 -2.98
N ALA D 511 -17.71 -14.28 -3.20
CA ALA D 511 -18.72 -14.28 -2.16
C ALA D 511 -18.70 -15.60 -1.40
N PHE D 512 -18.81 -15.52 -0.08
CA PHE D 512 -18.81 -16.68 0.79
C PHE D 512 -19.95 -16.58 1.79
N GLU D 513 -20.34 -17.72 2.34
CA GLU D 513 -21.36 -17.77 3.38
C GLU D 513 -20.66 -17.71 4.74
N PRO D 514 -20.82 -16.64 5.52
CA PRO D 514 -20.06 -16.54 6.76
C PRO D 514 -20.59 -17.46 7.85
N GLN D 515 -19.69 -17.84 8.75
CA GLN D 515 -20.06 -18.57 9.96
C GLN D 515 -19.11 -18.16 11.07
N LEU D 516 -19.66 -17.94 12.25
CA LEU D 516 -18.86 -17.40 13.36
C LEU D 516 -17.77 -18.39 13.76
N VAL D 517 -16.62 -17.83 14.17
CA VAL D 517 -15.50 -18.60 14.66
C VAL D 517 -14.82 -17.82 15.76
N GLU D 518 -14.38 -18.52 16.82
CA GLU D 518 -13.66 -17.86 17.89
C GLU D 518 -12.31 -17.39 17.40
N GLY D 519 -11.91 -16.21 17.86
CA GLY D 519 -10.65 -15.60 17.49
C GLY D 519 -10.86 -14.25 16.81
N LYS D 520 -9.78 -13.74 16.24
CA LYS D 520 -9.79 -12.45 15.55
C LYS D 520 -9.12 -12.55 14.18
N ALA D 521 -9.23 -13.71 13.54
CA ALA D 521 -8.67 -13.93 12.21
C ALA D 521 -9.71 -14.62 11.34
N ILE D 522 -9.64 -14.35 10.03
CA ILE D 522 -10.60 -14.91 9.07
C ILE D 522 -10.09 -16.26 8.60
N GLN D 523 -10.94 -17.27 8.67
CA GLN D 523 -10.61 -18.61 8.21
C GLN D 523 -11.02 -18.75 6.75
N LEU D 524 -10.06 -19.08 5.88
CA LEU D 524 -10.28 -19.18 4.45
C LEU D 524 -10.18 -20.63 4.00
N HIS D 525 -11.04 -20.99 3.06
CA HIS D 525 -11.04 -22.36 2.55
C HIS D 525 -9.73 -22.64 1.83
N PRO D 526 -9.10 -23.79 2.07
CA PRO D 526 -7.79 -24.05 1.44
C PRO D 526 -7.83 -24.12 -0.07
N LEU D 527 -8.99 -24.43 -0.67
CA LEU D 527 -9.05 -24.59 -2.12
C LEU D 527 -8.99 -23.26 -2.84
N VAL D 528 -9.66 -22.23 -2.32
CA VAL D 528 -9.72 -20.94 -3.02
C VAL D 528 -8.44 -20.14 -2.92
N CYS D 529 -7.48 -20.57 -2.09
CA CYS D 529 -6.24 -19.83 -1.94
C CYS D 529 -5.57 -19.60 -3.30
N GLU D 530 -5.44 -20.67 -4.09
CA GLU D 530 -4.83 -20.54 -5.41
C GLU D 530 -5.58 -19.51 -6.25
N ALA D 531 -6.92 -19.48 -6.13
CA ALA D 531 -7.69 -18.47 -6.86
C ALA D 531 -7.32 -17.07 -6.38
N PHE D 532 -7.18 -16.89 -5.07
CA PHE D 532 -6.77 -15.60 -4.52
C PHE D 532 -5.27 -15.39 -4.58
N ASN D 533 -4.49 -16.43 -4.90
CA ASN D 533 -3.03 -16.36 -4.83
C ASN D 533 -2.58 -16.02 -3.42
N ALA D 534 -3.37 -16.42 -2.43
CA ALA D 534 -3.08 -16.10 -1.04
C ALA D 534 -2.31 -17.23 -0.38
N ASP D 535 -1.42 -16.86 0.52
CA ASP D 535 -0.66 -17.80 1.32
C ASP D 535 -0.71 -17.33 2.78
N PHE D 536 -0.64 -18.30 3.69
CA PHE D 536 -0.82 -18.02 5.11
C PHE D 536 0.48 -17.73 5.84
N ASP D 537 1.43 -17.05 5.18
CA ASP D 537 2.58 -16.48 5.85
C ASP D 537 2.34 -15.04 6.28
N GLY D 538 1.08 -14.60 6.35
CA GLY D 538 0.75 -13.30 6.88
C GLY D 538 -0.02 -12.39 5.95
N ASP D 539 -0.68 -12.94 4.94
CA ASP D 539 -1.51 -12.11 4.08
C ASP D 539 -2.72 -11.59 4.87
N GLN D 540 -3.29 -10.48 4.39
CA GLN D 540 -4.46 -9.87 4.97
C GLN D 540 -5.56 -9.79 3.91
N MET D 541 -6.81 -9.85 4.36
CA MET D 541 -7.96 -9.91 3.47
C MET D 541 -9.03 -8.97 3.97
N ALA D 542 -9.74 -8.35 3.02
CA ALA D 542 -10.83 -7.43 3.30
C ALA D 542 -12.17 -8.10 3.02
N VAL D 543 -13.18 -7.70 3.77
CA VAL D 543 -14.53 -8.25 3.72
C VAL D 543 -15.52 -7.11 3.54
N HIS D 544 -16.47 -7.29 2.64
CA HIS D 544 -17.53 -6.32 2.36
C HIS D 544 -18.88 -7.01 2.44
N LEU D 545 -19.90 -6.24 2.83
CA LEU D 545 -21.24 -6.77 3.03
C LEU D 545 -22.20 -6.18 2.00
N PRO D 546 -22.83 -6.99 1.14
CA PRO D 546 -23.86 -6.45 0.24
C PRO D 546 -25.16 -6.18 0.98
N LEU D 547 -25.74 -5.01 0.74
CA LEU D 547 -26.95 -4.58 1.43
C LEU D 547 -28.21 -4.80 0.58
N SER D 548 -28.24 -4.24 -0.62
CA SER D 548 -29.45 -4.27 -1.43
C SER D 548 -29.81 -5.70 -1.82
N ALA D 549 -31.10 -5.92 -2.08
CA ALA D 549 -31.56 -7.23 -2.52
C ALA D 549 -30.89 -7.63 -3.84
N GLU D 550 -30.74 -6.67 -4.76
CA GLU D 550 -30.04 -6.96 -6.01
C GLU D 550 -28.60 -7.36 -5.74
N ALA D 551 -27.92 -6.65 -4.83
CA ALA D 551 -26.54 -6.98 -4.52
C ALA D 551 -26.43 -8.36 -3.89
N GLN D 552 -27.36 -8.70 -2.99
CA GLN D 552 -27.33 -10.03 -2.38
C GLN D 552 -27.59 -11.12 -3.41
N ALA D 553 -28.53 -10.89 -4.33
CA ALA D 553 -28.78 -11.87 -5.38
C ALA D 553 -27.55 -12.03 -6.27
N GLU D 554 -26.87 -10.93 -6.57
CA GLU D 554 -25.65 -11.01 -7.37
C GLU D 554 -24.57 -11.80 -6.63
N ALA D 555 -24.45 -11.58 -5.33
CA ALA D 555 -23.38 -12.22 -4.56
C ALA D 555 -23.53 -13.74 -4.55
N ARG D 556 -24.75 -14.24 -4.35
CA ARG D 556 -24.97 -15.67 -4.20
C ARG D 556 -25.20 -16.39 -5.52
N ILE D 557 -25.47 -15.66 -6.61
CA ILE D 557 -25.67 -16.29 -7.91
C ILE D 557 -24.41 -16.14 -8.75
N LEU D 558 -23.96 -14.90 -8.93
CA LEU D 558 -22.82 -14.63 -9.79
C LEU D 558 -21.50 -14.89 -9.06
N MET D 559 -21.31 -14.27 -7.90
CA MET D 559 -20.02 -14.22 -7.23
C MET D 559 -19.82 -15.34 -6.22
N LEU D 560 -20.78 -16.25 -6.06
CA LEU D 560 -20.61 -17.33 -5.09
C LEU D 560 -19.37 -18.16 -5.42
N SER D 561 -18.59 -18.49 -4.39
CA SER D 561 -17.31 -19.13 -4.60
C SER D 561 -17.46 -20.51 -5.24
N SER D 562 -18.49 -21.25 -4.84
CA SER D 562 -18.67 -22.60 -5.36
C SER D 562 -19.08 -22.63 -6.83
N ASN D 563 -19.49 -21.48 -7.39
CA ASN D 563 -19.92 -21.40 -8.78
C ASN D 563 -18.86 -20.80 -9.69
N ASN D 564 -17.61 -20.73 -9.25
CA ASN D 564 -16.53 -20.15 -10.02
C ASN D 564 -15.29 -21.03 -9.95
N ILE D 565 -15.49 -22.34 -10.11
CA ILE D 565 -14.36 -23.27 -10.10
C ILE D 565 -13.52 -23.10 -11.36
N LEU D 566 -14.17 -22.96 -12.51
CA LEU D 566 -13.45 -22.91 -13.78
C LEU D 566 -12.75 -21.57 -13.95
N SER D 567 -11.47 -21.61 -14.27
CA SER D 567 -10.72 -20.38 -14.52
C SER D 567 -11.19 -19.75 -15.83
N PRO D 568 -11.49 -18.45 -15.86
CA PRO D 568 -11.93 -17.84 -17.12
C PRO D 568 -10.83 -17.73 -18.16
N ALA D 569 -9.56 -17.73 -17.75
CA ALA D 569 -8.48 -17.56 -18.72
C ALA D 569 -8.44 -18.68 -19.74
N SER D 570 -8.59 -19.92 -19.29
CA SER D 570 -8.47 -21.09 -20.16
C SER D 570 -9.61 -22.08 -20.02
N GLY D 571 -10.61 -21.81 -19.19
CA GLY D 571 -11.71 -22.72 -19.05
C GLY D 571 -11.38 -24.02 -18.36
N LYS D 572 -10.28 -24.07 -17.60
CA LYS D 572 -9.88 -25.25 -16.86
C LYS D 572 -10.04 -25.01 -15.37
N PRO D 573 -10.19 -26.07 -14.56
CA PRO D 573 -10.56 -25.86 -13.16
C PRO D 573 -9.38 -25.37 -12.34
N LEU D 574 -9.68 -24.47 -11.40
CA LEU D 574 -8.66 -23.83 -10.57
C LEU D 574 -8.75 -24.24 -9.11
N ALA D 575 -9.87 -24.78 -8.65
CA ALA D 575 -10.05 -25.24 -7.29
C ALA D 575 -9.88 -26.75 -7.27
N MET D 576 -8.63 -27.20 -7.16
CA MET D 576 -8.29 -28.61 -7.15
C MET D 576 -7.22 -28.85 -6.11
N PRO D 577 -7.04 -30.10 -5.67
CA PRO D 577 -6.05 -30.37 -4.62
C PRO D 577 -4.65 -29.90 -5.03
N ARG D 578 -3.91 -29.39 -4.04
CA ARG D 578 -2.55 -28.94 -4.27
C ARG D 578 -1.74 -29.16 -3.00
N LEU D 579 -0.42 -29.21 -3.18
CA LEU D 579 0.55 -29.42 -2.09
C LEU D 579 0.13 -30.67 -1.31
N ASP D 580 -0.01 -30.60 0.02
CA ASP D 580 -0.27 -31.81 0.81
C ASP D 580 -1.49 -32.55 0.30
N MET D 581 -2.50 -31.82 -0.17
CA MET D 581 -3.72 -32.45 -0.64
C MET D 581 -3.42 -33.51 -1.69
N VAL D 582 -2.49 -33.23 -2.60
CA VAL D 582 -2.10 -34.24 -3.59
C VAL D 582 -1.31 -35.35 -2.92
N THR D 583 -0.36 -34.99 -2.05
CA THR D 583 0.52 -35.99 -1.46
C THR D 583 -0.27 -37.07 -0.76
N GLY D 584 -1.45 -36.74 -0.24
CA GLY D 584 -2.34 -37.76 0.30
C GLY D 584 -2.87 -38.66 -0.79
N LEU D 585 -3.62 -38.07 -1.74
CA LEU D 585 -4.22 -38.88 -2.79
C LEU D 585 -3.17 -39.69 -3.54
N TYR D 586 -1.96 -39.15 -3.68
CA TYR D 586 -0.86 -39.93 -4.23
C TYR D 586 -0.61 -41.16 -3.36
N TYR D 587 -0.21 -40.94 -2.10
CA TYR D 587 0.09 -42.06 -1.22
C TYR D 587 -1.07 -43.03 -1.13
N LEU D 588 -2.30 -42.50 -1.12
CA LEU D 588 -3.47 -43.36 -1.01
C LEU D 588 -3.56 -44.31 -2.20
N THR D 589 -3.31 -43.80 -3.41
CA THR D 589 -3.55 -44.57 -4.63
C THR D 589 -2.32 -45.28 -5.14
N THR D 590 -1.15 -45.07 -4.53
CA THR D 590 0.06 -45.74 -4.98
C THR D 590 -0.02 -47.23 -4.68
N LEU D 591 0.46 -48.04 -5.61
CA LEU D 591 0.49 -49.49 -5.48
C LEU D 591 1.93 -49.94 -5.30
N VAL D 592 2.18 -50.71 -4.24
CA VAL D 592 3.53 -51.18 -3.91
C VAL D 592 3.49 -52.68 -3.72
N GLU D 593 4.39 -53.39 -4.39
CA GLU D 593 4.50 -54.83 -4.24
C GLU D 593 5.30 -55.17 -2.99
N GLY D 594 5.27 -56.45 -2.64
CA GLY D 594 5.98 -56.90 -1.44
C GLY D 594 5.40 -56.35 -0.16
N ALA D 595 4.08 -56.30 -0.05
CA ALA D 595 3.39 -55.81 1.13
C ALA D 595 2.66 -56.95 1.82
N THR D 596 1.99 -56.64 2.92
CA THR D 596 1.22 -57.61 3.67
C THR D 596 -0.23 -57.62 3.20
N GLY D 597 -0.77 -58.83 3.02
CA GLY D 597 -2.13 -58.98 2.55
C GLY D 597 -2.30 -58.95 1.05
N GLU D 598 -1.23 -59.23 0.29
CA GLU D 598 -1.30 -59.17 -1.16
C GLU D 598 -2.26 -60.22 -1.71
N TYR D 599 -2.42 -60.21 -3.03
CA TYR D 599 -3.24 -61.19 -3.73
C TYR D 599 -2.35 -62.34 -4.19
N GLN D 600 -2.47 -63.47 -3.51
CA GLN D 600 -1.70 -64.67 -3.84
C GLN D 600 -2.60 -65.65 -4.58
N ALA D 601 -2.16 -66.09 -5.75
CA ALA D 601 -2.95 -67.00 -6.56
C ALA D 601 -3.00 -68.38 -5.92
N ALA D 602 -3.94 -69.19 -6.39
CA ALA D 602 -4.09 -70.55 -5.88
C ALA D 602 -2.83 -71.36 -6.16
N THR D 603 -2.48 -72.23 -5.21
CA THR D 603 -1.29 -73.07 -5.34
C THR D 603 -1.64 -74.53 -5.13
N LYS D 604 -0.62 -75.39 -5.04
CA LYS D 604 -0.87 -76.82 -4.87
C LYS D 604 -1.63 -77.10 -3.58
N ASP D 605 -1.25 -76.44 -2.48
CA ASP D 605 -1.80 -76.72 -1.17
C ASP D 605 -2.77 -75.67 -0.65
N ALA D 606 -2.72 -74.44 -1.17
CA ALA D 606 -3.54 -73.36 -0.65
C ALA D 606 -4.29 -72.67 -1.77
N PRO D 607 -5.52 -72.21 -1.50
CA PRO D 607 -6.27 -71.44 -2.52
C PRO D 607 -5.89 -69.97 -2.53
N GLU D 608 -6.61 -69.17 -3.31
CA GLU D 608 -6.36 -67.74 -3.34
C GLU D 608 -6.47 -67.14 -1.94
N GLN D 609 -5.51 -66.30 -1.59
CA GLN D 609 -5.42 -65.73 -0.24
C GLN D 609 -6.05 -64.34 -0.17
N GLY D 610 -5.58 -63.41 -1.00
CA GLY D 610 -6.03 -62.04 -0.92
C GLY D 610 -7.28 -61.74 -1.70
N VAL D 611 -8.42 -62.30 -1.29
CA VAL D 611 -9.71 -62.03 -1.88
C VAL D 611 -10.67 -61.64 -0.76
N TYR D 612 -11.36 -60.51 -0.93
CA TYR D 612 -12.26 -59.97 0.07
C TYR D 612 -13.66 -59.84 -0.51
N SER D 613 -14.66 -60.16 0.32
CA SER D 613 -16.04 -60.20 -0.15
C SER D 613 -16.63 -58.80 -0.38
N SER D 614 -16.01 -57.77 0.15
CA SER D 614 -16.52 -56.40 -0.01
C SER D 614 -15.47 -55.44 0.55
N PRO D 615 -15.59 -54.15 0.22
CA PRO D 615 -14.67 -53.17 0.79
C PRO D 615 -14.70 -53.11 2.31
N ALA D 616 -15.85 -53.41 2.91
CA ALA D 616 -15.94 -53.40 4.37
C ALA D 616 -15.02 -54.45 4.98
N GLU D 617 -14.97 -55.64 4.38
CA GLU D 617 -14.06 -56.67 4.86
C GLU D 617 -12.61 -56.23 4.72
N ALA D 618 -12.29 -55.55 3.61
CA ALA D 618 -10.93 -55.05 3.43
C ALA D 618 -10.59 -54.01 4.51
N ILE D 619 -11.55 -53.15 4.84
CA ILE D 619 -11.33 -52.16 5.89
C ILE D 619 -11.09 -52.85 7.23
N MET D 620 -11.89 -53.88 7.52
CA MET D 620 -11.71 -54.63 8.75
C MET D 620 -10.32 -55.27 8.80
N ALA D 621 -9.88 -55.85 7.69
CA ALA D 621 -8.55 -56.44 7.64
C ALA D 621 -7.47 -55.39 7.86
N MET D 622 -7.65 -54.21 7.24
CA MET D 622 -6.67 -53.14 7.44
C MET D 622 -6.60 -52.72 8.90
N ASP D 623 -7.75 -52.62 9.57
CA ASP D 623 -7.75 -52.30 10.99
C ASP D 623 -7.04 -53.38 11.79
N ARG D 624 -7.26 -54.65 11.44
CA ARG D 624 -6.59 -55.75 12.10
C ARG D 624 -5.08 -55.71 11.90
N GLY D 625 -4.60 -54.95 10.93
CA GLY D 625 -3.18 -54.92 10.60
C GLY D 625 -2.73 -56.00 9.66
N ALA D 626 -3.65 -56.79 9.10
CA ALA D 626 -3.28 -57.85 8.18
C ALA D 626 -3.15 -57.38 6.74
N LEU D 627 -3.90 -56.35 6.35
CA LEU D 627 -3.89 -55.84 4.99
C LEU D 627 -3.34 -54.41 4.97
N SER D 628 -2.34 -54.18 4.12
CA SER D 628 -1.86 -52.83 3.88
C SER D 628 -2.79 -52.13 2.90
N VAL D 629 -2.97 -50.82 3.09
CA VAL D 629 -3.87 -50.07 2.22
C VAL D 629 -3.34 -50.05 0.79
N ARG D 630 -2.02 -50.00 0.62
CA ARG D 630 -1.41 -49.91 -0.69
C ARG D 630 -1.12 -51.27 -1.30
N ALA D 631 -1.51 -52.36 -0.65
CA ALA D 631 -1.26 -53.69 -1.19
C ALA D 631 -2.36 -54.09 -2.17
N LYS D 632 -1.96 -54.80 -3.22
CA LYS D 632 -2.91 -55.27 -4.22
C LYS D 632 -3.83 -56.34 -3.63
N ILE D 633 -5.10 -56.27 -4.00
CA ILE D 633 -6.10 -57.25 -3.55
C ILE D 633 -7.10 -57.48 -4.69
N LYS D 634 -7.92 -58.52 -4.51
CA LYS D 634 -9.06 -58.78 -5.37
C LYS D 634 -10.31 -58.63 -4.50
N VAL D 635 -11.23 -57.77 -4.92
CA VAL D 635 -12.38 -57.41 -4.10
C VAL D 635 -13.64 -57.41 -4.95
N ARG D 636 -14.77 -57.72 -4.30
CA ARG D 636 -16.07 -57.67 -4.94
C ARG D 636 -16.68 -56.28 -4.72
N LEU D 637 -16.95 -55.58 -5.80
CA LEU D 637 -17.54 -54.25 -5.76
C LEU D 637 -18.97 -54.31 -6.31
N THR D 638 -19.92 -53.82 -5.52
CA THR D 638 -21.33 -53.88 -5.87
C THR D 638 -21.99 -52.53 -6.07
N GLU D 639 -21.38 -51.44 -5.57
CA GLU D 639 -21.95 -50.12 -5.68
C GLU D 639 -21.21 -49.23 -6.68
N LEU D 640 -20.04 -49.65 -7.16
CA LEU D 640 -19.23 -48.84 -8.06
C LEU D 640 -19.36 -49.37 -9.49
N ARG D 641 -19.61 -48.46 -10.43
CA ARG D 641 -19.71 -48.86 -11.82
C ARG D 641 -18.36 -49.39 -12.29
N PRO D 642 -18.34 -50.48 -13.06
CA PRO D 642 -17.06 -51.03 -13.52
C PRO D 642 -16.47 -50.16 -14.61
N PRO D 643 -15.20 -50.38 -14.97
CA PRO D 643 -14.59 -49.59 -16.05
C PRO D 643 -15.40 -49.71 -17.33
N THR D 644 -15.15 -48.77 -18.24
CA THR D 644 -15.94 -48.72 -19.47
C THR D 644 -15.76 -49.98 -20.30
N ASP D 645 -14.52 -50.47 -20.42
CA ASP D 645 -14.29 -51.66 -21.24
C ASP D 645 -14.82 -52.92 -20.55
N LEU D 646 -14.56 -53.07 -19.24
CA LEU D 646 -15.00 -54.26 -18.53
C LEU D 646 -16.52 -54.38 -18.54
N GLU D 647 -17.25 -53.29 -18.73
CA GLU D 647 -18.70 -53.34 -18.69
C GLU D 647 -19.26 -54.19 -19.81
N ALA D 648 -18.66 -54.10 -21.01
CA ALA D 648 -19.24 -54.75 -22.19
C ALA D 648 -19.35 -56.25 -21.99
N GLN D 649 -18.32 -56.88 -21.42
CA GLN D 649 -18.27 -58.33 -21.30
C GLN D 649 -19.02 -58.84 -20.08
N LEU D 650 -19.53 -57.96 -19.23
CA LEU D 650 -20.19 -58.36 -17.99
C LEU D 650 -21.66 -58.01 -17.95
N PHE D 651 -22.03 -56.79 -18.32
CA PHE D 651 -23.39 -56.28 -18.21
C PHE D 651 -23.83 -55.61 -19.51
N GLU D 652 -23.64 -56.33 -20.62
CA GLU D 652 -24.00 -55.82 -21.93
C GLU D 652 -25.39 -55.19 -21.92
N ASN D 653 -26.32 -55.77 -21.15
CA ASN D 653 -27.63 -55.15 -20.99
C ASN D 653 -27.51 -53.79 -20.33
N GLY D 654 -26.64 -53.67 -19.32
CA GLY D 654 -26.44 -52.41 -18.64
C GLY D 654 -26.21 -52.59 -17.15
N TRP D 655 -25.16 -51.95 -16.62
CA TRP D 655 -24.88 -52.05 -15.21
C TRP D 655 -25.92 -51.27 -14.40
N LYS D 656 -26.23 -51.78 -13.22
CA LYS D 656 -27.16 -51.16 -12.30
C LYS D 656 -26.61 -51.29 -10.90
N PRO D 657 -27.03 -50.43 -9.97
CA PRO D 657 -26.58 -50.57 -8.58
C PRO D 657 -26.91 -51.96 -8.06
N GLY D 658 -25.94 -52.55 -7.35
CA GLY D 658 -26.07 -53.88 -6.80
C GLY D 658 -25.46 -54.97 -7.66
N ASP D 659 -25.19 -54.70 -8.93
CA ASP D 659 -24.60 -55.68 -9.83
C ASP D 659 -23.12 -55.83 -9.46
N ALA D 660 -22.81 -56.91 -8.75
CA ALA D 660 -21.46 -57.12 -8.23
C ALA D 660 -20.52 -57.54 -9.35
N TRP D 661 -19.28 -57.06 -9.26
CA TRP D 661 -18.21 -57.48 -10.17
C TRP D 661 -16.93 -57.60 -9.34
N THR D 662 -15.89 -58.16 -9.97
CA THR D 662 -14.63 -58.43 -9.29
C THR D 662 -13.56 -57.49 -9.82
N ALA D 663 -12.82 -56.85 -8.93
CA ALA D 663 -11.81 -55.86 -9.28
C ALA D 663 -10.48 -56.25 -8.65
N GLU D 664 -9.42 -56.12 -9.44
CA GLU D 664 -8.05 -56.30 -8.95
C GLU D 664 -7.44 -54.92 -8.77
N THR D 665 -7.26 -54.52 -7.52
CA THR D 665 -6.82 -53.17 -7.20
C THR D 665 -6.43 -53.11 -5.73
N THR D 666 -5.78 -52.03 -5.35
CA THR D 666 -5.44 -51.78 -3.96
C THR D 666 -6.65 -51.20 -3.23
N LEU D 667 -6.65 -51.37 -1.90
CA LEU D 667 -7.74 -50.83 -1.09
C LEU D 667 -7.80 -49.31 -1.19
N GLY D 668 -6.64 -48.67 -1.24
CA GLY D 668 -6.62 -47.21 -1.33
C GLY D 668 -7.32 -46.69 -2.56
N ARG D 669 -7.12 -47.34 -3.70
CA ARG D 669 -7.82 -46.92 -4.91
C ARG D 669 -9.32 -47.10 -4.78
N VAL D 670 -9.75 -48.18 -4.13
CA VAL D 670 -11.18 -48.41 -3.93
C VAL D 670 -11.76 -47.30 -3.06
N MET D 671 -11.05 -46.93 -1.99
CA MET D 671 -11.53 -45.83 -1.14
C MET D 671 -11.57 -44.52 -1.91
N PHE D 672 -10.54 -44.25 -2.72
CA PHE D 672 -10.50 -43.01 -3.49
C PHE D 672 -11.66 -42.93 -4.47
N ASN D 673 -11.97 -44.04 -5.16
CA ASN D 673 -12.96 -44.01 -6.22
C ASN D 673 -14.37 -43.83 -5.70
N GLU D 674 -14.62 -44.08 -4.42
CA GLU D 674 -15.93 -43.80 -3.84
C GLU D 674 -16.15 -42.31 -3.60
N LEU D 675 -15.09 -41.49 -3.61
CA LEU D 675 -15.27 -40.06 -3.50
C LEU D 675 -15.93 -39.49 -4.75
N LEU D 676 -15.58 -40.03 -5.92
CA LEU D 676 -16.14 -39.55 -7.17
C LEU D 676 -17.61 -39.96 -7.27
N PRO D 677 -18.38 -39.27 -8.11
CA PRO D 677 -19.80 -39.61 -8.24
C PRO D 677 -20.00 -41.06 -8.67
N LYS D 678 -21.09 -41.65 -8.17
CA LYS D 678 -21.33 -43.07 -8.40
C LYS D 678 -21.35 -43.41 -9.88
N SER D 679 -21.83 -42.50 -10.72
CA SER D 679 -21.92 -42.76 -12.15
C SER D 679 -20.56 -42.78 -12.84
N TYR D 680 -19.52 -42.29 -12.19
CA TYR D 680 -18.20 -42.24 -12.81
C TYR D 680 -17.55 -43.62 -12.74
N PRO D 681 -17.10 -44.19 -13.85
CA PRO D 681 -16.56 -45.55 -13.82
C PRO D 681 -15.25 -45.63 -13.06
N PHE D 682 -14.95 -46.84 -12.59
CA PHE D 682 -13.70 -47.10 -11.89
C PHE D 682 -12.52 -46.71 -12.77
N VAL D 683 -11.58 -45.96 -12.18
CA VAL D 683 -10.44 -45.42 -12.92
C VAL D 683 -9.20 -46.30 -12.78
N ASN D 684 -8.85 -46.66 -11.54
CA ASN D 684 -7.75 -47.59 -11.27
C ASN D 684 -6.42 -47.08 -11.86
N GLU D 685 -5.97 -45.95 -11.32
CA GLU D 685 -4.70 -45.37 -11.72
C GLU D 685 -4.06 -44.68 -10.53
N GLN D 686 -2.73 -44.58 -10.55
CA GLN D 686 -2.00 -43.89 -9.49
C GLN D 686 -2.21 -42.39 -9.65
N MET D 687 -2.90 -41.78 -8.68
CA MET D 687 -3.31 -40.39 -8.79
C MET D 687 -2.14 -39.46 -8.51
N HIS D 688 -1.81 -38.60 -9.46
CA HIS D 688 -0.95 -37.46 -9.23
C HIS D 688 -1.50 -36.27 -10.01
N LYS D 689 -0.89 -35.10 -9.80
CA LYS D 689 -1.50 -33.84 -10.19
C LYS D 689 -2.22 -33.89 -11.53
N LYS D 690 -1.54 -34.35 -12.58
CA LYS D 690 -2.13 -34.31 -13.90
C LYS D 690 -3.31 -35.29 -14.03
N VAL D 691 -3.22 -36.45 -13.38
CA VAL D 691 -4.33 -37.40 -13.43
C VAL D 691 -5.56 -36.81 -12.75
N GLN D 692 -5.37 -36.17 -11.59
CA GLN D 692 -6.48 -35.52 -10.91
C GLN D 692 -7.06 -34.40 -11.77
N ALA D 693 -6.18 -33.64 -12.44
CA ALA D 693 -6.67 -32.60 -13.35
C ALA D 693 -7.51 -33.19 -14.47
N ARG D 694 -7.06 -34.31 -15.04
CA ARG D 694 -7.85 -34.99 -16.08
C ARG D 694 -9.21 -35.41 -15.55
N ILE D 695 -9.22 -35.99 -14.34
CA ILE D 695 -10.48 -36.47 -13.77
C ILE D 695 -11.44 -35.31 -13.54
N ILE D 696 -10.93 -34.21 -12.99
CA ILE D 696 -11.80 -33.05 -12.72
C ILE D 696 -12.29 -32.44 -14.03
N ASN D 697 -11.41 -32.38 -15.04
CA ASN D 697 -11.83 -31.84 -16.33
C ASN D 697 -12.95 -32.68 -16.93
N ASP D 698 -12.81 -34.00 -16.89
CA ASP D 698 -13.86 -34.87 -17.41
C ASP D 698 -15.15 -34.71 -16.60
N LEU D 699 -15.02 -34.59 -15.28
CA LEU D 699 -16.21 -34.44 -14.44
C LEU D 699 -16.96 -33.16 -14.77
N ALA D 700 -16.24 -32.05 -14.94
CA ALA D 700 -16.90 -30.77 -15.16
C ALA D 700 -17.71 -30.78 -16.44
N GLU D 701 -17.20 -31.43 -17.49
CA GLU D 701 -17.84 -31.37 -18.80
C GLU D 701 -19.18 -32.10 -18.80
N ARG D 702 -19.29 -33.21 -18.08
CA ARG D 702 -20.46 -34.09 -18.16
C ARG D 702 -21.32 -34.06 -16.90
N PHE D 703 -21.03 -33.18 -15.95
CA PHE D 703 -21.78 -33.12 -14.70
C PHE D 703 -22.08 -31.67 -14.36
N PRO D 704 -23.11 -31.42 -13.56
CA PRO D 704 -23.41 -30.05 -13.13
C PRO D 704 -22.33 -29.51 -12.20
N MET D 705 -22.38 -28.20 -11.99
CA MET D 705 -21.34 -27.53 -11.20
C MET D 705 -21.34 -28.02 -9.76
N ILE D 706 -22.52 -28.26 -9.18
CA ILE D 706 -22.59 -28.64 -7.77
C ILE D 706 -21.84 -29.95 -7.53
N VAL D 707 -21.93 -30.89 -8.47
CA VAL D 707 -21.27 -32.18 -8.30
C VAL D 707 -19.76 -31.98 -8.21
N VAL D 708 -19.21 -31.10 -9.04
CA VAL D 708 -17.76 -30.87 -9.00
C VAL D 708 -17.35 -30.27 -7.66
N ALA D 709 -18.16 -29.34 -7.14
CA ALA D 709 -17.85 -28.73 -5.85
C ALA D 709 -17.84 -29.79 -4.74
N GLN D 710 -18.87 -30.65 -4.71
CA GLN D 710 -18.91 -31.70 -3.70
C GLN D 710 -17.74 -32.65 -3.86
N THR D 711 -17.39 -33.00 -5.09
CA THR D 711 -16.28 -33.91 -5.32
C THR D 711 -14.97 -33.31 -4.84
N VAL D 712 -14.73 -32.03 -5.11
CA VAL D 712 -13.48 -31.41 -4.67
C VAL D 712 -13.45 -31.31 -3.15
N ASP D 713 -14.60 -31.07 -2.51
CA ASP D 713 -14.63 -31.05 -1.05
C ASP D 713 -14.26 -32.42 -0.48
N LYS D 714 -14.85 -33.48 -1.04
CA LYS D 714 -14.52 -34.83 -0.58
C LYS D 714 -13.04 -35.14 -0.81
N LEU D 715 -12.51 -34.73 -1.96
CA LEU D 715 -11.10 -34.95 -2.26
C LEU D 715 -10.22 -34.20 -1.27
N LYS D 716 -10.58 -32.97 -0.93
CA LYS D 716 -9.84 -32.22 0.08
C LYS D 716 -9.80 -32.98 1.39
N ASP D 717 -10.96 -33.43 1.86
CA ASP D 717 -11.01 -34.16 3.14
C ASP D 717 -10.11 -35.38 3.09
N ALA D 718 -10.28 -36.22 2.07
CA ALA D 718 -9.50 -37.46 2.00
C ALA D 718 -8.00 -37.16 1.85
N GLY D 719 -7.65 -36.18 1.03
CA GLY D 719 -6.25 -35.87 0.81
C GLY D 719 -5.57 -35.39 2.07
N PHE D 720 -6.22 -34.48 2.81
CA PHE D 720 -5.63 -34.04 4.07
C PHE D 720 -5.52 -35.20 5.06
N TYR D 721 -6.57 -36.01 5.16
CA TYR D 721 -6.57 -37.10 6.14
C TYR D 721 -5.44 -38.08 5.85
N TRP D 722 -5.20 -38.41 4.58
CA TRP D 722 -4.18 -39.38 4.23
C TRP D 722 -2.78 -38.79 4.09
N ALA D 723 -2.67 -37.48 3.86
CA ALA D 723 -1.36 -36.84 3.89
C ALA D 723 -0.87 -36.69 5.32
N THR D 724 -1.79 -36.56 6.28
CA THR D 724 -1.37 -36.52 7.69
C THR D 724 -0.59 -37.77 8.07
N ARG D 725 -0.83 -38.89 7.39
CA ARG D 725 -0.24 -40.18 7.75
C ARG D 725 0.72 -40.71 6.69
N SER D 726 1.06 -39.90 5.67
CA SER D 726 1.94 -40.39 4.62
C SER D 726 3.37 -40.55 5.07
N GLY D 727 3.78 -39.90 6.16
CA GLY D 727 5.12 -40.03 6.67
C GLY D 727 6.15 -39.13 6.04
N VAL D 728 5.73 -38.20 5.17
CA VAL D 728 6.70 -37.30 4.54
C VAL D 728 7.37 -36.46 5.61
N THR D 729 8.70 -36.43 5.57
CA THR D 729 9.48 -35.73 6.58
C THR D 729 10.89 -35.50 6.04
N VAL D 730 11.58 -34.53 6.63
CA VAL D 730 12.92 -34.14 6.21
C VAL D 730 13.90 -34.41 7.34
N SER D 731 15.06 -34.95 6.98
CA SER D 731 16.14 -35.20 7.93
C SER D 731 17.45 -35.27 7.15
N MET D 732 18.56 -35.10 7.87
CA MET D 732 19.86 -35.08 7.21
C MET D 732 20.10 -36.37 6.45
N ALA D 733 19.95 -37.52 7.13
CA ALA D 733 20.17 -38.79 6.47
C ALA D 733 19.13 -39.07 5.41
N ASP D 734 17.99 -38.35 5.44
CA ASP D 734 16.96 -38.53 4.44
C ASP D 734 17.34 -37.89 3.12
N VAL D 735 18.09 -36.79 3.14
CA VAL D 735 18.55 -36.13 1.93
C VAL D 735 19.87 -36.77 1.55
N LEU D 736 19.79 -37.80 0.71
CA LEU D 736 20.98 -38.55 0.31
C LEU D 736 21.84 -37.74 -0.64
N VAL D 737 23.14 -38.04 -0.63
CA VAL D 737 24.11 -37.38 -1.49
C VAL D 737 24.67 -38.44 -2.44
N PRO D 738 24.69 -38.20 -3.75
CA PRO D 738 25.18 -39.24 -4.68
C PRO D 738 26.60 -39.66 -4.35
N PRO D 739 26.85 -40.96 -4.18
CA PRO D 739 28.24 -41.41 -3.95
C PRO D 739 29.20 -41.07 -5.06
N GLN D 740 28.73 -41.03 -6.31
CA GLN D 740 29.62 -40.86 -7.46
C GLN D 740 30.06 -39.42 -7.67
N LYS D 741 29.61 -38.48 -6.84
CA LYS D 741 30.00 -37.09 -7.01
C LYS D 741 31.51 -36.93 -6.92
N GLN D 742 32.15 -37.61 -5.97
CA GLN D 742 33.60 -37.55 -5.83
C GLN D 742 34.29 -38.05 -7.09
N GLU D 743 33.63 -38.87 -7.90
CA GLU D 743 34.18 -39.31 -9.18
C GLU D 743 33.88 -38.30 -10.29
N ILE D 744 32.65 -37.79 -10.35
CA ILE D 744 32.28 -36.88 -11.43
C ILE D 744 33.12 -35.61 -11.37
N LEU D 745 33.20 -34.99 -10.19
CA LEU D 745 33.93 -33.74 -10.08
C LEU D 745 35.43 -33.95 -10.23
N GLU D 746 35.95 -35.07 -9.72
CA GLU D 746 37.37 -35.37 -9.93
C GLU D 746 37.69 -35.52 -11.41
N ARG D 747 36.82 -36.20 -12.16
CA ARG D 747 37.03 -36.33 -13.59
C ARG D 747 36.98 -34.98 -14.28
N HIS D 748 35.98 -34.15 -13.92
CA HIS D 748 35.86 -32.84 -14.56
C HIS D 748 37.00 -31.91 -14.19
N GLU D 749 37.68 -32.16 -13.07
CA GLU D 749 38.81 -31.33 -12.69
C GLU D 749 39.90 -31.37 -13.75
N ALA D 750 40.15 -32.53 -14.34
CA ALA D 750 41.16 -32.65 -15.38
C ALA D 750 40.82 -31.77 -16.58
N GLU D 751 39.56 -31.80 -17.01
CA GLU D 751 39.15 -30.98 -18.15
C GLU D 751 39.25 -29.50 -17.83
N ALA D 752 38.83 -29.11 -16.62
CA ALA D 752 38.92 -27.71 -16.23
C ALA D 752 40.37 -27.25 -16.21
N ASP D 753 41.27 -28.07 -15.66
CA ASP D 753 42.69 -27.73 -15.67
C ASP D 753 43.23 -27.65 -17.08
N ALA D 754 42.77 -28.55 -17.97
CA ALA D 754 43.21 -28.51 -19.36
C ALA D 754 42.86 -27.17 -19.99
N ILE D 755 41.61 -26.71 -19.83
CA ILE D 755 41.22 -25.43 -20.40
C ILE D 755 42.01 -24.30 -19.77
N GLU D 756 42.17 -24.33 -18.44
CA GLU D 756 42.85 -23.25 -17.75
C GLU D 756 44.30 -23.14 -18.22
N ARG D 757 44.98 -24.27 -18.42
CA ARG D 757 46.35 -24.23 -18.92
C ARG D 757 46.40 -23.88 -20.40
N LYS D 758 45.38 -24.26 -21.17
CA LYS D 758 45.35 -23.86 -22.57
C LYS D 758 45.14 -22.36 -22.73
N TYR D 759 44.61 -21.69 -21.73
CA TYR D 759 44.46 -20.24 -21.83
C TYR D 759 45.78 -19.50 -21.58
N GLN D 760 46.70 -20.07 -20.81
CA GLN D 760 47.91 -19.34 -20.46
C GLN D 760 48.83 -19.15 -21.66
N ARG D 761 48.68 -19.97 -22.70
CA ARG D 761 49.50 -19.90 -23.90
C ARG D 761 48.95 -18.93 -24.93
N GLY D 762 47.85 -18.24 -24.63
CA GLY D 762 47.24 -17.36 -25.61
C GLY D 762 46.67 -18.08 -26.81
N ALA D 763 46.26 -19.33 -26.63
CA ALA D 763 45.63 -20.10 -27.70
C ALA D 763 44.11 -19.93 -27.74
N LEU D 764 43.54 -19.23 -26.76
CA LEU D 764 42.10 -19.00 -26.72
C LEU D 764 41.84 -17.63 -26.12
N ASN D 765 40.71 -17.04 -26.52
CA ASN D 765 40.30 -15.77 -25.95
C ASN D 765 39.81 -15.96 -24.51
N HIS D 766 39.78 -14.85 -23.77
CA HIS D 766 39.25 -14.90 -22.41
C HIS D 766 37.79 -15.33 -22.42
N THR D 767 37.00 -14.76 -23.33
CA THR D 767 35.59 -15.16 -23.43
C THR D 767 35.46 -16.61 -23.89
N GLU D 768 36.35 -17.05 -24.80
CA GLU D 768 36.30 -18.44 -25.23
C GLU D 768 36.62 -19.39 -24.09
N ARG D 769 37.62 -19.04 -23.26
CA ARG D 769 37.92 -19.85 -22.09
C ARG D 769 36.75 -19.87 -21.12
N ASN D 770 36.10 -18.72 -20.92
CA ASN D 770 34.93 -18.69 -20.05
C ASN D 770 33.82 -19.59 -20.58
N GLU D 771 33.59 -19.56 -21.90
CA GLU D 771 32.56 -20.41 -22.49
C GLU D 771 32.91 -21.88 -22.32
N SER D 772 34.18 -22.24 -22.51
CA SER D 772 34.60 -23.63 -22.34
C SER D 772 34.36 -24.10 -20.91
N LEU D 773 34.75 -23.28 -19.93
CA LEU D 773 34.53 -23.64 -18.53
C LEU D 773 33.05 -23.74 -18.23
N VAL D 774 32.24 -22.83 -18.78
CA VAL D 774 30.81 -22.87 -18.56
C VAL D 774 30.22 -24.17 -19.09
N LYS D 775 30.63 -24.57 -20.30
CA LYS D 775 30.14 -25.82 -20.87
C LYS D 775 30.55 -27.01 -20.00
N ILE D 776 31.80 -27.01 -19.53
CA ILE D 776 32.28 -28.12 -18.71
C ILE D 776 31.43 -28.24 -17.45
N TRP D 777 31.20 -27.12 -16.77
CA TRP D 777 30.47 -27.17 -15.51
C TRP D 777 28.98 -27.41 -15.73
N GLN D 778 28.43 -27.00 -16.86
CA GLN D 778 27.05 -27.37 -17.21
C GLN D 778 26.94 -28.88 -17.37
N ASP D 779 27.91 -29.49 -18.06
CA ASP D 779 27.91 -30.94 -18.20
C ASP D 779 28.01 -31.60 -16.82
N ALA D 780 28.87 -31.06 -15.95
CA ALA D 780 29.00 -31.61 -14.60
C ALA D 780 27.67 -31.52 -13.85
N THR D 781 26.99 -30.38 -13.93
CA THR D 781 25.73 -30.22 -13.24
C THR D 781 24.68 -31.20 -13.74
N GLU D 782 24.60 -31.36 -15.07
CA GLU D 782 23.65 -32.34 -15.62
C GLU D 782 23.98 -33.74 -15.13
N GLU D 783 25.27 -34.10 -15.13
CA GLU D 783 25.67 -35.43 -14.68
C GLU D 783 25.28 -35.66 -13.23
N VAL D 784 25.54 -34.68 -12.37
CA VAL D 784 25.23 -34.84 -10.95
C VAL D 784 23.72 -34.91 -10.74
N GLY D 785 22.95 -34.12 -11.50
CA GLY D 785 21.51 -34.17 -11.36
C GLY D 785 20.93 -35.52 -11.74
N LYS D 786 21.41 -36.08 -12.86
CA LYS D 786 20.91 -37.39 -13.25
C LYS D 786 21.41 -38.50 -12.33
N ALA D 787 22.63 -38.36 -11.79
CA ALA D 787 23.09 -39.30 -10.78
C ALA D 787 22.18 -39.24 -9.54
N LEU D 788 21.79 -38.04 -9.14
CA LEU D 788 20.87 -37.89 -8.02
C LEU D 788 19.56 -38.61 -8.29
N GLU D 789 18.93 -38.32 -9.44
CA GLU D 789 17.65 -38.96 -9.72
C GLU D 789 17.80 -40.47 -9.87
N GLU D 790 19.00 -40.95 -10.23
CA GLU D 790 19.24 -42.40 -10.24
C GLU D 790 19.34 -42.96 -8.83
N PHE D 791 19.95 -42.21 -7.91
CA PHE D 791 20.30 -42.77 -6.61
C PHE D 791 19.11 -42.79 -5.66
N TYR D 792 18.33 -41.71 -5.60
CA TYR D 792 17.27 -41.61 -4.63
C TYR D 792 16.25 -42.73 -4.85
N PRO D 793 15.79 -43.41 -3.79
CA PRO D 793 14.75 -44.42 -3.96
C PRO D 793 13.41 -43.76 -4.31
N ALA D 794 12.45 -44.62 -4.66
CA ALA D 794 11.16 -44.14 -5.13
C ALA D 794 10.41 -43.40 -4.03
N ASP D 795 10.44 -43.91 -2.80
CA ASP D 795 9.58 -43.42 -1.72
C ASP D 795 10.31 -42.44 -0.80
N ASN D 796 11.43 -41.89 -1.21
CA ASN D 796 12.10 -40.89 -0.40
C ASN D 796 11.22 -39.64 -0.29
N PRO D 797 11.09 -39.05 0.90
CA PRO D 797 10.15 -37.91 1.04
C PRO D 797 10.42 -36.77 0.08
N ILE D 798 11.69 -36.41 -0.16
CA ILE D 798 11.97 -35.30 -1.07
C ILE D 798 11.57 -35.67 -2.49
N ILE D 799 12.00 -36.83 -2.96
CA ILE D 799 11.66 -37.27 -4.31
C ILE D 799 10.18 -37.62 -4.39
N THR D 800 9.59 -38.12 -3.30
CA THR D 800 8.15 -38.37 -3.30
C THR D 800 7.38 -37.07 -3.49
N ILE D 801 7.82 -36.00 -2.82
CA ILE D 801 7.16 -34.70 -2.97
C ILE D 801 7.34 -34.18 -4.39
N VAL D 802 8.57 -34.26 -4.92
CA VAL D 802 8.85 -33.65 -6.21
C VAL D 802 8.14 -34.40 -7.33
N LYS D 803 8.24 -35.74 -7.33
CA LYS D 803 7.75 -36.52 -8.46
C LYS D 803 6.23 -36.53 -8.52
N SER D 804 5.56 -36.40 -7.38
CA SER D 804 4.10 -36.47 -7.33
C SER D 804 3.44 -35.23 -7.93
N GLY D 805 4.20 -34.20 -8.25
CA GLY D 805 3.62 -32.97 -8.76
C GLY D 805 2.98 -32.09 -7.72
N ALA D 806 3.10 -32.44 -6.44
CA ALA D 806 2.50 -31.62 -5.39
C ALA D 806 3.09 -30.22 -5.37
N THR D 807 4.41 -30.12 -5.48
CA THR D 807 5.09 -28.83 -5.48
C THR D 807 6.56 -29.05 -5.78
N GLY D 808 7.26 -27.97 -6.08
CA GLY D 808 8.68 -28.01 -6.30
C GLY D 808 9.06 -28.56 -7.66
N ASN D 809 10.36 -28.72 -7.87
CA ASN D 809 10.90 -29.23 -9.12
C ASN D 809 12.25 -29.88 -8.86
N LEU D 810 12.69 -30.68 -9.82
CA LEU D 810 13.89 -31.49 -9.63
C LEU D 810 15.15 -30.63 -9.51
N THR D 811 15.16 -29.45 -10.12
CA THR D 811 16.35 -28.60 -10.06
C THR D 811 16.62 -28.14 -8.64
N GLN D 812 15.56 -27.85 -7.88
CA GLN D 812 15.74 -27.48 -6.48
C GLN D 812 16.34 -28.63 -5.68
N THR D 813 15.89 -29.86 -5.94
CA THR D 813 16.47 -31.02 -5.27
C THR D 813 17.95 -31.17 -5.64
N ARG D 814 18.28 -30.97 -6.91
CA ARG D 814 19.68 -31.04 -7.33
C ARG D 814 20.51 -30.00 -6.59
N THR D 815 20.00 -28.77 -6.48
CA THR D 815 20.73 -27.73 -5.77
C THR D 815 20.92 -28.08 -4.31
N LEU D 816 19.86 -28.58 -3.66
CA LEU D 816 19.94 -28.89 -2.24
C LEU D 816 20.92 -30.01 -1.96
N ALA D 817 20.84 -31.09 -2.73
CA ALA D 817 21.64 -32.29 -2.45
C ALA D 817 22.94 -32.32 -3.24
N GLY D 818 22.84 -32.24 -4.58
CA GLY D 818 24.02 -32.41 -5.41
C GLY D 818 25.00 -31.27 -5.31
N MET D 819 24.65 -30.11 -5.87
CA MET D 819 25.50 -28.91 -5.80
C MET D 819 24.75 -27.77 -6.45
N LYS D 820 25.19 -26.55 -6.15
CA LYS D 820 24.53 -25.36 -6.70
C LYS D 820 24.93 -25.13 -8.15
N GLY D 821 26.24 -25.18 -8.45
CA GLY D 821 26.71 -24.99 -9.80
C GLY D 821 27.12 -23.57 -10.10
N LEU D 822 26.93 -23.14 -11.35
CA LEU D 822 27.32 -21.81 -11.77
C LEU D 822 26.29 -20.78 -11.29
N VAL D 823 26.74 -19.52 -11.25
CA VAL D 823 25.89 -18.40 -10.85
C VAL D 823 26.17 -17.21 -11.76
N THR D 824 25.27 -16.25 -11.74
CA THR D 824 25.32 -15.09 -12.63
C THR D 824 25.70 -13.84 -11.83
N ASN D 825 26.62 -13.06 -12.38
CA ASN D 825 27.07 -11.82 -11.76
C ASN D 825 26.06 -10.72 -12.07
N PRO D 826 26.27 -9.51 -11.54
CA PRO D 826 25.28 -8.44 -11.81
C PRO D 826 25.07 -8.16 -13.29
N LYS D 827 26.13 -8.24 -14.10
CA LYS D 827 26.00 -7.98 -15.52
C LYS D 827 25.34 -9.11 -16.28
N GLY D 828 25.21 -10.29 -15.68
CA GLY D 828 24.63 -11.44 -16.32
C GLY D 828 25.62 -12.50 -16.77
N GLU D 829 26.91 -12.21 -16.71
CA GLU D 829 27.92 -13.18 -17.12
C GLU D 829 27.95 -14.35 -16.14
N PHE D 830 28.26 -15.53 -16.67
CA PHE D 830 28.41 -16.73 -15.86
C PHE D 830 29.80 -16.71 -15.23
N ILE D 831 29.87 -16.61 -13.91
CA ILE D 831 31.15 -16.63 -13.20
C ILE D 831 31.79 -17.99 -13.44
N PRO D 832 33.02 -18.05 -13.96
CA PRO D 832 33.59 -19.36 -14.32
C PRO D 832 33.66 -20.34 -13.17
N ARG D 833 33.96 -19.86 -11.96
CA ARG D 833 34.14 -20.75 -10.83
C ARG D 833 32.79 -21.28 -10.36
N PRO D 834 32.60 -22.60 -10.28
CA PRO D 834 31.32 -23.13 -9.79
C PRO D 834 31.29 -23.21 -8.27
N ILE D 835 30.14 -23.60 -7.76
CA ILE D 835 29.94 -23.84 -6.33
C ILE D 835 29.98 -25.36 -6.15
N LYS D 836 31.18 -25.88 -5.88
CA LYS D 836 31.33 -27.33 -5.73
C LYS D 836 30.56 -27.85 -4.53
N SER D 837 30.37 -27.01 -3.51
CA SER D 837 29.65 -27.44 -2.32
C SER D 837 28.14 -27.42 -2.56
N SER D 838 27.42 -28.03 -1.63
CA SER D 838 25.96 -28.02 -1.64
C SER D 838 25.47 -27.51 -0.30
N PHE D 839 24.21 -27.07 -0.26
CA PHE D 839 23.65 -26.49 0.95
C PHE D 839 23.51 -27.51 2.08
N ARG D 840 23.66 -28.80 1.80
CA ARG D 840 23.79 -29.79 2.86
C ARG D 840 25.24 -29.97 3.29
N GLU D 841 26.18 -29.93 2.33
CA GLU D 841 27.58 -30.16 2.66
C GLU D 841 28.16 -29.00 3.46
N GLY D 842 27.78 -27.78 3.15
CA GLY D 842 28.32 -26.61 3.83
C GLY D 842 29.17 -25.74 2.93
N LEU D 843 28.63 -24.62 2.47
CA LEU D 843 29.34 -23.74 1.57
C LEU D 843 30.48 -23.03 2.28
N THR D 844 31.50 -22.66 1.50
CA THR D 844 32.60 -21.87 2.03
C THR D 844 32.21 -20.39 2.09
N VAL D 845 33.11 -19.58 2.62
CA VAL D 845 32.83 -18.15 2.77
C VAL D 845 32.71 -17.47 1.41
N LEU D 846 33.69 -17.71 0.53
CA LEU D 846 33.73 -16.98 -0.73
C LEU D 846 32.67 -17.47 -1.71
N GLU D 847 32.38 -18.77 -1.71
CA GLU D 847 31.29 -19.27 -2.55
C GLU D 847 29.96 -18.64 -2.13
N TYR D 848 29.72 -18.57 -0.82
CA TYR D 848 28.51 -17.93 -0.34
C TYR D 848 28.48 -16.46 -0.72
N PHE D 849 29.63 -15.78 -0.63
CA PHE D 849 29.68 -14.37 -1.00
C PHE D 849 29.31 -14.17 -2.47
N ILE D 850 29.90 -14.99 -3.35
CA ILE D 850 29.65 -14.80 -4.78
C ILE D 850 28.25 -15.27 -5.17
N ASN D 851 27.62 -16.11 -4.35
CA ASN D 851 26.27 -16.56 -4.66
C ASN D 851 25.22 -15.45 -4.52
N THR D 852 25.52 -14.40 -3.76
CA THR D 852 24.50 -13.41 -3.40
C THR D 852 24.13 -12.47 -4.54
N HIS D 853 25.01 -12.30 -5.54
CA HIS D 853 24.74 -11.34 -6.61
C HIS D 853 23.40 -11.63 -7.28
N GLY D 854 23.27 -12.82 -7.88
CA GLY D 854 22.05 -13.13 -8.61
C GLY D 854 20.83 -13.19 -7.71
N ALA D 855 21.00 -13.70 -6.49
CA ALA D 855 19.87 -13.75 -5.55
C ALA D 855 19.32 -12.36 -5.27
N ARG D 856 20.21 -11.41 -4.94
CA ARG D 856 19.77 -10.05 -4.68
C ARG D 856 19.17 -9.40 -5.92
N LYS D 857 19.78 -9.66 -7.10
CA LYS D 857 19.23 -9.08 -8.33
C LYS D 857 17.81 -9.56 -8.58
N GLY D 858 17.58 -10.87 -8.46
CA GLY D 858 16.25 -11.40 -8.69
C GLY D 858 15.26 -10.94 -7.65
N LEU D 859 15.71 -10.83 -6.39
CA LEU D 859 14.82 -10.33 -5.34
C LEU D 859 14.43 -8.88 -5.61
N ALA D 860 15.36 -8.07 -6.15
CA ALA D 860 15.09 -6.68 -6.41
C ALA D 860 14.36 -6.43 -7.71
N ASP D 861 14.21 -7.45 -8.57
CA ASP D 861 13.50 -7.27 -9.83
C ASP D 861 11.98 -7.36 -9.71
N THR D 862 11.46 -7.95 -8.63
CA THR D 862 10.05 -8.29 -8.56
C THR D 862 9.15 -7.05 -8.56
N ALA D 863 9.56 -5.99 -7.85
CA ALA D 863 8.75 -4.78 -7.81
C ALA D 863 8.60 -4.17 -9.19
N LEU D 864 9.69 -4.13 -9.95
CA LEU D 864 9.62 -3.61 -11.31
C LEU D 864 8.74 -4.50 -12.18
N ARG D 865 8.83 -5.82 -12.02
CA ARG D 865 7.95 -6.71 -12.77
C ARG D 865 6.49 -6.41 -12.47
N THR D 866 6.15 -6.24 -11.19
CA THR D 866 4.76 -5.96 -10.82
C THR D 866 4.31 -4.62 -11.41
N ALA D 867 5.16 -3.60 -11.35
CA ALA D 867 4.78 -2.30 -11.90
C ALA D 867 4.53 -2.38 -13.39
N ASP D 868 5.42 -3.06 -14.12
CA ASP D 868 5.25 -3.20 -15.56
C ASP D 868 3.98 -3.97 -15.89
N SER D 869 3.71 -5.05 -15.16
CA SER D 869 2.49 -5.81 -15.41
C SER D 869 1.25 -4.96 -15.13
N GLY D 870 1.29 -4.15 -14.08
CA GLY D 870 0.16 -3.29 -13.79
C GLY D 870 -0.08 -2.28 -14.90
N TYR D 871 0.98 -1.67 -15.41
CA TYR D 871 0.83 -0.74 -16.53
C TYR D 871 0.25 -1.44 -17.75
N LEU D 872 0.76 -2.63 -18.06
CA LEU D 872 0.26 -3.38 -19.21
C LEU D 872 -1.23 -3.69 -19.05
N THR D 873 -1.63 -4.15 -17.86
CA THR D 873 -3.03 -4.46 -17.64
C THR D 873 -3.89 -3.22 -17.74
N ARG D 874 -3.42 -2.09 -17.21
CA ARG D 874 -4.15 -0.84 -17.34
C ARG D 874 -4.41 -0.52 -18.81
N ARG D 875 -3.37 -0.61 -19.63
CA ARG D 875 -3.54 -0.26 -21.04
C ARG D 875 -4.48 -1.22 -21.76
N LEU D 876 -4.33 -2.53 -21.54
CA LEU D 876 -5.23 -3.47 -22.19
C LEU D 876 -6.68 -3.27 -21.75
N VAL D 877 -6.90 -2.98 -20.47
CA VAL D 877 -8.26 -2.70 -20.02
C VAL D 877 -8.78 -1.44 -20.71
N ASP D 878 -7.91 -0.43 -20.84
CA ASP D 878 -8.34 0.83 -21.46
C ASP D 878 -8.77 0.62 -22.91
N VAL D 879 -8.03 -0.18 -23.67
CA VAL D 879 -8.27 -0.26 -25.11
C VAL D 879 -9.50 -1.10 -25.43
N SER D 880 -9.81 -2.12 -24.62
CA SER D 880 -10.81 -3.13 -24.97
C SER D 880 -12.00 -3.09 -24.03
N GLN D 881 -12.44 -1.90 -23.63
CA GLN D 881 -13.44 -1.76 -22.58
C GLN D 881 -14.86 -1.62 -23.13
N ASP D 882 -15.04 -1.60 -24.45
CA ASP D 882 -16.36 -1.54 -25.06
C ASP D 882 -16.61 -2.75 -25.94
N VAL D 883 -15.98 -3.88 -25.62
CA VAL D 883 -16.20 -5.13 -26.33
C VAL D 883 -17.18 -5.92 -25.47
N ILE D 884 -18.47 -5.84 -25.81
CA ILE D 884 -19.53 -6.44 -25.03
C ILE D 884 -20.44 -7.23 -25.96
N VAL D 885 -20.95 -8.37 -25.48
CA VAL D 885 -21.84 -9.21 -26.26
C VAL D 885 -23.21 -8.54 -26.34
N ARG D 886 -23.49 -7.90 -27.47
CA ARG D 886 -24.69 -7.08 -27.62
C ARG D 886 -25.85 -7.83 -28.28
N GLU D 887 -25.57 -8.76 -29.20
CA GLU D 887 -26.60 -9.49 -29.91
C GLU D 887 -26.25 -10.98 -29.92
N HIS D 888 -27.28 -11.81 -30.05
CA HIS D 888 -27.08 -13.25 -29.99
C HIS D 888 -26.18 -13.73 -31.12
N ASP D 889 -26.47 -13.31 -32.35
CA ASP D 889 -25.74 -13.81 -33.52
C ASP D 889 -25.73 -12.75 -34.60
N CYS D 890 -24.55 -12.53 -35.20
CA CYS D 890 -24.40 -11.59 -36.30
C CYS D 890 -24.65 -12.21 -37.67
N GLU D 891 -24.80 -13.54 -37.74
CA GLU D 891 -25.16 -14.24 -38.97
C GLU D 891 -24.15 -13.96 -40.09
N THR D 892 -22.93 -14.43 -39.87
CA THR D 892 -21.86 -14.33 -40.85
C THR D 892 -21.25 -15.69 -41.07
N GLU D 893 -20.74 -15.91 -42.30
CA GLU D 893 -20.05 -17.14 -42.64
C GLU D 893 -18.54 -17.00 -42.66
N ARG D 894 -18.02 -15.78 -42.50
CA ARG D 894 -16.58 -15.51 -42.57
C ARG D 894 -15.92 -15.96 -41.28
N GLY D 895 -15.40 -17.18 -41.30
CA GLY D 895 -14.71 -17.77 -40.16
C GLY D 895 -13.21 -17.63 -40.27
N ILE D 896 -12.50 -18.59 -39.67
CA ILE D 896 -11.04 -18.62 -39.71
C ILE D 896 -10.59 -20.07 -39.66
N ASN D 897 -9.49 -20.36 -40.35
CA ASN D 897 -8.95 -21.71 -40.41
C ASN D 897 -8.19 -22.05 -39.15
N VAL D 898 -8.35 -23.29 -38.69
CA VAL D 898 -7.62 -23.79 -37.54
C VAL D 898 -7.25 -25.24 -37.81
N THR D 899 -6.15 -25.68 -37.20
CA THR D 899 -5.60 -27.01 -37.41
C THR D 899 -5.85 -27.87 -36.18
N LEU D 900 -6.31 -29.10 -36.40
CA LEU D 900 -6.61 -30.03 -35.32
C LEU D 900 -5.59 -31.14 -35.16
N ALA D 901 -4.93 -31.56 -36.24
CA ALA D 901 -4.05 -32.72 -36.21
C ALA D 901 -2.73 -32.42 -36.92
N GLU D 902 -1.67 -33.01 -36.42
CA GLU D 902 -0.34 -32.94 -37.01
C GLU D 902 0.07 -34.32 -37.53
N ARG D 903 0.75 -34.33 -38.67
CA ARG D 903 1.23 -35.56 -39.26
C ARG D 903 2.36 -35.22 -40.23
N GLY D 904 3.18 -36.23 -40.51
CA GLY D 904 4.21 -36.10 -41.52
C GLY D 904 3.78 -36.76 -42.81
N PRO D 905 4.65 -36.72 -43.83
CA PRO D 905 4.32 -37.45 -45.06
C PRO D 905 4.11 -38.93 -44.82
N ASP D 906 4.88 -39.51 -43.91
CA ASP D 906 4.67 -40.87 -43.44
C ASP D 906 4.67 -40.86 -41.92
N GLY D 907 3.67 -41.50 -41.32
CA GLY D 907 3.55 -41.51 -39.88
C GLY D 907 2.12 -41.67 -39.40
N THR D 908 1.71 -40.86 -38.43
CA THR D 908 0.39 -40.96 -37.84
C THR D 908 -0.15 -39.57 -37.54
N LEU D 909 -1.49 -39.48 -37.49
CA LEU D 909 -2.17 -38.25 -37.13
C LEU D 909 -2.27 -38.16 -35.61
N ILE D 910 -1.81 -37.03 -35.05
CA ILE D 910 -1.83 -36.83 -33.60
C ILE D 910 -2.41 -35.45 -33.32
N ARG D 911 -3.19 -35.35 -32.25
CA ARG D 911 -3.79 -34.06 -31.91
C ARG D 911 -2.71 -33.00 -31.76
N ASP D 912 -2.95 -31.84 -32.36
CA ASP D 912 -1.92 -30.81 -32.44
C ASP D 912 -1.49 -30.37 -31.04
N ALA D 913 -0.30 -29.78 -30.96
CA ALA D 913 0.31 -29.45 -29.68
C ALA D 913 -0.36 -28.26 -28.99
N HIS D 914 -1.20 -27.50 -29.69
CA HIS D 914 -1.86 -26.34 -29.11
C HIS D 914 -3.35 -26.34 -29.46
N VAL D 915 -3.98 -27.51 -29.38
CA VAL D 915 -5.42 -27.57 -29.59
C VAL D 915 -6.16 -26.84 -28.47
N GLU D 916 -5.62 -26.92 -27.24
CA GLU D 916 -6.31 -26.33 -26.09
C GLU D 916 -6.49 -24.82 -26.26
N THR D 917 -5.45 -24.13 -26.73
CA THR D 917 -5.47 -22.68 -26.78
C THR D 917 -6.10 -22.11 -28.04
N SER D 918 -6.29 -22.92 -29.08
CA SER D 918 -6.75 -22.42 -30.37
C SER D 918 -8.08 -23.01 -30.82
N ALA D 919 -8.23 -24.33 -30.77
CA ALA D 919 -9.39 -25.00 -31.33
C ALA D 919 -10.49 -25.28 -30.32
N PHE D 920 -10.11 -25.74 -29.12
CA PHE D 920 -11.11 -26.08 -28.12
C PHE D 920 -11.95 -24.86 -27.75
N ALA D 921 -13.24 -25.11 -27.50
CA ALA D 921 -14.17 -24.08 -27.05
C ALA D 921 -14.45 -23.04 -28.15
N ARG D 922 -14.66 -23.52 -29.37
CA ARG D 922 -15.02 -22.68 -30.50
C ARG D 922 -16.38 -23.11 -31.05
N THR D 923 -16.82 -22.43 -32.10
CA THR D 923 -18.03 -22.77 -32.82
C THR D 923 -17.70 -22.95 -34.30
N LEU D 924 -18.13 -24.07 -34.88
CA LEU D 924 -17.81 -24.37 -36.26
C LEU D 924 -18.59 -23.44 -37.19
N ALA D 925 -17.87 -22.71 -38.04
CA ALA D 925 -18.52 -21.82 -38.99
C ALA D 925 -19.11 -22.59 -40.16
N THR D 926 -18.46 -23.67 -40.59
CA THR D 926 -18.91 -24.48 -41.70
C THR D 926 -18.82 -25.95 -41.32
N ASP D 927 -19.62 -26.76 -42.01
CA ASP D 927 -19.68 -28.18 -41.70
C ASP D 927 -18.33 -28.85 -41.94
N ALA D 928 -18.00 -29.80 -41.08
CA ALA D 928 -16.75 -30.55 -41.18
C ALA D 928 -16.97 -31.76 -42.07
N VAL D 929 -16.39 -31.75 -43.26
CA VAL D 929 -16.54 -32.81 -44.25
C VAL D 929 -15.16 -33.35 -44.59
N ASP D 930 -15.02 -34.67 -44.58
CA ASP D 930 -13.77 -35.32 -44.94
C ASP D 930 -13.72 -35.53 -46.46
N ALA D 931 -12.77 -36.34 -46.93
CA ALA D 931 -12.61 -36.56 -48.35
C ALA D 931 -13.83 -37.23 -48.98
N ASN D 932 -14.70 -37.85 -48.18
CA ASN D 932 -15.88 -38.50 -48.73
C ASN D 932 -16.96 -37.47 -49.08
N GLY D 933 -17.41 -36.71 -48.10
CA GLY D 933 -18.47 -35.73 -48.31
C GLY D 933 -19.46 -35.69 -47.17
N ASN D 934 -19.52 -36.75 -46.38
CA ASN D 934 -20.41 -36.79 -45.23
C ASN D 934 -20.01 -35.72 -44.22
N VAL D 935 -21.00 -35.05 -43.65
CA VAL D 935 -20.76 -33.99 -42.68
C VAL D 935 -20.53 -34.63 -41.31
N ILE D 936 -19.30 -34.51 -40.80
CA ILE D 936 -19.01 -35.04 -39.47
C ILE D 936 -19.67 -34.18 -38.41
N ILE D 937 -19.57 -32.86 -38.54
CA ILE D 937 -20.20 -31.92 -37.61
C ILE D 937 -20.89 -30.84 -38.43
N GLU D 938 -22.16 -30.59 -38.12
CA GLU D 938 -22.90 -29.54 -38.81
C GLU D 938 -22.45 -28.17 -38.31
N ARG D 939 -22.78 -27.14 -39.11
CA ARG D 939 -22.36 -25.80 -38.78
C ARG D 939 -23.04 -25.30 -37.51
N GLY D 940 -22.35 -24.39 -36.81
CA GLY D 940 -22.88 -23.84 -35.58
C GLY D 940 -22.76 -24.74 -34.37
N HIS D 941 -22.04 -25.86 -34.48
CA HIS D 941 -21.89 -26.79 -33.39
C HIS D 941 -20.74 -26.37 -32.48
N ASP D 942 -20.92 -26.57 -31.18
CA ASP D 942 -19.85 -26.31 -30.23
C ASP D 942 -18.73 -27.35 -30.39
N LEU D 943 -17.51 -26.91 -30.12
CA LEU D 943 -16.33 -27.76 -30.24
C LEU D 943 -15.81 -28.08 -28.84
N GLY D 944 -15.74 -29.37 -28.53
CA GLY D 944 -15.25 -29.82 -27.23
C GLY D 944 -14.45 -31.10 -27.38
N ASP D 945 -13.89 -31.55 -26.26
CA ASP D 945 -13.04 -32.73 -26.27
C ASP D 945 -13.70 -33.95 -26.90
N PRO D 946 -14.96 -34.28 -26.57
CA PRO D 946 -15.62 -35.37 -27.32
C PRO D 946 -15.69 -35.08 -28.81
N ALA D 947 -16.04 -33.85 -29.19
CA ALA D 947 -16.07 -33.50 -30.60
C ALA D 947 -14.68 -33.50 -31.20
N ILE D 948 -13.67 -33.08 -30.44
CA ILE D 948 -12.29 -33.11 -30.93
C ILE D 948 -11.88 -34.55 -31.26
N ASP D 949 -12.18 -35.48 -30.34
CA ASP D 949 -11.86 -36.88 -30.59
C ASP D 949 -12.63 -37.42 -31.77
N ALA D 950 -13.92 -37.07 -31.89
CA ALA D 950 -14.71 -37.54 -33.02
C ALA D 950 -14.13 -37.04 -34.34
N LEU D 951 -13.73 -35.77 -34.39
CA LEU D 951 -13.12 -35.22 -35.59
C LEU D 951 -11.81 -35.91 -35.90
N LEU D 952 -11.01 -36.20 -34.87
CA LEU D 952 -9.77 -36.94 -35.09
C LEU D 952 -10.05 -38.35 -35.60
N ALA D 953 -11.10 -38.99 -35.09
CA ALA D 953 -11.50 -40.28 -35.61
C ALA D 953 -11.89 -40.21 -37.08
N ALA D 954 -12.30 -39.04 -37.56
CA ALA D 954 -12.64 -38.86 -38.97
C ALA D 954 -11.43 -38.64 -39.85
N GLY D 955 -10.24 -38.48 -39.28
CA GLY D 955 -9.03 -38.29 -40.05
C GLY D 955 -9.00 -37.00 -40.85
N ILE D 956 -9.36 -35.90 -40.20
CA ILE D 956 -9.31 -34.57 -40.82
C ILE D 956 -8.46 -33.66 -39.94
N THR D 957 -7.74 -32.74 -40.58
CA THR D 957 -6.73 -31.95 -39.92
C THR D 957 -7.10 -30.49 -39.68
N THR D 958 -7.93 -29.90 -40.54
CA THR D 958 -8.25 -28.48 -40.44
C THR D 958 -9.76 -28.27 -40.52
N VAL D 959 -10.21 -27.18 -39.89
CA VAL D 959 -11.63 -26.83 -39.87
C VAL D 959 -11.78 -25.33 -39.73
N LYS D 960 -12.97 -24.83 -40.07
CA LYS D 960 -13.29 -23.41 -39.98
C LYS D 960 -14.07 -23.14 -38.69
N VAL D 961 -13.64 -22.13 -37.94
CA VAL D 961 -14.27 -21.75 -36.68
C VAL D 961 -14.54 -20.26 -36.71
N ARG D 962 -15.68 -19.86 -36.14
CA ARG D 962 -16.04 -18.45 -36.08
C ARG D 962 -15.07 -17.71 -35.17
N SER D 963 -14.98 -16.39 -35.38
CA SER D 963 -13.99 -15.58 -34.67
C SER D 963 -14.55 -14.19 -34.45
N VAL D 964 -13.95 -13.48 -33.48
CA VAL D 964 -14.29 -12.08 -33.25
C VAL D 964 -13.55 -11.14 -34.19
N LEU D 965 -12.49 -11.62 -34.86
CA LEU D 965 -11.84 -10.81 -35.87
C LEU D 965 -12.79 -10.51 -37.03
N THR D 966 -13.56 -11.50 -37.44
CA THR D 966 -14.48 -11.39 -38.57
C THR D 966 -15.89 -11.00 -38.15
N CYS D 967 -16.18 -10.91 -36.86
CA CYS D 967 -17.53 -10.58 -36.41
C CYS D 967 -17.96 -9.25 -37.01
N THR D 968 -19.21 -9.19 -37.46
CA THR D 968 -19.69 -8.06 -38.25
C THR D 968 -20.70 -7.17 -37.54
N SER D 969 -21.13 -7.54 -36.32
CA SER D 969 -22.11 -6.73 -35.62
C SER D 969 -21.59 -5.31 -35.43
N ALA D 970 -22.46 -4.33 -35.66
CA ALA D 970 -22.04 -2.94 -35.58
C ALA D 970 -21.55 -2.58 -34.19
N THR D 971 -22.26 -3.03 -33.15
CA THR D 971 -21.94 -2.71 -31.78
C THR D 971 -21.36 -3.93 -31.08
N GLY D 972 -20.17 -3.76 -30.49
CA GLY D 972 -19.58 -4.85 -29.73
C GLY D 972 -19.39 -6.09 -30.59
N VAL D 973 -19.81 -7.23 -30.05
CA VAL D 973 -19.70 -8.52 -30.71
C VAL D 973 -20.94 -9.33 -30.37
N CYS D 974 -21.00 -10.55 -30.90
CA CYS D 974 -22.11 -11.46 -30.66
C CYS D 974 -21.60 -12.73 -30.00
N ALA D 975 -22.52 -13.41 -29.30
CA ALA D 975 -22.14 -14.57 -28.50
C ALA D 975 -21.59 -15.69 -29.37
N MET D 976 -22.25 -15.98 -30.50
CA MET D 976 -21.88 -17.14 -31.29
C MET D 976 -20.47 -17.04 -31.86
N CYS D 977 -19.97 -15.82 -32.09
CA CYS D 977 -18.59 -15.68 -32.55
C CYS D 977 -17.60 -15.79 -31.41
N TYR D 978 -18.00 -15.45 -30.18
CA TYR D 978 -17.08 -15.52 -29.05
C TYR D 978 -16.84 -16.95 -28.62
N GLY D 979 -17.80 -17.84 -28.86
CA GLY D 979 -17.69 -19.22 -28.41
C GLY D 979 -18.22 -19.41 -27.01
N ARG D 980 -18.13 -20.65 -26.54
CA ARG D 980 -18.63 -20.97 -25.21
C ARG D 980 -17.83 -20.21 -24.15
N SER D 981 -18.54 -19.75 -23.13
CA SER D 981 -17.89 -19.00 -22.05
C SER D 981 -16.87 -19.88 -21.34
N MET D 982 -15.68 -19.32 -21.10
CA MET D 982 -14.66 -20.07 -20.37
C MET D 982 -15.07 -20.32 -18.93
N ALA D 983 -15.86 -19.42 -18.35
CA ALA D 983 -16.24 -19.53 -16.94
C ALA D 983 -17.45 -20.42 -16.70
N THR D 984 -18.15 -20.85 -17.75
CA THR D 984 -19.31 -21.71 -17.60
C THR D 984 -19.28 -22.96 -18.48
N GLY D 985 -18.46 -22.99 -19.53
CA GLY D 985 -18.47 -24.10 -20.45
C GLY D 985 -19.64 -24.12 -21.40
N LYS D 986 -20.46 -23.08 -21.40
CA LYS D 986 -21.64 -23.00 -22.25
C LYS D 986 -21.58 -21.70 -23.05
N LEU D 987 -22.55 -21.55 -23.97
CA LEU D 987 -22.57 -20.37 -24.81
C LEU D 987 -22.69 -19.10 -23.98
N VAL D 988 -21.96 -18.07 -24.38
CA VAL D 988 -22.00 -16.80 -23.67
C VAL D 988 -23.41 -16.22 -23.75
N ASP D 989 -23.82 -15.54 -22.68
CA ASP D 989 -25.11 -14.87 -22.63
C ASP D 989 -24.95 -13.39 -22.96
N ILE D 990 -26.06 -12.79 -23.40
CA ILE D 990 -26.03 -11.38 -23.80
C ILE D 990 -25.63 -10.53 -22.59
N GLY D 991 -24.82 -9.50 -22.86
CA GLY D 991 -24.38 -8.58 -21.83
C GLY D 991 -23.04 -8.90 -21.21
N GLU D 992 -22.40 -9.99 -21.59
CA GLU D 992 -21.11 -10.35 -21.01
C GLU D 992 -20.08 -9.26 -21.33
N ALA D 993 -19.32 -8.86 -20.31
CA ALA D 993 -18.26 -7.86 -20.47
C ALA D 993 -16.95 -8.57 -20.82
N VAL D 994 -16.92 -9.10 -22.05
CA VAL D 994 -15.80 -9.95 -22.45
C VAL D 994 -14.48 -9.17 -22.50
N GLY D 995 -14.55 -7.86 -22.70
CA GLY D 995 -13.32 -7.08 -22.83
C GLY D 995 -12.50 -7.09 -21.55
N ILE D 996 -13.14 -6.84 -20.41
CA ILE D 996 -12.43 -6.86 -19.14
C ILE D 996 -11.89 -8.25 -18.85
N VAL D 997 -12.68 -9.27 -19.17
CA VAL D 997 -12.23 -10.64 -18.94
C VAL D 997 -10.97 -10.92 -19.74
N ALA D 998 -10.96 -10.52 -21.01
CA ALA D 998 -9.79 -10.75 -21.85
C ALA D 998 -8.58 -9.99 -21.32
N ALA D 999 -8.76 -8.73 -20.96
CA ALA D 999 -7.64 -7.94 -20.45
C ALA D 999 -7.07 -8.56 -19.18
N GLN D 1000 -7.94 -8.96 -18.26
CA GLN D 1000 -7.48 -9.55 -17.00
C GLN D 1000 -6.80 -10.89 -17.25
N SER D 1001 -7.33 -11.70 -18.17
CA SER D 1001 -6.71 -12.98 -18.46
C SER D 1001 -5.33 -12.79 -19.07
N ILE D 1002 -5.17 -11.80 -19.93
CA ILE D 1002 -3.87 -11.55 -20.55
C ILE D 1002 -2.89 -11.02 -19.51
N GLY D 1003 -3.37 -10.18 -18.58
CA GLY D 1003 -2.50 -9.62 -17.56
C GLY D 1003 -2.27 -10.49 -16.34
N GLU D 1004 -2.97 -11.62 -16.24
CA GLU D 1004 -2.83 -12.48 -15.06
C GLU D 1004 -1.38 -12.90 -14.82
N PRO D 1005 -0.64 -13.43 -15.80
CA PRO D 1005 0.77 -13.79 -15.59
C PRO D 1005 1.70 -12.59 -15.69
N GLY D 1006 1.43 -11.56 -14.89
CA GLY D 1006 2.22 -10.35 -14.97
C GLY D 1006 3.66 -10.55 -14.53
N THR D 1007 3.86 -11.30 -13.45
CA THR D 1007 5.18 -11.48 -12.84
C THR D 1007 5.81 -12.82 -13.19
N GLN D 1008 5.26 -13.53 -14.18
CA GLN D 1008 5.75 -14.86 -14.53
C GLN D 1008 6.42 -14.92 -15.89
N LEU D 1009 6.50 -13.80 -16.61
CA LEU D 1009 7.15 -13.78 -17.91
C LEU D 1009 8.61 -13.33 -17.79
N THR D 1010 9.37 -14.02 -16.94
CA THR D 1010 10.78 -13.70 -16.76
C THR D 1010 11.60 -14.26 -17.92
N MET D 1011 12.50 -13.44 -18.43
CA MET D 1011 13.34 -13.83 -19.57
C MET D 1011 14.10 -15.11 -19.27
N GLY D 1027 11.97 -12.01 -25.04
CA GLY D 1027 11.98 -10.83 -24.20
C GLY D 1027 11.04 -10.94 -23.01
N GLY D 1028 9.87 -11.54 -23.25
CA GLY D 1028 8.89 -11.72 -22.19
C GLY D 1028 7.90 -10.57 -22.14
N LEU D 1029 7.69 -10.03 -20.94
CA LEU D 1029 6.74 -8.93 -20.78
C LEU D 1029 7.11 -7.72 -21.63
N PRO D 1030 8.38 -7.29 -21.71
CA PRO D 1030 8.70 -6.20 -22.64
C PRO D 1030 8.32 -6.52 -24.09
N ARG D 1031 8.54 -7.77 -24.51
CA ARG D 1031 8.16 -8.17 -25.86
C ARG D 1031 6.66 -8.06 -26.05
N VAL D 1032 5.89 -8.53 -25.07
CA VAL D 1032 4.43 -8.45 -25.15
C VAL D 1032 3.99 -6.99 -25.22
N GLN D 1033 4.59 -6.13 -24.39
CA GLN D 1033 4.22 -4.72 -24.38
C GLN D 1033 4.53 -4.07 -25.73
N GLU D 1034 5.70 -4.35 -26.28
CA GLU D 1034 6.06 -3.77 -27.57
C GLU D 1034 5.13 -4.24 -28.67
N LEU D 1035 4.81 -5.53 -28.69
CA LEU D 1035 3.92 -6.06 -29.73
C LEU D 1035 2.52 -5.49 -29.60
N PHE D 1036 2.01 -5.37 -28.37
CA PHE D 1036 0.65 -4.87 -28.18
C PHE D 1036 0.52 -3.39 -28.54
N GLU D 1037 1.61 -2.67 -28.70
CA GLU D 1037 1.57 -1.26 -29.09
C GLU D 1037 1.79 -1.06 -30.58
N ALA D 1038 1.95 -2.14 -31.36
CA ALA D 1038 2.28 -2.05 -32.77
C ALA D 1038 3.57 -1.27 -33.00
N ARG D 1039 4.42 -1.19 -31.98
CA ARG D 1039 5.65 -0.43 -32.07
C ARG D 1039 6.61 -1.10 -33.03
N VAL D 1040 7.46 -0.29 -33.67
CA VAL D 1040 8.49 -0.82 -34.57
C VAL D 1040 9.37 -1.75 -33.74
N PRO D 1041 9.48 -3.03 -34.10
CA PRO D 1041 10.13 -3.99 -33.21
C PRO D 1041 11.64 -3.94 -33.28
N ARG D 1042 12.26 -4.42 -32.20
CA ARG D 1042 13.70 -4.63 -32.19
C ARG D 1042 14.06 -5.75 -33.15
N ASN D 1043 15.21 -5.61 -33.81
CA ASN D 1043 15.68 -6.59 -34.78
C ASN D 1043 14.68 -6.73 -35.94
N LYS D 1044 14.47 -5.62 -36.63
CA LYS D 1044 13.56 -5.58 -37.77
C LYS D 1044 13.97 -6.63 -38.80
N ALA D 1045 13.01 -7.45 -39.24
CA ALA D 1045 13.24 -8.44 -40.26
C ALA D 1045 12.52 -8.07 -41.55
N PRO D 1046 13.15 -8.26 -42.71
CA PRO D 1046 12.48 -7.96 -43.97
C PRO D 1046 11.66 -9.13 -44.49
N ILE D 1047 10.66 -8.80 -45.31
CA ILE D 1047 9.80 -9.79 -45.95
C ILE D 1047 9.77 -9.50 -47.44
N ALA D 1048 9.92 -10.55 -48.24
CA ALA D 1048 9.97 -10.39 -49.69
C ALA D 1048 8.58 -10.10 -50.23
N ASP D 1049 8.48 -9.04 -51.04
CA ASP D 1049 7.20 -8.66 -51.62
C ASP D 1049 6.81 -9.52 -52.83
N VAL D 1050 7.75 -10.25 -53.41
CA VAL D 1050 7.51 -11.04 -54.61
C VAL D 1050 8.07 -12.44 -54.42
N ALA D 1051 7.49 -13.39 -55.15
CA ALA D 1051 8.01 -14.76 -55.18
C ALA D 1051 9.13 -14.87 -56.20
N GLY D 1052 10.04 -15.81 -55.96
CA GLY D 1052 11.15 -16.02 -56.87
C GLY D 1052 12.35 -16.66 -56.21
N ARG D 1053 13.54 -16.12 -56.47
CA ARG D 1053 14.78 -16.67 -55.95
C ARG D 1053 15.58 -15.56 -55.26
N VAL D 1054 16.08 -15.85 -54.06
CA VAL D 1054 16.88 -14.88 -53.32
C VAL D 1054 18.32 -14.94 -53.80
N ARG D 1055 18.86 -13.80 -54.20
CA ARG D 1055 20.26 -13.68 -54.62
C ARG D 1055 20.98 -12.73 -53.67
N LEU D 1056 22.27 -13.00 -53.47
CA LEU D 1056 23.05 -12.40 -52.40
C LEU D 1056 24.25 -11.66 -52.96
N GLU D 1057 24.48 -10.45 -52.44
CA GLU D 1057 25.57 -9.57 -52.84
C GLU D 1057 26.25 -8.99 -51.60
N GLU D 1058 26.61 -9.86 -50.66
CA GLU D 1058 27.06 -9.43 -49.35
C GLU D 1058 28.29 -8.55 -49.42
N SER D 1059 28.31 -7.53 -48.56
CA SER D 1059 29.48 -6.70 -48.32
C SER D 1059 29.62 -6.52 -46.82
N ASP D 1060 30.81 -6.08 -46.40
CA ASP D 1060 31.06 -5.92 -44.97
C ASP D 1060 30.10 -4.93 -44.32
N LYS D 1061 29.50 -4.04 -45.12
CA LYS D 1061 28.53 -3.09 -44.58
C LYS D 1061 27.14 -3.70 -44.47
N PHE D 1062 26.59 -4.14 -45.59
CA PHE D 1062 25.25 -4.72 -45.63
C PHE D 1062 25.23 -5.88 -46.61
N PHE D 1063 24.22 -6.74 -46.46
CA PHE D 1063 24.13 -7.94 -47.30
C PHE D 1063 23.73 -7.59 -48.73
N LYS D 1064 22.83 -6.63 -48.91
CA LYS D 1064 22.39 -6.19 -50.24
C LYS D 1064 21.79 -7.37 -51.03
N ILE D 1065 20.69 -7.88 -50.51
CA ILE D 1065 20.01 -9.03 -51.10
C ILE D 1065 19.01 -8.55 -52.13
N THR D 1066 18.72 -9.40 -53.12
CA THR D 1066 17.73 -9.11 -54.15
C THR D 1066 16.83 -10.32 -54.32
N ILE D 1067 15.62 -10.09 -54.84
CA ILE D 1067 14.69 -11.15 -55.18
C ILE D 1067 14.48 -11.12 -56.69
N VAL D 1068 14.83 -12.23 -57.35
CA VAL D 1068 14.62 -12.38 -58.78
C VAL D 1068 13.24 -13.00 -58.97
N PRO D 1069 12.27 -12.27 -59.54
CA PRO D 1069 10.93 -12.84 -59.72
C PRO D 1069 10.85 -13.69 -60.98
N ASP D 1070 9.79 -14.51 -61.02
CA ASP D 1070 9.57 -15.37 -62.18
C ASP D 1070 9.43 -14.53 -63.45
N ASP D 1071 8.60 -13.49 -63.40
CA ASP D 1071 8.42 -12.60 -64.54
C ASP D 1071 8.34 -11.13 -64.16
N GLY D 1072 8.42 -10.79 -62.87
CA GLY D 1072 8.29 -9.41 -62.44
C GLY D 1072 9.31 -8.49 -63.06
N GLY D 1073 8.85 -7.36 -63.59
CA GLY D 1073 9.77 -6.41 -64.19
C GLY D 1073 10.73 -5.80 -63.19
N GLU D 1074 10.23 -5.47 -62.00
CA GLU D 1074 11.05 -4.88 -60.95
C GLU D 1074 11.65 -5.98 -60.09
N GLU D 1075 12.97 -5.95 -59.93
CA GLU D 1075 13.69 -6.87 -59.06
C GLU D 1075 13.87 -6.19 -57.71
N VAL D 1076 12.99 -6.53 -56.76
CA VAL D 1076 13.04 -5.88 -55.46
C VAL D 1076 14.39 -6.15 -54.79
N VAL D 1077 14.89 -5.14 -54.09
CA VAL D 1077 16.21 -5.20 -53.47
C VAL D 1077 16.11 -4.65 -52.05
N TYR D 1078 16.73 -5.36 -51.10
CA TYR D 1078 16.85 -4.89 -49.73
C TYR D 1078 18.34 -4.69 -49.46
N ASP D 1079 18.72 -3.44 -49.18
CA ASP D 1079 20.12 -3.02 -49.17
C ASP D 1079 20.70 -2.97 -47.75
N LYS D 1080 20.11 -2.17 -46.88
CA LYS D 1080 20.67 -1.93 -45.54
C LYS D 1080 20.25 -3.05 -44.57
N LEU D 1081 20.65 -4.27 -44.92
CA LEU D 1081 20.43 -5.44 -44.08
C LEU D 1081 21.72 -5.70 -43.30
N SER D 1082 21.67 -5.46 -41.99
CA SER D 1082 22.87 -5.52 -41.17
C SER D 1082 23.45 -6.93 -41.15
N LYS D 1083 24.77 -7.01 -40.99
CA LYS D 1083 25.48 -8.28 -41.02
C LYS D 1083 25.34 -9.07 -39.73
N ARG D 1084 24.73 -8.49 -38.69
CA ARG D 1084 24.51 -9.17 -37.42
C ARG D 1084 23.32 -10.12 -37.45
N GLN D 1085 22.79 -10.43 -38.63
CA GLN D 1085 21.50 -11.12 -38.73
C GLN D 1085 21.65 -12.63 -38.64
N ARG D 1086 20.66 -13.27 -38.02
CA ARG D 1086 20.53 -14.72 -38.06
C ARG D 1086 19.76 -15.13 -39.30
N LEU D 1087 20.26 -16.16 -39.97
CA LEU D 1087 19.70 -16.58 -41.26
C LEU D 1087 18.48 -17.49 -41.07
N ARG D 1088 17.69 -17.59 -42.14
CA ARG D 1088 16.54 -18.48 -42.17
C ARG D 1088 16.98 -19.90 -42.51
N VAL D 1089 16.11 -20.86 -42.20
CA VAL D 1089 16.36 -22.27 -42.48
C VAL D 1089 15.14 -22.87 -43.15
N ILE D 1090 15.38 -23.96 -43.87
CA ILE D 1090 14.33 -24.72 -44.55
C ILE D 1090 14.48 -26.18 -44.16
N THR D 1091 13.37 -26.82 -43.76
CA THR D 1091 13.43 -28.16 -43.21
C THR D 1091 12.36 -29.10 -43.76
N HIS D 1092 11.59 -28.69 -44.76
CA HIS D 1092 10.54 -29.53 -45.31
C HIS D 1092 11.07 -30.35 -46.49
N GLU D 1093 10.22 -31.25 -47.00
CA GLU D 1093 10.64 -32.25 -47.98
C GLU D 1093 10.78 -31.64 -49.38
N ASP D 1094 11.71 -30.70 -49.49
CA ASP D 1094 12.16 -30.21 -50.78
C ASP D 1094 13.35 -31.00 -51.31
N GLY D 1095 13.84 -31.98 -50.55
CA GLY D 1095 15.03 -32.72 -50.90
C GLY D 1095 16.28 -32.29 -50.18
N THR D 1096 16.20 -31.29 -49.30
CA THR D 1096 17.38 -30.77 -48.61
C THR D 1096 16.94 -30.12 -47.31
N GLU D 1097 17.85 -30.12 -46.34
CA GLU D 1097 17.63 -29.45 -45.07
C GLU D 1097 18.90 -28.72 -44.67
N GLY D 1098 18.74 -27.51 -44.14
CA GLY D 1098 19.88 -26.72 -43.71
C GLY D 1098 19.60 -25.24 -43.86
N VAL D 1099 20.61 -24.45 -43.50
CA VAL D 1099 20.48 -23.00 -43.60
C VAL D 1099 20.52 -22.56 -45.06
N LEU D 1100 20.06 -21.34 -45.30
CA LEU D 1100 19.98 -20.82 -46.66
C LEU D 1100 21.38 -20.68 -47.27
N SER D 1101 21.40 -20.60 -48.60
CA SER D 1101 22.62 -20.33 -49.35
C SER D 1101 22.26 -19.48 -50.55
N ASP D 1102 23.27 -18.81 -51.11
CA ASP D 1102 23.03 -17.91 -52.23
C ASP D 1102 22.31 -18.65 -53.36
N GLY D 1103 21.11 -18.18 -53.69
CA GLY D 1103 20.32 -18.78 -54.75
C GLY D 1103 19.28 -19.76 -54.25
N ASP D 1104 18.49 -19.35 -53.26
CA ASP D 1104 17.42 -20.18 -52.70
C ASP D 1104 16.05 -19.60 -53.10
N HIS D 1105 15.01 -20.36 -52.75
CA HIS D 1105 13.65 -20.05 -53.16
C HIS D 1105 12.96 -19.13 -52.16
N VAL D 1106 12.03 -18.31 -52.67
CA VAL D 1106 11.18 -17.46 -51.85
C VAL D 1106 9.79 -17.42 -52.48
N GLU D 1107 8.83 -16.94 -51.71
CA GLU D 1107 7.43 -16.86 -52.13
C GLU D 1107 6.88 -15.47 -51.79
N VAL D 1108 5.70 -15.17 -52.33
CA VAL D 1108 5.09 -13.86 -52.13
C VAL D 1108 4.87 -13.63 -50.64
N GLY D 1109 5.51 -12.58 -50.11
CA GLY D 1109 5.28 -12.15 -48.75
C GLY D 1109 5.96 -12.97 -47.68
N ASP D 1110 6.79 -13.95 -48.05
CA ASP D 1110 7.45 -14.77 -47.05
C ASP D 1110 8.51 -13.97 -46.30
N GLN D 1111 8.82 -14.44 -45.10
CA GLN D 1111 9.82 -13.79 -44.26
C GLN D 1111 11.21 -14.21 -44.70
N LEU D 1112 12.04 -13.22 -45.06
CA LEU D 1112 13.38 -13.52 -45.55
C LEU D 1112 14.31 -13.95 -44.42
N MET D 1113 14.18 -13.34 -43.25
CA MET D 1113 15.06 -13.60 -42.11
C MET D 1113 14.23 -13.84 -40.87
N GLU D 1114 14.73 -14.70 -39.99
CA GLU D 1114 14.01 -15.13 -38.80
C GLU D 1114 14.22 -14.14 -37.65
N GLY D 1115 13.81 -12.91 -37.89
CA GLY D 1115 13.78 -11.88 -36.87
C GLY D 1115 12.37 -11.57 -36.42
N ALA D 1116 12.22 -10.39 -35.82
CA ALA D 1116 10.91 -9.91 -35.37
C ALA D 1116 10.27 -9.13 -36.52
N ALA D 1117 9.44 -9.81 -37.31
CA ALA D 1117 8.79 -9.17 -38.45
C ALA D 1117 7.89 -8.05 -37.97
N ASP D 1118 8.05 -6.88 -38.59
CA ASP D 1118 7.24 -5.73 -38.21
C ASP D 1118 5.80 -5.96 -38.66
N PRO D 1119 4.82 -5.85 -37.77
CA PRO D 1119 3.43 -6.06 -38.20
C PRO D 1119 2.99 -5.14 -39.31
N HIS D 1120 3.54 -3.92 -39.39
CA HIS D 1120 3.16 -3.01 -40.47
C HIS D 1120 3.53 -3.59 -41.83
N GLU D 1121 4.72 -4.18 -41.94
CA GLU D 1121 5.13 -4.81 -43.20
C GLU D 1121 4.15 -5.90 -43.59
N VAL D 1122 3.79 -6.76 -42.64
CA VAL D 1122 2.88 -7.86 -42.93
C VAL D 1122 1.52 -7.33 -43.37
N LEU D 1123 1.01 -6.33 -42.67
CA LEU D 1123 -0.30 -5.78 -43.02
C LEU D 1123 -0.28 -5.16 -44.40
N ARG D 1124 0.77 -4.41 -44.73
CA ARG D 1124 0.80 -3.71 -46.01
C ARG D 1124 1.10 -4.64 -47.18
N VAL D 1125 1.81 -5.74 -46.94
CA VAL D 1125 2.19 -6.64 -48.03
C VAL D 1125 1.17 -7.75 -48.18
N GLN D 1126 0.99 -8.55 -47.13
CA GLN D 1126 0.14 -9.74 -47.25
C GLN D 1126 -1.34 -9.39 -47.18
N GLY D 1127 -1.74 -8.65 -46.14
CA GLY D 1127 -3.11 -8.22 -46.02
C GLY D 1127 -3.59 -8.16 -44.58
N PRO D 1128 -4.88 -7.87 -44.39
CA PRO D 1128 -5.43 -7.79 -43.02
C PRO D 1128 -5.68 -9.16 -42.42
N ARG D 1129 -5.99 -10.15 -43.25
CA ARG D 1129 -6.21 -11.51 -42.76
C ARG D 1129 -4.92 -12.10 -42.19
N GLU D 1130 -3.77 -11.72 -42.74
CA GLU D 1130 -2.51 -12.32 -42.32
C GLU D 1130 -1.94 -11.63 -41.09
N VAL D 1131 -2.13 -10.31 -40.96
CA VAL D 1131 -1.52 -9.59 -39.85
C VAL D 1131 -2.08 -10.08 -38.52
N GLN D 1132 -3.38 -10.38 -38.49
CA GLN D 1132 -3.99 -10.87 -37.26
C GLN D 1132 -3.36 -12.20 -36.84
N ILE D 1133 -3.10 -13.08 -37.81
CA ILE D 1133 -2.49 -14.37 -37.50
C ILE D 1133 -1.11 -14.16 -36.88
N HIS D 1134 -0.31 -13.26 -37.47
CA HIS D 1134 1.02 -12.99 -36.93
C HIS D 1134 0.94 -12.41 -35.52
N LEU D 1135 0.04 -11.45 -35.32
CA LEU D 1135 -0.13 -10.87 -33.99
C LEU D 1135 -0.47 -11.94 -32.97
N VAL D 1136 -1.48 -12.77 -33.28
CA VAL D 1136 -1.93 -13.79 -32.33
C VAL D 1136 -0.80 -14.78 -32.05
N LYS D 1137 -0.11 -15.22 -33.10
CA LYS D 1137 0.95 -16.21 -32.93
C LYS D 1137 2.06 -15.66 -32.04
N GLU D 1138 2.52 -14.44 -32.31
CA GLU D 1138 3.64 -13.89 -31.55
C GLU D 1138 3.22 -13.55 -30.12
N VAL D 1139 1.96 -13.13 -29.92
CA VAL D 1139 1.48 -12.87 -28.56
C VAL D 1139 1.35 -14.18 -27.79
N GLN D 1140 0.94 -15.25 -28.47
CA GLN D 1140 0.70 -16.52 -27.78
C GLN D 1140 2.00 -17.24 -27.45
N GLU D 1141 2.99 -17.18 -28.34
CA GLU D 1141 4.20 -17.98 -28.15
C GLU D 1141 4.97 -17.56 -26.91
N VAL D 1142 5.04 -16.25 -26.64
CA VAL D 1142 5.78 -15.79 -25.47
C VAL D 1142 5.14 -16.33 -24.19
N TYR D 1143 3.82 -16.29 -24.10
CA TYR D 1143 3.14 -16.89 -22.95
C TYR D 1143 3.38 -18.40 -22.91
N ARG D 1144 3.27 -19.05 -24.06
CA ARG D 1144 3.37 -20.51 -24.12
C ARG D 1144 4.74 -21.00 -23.69
N ALA D 1145 5.77 -20.18 -23.91
CA ALA D 1145 7.12 -20.59 -23.52
C ALA D 1145 7.21 -20.92 -22.03
N GLN D 1146 6.46 -20.21 -21.20
CA GLN D 1146 6.44 -20.45 -19.76
C GLN D 1146 5.30 -21.34 -19.32
N GLY D 1147 4.50 -21.86 -20.25
CA GLY D 1147 3.44 -22.79 -19.91
C GLY D 1147 2.14 -22.17 -19.44
N VAL D 1148 1.99 -20.85 -19.58
CA VAL D 1148 0.75 -20.19 -19.18
C VAL D 1148 -0.28 -20.38 -20.29
N SER D 1149 -1.37 -21.06 -19.97
CA SER D 1149 -2.41 -21.38 -20.96
C SER D 1149 -3.44 -20.27 -20.99
N ILE D 1150 -3.49 -19.53 -22.10
CA ILE D 1150 -4.48 -18.50 -22.33
C ILE D 1150 -5.15 -18.79 -23.66
N HIS D 1151 -6.49 -18.84 -23.66
CA HIS D 1151 -7.21 -19.14 -24.88
C HIS D 1151 -7.04 -18.02 -25.89
N ASP D 1152 -7.00 -18.40 -27.17
CA ASP D 1152 -6.69 -17.43 -28.23
C ASP D 1152 -7.68 -16.28 -28.23
N LYS D 1153 -8.95 -16.53 -27.88
CA LYS D 1153 -9.99 -15.52 -28.09
C LYS D 1153 -9.75 -14.24 -27.29
N HIS D 1154 -9.02 -14.31 -26.19
CA HIS D 1154 -8.72 -13.09 -25.43
C HIS D 1154 -7.81 -12.16 -26.24
N ILE D 1155 -6.70 -12.69 -26.73
CA ILE D 1155 -5.82 -11.90 -27.60
C ILE D 1155 -6.57 -11.52 -28.86
N GLU D 1156 -7.49 -12.37 -29.32
CA GLU D 1156 -8.31 -12.05 -30.48
C GLU D 1156 -9.15 -10.80 -30.22
N VAL D 1157 -9.78 -10.73 -29.05
CA VAL D 1157 -10.57 -9.55 -28.69
C VAL D 1157 -9.68 -8.33 -28.61
N ILE D 1158 -8.49 -8.47 -28.01
CA ILE D 1158 -7.59 -7.33 -27.91
C ILE D 1158 -7.21 -6.84 -29.30
N VAL D 1159 -6.92 -7.76 -30.22
CA VAL D 1159 -6.51 -7.37 -31.58
C VAL D 1159 -7.67 -6.72 -32.32
N ARG D 1160 -8.90 -7.20 -32.08
CA ARG D 1160 -10.05 -6.69 -32.83
C ARG D 1160 -10.13 -5.17 -32.78
N GLN D 1161 -9.82 -4.59 -31.61
CA GLN D 1161 -9.92 -3.14 -31.44
C GLN D 1161 -8.77 -2.38 -32.09
N MET D 1162 -7.74 -3.08 -32.58
CA MET D 1162 -6.60 -2.42 -33.20
C MET D 1162 -6.84 -2.06 -34.66
N LEU D 1163 -7.89 -2.59 -35.29
CA LEU D 1163 -8.11 -2.42 -36.71
C LEU D 1163 -9.48 -1.82 -36.97
N ARG D 1164 -9.87 -0.86 -36.14
CA ARG D 1164 -11.17 -0.21 -36.26
C ARG D 1164 -11.15 0.99 -37.19
N ARG D 1165 -9.96 1.44 -37.62
CA ARG D 1165 -9.84 2.70 -38.34
C ARG D 1165 -8.89 2.52 -39.52
N VAL D 1166 -9.10 3.33 -40.56
CA VAL D 1166 -8.28 3.30 -41.76
C VAL D 1166 -7.78 4.71 -42.05
N THR D 1167 -6.55 4.81 -42.54
CA THR D 1167 -6.00 6.10 -42.91
C THR D 1167 -6.53 6.49 -44.29
N ILE D 1168 -7.04 7.71 -44.41
CA ILE D 1168 -7.73 8.18 -45.60
C ILE D 1168 -6.73 8.80 -46.55
N ILE D 1169 -6.94 8.58 -47.85
CA ILE D 1169 -6.04 9.08 -48.90
C ILE D 1169 -6.74 10.12 -49.78
N ASP D 1170 -7.86 9.73 -50.40
CA ASP D 1170 -8.51 10.56 -51.40
C ASP D 1170 -9.88 11.04 -50.90
N SER D 1171 -10.21 12.28 -51.21
CA SER D 1171 -11.51 12.85 -50.85
C SER D 1171 -11.81 13.96 -51.84
N GLY D 1172 -12.79 13.74 -52.71
CA GLY D 1172 -13.13 14.71 -53.73
C GLY D 1172 -14.25 15.66 -53.32
N SER D 1173 -15.35 15.10 -52.81
CA SER D 1173 -16.49 15.92 -52.39
C SER D 1173 -16.99 15.59 -50.99
N THR D 1174 -16.72 14.41 -50.45
CA THR D 1174 -17.17 14.09 -49.11
C THR D 1174 -16.42 14.93 -48.09
N GLU D 1175 -17.05 15.12 -46.92
CA GLU D 1175 -16.49 16.00 -45.90
C GLU D 1175 -15.28 15.40 -45.20
N PHE D 1176 -14.95 14.14 -45.44
CA PHE D 1176 -13.76 13.55 -44.84
C PHE D 1176 -12.52 14.24 -45.36
N LEU D 1177 -11.55 14.45 -44.46
CA LEU D 1177 -10.34 15.20 -44.77
C LEU D 1177 -9.17 14.24 -44.93
N PRO D 1178 -8.49 14.19 -46.08
CA PRO D 1178 -7.33 13.31 -46.22
C PRO D 1178 -6.26 13.63 -45.19
N GLY D 1179 -5.35 12.68 -45.00
CA GLY D 1179 -4.27 12.85 -44.05
C GLY D 1179 -4.68 12.62 -42.61
N SER D 1180 -5.70 11.81 -42.36
CA SER D 1180 -6.18 11.56 -41.01
C SER D 1180 -6.62 10.10 -40.93
N LEU D 1181 -7.32 9.75 -39.85
CA LEU D 1181 -7.81 8.41 -39.62
C LEU D 1181 -9.30 8.46 -39.29
N THR D 1182 -10.03 7.46 -39.74
CA THR D 1182 -11.47 7.42 -39.54
C THR D 1182 -11.92 5.96 -39.42
N GLU D 1183 -13.05 5.78 -38.75
CA GLU D 1183 -13.59 4.43 -38.56
C GLU D 1183 -13.91 3.79 -39.91
N ARG D 1184 -13.51 2.53 -40.06
CA ARG D 1184 -13.81 1.81 -41.30
C ARG D 1184 -15.30 1.60 -41.47
N ALA D 1185 -16.04 1.39 -40.38
CA ALA D 1185 -17.49 1.28 -40.47
C ALA D 1185 -18.10 2.58 -40.99
N GLU D 1186 -17.74 3.70 -40.37
CA GLU D 1186 -18.20 5.00 -40.86
C GLU D 1186 -17.72 5.25 -42.27
N PHE D 1187 -16.46 4.92 -42.54
CA PHE D 1187 -15.89 5.11 -43.88
C PHE D 1187 -16.74 4.41 -44.93
N GLU D 1188 -17.01 3.12 -44.73
CA GLU D 1188 -17.76 2.35 -45.73
C GLU D 1188 -19.21 2.81 -45.80
N ALA D 1189 -19.85 3.06 -44.66
CA ALA D 1189 -21.24 3.48 -44.68
C ALA D 1189 -21.42 4.81 -45.39
N GLU D 1190 -20.54 5.77 -45.13
CA GLU D 1190 -20.68 7.07 -45.78
C GLU D 1190 -20.27 7.00 -47.25
N ASN D 1191 -19.37 6.09 -47.62
CA ASN D 1191 -19.05 5.94 -49.03
C ASN D 1191 -20.19 5.28 -49.79
N ARG D 1192 -20.94 4.38 -49.15
CA ARG D 1192 -22.12 3.82 -49.78
C ARG D 1192 -23.34 4.75 -49.69
N ARG D 1193 -23.25 5.79 -48.86
CA ARG D 1193 -24.28 6.84 -48.90
C ARG D 1193 -23.97 7.87 -49.99
N VAL D 1194 -22.71 8.29 -50.09
CA VAL D 1194 -22.30 9.31 -51.05
C VAL D 1194 -22.53 8.87 -52.49
N VAL D 1195 -22.72 7.57 -52.73
CA VAL D 1195 -22.92 7.08 -54.09
C VAL D 1195 -24.07 7.84 -54.77
N ALA D 1196 -25.05 8.28 -53.99
CA ALA D 1196 -26.25 8.89 -54.57
C ALA D 1196 -26.03 10.36 -54.90
N GLU D 1197 -25.77 11.20 -53.88
CA GLU D 1197 -25.70 12.64 -54.08
C GLU D 1197 -24.49 13.28 -53.41
N GLY D 1198 -23.56 12.51 -52.87
CA GLY D 1198 -22.42 13.11 -52.19
C GLY D 1198 -21.33 13.61 -53.11
N GLY D 1199 -21.45 13.38 -54.42
CA GLY D 1199 -20.49 13.90 -55.38
C GLY D 1199 -19.35 12.96 -55.67
N GLU D 1200 -18.60 12.57 -54.64
CA GLU D 1200 -17.43 11.71 -54.83
C GLU D 1200 -17.10 10.99 -53.52
N PRO D 1201 -16.95 9.67 -53.53
CA PRO D 1201 -16.54 8.96 -52.32
C PRO D 1201 -15.04 9.13 -52.05
N ALA D 1202 -14.64 8.74 -50.85
CA ALA D 1202 -13.26 8.84 -50.42
C ALA D 1202 -12.54 7.50 -50.59
N ALA D 1203 -11.23 7.53 -50.37
CA ALA D 1203 -10.40 6.34 -50.45
C ALA D 1203 -9.47 6.29 -49.25
N GLY D 1204 -9.20 5.08 -48.77
CA GLY D 1204 -8.32 4.90 -47.63
C GLY D 1204 -7.94 3.44 -47.50
N ARG D 1205 -6.93 3.20 -46.68
CA ARG D 1205 -6.40 1.86 -46.49
C ARG D 1205 -6.15 1.60 -45.01
N PRO D 1206 -6.15 0.34 -44.59
CA PRO D 1206 -6.01 0.04 -43.15
C PRO D 1206 -4.64 0.43 -42.62
N VAL D 1207 -4.62 0.74 -41.31
CA VAL D 1207 -3.39 0.98 -40.58
C VAL D 1207 -3.53 0.34 -39.20
N LEU D 1208 -2.45 -0.28 -38.72
CA LEU D 1208 -2.48 -0.97 -37.44
C LEU D 1208 -2.33 0.04 -36.32
N MET D 1209 -3.37 0.15 -35.49
CA MET D 1209 -3.40 1.11 -34.39
C MET D 1209 -2.96 0.44 -33.11
N GLY D 1210 -2.03 1.08 -32.39
CA GLY D 1210 -1.63 0.59 -31.09
C GLY D 1210 -2.71 0.76 -30.05
N ILE D 1211 -2.57 0.02 -28.95
CA ILE D 1211 -3.55 0.09 -27.87
C ILE D 1211 -3.62 1.49 -27.30
N THR D 1212 -2.46 2.13 -27.11
CA THR D 1212 -2.45 3.48 -26.56
C THR D 1212 -3.19 4.46 -27.48
N LYS D 1213 -2.80 4.48 -28.76
CA LYS D 1213 -3.46 5.37 -29.70
C LYS D 1213 -4.91 4.98 -29.91
N ALA D 1214 -5.22 3.68 -29.87
CA ALA D 1214 -6.61 3.25 -29.98
C ALA D 1214 -7.45 3.79 -28.83
N SER D 1215 -6.88 3.80 -27.62
CA SER D 1215 -7.61 4.34 -26.46
C SER D 1215 -7.71 5.85 -26.53
N LEU D 1216 -6.70 6.52 -27.08
CA LEU D 1216 -6.76 7.98 -27.22
C LEU D 1216 -7.77 8.42 -28.27
N ALA D 1217 -8.28 7.51 -29.09
CA ALA D 1217 -9.21 7.84 -30.15
C ALA D 1217 -10.67 7.74 -29.71
N THR D 1218 -10.92 7.61 -28.41
CA THR D 1218 -12.29 7.48 -27.93
C THR D 1218 -13.10 8.73 -28.25
N ASP D 1219 -14.38 8.53 -28.57
CA ASP D 1219 -15.27 9.66 -28.81
C ASP D 1219 -15.66 10.34 -27.50
N SER D 1220 -15.73 9.59 -26.41
CA SER D 1220 -16.11 10.15 -25.13
C SER D 1220 -15.01 11.06 -24.59
N TRP D 1221 -15.32 12.35 -24.43
CA TRP D 1221 -14.34 13.27 -23.88
C TRP D 1221 -14.00 12.97 -22.43
N LEU D 1222 -14.89 12.28 -21.71
CA LEU D 1222 -14.60 11.92 -20.32
C LEU D 1222 -13.39 11.01 -20.23
N SER D 1223 -13.40 9.91 -20.98
CA SER D 1223 -12.28 8.98 -20.93
C SER D 1223 -11.01 9.59 -21.49
N ALA D 1224 -11.12 10.35 -22.58
CA ALA D 1224 -9.94 10.99 -23.16
C ALA D 1224 -9.32 11.97 -22.17
N ALA D 1225 -10.15 12.75 -21.47
CA ALA D 1225 -9.64 13.60 -20.41
C ALA D 1225 -8.99 12.79 -19.31
N SER D 1226 -9.58 11.65 -18.97
CA SER D 1226 -9.02 10.81 -17.91
C SER D 1226 -7.64 10.29 -18.29
N PHE D 1227 -7.39 10.02 -19.58
CA PHE D 1227 -6.19 9.29 -19.94
C PHE D 1227 -4.94 10.17 -19.99
N GLN D 1228 -4.89 11.11 -20.94
CA GLN D 1228 -3.64 11.80 -21.26
C GLN D 1228 -3.68 13.29 -21.00
N GLU D 1229 -4.61 14.03 -21.62
CA GLU D 1229 -4.57 15.49 -21.61
C GLU D 1229 -5.99 16.01 -21.45
N THR D 1230 -6.29 16.53 -20.25
CA THR D 1230 -7.63 17.00 -19.97
C THR D 1230 -7.92 18.33 -20.65
N THR D 1231 -6.97 19.26 -20.62
CA THR D 1231 -7.22 20.60 -21.14
C THR D 1231 -7.56 20.57 -22.62
N ARG D 1232 -6.77 19.82 -23.40
CA ARG D 1232 -7.00 19.75 -24.84
C ARG D 1232 -8.35 19.13 -25.15
N VAL D 1233 -8.69 18.03 -24.47
CA VAL D 1233 -9.96 17.36 -24.72
C VAL D 1233 -11.12 18.27 -24.37
N LEU D 1234 -11.04 18.95 -23.22
CA LEU D 1234 -12.11 19.84 -22.81
C LEU D 1234 -12.27 21.00 -23.79
N THR D 1235 -11.16 21.57 -24.24
CA THR D 1235 -11.23 22.67 -25.21
C THR D 1235 -11.88 22.20 -26.51
N ASP D 1236 -11.44 21.05 -27.03
CA ASP D 1236 -12.00 20.57 -28.29
C ASP D 1236 -13.48 20.26 -28.15
N ALA D 1237 -13.88 19.64 -27.03
CA ALA D 1237 -15.29 19.35 -26.82
C ALA D 1237 -16.11 20.62 -26.69
N ALA D 1238 -15.58 21.63 -26.02
CA ALA D 1238 -16.32 22.88 -25.82
C ALA D 1238 -16.52 23.61 -27.14
N ILE D 1239 -15.45 23.77 -27.92
CA ILE D 1239 -15.58 24.49 -29.18
C ILE D 1239 -16.48 23.72 -30.14
N ASN D 1240 -16.41 22.39 -30.12
CA ASN D 1240 -17.25 21.57 -30.98
C ASN D 1240 -18.63 21.32 -30.41
N CYS D 1241 -18.87 21.69 -29.14
CA CYS D 1241 -20.16 21.45 -28.48
C CYS D 1241 -20.53 19.98 -28.55
N ARG D 1242 -19.54 19.10 -28.34
CA ARG D 1242 -19.78 17.67 -28.39
C ARG D 1242 -20.55 17.22 -27.13
N SER D 1243 -21.14 16.05 -27.23
CA SER D 1243 -21.85 15.44 -26.11
C SER D 1243 -21.43 13.99 -25.96
N ASP D 1244 -21.26 13.56 -24.72
CA ASP D 1244 -20.87 12.19 -24.40
C ASP D 1244 -22.12 11.36 -24.17
N LYS D 1245 -22.35 10.36 -25.02
CA LYS D 1245 -23.42 9.41 -24.81
C LYS D 1245 -22.93 8.33 -23.85
N LEU D 1246 -23.74 8.03 -22.83
CA LEU D 1246 -23.32 7.12 -21.76
C LEU D 1246 -23.42 5.66 -22.21
N ASN D 1247 -22.68 5.35 -23.26
CA ASN D 1247 -22.45 3.97 -23.70
C ASN D 1247 -20.96 3.70 -23.62
N GLY D 1248 -20.60 2.62 -22.94
CA GLY D 1248 -19.23 2.43 -22.49
C GLY D 1248 -19.15 2.68 -21.01
N LEU D 1249 -18.64 1.73 -20.24
CA LEU D 1249 -18.82 1.72 -18.80
C LEU D 1249 -17.72 2.43 -18.04
N LYS D 1250 -16.72 3.00 -18.71
CA LYS D 1250 -15.82 3.93 -18.03
C LYS D 1250 -16.54 5.21 -17.63
N GLU D 1251 -17.35 5.77 -18.53
CA GLU D 1251 -18.07 6.99 -18.19
C GLU D 1251 -19.12 6.74 -17.12
N ASN D 1252 -19.79 5.60 -17.17
CA ASN D 1252 -20.84 5.31 -16.21
C ASN D 1252 -20.30 5.16 -14.79
N VAL D 1253 -19.13 4.52 -14.64
CA VAL D 1253 -18.53 4.38 -13.33
C VAL D 1253 -17.99 5.70 -12.80
N ILE D 1254 -17.90 6.72 -13.65
CA ILE D 1254 -17.55 8.07 -13.21
C ILE D 1254 -18.79 8.80 -12.72
N ILE D 1255 -19.85 8.83 -13.53
CA ILE D 1255 -21.10 9.45 -13.11
C ILE D 1255 -21.72 8.71 -11.94
N GLY D 1256 -21.38 7.43 -11.76
CA GLY D 1256 -21.99 6.61 -10.75
C GLY D 1256 -23.21 5.84 -11.21
N LYS D 1257 -23.71 6.10 -12.41
CA LYS D 1257 -24.82 5.35 -12.95
C LYS D 1257 -24.42 3.89 -13.17
N LEU D 1258 -25.35 2.97 -12.91
CA LEU D 1258 -25.04 1.55 -13.04
C LEU D 1258 -24.61 1.24 -14.47
N ILE D 1259 -23.53 0.48 -14.59
CA ILE D 1259 -22.86 0.27 -15.87
C ILE D 1259 -23.79 -0.45 -16.85
N PRO D 1260 -23.71 -0.15 -18.15
CA PRO D 1260 -24.57 -0.83 -19.15
C PRO D 1260 -23.99 -2.17 -19.59
N ALA D 1261 -23.78 -3.07 -18.62
CA ALA D 1261 -23.25 -4.39 -18.91
C ALA D 1261 -23.78 -5.37 -17.87
N GLY D 1262 -23.82 -6.64 -18.26
CA GLY D 1262 -24.26 -7.66 -17.34
C GLY D 1262 -25.65 -7.38 -16.83
N THR D 1263 -25.77 -7.26 -15.51
CA THR D 1263 -27.07 -7.03 -14.88
C THR D 1263 -27.68 -5.69 -15.27
N GLY D 1264 -26.89 -4.74 -15.75
CA GLY D 1264 -27.36 -3.40 -15.97
C GLY D 1264 -27.93 -3.10 -17.34
N ILE D 1265 -27.89 -4.06 -18.27
CA ILE D 1265 -28.40 -3.80 -19.62
C ILE D 1265 -29.92 -3.71 -19.59
N SER D 1266 -30.47 -2.96 -20.54
CA SER D 1266 -31.92 -2.73 -20.55
C SER D 1266 -32.71 -4.02 -20.74
N ARG D 1267 -32.11 -5.01 -21.42
CA ARG D 1267 -32.81 -6.26 -21.64
C ARG D 1267 -33.18 -6.93 -20.32
N TYR D 1268 -32.26 -6.93 -19.36
CA TYR D 1268 -32.50 -7.54 -18.05
C TYR D 1268 -33.02 -6.56 -17.02
N ARG D 1269 -32.63 -5.28 -17.13
CA ARG D 1269 -32.96 -4.30 -16.09
C ARG D 1269 -34.47 -4.08 -15.99
N ASN D 1270 -35.20 -4.26 -17.09
CA ASN D 1270 -36.65 -4.01 -17.11
C ASN D 1270 -37.45 -5.28 -16.94
N ILE D 1271 -36.83 -6.37 -16.47
CA ILE D 1271 -37.56 -7.62 -16.27
C ILE D 1271 -38.68 -7.39 -15.27
N GLN D 1272 -39.88 -7.81 -15.64
CA GLN D 1272 -41.06 -7.72 -14.78
C GLN D 1272 -41.54 -9.13 -14.45
N VAL D 1273 -41.76 -9.40 -13.17
CA VAL D 1273 -42.20 -10.70 -12.69
C VAL D 1273 -43.55 -10.54 -12.02
N GLN D 1274 -44.51 -11.38 -12.41
CA GLN D 1274 -45.83 -11.41 -11.82
C GLN D 1274 -46.21 -12.85 -11.53
N PRO D 1275 -46.62 -13.18 -10.30
CA PRO D 1275 -46.90 -14.58 -9.97
C PRO D 1275 -48.04 -15.15 -10.82
N THR D 1276 -47.93 -16.43 -11.13
CA THR D 1276 -48.95 -17.10 -11.92
C THR D 1276 -50.27 -17.16 -11.15
N GLU D 1277 -51.37 -17.19 -11.90
CA GLU D 1277 -52.69 -17.24 -11.28
C GLU D 1277 -52.88 -18.51 -10.47
N GLU D 1278 -52.31 -19.62 -10.93
CA GLU D 1278 -52.46 -20.88 -10.20
C GLU D 1278 -51.87 -20.79 -8.81
N ALA D 1279 -50.68 -20.19 -8.68
CA ALA D 1279 -50.06 -20.06 -7.37
C ALA D 1279 -50.84 -19.11 -6.47
N ARG D 1280 -51.34 -18.00 -7.05
CA ARG D 1280 -52.12 -17.06 -6.24
C ARG D 1280 -53.39 -17.72 -5.72
N ALA D 1281 -54.07 -18.49 -6.57
CA ALA D 1281 -55.29 -19.17 -6.17
C ALA D 1281 -55.03 -20.16 -5.04
N SER E 24 -29.41 -36.25 -10.31
CA SER E 24 -28.20 -37.06 -10.02
C SER E 24 -28.16 -37.48 -8.55
N ALA E 25 -27.02 -38.02 -8.13
CA ALA E 25 -26.85 -38.49 -6.77
C ALA E 25 -26.25 -37.45 -5.85
N TYR E 26 -26.11 -36.20 -6.31
CA TYR E 26 -25.55 -35.15 -5.49
C TYR E 26 -26.34 -34.99 -4.20
N ASP E 27 -25.63 -34.88 -3.07
CA ASP E 27 -26.28 -34.74 -1.78
C ASP E 27 -27.12 -33.47 -1.74
N THR E 28 -27.93 -33.36 -0.68
CA THR E 28 -28.76 -32.18 -0.53
C THR E 28 -27.89 -30.94 -0.36
N PRO E 29 -28.18 -29.85 -1.05
CA PRO E 29 -27.34 -28.65 -0.91
C PRO E 29 -27.43 -28.05 0.48
N LEU E 30 -26.35 -27.39 0.89
CA LEU E 30 -26.22 -26.80 2.20
C LEU E 30 -26.21 -25.28 2.09
N GLY E 31 -27.04 -24.63 2.92
CA GLY E 31 -27.02 -23.18 2.98
C GLY E 31 -27.44 -22.54 1.67
N ILE E 32 -26.77 -21.43 1.32
CA ILE E 32 -27.14 -20.66 0.14
C ILE E 32 -26.96 -21.43 -1.15
N THR E 33 -26.25 -22.56 -1.13
CA THR E 33 -26.21 -23.42 -2.31
C THR E 33 -27.55 -24.12 -2.55
N ASN E 34 -28.46 -24.07 -1.58
CA ASN E 34 -29.80 -24.62 -1.75
C ASN E 34 -30.73 -23.52 -2.25
N PRO E 35 -31.40 -23.69 -3.39
CA PRO E 35 -31.37 -24.84 -4.31
C PRO E 35 -30.14 -24.85 -5.21
N PRO E 36 -29.88 -25.99 -5.87
CA PRO E 36 -28.75 -26.07 -6.80
C PRO E 36 -28.89 -25.03 -7.91
N ILE E 37 -27.74 -24.45 -8.29
CA ILE E 37 -27.74 -23.38 -9.29
C ILE E 37 -28.10 -23.92 -10.66
N ASP E 38 -27.54 -25.07 -11.03
CA ASP E 38 -27.78 -25.62 -12.36
C ASP E 38 -29.27 -25.82 -12.63
N GLU E 39 -30.02 -26.22 -11.61
CA GLU E 39 -31.46 -26.39 -11.77
C GLU E 39 -32.15 -25.05 -11.98
N LEU E 40 -31.64 -23.99 -11.33
CA LEU E 40 -32.22 -22.67 -11.52
C LEU E 40 -31.94 -22.12 -12.91
N LEU E 41 -30.79 -22.43 -13.50
CA LEU E 41 -30.49 -21.92 -14.84
C LEU E 41 -31.52 -22.34 -15.87
N SER E 42 -32.26 -23.43 -15.62
CA SER E 42 -33.29 -23.85 -16.57
C SER E 42 -34.49 -22.91 -16.57
N ARG E 43 -34.63 -22.07 -15.56
CA ARG E 43 -35.83 -21.27 -15.37
C ARG E 43 -35.77 -19.91 -16.06
N ALA E 44 -34.63 -19.51 -16.62
CA ALA E 44 -34.48 -18.19 -17.21
C ALA E 44 -33.41 -18.23 -18.29
N SER E 45 -33.17 -17.08 -18.91
CA SER E 45 -32.22 -17.00 -20.01
C SER E 45 -30.81 -17.36 -19.56
N SER E 46 -30.34 -16.73 -18.50
CA SER E 46 -28.96 -16.93 -18.02
C SER E 46 -28.88 -16.37 -16.61
N LYS E 47 -27.64 -16.25 -16.11
CA LYS E 47 -27.45 -15.82 -14.72
C LYS E 47 -28.06 -14.45 -14.48
N TYR E 48 -27.83 -13.49 -15.38
CA TYR E 48 -28.22 -12.11 -15.12
C TYR E 48 -29.73 -11.98 -14.97
N ALA E 49 -30.46 -12.55 -15.92
CA ALA E 49 -31.92 -12.50 -15.86
C ALA E 49 -32.41 -13.16 -14.58
N LEU E 50 -31.75 -14.23 -14.16
CA LEU E 50 -32.08 -14.84 -12.87
C LEU E 50 -31.84 -13.89 -11.72
N VAL E 51 -30.76 -13.10 -11.80
CA VAL E 51 -30.47 -12.12 -10.75
C VAL E 51 -31.62 -11.13 -10.62
N ILE E 52 -32.02 -10.52 -11.74
CA ILE E 52 -33.09 -9.52 -11.66
C ILE E 52 -34.41 -10.18 -11.25
N TYR E 53 -34.68 -11.38 -11.77
CA TYR E 53 -35.91 -12.10 -11.46
C TYR E 53 -36.02 -12.37 -9.96
N ALA E 54 -34.98 -12.99 -9.38
CA ALA E 54 -35.00 -13.30 -7.95
C ALA E 54 -35.02 -12.03 -7.11
N ALA E 55 -34.27 -11.00 -7.52
CA ALA E 55 -34.24 -9.77 -6.75
C ALA E 55 -35.61 -9.11 -6.73
N LYS E 56 -36.30 -9.10 -7.87
CA LYS E 56 -37.63 -8.51 -7.92
C LYS E 56 -38.61 -9.29 -7.06
N ARG E 57 -38.53 -10.63 -7.10
CA ARG E 57 -39.42 -11.42 -6.26
C ARG E 57 -39.17 -11.15 -4.78
N ALA E 58 -37.89 -11.05 -4.40
CA ALA E 58 -37.56 -10.76 -3.00
C ALA E 58 -38.05 -9.38 -2.59
N ARG E 59 -37.94 -8.40 -3.50
CA ARG E 59 -38.44 -7.06 -3.20
C ARG E 59 -39.96 -7.10 -2.99
N GLN E 60 -40.67 -7.87 -3.82
CA GLN E 60 -42.11 -8.00 -3.62
C GLN E 60 -42.42 -8.66 -2.29
N ILE E 61 -41.64 -9.67 -1.90
CA ILE E 61 -41.86 -10.33 -0.63
C ILE E 61 -41.65 -9.35 0.53
N ASN E 62 -40.61 -8.51 0.45
CA ASN E 62 -40.43 -7.47 1.45
C ASN E 62 -41.60 -6.50 1.46
N ASP E 63 -42.09 -6.11 0.28
CA ASP E 63 -43.21 -5.18 0.23
C ASP E 63 -44.42 -5.76 0.95
N TYR E 64 -44.71 -7.04 0.71
CA TYR E 64 -45.83 -7.67 1.41
C TYR E 64 -45.56 -7.75 2.92
N TYR E 65 -44.35 -8.14 3.30
CA TYR E 65 -44.03 -8.33 4.71
C TYR E 65 -44.20 -7.03 5.48
N ASN E 66 -43.73 -5.92 4.91
CA ASN E 66 -43.86 -4.62 5.53
C ASN E 66 -45.13 -3.87 5.10
N GLN E 67 -45.97 -4.50 4.29
CA GLN E 67 -47.21 -3.87 3.82
C GLN E 67 -46.91 -2.54 3.12
N VAL E 76 -48.36 -9.88 -3.46
CA VAL E 76 -48.47 -11.31 -3.20
C VAL E 76 -47.40 -11.73 -2.21
N GLY E 77 -47.80 -12.50 -1.21
CA GLY E 77 -46.88 -12.95 -0.19
C GLY E 77 -46.15 -14.22 -0.57
N PRO E 78 -45.37 -14.77 0.35
CA PRO E 78 -44.64 -16.02 0.06
C PRO E 78 -45.61 -17.14 -0.30
N LEU E 79 -45.45 -17.68 -1.50
CA LEU E 79 -46.37 -18.68 -2.02
C LEU E 79 -45.95 -20.10 -1.65
N VAL E 80 -44.88 -20.25 -0.88
CA VAL E 80 -44.45 -21.55 -0.35
C VAL E 80 -44.23 -21.38 1.15
N GLU E 81 -44.33 -22.49 1.86
CA GLU E 81 -44.20 -22.46 3.32
C GLU E 81 -42.81 -21.95 3.71
N PRO E 82 -42.71 -20.88 4.49
CA PRO E 82 -41.39 -20.34 4.84
C PRO E 82 -40.75 -21.08 6.00
N GLY E 83 -39.49 -20.78 6.23
CA GLY E 83 -38.75 -21.34 7.35
C GLY E 83 -39.00 -20.58 8.63
N LEU E 84 -38.16 -20.86 9.63
CA LEU E 84 -38.27 -20.19 10.92
C LEU E 84 -38.24 -18.68 10.74
N GLN E 85 -37.16 -18.15 10.15
CA GLN E 85 -37.05 -16.75 9.79
C GLN E 85 -36.38 -16.61 8.42
N GLU E 86 -36.80 -17.44 7.46
CA GLU E 86 -36.16 -17.47 6.16
C GLU E 86 -36.21 -16.09 5.51
N LYS E 87 -35.07 -15.67 4.97
CA LYS E 87 -34.98 -14.36 4.34
C LYS E 87 -35.76 -14.34 3.03
N PRO E 88 -36.20 -13.16 2.60
CA PRO E 88 -37.03 -13.09 1.38
C PRO E 88 -36.36 -13.68 0.15
N LEU E 89 -35.06 -13.48 -0.01
CA LEU E 89 -34.38 -13.93 -1.22
C LEU E 89 -34.34 -15.46 -1.27
N SER E 90 -34.14 -16.11 -0.13
CA SER E 90 -34.17 -17.57 -0.09
C SER E 90 -35.54 -18.09 -0.47
N ILE E 91 -36.61 -17.45 0.02
CA ILE E 91 -37.96 -17.86 -0.34
C ILE E 91 -38.19 -17.67 -1.83
N ALA E 92 -37.71 -16.56 -2.38
CA ALA E 92 -37.86 -16.32 -3.81
C ALA E 92 -37.16 -17.40 -4.63
N LEU E 93 -35.93 -17.73 -4.24
CA LEU E 93 -35.19 -18.78 -4.96
C LEU E 93 -35.88 -20.14 -4.81
N ARG E 94 -36.46 -20.42 -3.64
CA ARG E 94 -37.17 -21.67 -3.47
C ARG E 94 -38.41 -21.73 -4.36
N GLU E 95 -39.12 -20.61 -4.48
CA GLU E 95 -40.24 -20.57 -5.43
C GLU E 95 -39.74 -20.80 -6.84
N ILE E 96 -38.63 -20.16 -7.22
CA ILE E 96 -38.11 -20.30 -8.57
C ILE E 96 -37.71 -21.73 -8.84
N HIS E 97 -37.30 -22.46 -7.79
CA HIS E 97 -36.95 -23.87 -7.96
C HIS E 97 -38.07 -24.65 -8.64
N GLY E 98 -39.32 -24.34 -8.27
CA GLY E 98 -40.48 -25.02 -8.82
C GLY E 98 -41.08 -24.35 -10.04
N ASP E 99 -40.43 -23.34 -10.62
CA ASP E 99 -40.96 -22.64 -11.78
C ASP E 99 -42.37 -22.14 -11.50
N LEU E 100 -42.58 -21.65 -10.28
CA LEU E 100 -43.92 -21.27 -9.84
C LEU E 100 -44.38 -19.95 -10.45
N LEU E 101 -43.46 -19.05 -10.76
CA LEU E 101 -43.79 -17.73 -11.28
C LEU E 101 -43.46 -17.66 -12.77
N GLU E 102 -43.65 -16.47 -13.34
CA GLU E 102 -43.28 -16.20 -14.72
C GLU E 102 -42.82 -14.76 -14.82
N HIS E 103 -42.07 -14.46 -15.88
CA HIS E 103 -41.52 -13.14 -16.08
C HIS E 103 -41.47 -12.80 -17.56
N THR E 104 -41.40 -11.51 -17.85
CA THR E 104 -41.28 -11.00 -19.22
C THR E 104 -39.96 -10.24 -19.32
N GLU E 105 -39.14 -10.63 -20.30
CA GLU E 105 -37.89 -9.91 -20.58
C GLU E 105 -38.25 -8.64 -21.34
N GLY E 106 -38.39 -7.54 -20.59
CA GLY E 106 -38.89 -6.30 -21.14
C GLY E 106 -37.91 -5.59 -22.05
N GLU E 107 -37.63 -6.18 -23.22
CA GLU E 107 -36.75 -5.57 -24.19
C GLU E 107 -37.32 -4.23 -24.66
N ARG F 151 20.27 28.59 -31.49
CA ARG F 151 19.30 27.50 -31.22
C ARG F 151 18.45 27.78 -29.98
N GLN F 152 17.59 26.81 -29.65
CA GLN F 152 16.68 26.98 -28.52
C GLN F 152 17.45 27.29 -27.24
N ALA F 153 18.62 26.67 -27.06
CA ALA F 153 19.38 26.87 -25.83
C ALA F 153 19.70 28.35 -25.62
N ARG F 154 20.14 29.04 -26.68
CA ARG F 154 20.44 30.47 -26.53
C ARG F 154 19.16 31.30 -26.50
N LYS F 155 18.20 31.00 -27.38
CA LYS F 155 17.07 31.92 -27.54
C LYS F 155 16.06 31.84 -26.41
N ASP F 156 15.98 30.71 -25.70
CA ASP F 156 14.95 30.57 -24.68
C ASP F 156 15.07 31.61 -23.57
N ALA F 157 16.30 32.06 -23.28
CA ALA F 157 16.48 33.04 -22.20
C ALA F 157 15.80 34.36 -22.51
N GLU F 158 15.54 34.67 -23.79
CA GLU F 158 14.87 35.89 -24.17
C GLU F 158 13.47 35.67 -24.73
N LEU F 159 13.13 34.45 -25.14
CA LEU F 159 11.78 34.21 -25.64
C LEU F 159 10.72 34.60 -24.61
N THR F 160 10.95 34.28 -23.34
CA THR F 160 9.98 34.61 -22.30
C THR F 160 10.02 36.08 -21.87
N ALA F 161 10.97 36.86 -22.41
CA ALA F 161 11.10 38.25 -21.98
C ALA F 161 9.82 39.04 -22.22
N SER F 162 8.99 38.62 -23.18
CA SER F 162 7.75 39.33 -23.47
C SER F 162 6.66 39.04 -22.46
N ALA F 163 6.84 38.07 -21.58
CA ALA F 163 5.85 37.68 -20.58
C ALA F 163 6.37 37.94 -19.17
N ASP F 164 6.99 39.10 -18.96
CA ASP F 164 7.50 39.50 -17.65
C ASP F 164 7.22 40.99 -17.48
N SER F 165 6.13 41.31 -16.79
CA SER F 165 5.74 42.70 -16.61
C SER F 165 6.75 43.47 -15.76
N VAL F 166 7.52 42.78 -14.92
CA VAL F 166 8.53 43.46 -14.12
C VAL F 166 9.65 43.99 -15.01
N ARG F 167 10.02 43.22 -16.04
CA ARG F 167 11.05 43.66 -16.96
C ARG F 167 10.54 44.67 -17.97
N ALA F 168 9.28 44.56 -18.39
CA ALA F 168 8.74 45.38 -19.47
C ALA F 168 8.21 46.73 -18.99
N TYR F 169 7.54 46.76 -17.83
CA TYR F 169 6.98 48.02 -17.35
C TYR F 169 8.09 49.01 -17.02
N LEU F 170 9.18 48.53 -16.43
CA LEU F 170 10.27 49.40 -16.04
C LEU F 170 11.04 49.95 -17.25
N LYS F 171 10.80 49.45 -18.45
CA LYS F 171 11.38 50.02 -19.65
C LYS F 171 10.39 50.86 -20.44
N GLN F 172 9.10 50.48 -20.45
CA GLN F 172 8.08 51.34 -21.04
C GLN F 172 7.83 52.57 -20.18
N ILE F 173 8.17 52.51 -18.89
CA ILE F 173 7.92 53.63 -17.99
C ILE F 173 8.76 54.84 -18.39
N GLY F 174 10.04 54.63 -18.71
CA GLY F 174 10.97 55.71 -18.91
C GLY F 174 10.95 56.33 -20.28
N LYS F 175 9.77 56.70 -20.77
CA LYS F 175 9.63 57.36 -22.06
C LYS F 175 9.43 58.87 -21.92
N VAL F 176 9.58 59.41 -20.72
CA VAL F 176 9.52 60.85 -20.49
C VAL F 176 10.61 61.22 -19.49
N ALA F 177 11.33 62.30 -19.77
CA ALA F 177 12.41 62.73 -18.89
C ALA F 177 11.84 63.32 -17.60
N LEU F 178 12.54 63.09 -16.49
CA LEU F 178 12.09 63.59 -15.20
C LEU F 178 12.16 65.12 -15.19
N LEU F 179 11.10 65.74 -14.68
CA LEU F 179 11.02 67.19 -14.61
C LEU F 179 11.85 67.72 -13.44
N ASN F 180 12.16 69.01 -13.50
CA ASN F 180 12.85 69.73 -12.43
C ASN F 180 11.94 70.82 -11.87
N ALA F 181 12.49 71.59 -10.94
CA ALA F 181 11.67 72.57 -10.21
C ALA F 181 11.12 73.64 -11.13
N GLU F 182 11.92 74.09 -12.11
CA GLU F 182 11.51 75.22 -12.93
C GLU F 182 10.34 74.87 -13.84
N GLU F 183 10.21 73.61 -14.23
CA GLU F 183 9.21 73.20 -15.22
C GLU F 183 7.94 72.64 -14.61
N GLU F 184 7.84 72.58 -13.27
CA GLU F 184 6.66 72.02 -12.62
C GLU F 184 5.75 73.08 -12.00
N VAL F 185 6.30 74.24 -11.60
CA VAL F 185 5.45 75.31 -11.10
C VAL F 185 4.51 75.80 -12.21
N GLU F 186 5.04 75.90 -13.44
CA GLU F 186 4.21 76.28 -14.58
C GLU F 186 3.07 75.29 -14.76
N LEU F 187 3.39 73.99 -14.71
CA LEU F 187 2.36 72.97 -14.90
C LEU F 187 1.32 73.04 -13.80
N ALA F 188 1.75 73.24 -12.55
CA ALA F 188 0.79 73.31 -11.45
C ALA F 188 -0.14 74.51 -11.60
N LYS F 189 0.43 75.68 -11.93
CA LYS F 189 -0.41 76.86 -12.14
C LYS F 189 -1.39 76.63 -13.28
N ARG F 190 -0.94 75.98 -14.34
CA ARG F 190 -1.82 75.75 -15.50
C ARG F 190 -2.94 74.77 -15.15
N ILE F 191 -2.63 73.73 -14.37
CA ILE F 191 -3.66 72.82 -13.88
C ILE F 191 -4.69 73.59 -13.07
N GLU F 192 -4.22 74.43 -12.15
CA GLU F 192 -5.14 75.18 -11.30
C GLU F 192 -6.02 76.11 -12.13
N ALA F 193 -5.42 76.79 -13.12
CA ALA F 193 -6.20 77.66 -13.99
C ALA F 193 -7.25 76.88 -14.77
N GLY F 194 -6.87 75.72 -15.31
CA GLY F 194 -7.83 74.93 -16.06
C GLY F 194 -8.99 74.47 -15.19
N LEU F 195 -8.68 73.99 -13.98
CA LEU F 195 -9.74 73.52 -13.09
C LEU F 195 -10.67 74.66 -12.70
N TYR F 196 -10.10 75.82 -12.37
CA TYR F 196 -10.93 76.95 -11.96
C TYR F 196 -11.81 77.43 -13.11
N ALA F 197 -11.26 77.47 -14.32
CA ALA F 197 -12.08 77.85 -15.47
C ALA F 197 -13.19 76.84 -15.69
N THR F 198 -12.88 75.54 -15.58
CA THR F 198 -13.89 74.51 -15.77
C THR F 198 -15.04 74.68 -14.79
N GLN F 199 -14.72 75.00 -13.53
CA GLN F 199 -15.78 75.20 -12.56
C GLN F 199 -16.49 76.53 -12.76
N LYS F 200 -15.79 77.53 -13.29
CA LYS F 200 -16.43 78.82 -13.56
C LYS F 200 -17.46 78.70 -14.69
N LEU F 201 -17.21 77.81 -15.66
CA LEU F 201 -18.25 77.54 -16.65
C LEU F 201 -19.56 77.17 -15.97
N ALA F 202 -19.52 76.23 -15.02
CA ALA F 202 -20.74 75.83 -14.33
C ALA F 202 -21.29 76.96 -13.47
N GLU F 203 -20.41 77.68 -12.76
CA GLU F 203 -20.86 78.78 -11.92
C GLU F 203 -21.64 79.80 -12.72
N LEU F 204 -21.16 80.13 -13.93
CA LEU F 204 -21.87 81.07 -14.78
C LEU F 204 -23.12 80.45 -15.40
N ALA F 205 -23.03 79.18 -15.81
CA ALA F 205 -24.18 78.52 -16.42
C ALA F 205 -25.33 78.35 -15.44
N GLU F 206 -25.07 78.46 -14.14
CA GLU F 206 -26.16 78.46 -13.18
C GLU F 206 -27.17 79.56 -13.49
N LYS F 207 -26.71 80.65 -14.08
CA LYS F 207 -27.58 81.74 -14.54
C LYS F 207 -27.76 81.77 -16.04
N GLY F 208 -26.69 81.57 -16.81
CA GLY F 208 -26.79 81.51 -18.27
C GLY F 208 -26.47 82.81 -18.95
N GLU F 209 -25.37 82.83 -19.70
CA GLU F 209 -24.97 84.02 -20.46
C GLU F 209 -24.14 83.56 -21.66
N LYS F 210 -23.94 84.49 -22.59
CA LYS F 210 -23.13 84.26 -23.78
C LYS F 210 -21.87 85.10 -23.72
N LEU F 211 -20.77 84.55 -24.22
CA LEU F 211 -19.44 85.13 -24.08
C LEU F 211 -18.77 85.21 -25.44
N PRO F 212 -17.73 86.05 -25.57
CA PRO F 212 -17.04 86.17 -26.85
C PRO F 212 -16.43 84.86 -27.30
N VAL F 213 -16.38 84.68 -28.62
CA VAL F 213 -15.85 83.44 -29.18
C VAL F 213 -14.39 83.26 -28.80
N GLN F 214 -13.60 84.33 -28.86
CA GLN F 214 -12.17 84.22 -28.55
C GLN F 214 -11.97 83.70 -27.13
N GLN F 215 -12.57 84.35 -26.15
CA GLN F 215 -12.44 83.90 -24.77
C GLN F 215 -13.09 82.54 -24.57
N ARG F 216 -14.21 82.29 -25.27
CA ARG F 216 -14.89 81.02 -25.17
C ARG F 216 -13.96 79.87 -25.54
N ARG F 217 -13.19 80.04 -26.62
CA ARG F 217 -12.26 79.01 -27.05
C ARG F 217 -11.01 78.99 -26.18
N ASP F 218 -10.54 80.15 -25.72
CA ASP F 218 -9.34 80.19 -24.89
C ASP F 218 -9.56 79.47 -23.57
N MET F 219 -10.76 79.59 -22.99
CA MET F 219 -11.04 78.91 -21.74
C MET F 219 -10.99 77.39 -21.90
N GLN F 220 -11.58 76.89 -22.98
CA GLN F 220 -11.51 75.45 -23.25
C GLN F 220 -10.08 75.00 -23.51
N TRP F 221 -9.30 75.82 -24.24
CA TRP F 221 -7.89 75.50 -24.44
C TRP F 221 -7.15 75.43 -23.11
N ILE F 222 -7.42 76.37 -22.21
CA ILE F 222 -6.78 76.36 -20.90
C ILE F 222 -7.12 75.09 -20.15
N CYS F 223 -8.41 74.71 -20.16
CA CYS F 223 -8.82 73.49 -19.47
C CYS F 223 -8.09 72.27 -20.03
N ARG F 224 -8.11 72.11 -21.37
CA ARG F 224 -7.47 70.96 -21.98
C ARG F 224 -5.98 70.91 -21.68
N ASP F 225 -5.31 72.04 -21.80
CA ASP F 225 -3.85 72.04 -21.65
C ASP F 225 -3.44 71.92 -20.19
N GLY F 226 -4.28 72.36 -19.26
CA GLY F 226 -4.04 72.04 -17.85
C GLY F 226 -4.23 70.56 -17.57
N ASP F 227 -5.21 69.93 -18.22
CA ASP F 227 -5.32 68.47 -18.12
C ASP F 227 -4.06 67.80 -18.64
N ARG F 228 -3.53 68.30 -19.77
CA ARG F 228 -2.28 67.77 -20.30
C ARG F 228 -1.13 67.97 -19.31
N ALA F 229 -1.10 69.12 -18.64
CA ALA F 229 -0.07 69.38 -17.63
C ALA F 229 -0.17 68.36 -16.51
N LYS F 230 -1.39 68.08 -16.05
CA LYS F 230 -1.55 67.08 -14.99
C LYS F 230 -1.06 65.71 -15.45
N ASN F 231 -1.42 65.32 -16.68
CA ASN F 231 -0.97 64.03 -17.18
C ASN F 231 0.56 63.97 -17.25
N HIS F 232 1.17 65.03 -17.74
CA HIS F 232 2.63 65.08 -17.84
C HIS F 232 3.28 64.97 -16.47
N LEU F 233 2.73 65.70 -15.49
CA LEU F 233 3.31 65.65 -14.14
C LEU F 233 3.16 64.27 -13.54
N LEU F 234 2.01 63.62 -13.75
CA LEU F 234 1.84 62.25 -13.28
C LEU F 234 2.87 61.33 -13.91
N GLU F 235 3.06 61.44 -15.23
CA GLU F 235 3.98 60.54 -15.91
C GLU F 235 5.43 60.82 -15.53
N ALA F 236 5.74 62.03 -15.09
CA ALA F 236 7.13 62.40 -14.84
C ALA F 236 7.69 61.82 -13.53
N ASN F 237 6.86 61.21 -12.68
CA ASN F 237 7.32 60.75 -11.37
C ASN F 237 7.03 59.27 -11.13
N LEU F 238 6.60 58.53 -12.14
CA LEU F 238 6.40 57.10 -11.96
C LEU F 238 7.69 56.39 -11.61
N ARG F 239 8.83 56.95 -12.04
CA ARG F 239 10.12 56.37 -11.66
C ARG F 239 10.36 56.49 -10.16
N LEU F 240 10.04 57.65 -9.59
CA LEU F 240 10.10 57.79 -8.13
C LEU F 240 9.11 56.85 -7.45
N VAL F 241 7.93 56.68 -8.05
CA VAL F 241 6.97 55.74 -7.50
C VAL F 241 7.57 54.34 -7.42
N VAL F 242 8.23 53.91 -8.50
CA VAL F 242 8.85 52.59 -8.51
C VAL F 242 9.96 52.50 -7.47
N SER F 243 10.78 53.55 -7.37
CA SER F 243 11.86 53.56 -6.38
C SER F 243 11.31 53.36 -4.98
N LEU F 244 10.24 54.09 -4.64
CA LEU F 244 9.65 53.95 -3.32
C LEU F 244 9.01 52.58 -3.13
N ALA F 245 8.32 52.08 -4.18
CA ALA F 245 7.58 50.83 -4.05
C ALA F 245 8.51 49.64 -3.86
N LYS F 246 9.68 49.66 -4.50
CA LYS F 246 10.57 48.51 -4.45
C LYS F 246 11.09 48.26 -3.03
N ARG F 247 10.73 49.12 -2.08
CA ARG F 247 11.07 48.87 -0.69
C ARG F 247 10.26 47.71 -0.11
N TYR F 248 9.00 47.57 -0.54
CA TYR F 248 8.04 46.68 0.10
C TYR F 248 7.94 45.33 -0.60
N THR F 249 8.89 44.99 -1.45
CA THR F 249 8.86 43.70 -2.14
C THR F 249 9.00 42.56 -1.13
N GLY F 250 8.16 41.53 -1.31
CA GLY F 250 8.23 40.33 -0.50
C GLY F 250 7.32 40.30 0.72
N ARG F 251 6.71 41.44 1.08
CA ARG F 251 5.86 41.51 2.26
C ARG F 251 4.40 41.33 1.88
N GLY F 252 4.09 40.14 1.37
CA GLY F 252 2.73 39.77 1.06
C GLY F 252 2.25 40.28 -0.29
N MET F 253 2.21 41.60 -0.46
CA MET F 253 1.68 42.18 -1.67
C MET F 253 2.62 41.96 -2.85
N ALA F 254 2.03 41.87 -4.04
CA ALA F 254 2.80 41.71 -5.25
C ALA F 254 3.52 43.00 -5.61
N PHE F 255 4.69 42.85 -6.24
CA PHE F 255 5.54 44.01 -6.54
C PHE F 255 4.80 44.99 -7.45
N LEU F 256 4.18 44.49 -8.51
CA LEU F 256 3.50 45.36 -9.46
C LEU F 256 2.26 46.00 -8.81
N ASP F 257 1.57 45.27 -7.94
CA ASP F 257 0.50 45.88 -7.17
C ASP F 257 1.01 47.01 -6.30
N LEU F 258 2.19 46.82 -5.69
CA LEU F 258 2.79 47.89 -4.90
C LEU F 258 3.10 49.10 -5.76
N ILE F 259 3.59 48.87 -6.99
CA ILE F 259 3.85 49.98 -7.90
C ILE F 259 2.56 50.72 -8.23
N GLN F 260 1.48 49.98 -8.48
CA GLN F 260 0.21 50.62 -8.80
C GLN F 260 -0.30 51.44 -7.62
N GLU F 261 -0.17 50.92 -6.40
CA GLU F 261 -0.61 51.67 -5.24
C GLU F 261 0.27 52.90 -5.03
N GLY F 262 1.55 52.80 -5.33
CA GLY F 262 2.40 53.97 -5.32
C GLY F 262 1.96 55.00 -6.34
N ASN F 263 1.46 54.53 -7.49
CA ASN F 263 0.91 55.45 -8.49
C ASN F 263 -0.32 56.17 -7.94
N LEU F 264 -1.19 55.44 -7.24
CA LEU F 264 -2.33 56.09 -6.60
C LEU F 264 -1.88 57.13 -5.58
N GLY F 265 -0.86 56.79 -4.79
CA GLY F 265 -0.32 57.75 -3.85
C GLY F 265 0.25 58.98 -4.54
N LEU F 266 0.93 58.78 -5.67
CA LEU F 266 1.43 59.90 -6.46
C LEU F 266 0.29 60.77 -6.94
N ILE F 267 -0.80 60.16 -7.40
CA ILE F 267 -1.95 60.95 -7.85
C ILE F 267 -2.47 61.81 -6.72
N ARG F 268 -2.71 61.20 -5.56
CA ARG F 268 -3.24 61.97 -4.43
C ARG F 268 -2.24 63.03 -3.98
N ALA F 269 -0.94 62.78 -4.15
CA ALA F 269 0.05 63.80 -3.84
C ALA F 269 -0.06 64.98 -4.79
N VAL F 270 -0.21 64.72 -6.08
CA VAL F 270 -0.28 65.83 -7.03
C VAL F 270 -1.55 66.63 -6.81
N GLU F 271 -2.64 65.99 -6.35
CA GLU F 271 -3.78 66.86 -6.02
C GLU F 271 -3.55 67.66 -4.73
N LYS F 272 -2.38 67.68 -4.10
CA LYS F 272 -2.13 68.55 -2.96
C LYS F 272 -0.80 69.30 -3.02
N PHE F 273 0.11 68.91 -3.91
CA PHE F 273 1.38 69.61 -4.01
C PHE F 273 1.14 71.09 -4.30
N ASP F 274 1.79 71.95 -3.53
CA ASP F 274 1.56 73.40 -3.60
C ASP F 274 2.90 74.08 -3.89
N TYR F 275 3.03 74.62 -5.10
CA TYR F 275 4.24 75.34 -5.46
C TYR F 275 4.45 76.58 -4.61
N THR F 276 3.36 77.21 -4.17
CA THR F 276 3.47 78.48 -3.47
C THR F 276 4.34 78.36 -2.22
N LYS F 277 4.39 77.18 -1.60
CA LYS F 277 5.27 76.97 -0.46
C LYS F 277 6.74 76.85 -0.88
N GLY F 278 7.02 76.72 -2.17
CA GLY F 278 8.38 76.64 -2.65
C GLY F 278 9.03 75.29 -2.52
N TYR F 279 8.31 74.28 -2.04
CA TYR F 279 8.90 72.97 -1.84
C TYR F 279 8.89 72.15 -3.13
N LYS F 280 9.76 71.15 -3.18
CA LYS F 280 9.86 70.28 -4.34
C LYS F 280 8.71 69.26 -4.35
N PHE F 281 8.37 68.80 -5.56
CA PHE F 281 7.32 67.80 -5.70
C PHE F 281 7.73 66.48 -5.04
N SER F 282 9.00 66.07 -5.20
CA SER F 282 9.43 64.79 -4.65
C SER F 282 9.29 64.76 -3.13
N THR F 283 9.71 65.85 -2.47
CA THR F 283 9.70 65.88 -1.01
C THR F 283 8.29 65.71 -0.47
N TYR F 284 7.31 66.40 -1.08
CA TYR F 284 5.94 66.30 -0.61
C TYR F 284 5.32 64.96 -1.01
N ALA F 285 5.58 64.52 -2.24
CA ALA F 285 4.89 63.34 -2.76
C ALA F 285 5.40 62.04 -2.17
N THR F 286 6.62 62.03 -1.62
CA THR F 286 7.12 60.80 -0.99
C THR F 286 6.21 60.38 0.15
N TRP F 287 5.78 61.34 0.98
CA TRP F 287 4.93 61.01 2.12
C TRP F 287 3.62 60.38 1.67
N TRP F 288 2.97 60.97 0.67
CA TRP F 288 1.69 60.44 0.21
C TRP F 288 1.87 59.07 -0.46
N ILE F 289 2.96 58.89 -1.20
CA ILE F 289 3.21 57.59 -1.81
C ILE F 289 3.35 56.52 -0.72
N ARG F 290 4.13 56.83 0.32
CA ARG F 290 4.26 55.90 1.42
C ARG F 290 2.91 55.64 2.08
N GLN F 291 2.12 56.70 2.28
CA GLN F 291 0.81 56.53 2.89
C GLN F 291 -0.03 55.54 2.12
N ALA F 292 -0.18 55.75 0.81
CA ALA F 292 -1.02 54.88 0.01
C ALA F 292 -0.49 53.45 0.01
N ILE F 293 0.81 53.29 -0.21
CA ILE F 293 1.37 51.94 -0.31
C ILE F 293 1.21 51.19 1.01
N THR F 294 1.52 51.85 2.14
CA THR F 294 1.41 51.19 3.43
C THR F 294 -0.03 50.90 3.80
N ARG F 295 -0.95 51.81 3.50
CA ARG F 295 -2.35 51.56 3.77
C ARG F 295 -2.83 50.32 3.02
N ALA F 296 -2.47 50.22 1.73
CA ALA F 296 -2.87 49.05 0.96
C ALA F 296 -2.21 47.79 1.50
N MET F 297 -0.91 47.85 1.80
CA MET F 297 -0.19 46.68 2.26
C MET F 297 -0.68 46.20 3.62
N ALA F 298 -1.25 47.09 4.43
CA ALA F 298 -1.83 46.69 5.70
C ALA F 298 -3.30 46.34 5.60
N ASP F 299 -3.97 46.73 4.51
CA ASP F 299 -5.39 46.46 4.36
C ASP F 299 -5.69 45.13 3.67
N GLN F 300 -4.86 44.73 2.70
CA GLN F 300 -5.17 43.54 1.89
C GLN F 300 -3.95 42.66 1.67
N ALA F 301 -3.08 42.53 2.67
CA ALA F 301 -1.94 41.62 2.61
C ALA F 301 -2.20 40.33 3.38
N ARG F 302 -3.43 40.10 3.83
CA ARG F 302 -3.77 38.91 4.60
C ARG F 302 -5.10 38.37 4.10
N THR F 303 -5.25 37.05 4.19
CA THR F 303 -6.53 36.42 3.86
C THR F 303 -7.62 36.86 4.83
N ILE F 304 -7.26 37.09 6.09
CA ILE F 304 -8.17 37.61 7.10
C ILE F 304 -7.79 39.05 7.36
N ARG F 305 -8.75 39.96 7.19
CA ARG F 305 -8.48 41.40 7.26
C ARG F 305 -8.39 41.82 8.72
N ILE F 306 -7.17 42.05 9.19
CA ILE F 306 -6.96 42.70 10.49
C ILE F 306 -6.98 44.21 10.24
N PRO F 307 -7.92 44.95 10.82
CA PRO F 307 -8.10 46.36 10.43
C PRO F 307 -6.84 47.18 10.67
N VAL F 308 -6.90 48.42 10.17
CA VAL F 308 -5.73 49.30 10.23
C VAL F 308 -5.30 49.51 11.67
N HIS F 309 -6.25 49.80 12.55
CA HIS F 309 -5.90 50.06 13.95
C HIS F 309 -5.33 48.83 14.62
N MET F 310 -5.77 47.63 14.21
CA MET F 310 -5.27 46.41 14.83
C MET F 310 -3.93 46.00 14.25
N VAL F 311 -3.77 46.07 12.93
CA VAL F 311 -2.49 45.76 12.32
C VAL F 311 -1.44 46.75 12.80
N GLU F 312 -1.85 47.98 13.13
CA GLU F 312 -0.92 48.95 13.70
C GLU F 312 -0.29 48.39 14.97
N VAL F 313 -1.11 48.04 15.97
CA VAL F 313 -0.59 47.52 17.23
C VAL F 313 0.15 46.21 17.00
N ILE F 314 -0.28 45.43 16.01
CA ILE F 314 0.45 44.19 15.70
C ILE F 314 1.87 44.51 15.25
N ASN F 315 2.03 45.52 14.40
CA ASN F 315 3.36 45.93 13.98
C ASN F 315 4.17 46.48 15.15
N LYS F 316 3.51 47.24 16.04
CA LYS F 316 4.23 47.73 17.22
C LYS F 316 4.78 46.56 18.03
N LEU F 317 3.94 45.55 18.28
CA LEU F 317 4.36 44.38 19.04
C LEU F 317 5.50 43.67 18.33
N GLY F 318 5.39 43.49 17.01
CA GLY F 318 6.44 42.80 16.28
C GLY F 318 7.76 43.52 16.36
N ARG F 319 7.75 44.83 16.14
CA ARG F 319 9.00 45.60 16.19
C ARG F 319 9.60 45.56 17.58
N ILE F 320 8.78 45.69 18.62
CA ILE F 320 9.30 45.67 19.99
C ILE F 320 9.90 44.30 20.30
N GLN F 321 9.21 43.22 19.92
CA GLN F 321 9.73 41.88 20.15
C GLN F 321 11.05 41.67 19.44
N ARG F 322 11.15 42.14 18.19
CA ARG F 322 12.40 42.02 17.45
C ARG F 322 13.53 42.82 18.10
N GLU F 323 13.22 44.03 18.57
CA GLU F 323 14.28 44.93 19.02
C GLU F 323 14.78 44.58 20.42
N LEU F 324 13.86 44.27 21.35
CA LEU F 324 14.25 44.12 22.75
C LEU F 324 15.12 42.90 23.00
N LEU F 325 15.28 42.01 22.02
CA LEU F 325 16.09 40.81 22.23
C LEU F 325 17.53 41.17 22.59
N GLN F 326 18.08 42.20 21.95
CA GLN F 326 19.48 42.55 22.17
C GLN F 326 19.75 43.01 23.60
N ASP F 327 18.72 43.38 24.35
CA ASP F 327 18.94 43.85 25.72
C ASP F 327 19.32 42.71 26.66
N LEU F 328 18.80 41.50 26.42
CA LEU F 328 19.05 40.37 27.30
C LEU F 328 19.45 39.10 26.57
N GLY F 329 19.33 39.05 25.24
CA GLY F 329 19.69 37.85 24.51
C GLY F 329 18.63 36.77 24.51
N ARG F 330 17.37 37.13 24.68
CA ARG F 330 16.27 36.17 24.63
C ARG F 330 15.13 36.76 23.80
N GLU F 331 14.30 35.87 23.26
CA GLU F 331 13.08 36.30 22.60
C GLU F 331 12.09 36.77 23.67
N PRO F 332 11.66 38.03 23.66
CA PRO F 332 10.83 38.53 24.76
C PRO F 332 9.57 37.69 24.94
N THR F 333 9.22 37.47 26.19
CA THR F 333 8.01 36.77 26.59
C THR F 333 6.94 37.78 26.97
N PRO F 334 5.72 37.33 27.27
CA PRO F 334 4.65 38.30 27.57
C PRO F 334 5.00 39.28 28.67
N GLU F 335 5.77 38.86 29.68
CA GLU F 335 6.16 39.79 30.73
C GLU F 335 7.00 40.94 30.18
N GLU F 336 8.08 40.61 29.45
CA GLU F 336 8.95 41.66 28.92
C GLU F 336 8.21 42.52 27.90
N LEU F 337 7.41 41.89 27.04
CA LEU F 337 6.66 42.66 26.04
C LEU F 337 5.69 43.62 26.72
N ALA F 338 4.96 43.13 27.73
CA ALA F 338 4.01 43.99 28.43
C ALA F 338 4.72 45.11 29.19
N LYS F 339 5.94 44.87 29.66
CA LYS F 339 6.66 45.90 30.41
C LYS F 339 6.95 47.13 29.57
N GLU F 340 6.88 47.02 28.24
CA GLU F 340 7.18 48.15 27.36
C GLU F 340 6.07 48.50 26.39
N MET F 341 5.08 47.62 26.19
CA MET F 341 3.94 47.93 25.33
C MET F 341 2.86 48.72 26.06
N ASP F 342 3.01 48.95 27.36
CA ASP F 342 2.03 49.70 28.14
C ASP F 342 0.67 49.00 28.17
N ILE F 343 0.66 47.68 27.96
CA ILE F 343 -0.55 46.88 28.01
C ILE F 343 -0.27 45.61 28.80
N THR F 344 -1.34 45.02 29.32
CA THR F 344 -1.22 43.87 30.21
C THR F 344 -1.01 42.58 29.42
N PRO F 345 -0.46 41.54 30.07
CA PRO F 345 -0.12 40.32 29.32
C PRO F 345 -1.29 39.67 28.60
N GLU F 346 -2.49 39.67 29.18
CA GLU F 346 -3.61 38.98 28.55
C GLU F 346 -3.98 39.63 27.22
N LYS F 347 -3.98 40.96 27.17
CA LYS F 347 -4.23 41.65 25.92
C LYS F 347 -3.14 41.34 24.90
N VAL F 348 -1.89 41.20 25.37
CA VAL F 348 -0.80 40.84 24.48
C VAL F 348 -1.03 39.46 23.88
N LEU F 349 -1.45 38.51 24.71
CA LEU F 349 -1.75 37.17 24.22
C LEU F 349 -2.89 37.22 23.19
N GLU F 350 -3.92 38.02 23.46
CA GLU F 350 -5.01 38.16 22.51
C GLU F 350 -4.51 38.73 21.19
N ILE F 351 -3.62 39.73 21.25
CA ILE F 351 -3.05 40.30 20.03
C ILE F 351 -2.27 39.25 19.26
N GLN F 352 -1.45 38.47 19.96
CA GLN F 352 -0.65 37.44 19.29
C GLN F 352 -1.54 36.41 18.62
N GLN F 353 -2.62 36.01 19.28
CA GLN F 353 -3.59 35.10 18.66
C GLN F 353 -4.24 35.77 17.45
N TYR F 354 -4.57 37.06 17.55
CA TYR F 354 -5.24 37.76 16.46
C TYR F 354 -4.35 37.87 15.23
N ALA F 355 -3.04 37.95 15.43
CA ALA F 355 -2.10 38.07 14.31
C ALA F 355 -1.92 36.76 13.54
N ARG F 356 -2.71 35.73 13.85
CA ARG F 356 -2.52 34.43 13.23
C ARG F 356 -3.03 34.43 11.79
N GLU F 357 -2.44 33.56 10.96
CA GLU F 357 -2.73 33.50 9.54
C GLU F 357 -3.08 32.07 9.14
N PRO F 358 -3.99 31.88 8.19
CA PRO F 358 -4.40 30.50 7.84
C PRO F 358 -3.45 29.82 6.87
N ILE F 359 -3.24 28.53 7.09
CA ILE F 359 -2.42 27.68 6.24
C ILE F 359 -3.28 27.12 5.11
N SER F 360 -2.65 26.56 4.08
CA SER F 360 -3.34 26.00 2.94
C SER F 360 -3.55 24.50 3.10
N LEU F 361 -4.72 24.01 2.66
CA LEU F 361 -5.00 22.59 2.71
C LEU F 361 -4.22 21.80 1.67
N ASP F 362 -3.74 22.46 0.61
CA ASP F 362 -3.15 21.75 -0.52
C ASP F 362 -1.73 21.28 -0.27
N GLN F 363 -1.13 21.62 0.88
CA GLN F 363 0.20 21.11 1.19
C GLN F 363 0.17 19.58 1.26
N THR F 364 1.23 18.97 0.72
CA THR F 364 1.32 17.52 0.65
C THR F 364 2.17 17.01 1.81
N ILE F 365 1.64 16.01 2.52
CA ILE F 365 2.31 15.42 3.68
C ILE F 365 2.35 13.90 3.49
N GLY F 366 3.35 13.28 4.09
CA GLY F 366 3.53 11.85 4.02
C GLY F 366 4.75 11.37 3.25
N ASP F 367 5.71 12.25 2.97
CA ASP F 367 6.92 11.89 2.22
C ASP F 367 6.60 11.43 0.80
N GLU F 368 5.41 11.76 0.31
CA GLU F 368 5.01 11.39 -1.05
C GLU F 368 3.99 12.41 -1.55
N GLY F 369 3.90 12.50 -2.88
CA GLY F 369 2.93 13.38 -3.50
C GLY F 369 1.61 12.70 -3.77
N ASP F 370 1.13 11.93 -2.80
CA ASP F 370 -0.13 11.20 -2.91
C ASP F 370 -1.17 11.67 -1.90
N SER F 371 -0.81 11.71 -0.62
CA SER F 371 -1.73 12.20 0.40
C SER F 371 -1.64 13.73 0.49
N GLN F 372 -2.62 14.30 1.19
CA GLN F 372 -2.71 15.75 1.36
C GLN F 372 -3.06 16.07 2.80
N LEU F 373 -2.70 17.28 3.21
CA LEU F 373 -3.12 17.81 4.51
C LEU F 373 -4.57 18.27 4.36
N GLY F 374 -5.50 17.42 4.80
CA GLY F 374 -6.91 17.68 4.57
C GLY F 374 -7.71 16.42 4.35
N ASP F 375 -7.02 15.33 3.99
CA ASP F 375 -7.68 14.04 3.84
C ASP F 375 -8.24 13.55 5.17
N PHE F 376 -7.50 13.79 6.25
CA PHE F 376 -7.83 13.28 7.57
C PHE F 376 -8.53 14.32 8.44
N ILE F 377 -9.32 15.21 7.83
CA ILE F 377 -10.12 16.17 8.57
C ILE F 377 -11.46 15.53 8.91
N GLU F 378 -11.66 15.21 10.18
CA GLU F 378 -12.92 14.65 10.64
C GLU F 378 -13.95 15.76 10.78
N ASP F 379 -15.15 15.53 10.24
CA ASP F 379 -16.20 16.52 10.28
C ASP F 379 -16.98 16.41 11.59
N SER F 380 -17.08 17.52 12.31
CA SER F 380 -17.87 17.58 13.53
C SER F 380 -19.34 17.87 13.27
N GLU F 381 -19.70 18.26 12.05
CA GLU F 381 -21.07 18.59 11.70
C GLU F 381 -21.76 17.46 10.94
N ALA F 382 -21.03 16.45 10.50
CA ALA F 382 -21.61 15.40 9.66
C ALA F 382 -22.78 14.74 10.37
N VAL F 383 -23.86 14.53 9.61
CA VAL F 383 -25.06 13.91 10.17
C VAL F 383 -24.76 12.46 10.52
N VAL F 384 -25.19 12.04 11.70
CA VAL F 384 -25.12 10.64 12.11
C VAL F 384 -26.49 10.03 11.91
N ALA F 385 -26.53 8.91 11.17
CA ALA F 385 -27.81 8.32 10.80
C ALA F 385 -28.61 7.89 12.03
N VAL F 386 -27.94 7.26 12.99
CA VAL F 386 -28.65 6.69 14.14
C VAL F 386 -29.48 7.78 14.82
N ASP F 387 -28.88 8.93 15.10
CA ASP F 387 -29.63 10.01 15.73
C ASP F 387 -30.81 10.41 14.86
N ALA F 388 -30.58 10.57 13.56
CA ALA F 388 -31.68 10.90 12.66
C ALA F 388 -32.82 9.92 12.81
N VAL F 389 -32.50 8.63 13.02
CA VAL F 389 -33.53 7.65 13.29
C VAL F 389 -34.12 7.87 14.67
N SER F 390 -33.26 7.97 15.68
CA SER F 390 -33.72 7.99 17.07
C SER F 390 -34.76 9.09 17.28
N PHE F 391 -34.45 10.31 16.84
CA PHE F 391 -35.38 11.42 17.04
C PHE F 391 -36.74 11.08 16.45
N THR F 392 -36.77 10.52 15.23
CA THR F 392 -38.05 10.15 14.63
C THR F 392 -38.80 9.19 15.53
N LEU F 393 -38.10 8.18 16.06
CA LEU F 393 -38.74 7.26 16.99
C LEU F 393 -39.30 8.02 18.19
N LEU F 394 -38.53 8.96 18.73
CA LEU F 394 -39.05 9.79 19.82
C LEU F 394 -40.29 10.54 19.36
N GLN F 395 -40.24 11.11 18.15
CA GLN F 395 -41.41 11.81 17.62
C GLN F 395 -42.59 10.85 17.46
N ASP F 396 -42.31 9.57 17.25
CA ASP F 396 -43.36 8.56 17.17
C ASP F 396 -43.68 7.91 18.51
N GLN F 397 -42.94 8.25 19.56
CA GLN F 397 -43.17 7.72 20.89
C GLN F 397 -43.66 8.78 21.87
N LEU F 398 -43.09 9.99 21.83
CA LEU F 398 -43.52 11.06 22.71
C LEU F 398 -44.82 11.69 22.22
N GLN F 399 -44.79 12.25 21.00
CA GLN F 399 -45.96 12.98 20.49
C GLN F 399 -47.13 12.05 20.21
N SER F 400 -46.86 10.81 19.82
CA SER F 400 -47.91 9.93 19.33
C SER F 400 -48.63 9.17 20.45
N VAL F 401 -47.88 8.60 21.38
CA VAL F 401 -48.47 7.72 22.38
C VAL F 401 -48.75 8.46 23.67
N LEU F 402 -47.70 8.93 24.34
CA LEU F 402 -47.85 9.49 25.68
C LEU F 402 -48.77 10.71 25.68
N GLU F 403 -48.81 11.46 24.58
CA GLU F 403 -49.69 12.62 24.51
C GLU F 403 -51.15 12.19 24.54
N THR F 404 -51.48 11.07 23.91
CA THR F 404 -52.87 10.63 23.80
C THR F 404 -53.33 9.87 25.03
N LEU F 405 -53.18 10.47 26.21
CA LEU F 405 -53.59 9.83 27.46
C LEU F 405 -54.40 10.73 28.39
N SER F 406 -54.52 12.04 28.09
CA SER F 406 -55.24 12.93 28.99
C SER F 406 -56.12 13.94 28.25
N GLU F 407 -56.39 13.71 26.96
CA GLU F 407 -57.28 14.56 26.18
C GLU F 407 -56.93 16.04 26.34
N ARG F 408 -57.90 16.86 26.75
CA ARG F 408 -57.65 18.30 26.82
C ARG F 408 -56.57 18.64 27.84
N GLU F 409 -56.43 17.83 28.90
CA GLU F 409 -55.37 18.06 29.86
C GLU F 409 -54.00 17.91 29.22
N ALA F 410 -53.86 16.97 28.29
CA ALA F 410 -52.64 16.86 27.50
C ALA F 410 -52.57 17.92 26.40
N GLY F 411 -53.71 18.48 26.01
CA GLY F 411 -53.71 19.48 24.96
C GLY F 411 -52.87 20.70 25.30
N VAL F 412 -52.76 21.03 26.59
CA VAL F 412 -51.96 22.18 27.00
C VAL F 412 -50.50 21.95 26.64
N VAL F 413 -50.02 20.72 26.77
CA VAL F 413 -48.63 20.42 26.44
C VAL F 413 -48.36 20.69 24.96
N ARG F 414 -49.36 20.45 24.11
CA ARG F 414 -49.18 20.69 22.68
C ARG F 414 -48.84 22.15 22.42
N LEU F 415 -49.51 23.07 23.10
CA LEU F 415 -49.24 24.49 22.92
C LEU F 415 -48.15 25.01 23.85
N ARG F 416 -48.11 24.52 25.09
CA ARG F 416 -47.13 25.04 26.05
C ARG F 416 -45.71 24.85 25.54
N PHE F 417 -45.38 23.65 25.08
CA PHE F 417 -44.05 23.35 24.58
C PHE F 417 -43.92 23.52 23.07
N GLY F 418 -45.01 23.84 22.38
CA GLY F 418 -44.94 24.07 20.95
C GLY F 418 -44.57 22.87 20.14
N LEU F 419 -44.90 21.66 20.62
CA LEU F 419 -44.51 20.45 19.90
C LEU F 419 -45.19 20.37 18.53
N THR F 420 -46.39 20.93 18.39
CA THR F 420 -47.15 20.82 17.15
C THR F 420 -46.80 21.90 16.14
N ASP F 421 -46.25 23.02 16.58
CA ASP F 421 -45.90 24.12 15.68
C ASP F 421 -44.45 24.56 15.78
N GLY F 422 -43.83 24.44 16.95
CA GLY F 422 -42.50 24.92 17.18
C GLY F 422 -42.43 26.24 17.90
N GLN F 423 -43.57 26.90 18.11
CA GLN F 423 -43.61 28.17 18.82
C GLN F 423 -44.04 27.90 20.26
N PRO F 424 -43.16 28.00 21.25
CA PRO F 424 -43.61 27.88 22.64
C PRO F 424 -44.53 29.04 23.00
N ARG F 425 -45.48 28.76 23.89
CA ARG F 425 -46.52 29.71 24.25
C ARG F 425 -46.47 29.97 25.75
N THR F 426 -46.76 31.22 26.13
CA THR F 426 -46.84 31.57 27.53
C THR F 426 -48.19 31.12 28.10
N LEU F 427 -48.31 31.23 29.43
CA LEU F 427 -49.51 30.74 30.11
C LEU F 427 -50.75 31.45 29.59
N ASP F 428 -50.83 32.76 29.79
CA ASP F 428 -52.05 33.49 29.43
C ASP F 428 -52.35 33.35 27.95
N GLU F 429 -51.31 33.32 27.11
CA GLU F 429 -51.51 33.21 25.68
C GLU F 429 -52.31 31.96 25.32
N ILE F 430 -52.16 30.89 26.09
CA ILE F 430 -52.94 29.68 25.85
C ILE F 430 -54.09 29.52 26.84
N GLY F 431 -54.21 30.42 27.81
CA GLY F 431 -55.41 30.45 28.63
C GLY F 431 -56.58 31.10 27.92
N GLN F 432 -56.29 32.06 27.04
CA GLN F 432 -57.33 32.80 26.33
C GLN F 432 -57.83 32.09 25.08
N VAL F 433 -57.12 31.09 24.57
CA VAL F 433 -57.66 30.29 23.48
C VAL F 433 -58.84 29.46 23.99
N TYR F 434 -58.74 28.95 25.22
CA TYR F 434 -59.89 28.45 25.94
C TYR F 434 -60.50 29.60 26.74
N GLY F 435 -61.41 29.28 27.64
CA GLY F 435 -62.06 30.31 28.46
C GLY F 435 -61.57 30.31 29.90
N VAL F 436 -60.26 30.18 30.10
CA VAL F 436 -59.68 30.08 31.43
C VAL F 436 -58.54 31.09 31.56
N THR F 437 -58.22 31.41 32.81
CA THR F 437 -57.15 32.35 33.11
C THR F 437 -55.79 31.69 32.97
N ARG F 438 -54.74 32.51 33.03
CA ARG F 438 -53.38 31.98 32.95
C ARG F 438 -53.08 31.06 34.12
N GLU F 439 -53.54 31.41 35.32
CA GLU F 439 -53.27 30.57 36.48
C GLU F 439 -53.97 29.22 36.37
N ARG F 440 -55.13 29.18 35.72
CA ARG F 440 -55.77 27.88 35.47
C ARG F 440 -54.91 27.03 34.54
N ILE F 441 -54.31 27.65 33.52
CA ILE F 441 -53.38 26.93 32.66
C ILE F 441 -52.21 26.42 33.48
N ARG F 442 -51.68 27.24 34.38
CA ARG F 442 -50.61 26.80 35.25
C ARG F 442 -51.02 25.61 36.09
N GLN F 443 -52.25 25.63 36.61
CA GLN F 443 -52.72 24.53 37.45
C GLN F 443 -52.84 23.23 36.67
N ILE F 444 -53.45 23.29 35.47
CA ILE F 444 -53.58 22.07 34.68
C ILE F 444 -52.20 21.59 34.23
N GLU F 445 -51.29 22.52 33.94
CA GLU F 445 -49.93 22.12 33.59
C GLU F 445 -49.25 21.43 34.75
N SER F 446 -49.45 21.92 35.98
CA SER F 446 -48.90 21.26 37.14
C SER F 446 -49.47 19.86 37.30
N LYS F 447 -50.78 19.71 37.10
CA LYS F 447 -51.40 18.39 37.16
C LYS F 447 -50.76 17.45 36.14
N THR F 448 -50.60 17.92 34.90
CA THR F 448 -50.03 17.09 33.85
C THR F 448 -48.59 16.73 34.17
N MET F 449 -47.81 17.68 34.68
CA MET F 449 -46.43 17.41 35.04
C MET F 449 -46.34 16.38 36.16
N SER F 450 -47.20 16.50 37.17
CA SER F 450 -47.18 15.54 38.27
C SER F 450 -47.56 14.14 37.77
N LYS F 451 -48.57 14.05 36.90
CA LYS F 451 -49.01 12.75 36.45
C LYS F 451 -48.01 12.10 35.50
N LEU F 452 -47.45 12.88 34.56
CA LEU F 452 -46.53 12.31 33.58
C LEU F 452 -45.17 12.03 34.20
N ARG F 453 -44.73 12.88 35.13
CA ARG F 453 -43.42 12.70 35.74
C ARG F 453 -43.33 11.40 36.53
N HIS F 454 -44.45 10.79 36.88
CA HIS F 454 -44.43 9.58 37.67
C HIS F 454 -43.70 8.47 36.92
N PRO F 455 -42.98 7.59 37.62
CA PRO F 455 -42.18 6.57 36.91
C PRO F 455 -43.01 5.66 36.01
N SER F 456 -44.26 5.39 36.36
CA SER F 456 -45.04 4.40 35.62
C SER F 456 -45.07 4.68 34.13
N ARG F 457 -45.06 5.95 33.74
CA ARG F 457 -44.99 6.33 32.34
C ARG F 457 -43.60 6.75 31.90
N SER F 458 -42.82 7.36 32.81
CA SER F 458 -41.48 7.82 32.45
C SER F 458 -40.52 6.68 32.18
N GLN F 459 -40.87 5.45 32.57
CA GLN F 459 -39.95 4.33 32.35
C GLN F 459 -39.70 4.10 30.86
N VAL F 460 -40.73 4.28 30.03
CA VAL F 460 -40.56 4.10 28.59
C VAL F 460 -39.76 5.24 27.99
N LEU F 461 -40.04 6.48 28.42
CA LEU F 461 -39.43 7.66 27.82
C LEU F 461 -38.01 7.93 28.31
N ARG F 462 -37.61 7.32 29.42
CA ARG F 462 -36.33 7.68 30.04
C ARG F 462 -35.13 7.16 29.25
N ASP F 463 -35.29 6.00 28.59
CA ASP F 463 -34.13 5.29 28.08
C ASP F 463 -33.38 6.05 26.99
N TYR F 464 -33.94 7.14 26.46
CA TYR F 464 -33.24 7.88 25.41
C TYR F 464 -31.97 8.55 25.94
N LEU F 465 -32.03 9.12 27.14
CA LEU F 465 -30.86 9.75 27.75
C LEU F 465 -30.78 9.42 29.24
N ASP F 466 -31.21 8.21 29.62
CA ASP F 466 -31.23 7.80 31.01
C ASP F 466 -29.87 8.01 31.67
N LEU G 6 -7.39 14.87 13.53
CA LEU G 6 -8.01 15.98 14.31
C LEU G 6 -9.48 16.17 13.93
N ARG G 7 -10.20 16.94 14.74
CA ARG G 7 -11.57 17.31 14.45
C ARG G 7 -11.61 18.69 13.81
N GLY G 8 -12.45 18.82 12.78
CA GLY G 8 -12.60 20.07 12.06
C GLY G 8 -13.97 20.66 12.28
N SER G 9 -14.05 21.99 12.19
CA SER G 9 -15.30 22.72 12.37
C SER G 9 -15.58 23.54 11.12
N ARG G 10 -16.84 23.98 11.00
CA ARG G 10 -17.31 24.67 9.81
C ARG G 10 -18.02 25.98 10.14
N LEU G 11 -17.98 26.44 11.39
CA LEU G 11 -18.73 27.60 11.82
C LEU G 11 -20.22 27.42 11.52
N GLY G 12 -20.70 26.19 11.69
CA GLY G 12 -22.08 25.85 11.43
C GLY G 12 -22.59 24.75 12.34
N ALA G 13 -23.77 24.23 12.05
CA ALA G 13 -24.37 23.19 12.88
C ALA G 13 -25.39 22.44 12.04
N VAL G 14 -25.93 21.37 12.63
CA VAL G 14 -26.88 20.48 11.95
C VAL G 14 -28.11 20.33 12.84
N SER G 15 -29.28 20.34 12.21
CA SER G 15 -30.54 20.13 12.89
C SER G 15 -31.42 19.22 12.05
N TYR G 16 -32.39 18.58 12.73
CA TYR G 16 -33.12 17.47 12.13
C TYR G 16 -34.62 17.52 12.42
N GLU G 17 -35.14 18.68 12.81
CA GLU G 17 -36.55 18.77 13.18
C GLU G 17 -37.45 18.55 11.96
N THR G 18 -38.75 18.53 12.20
CA THR G 18 -39.73 18.07 11.21
C THR G 18 -39.88 19.09 10.10
N ASP G 19 -39.43 18.74 8.89
CA ASP G 19 -39.72 19.53 7.71
C ASP G 19 -41.10 19.17 7.15
N ARG G 20 -41.64 20.07 6.34
CA ARG G 20 -42.97 19.88 5.76
C ARG G 20 -43.22 20.99 4.76
N ASN G 21 -44.27 20.80 3.95
CA ASN G 21 -44.69 21.80 2.98
C ASN G 21 -46.19 22.07 3.06
N HIS G 22 -46.97 21.07 3.48
CA HIS G 22 -48.42 21.24 3.52
C HIS G 22 -48.86 22.26 4.57
N ASP G 23 -48.03 22.50 5.59
CA ASP G 23 -48.27 23.56 6.56
C ASP G 23 -47.09 24.51 6.51
N LEU G 24 -47.36 25.78 6.24
CA LEU G 24 -46.30 26.76 6.05
C LEU G 24 -46.81 28.13 6.50
N ALA G 25 -45.86 28.98 6.90
CA ALA G 25 -46.20 30.35 7.22
C ALA G 25 -46.52 31.12 5.94
N PRO G 26 -47.43 32.10 6.01
CA PRO G 26 -47.82 32.81 4.78
C PRO G 26 -46.73 33.75 4.30
N ARG G 27 -46.29 33.56 3.06
CA ARG G 27 -45.34 34.46 2.44
C ARG G 27 -46.02 35.77 2.06
N GLN G 28 -45.26 36.85 2.09
CA GLN G 28 -45.66 38.13 1.51
C GLN G 28 -44.66 38.44 0.40
N VAL G 29 -45.11 38.37 -0.85
CA VAL G 29 -44.24 38.45 -2.01
C VAL G 29 -44.18 39.88 -2.50
N ALA G 30 -42.97 40.40 -2.67
CA ALA G 30 -42.74 41.72 -3.24
C ALA G 30 -41.85 41.56 -4.47
N ARG G 31 -41.92 42.55 -5.36
CA ARG G 31 -41.09 42.55 -6.56
C ARG G 31 -40.39 43.89 -6.69
N TYR G 32 -39.15 43.84 -7.16
CA TYR G 32 -38.28 45.00 -7.26
C TYR G 32 -37.78 45.15 -8.68
N ARG G 33 -37.88 46.36 -9.21
CA ARG G 33 -37.28 46.71 -10.49
C ARG G 33 -35.90 47.31 -10.26
N THR G 34 -34.99 47.03 -11.20
CA THR G 34 -33.59 47.37 -11.06
C THR G 34 -33.21 48.42 -12.11
N ASP G 35 -32.15 49.17 -11.80
CA ASP G 35 -31.69 50.23 -12.69
C ASP G 35 -31.13 49.69 -14.01
N ASN G 36 -30.87 48.39 -14.11
CA ASN G 36 -30.41 47.79 -15.34
C ASN G 36 -31.55 47.22 -16.18
N GLY G 37 -32.81 47.39 -15.75
CA GLY G 37 -33.96 46.97 -16.52
C GLY G 37 -34.56 45.64 -16.10
N GLU G 38 -33.92 44.92 -15.19
CA GLU G 38 -34.40 43.61 -14.77
C GLU G 38 -35.28 43.73 -13.54
N GLU G 39 -36.13 42.73 -13.33
CA GLU G 39 -37.01 42.67 -12.17
C GLU G 39 -36.81 41.35 -11.45
N PHE G 40 -37.01 41.39 -10.13
CA PHE G 40 -36.82 40.20 -9.28
C PHE G 40 -37.91 40.17 -8.22
N ASP G 41 -38.04 39.01 -7.57
CA ASP G 41 -39.06 38.79 -6.55
C ASP G 41 -38.43 38.30 -5.27
N VAL G 42 -39.05 38.67 -4.14
CA VAL G 42 -38.59 38.27 -2.82
C VAL G 42 -39.80 37.89 -1.96
N PRO G 43 -39.85 36.68 -1.40
CA PRO G 43 -40.92 36.36 -0.43
C PRO G 43 -40.54 36.72 1.00
N PHE G 44 -41.37 37.53 1.66
CA PHE G 44 -41.14 37.93 3.04
C PHE G 44 -42.12 37.21 3.96
N ALA G 45 -41.99 37.49 5.25
CA ALA G 45 -42.73 36.77 6.28
C ALA G 45 -44.10 37.41 6.53
N ASP G 46 -44.80 36.88 7.54
CA ASP G 46 -46.14 37.36 7.88
C ASP G 46 -46.14 38.71 8.57
N ASP G 47 -44.96 39.24 8.93
CA ASP G 47 -44.90 40.52 9.62
C ASP G 47 -45.47 41.68 8.81
N ALA G 48 -45.80 41.46 7.54
CA ALA G 48 -46.41 42.48 6.68
C ALA G 48 -45.48 43.64 6.38
N GLU G 49 -44.17 43.46 6.58
CA GLU G 49 -43.22 44.51 6.24
C GLU G 49 -43.17 44.70 4.73
N ILE G 50 -42.96 45.95 4.31
CA ILE G 50 -42.89 46.29 2.90
C ILE G 50 -41.63 47.12 2.66
N PRO G 51 -40.46 46.49 2.61
CA PRO G 51 -39.23 47.27 2.35
C PRO G 51 -39.28 47.95 0.99
N GLY G 52 -38.80 49.19 0.94
CA GLY G 52 -38.81 49.95 -0.30
C GLY G 52 -37.62 49.74 -1.20
N THR G 53 -36.49 49.30 -0.63
CA THR G 53 -35.26 49.11 -1.40
C THR G 53 -34.68 47.74 -1.08
N TRP G 54 -33.95 47.18 -2.05
CA TRP G 54 -33.33 45.88 -1.86
C TRP G 54 -32.07 45.80 -2.71
N LEU G 55 -31.21 44.85 -2.37
CA LEU G 55 -30.01 44.53 -3.14
C LEU G 55 -30.22 43.16 -3.78
N CYS G 56 -30.18 43.12 -5.10
CA CYS G 56 -30.61 41.94 -5.85
C CYS G 56 -29.42 41.04 -6.18
N ARG G 57 -29.74 39.90 -6.82
CA ARG G 57 -28.71 38.91 -7.13
C ARG G 57 -27.66 39.46 -8.08
N ASN G 58 -28.08 40.24 -9.08
CA ASN G 58 -27.17 40.72 -10.12
C ASN G 58 -26.21 41.80 -9.62
N GLY G 59 -26.13 42.07 -8.32
CA GLY G 59 -25.17 43.02 -7.80
C GLY G 59 -25.55 44.48 -7.96
N LEU G 60 -26.81 44.77 -8.25
CA LEU G 60 -27.29 46.14 -8.42
C LEU G 60 -28.55 46.35 -7.59
N GLU G 61 -28.65 47.51 -6.97
CA GLU G 61 -29.78 47.81 -6.11
C GLU G 61 -31.06 47.98 -6.92
N GLY G 62 -32.20 47.72 -6.26
CA GLY G 62 -33.49 47.86 -6.89
C GLY G 62 -34.52 48.40 -5.91
N THR G 63 -35.63 48.85 -6.47
CA THR G 63 -36.69 49.49 -5.70
C THR G 63 -38.03 48.82 -6.02
N LEU G 64 -38.93 48.86 -5.04
CA LEU G 64 -40.21 48.19 -5.16
C LEU G 64 -40.95 48.68 -6.40
N ILE G 65 -41.59 47.75 -7.12
CA ILE G 65 -42.32 48.09 -8.33
C ILE G 65 -43.47 49.04 -8.02
N GLU G 66 -44.11 48.86 -6.85
CA GLU G 66 -45.21 49.74 -6.48
C GLU G 66 -44.77 51.20 -6.44
N GLY G 67 -43.53 51.45 -6.04
CA GLY G 67 -42.96 52.79 -6.17
C GLY G 67 -43.30 53.75 -5.05
N ASP G 68 -43.14 53.33 -3.79
CA ASP G 68 -43.43 54.17 -2.65
C ASP G 68 -42.15 54.75 -2.06
N VAL G 69 -42.22 56.01 -1.65
CA VAL G 69 -41.15 56.67 -0.89
C VAL G 69 -39.81 56.51 -1.63
N PRO G 70 -39.59 57.25 -2.72
CA PRO G 70 -38.29 57.20 -3.39
C PRO G 70 -37.19 57.82 -2.52
N GLU G 71 -35.95 57.44 -2.84
CA GLU G 71 -34.75 57.89 -2.16
C GLU G 71 -34.93 57.87 -0.64
N PRO G 72 -35.00 56.67 -0.03
CA PRO G 72 -35.26 56.61 1.42
C PRO G 72 -34.20 57.32 2.26
N LYS G 73 -32.93 57.24 1.87
CA LYS G 73 -31.86 57.84 2.66
C LYS G 73 -30.70 58.23 1.75
N LYS G 74 -29.86 59.14 2.25
CA LYS G 74 -28.80 59.75 1.48
C LYS G 74 -27.57 59.91 2.35
N VAL G 75 -26.40 59.95 1.71
CA VAL G 75 -25.11 59.96 2.39
C VAL G 75 -24.29 61.14 1.87
N LYS G 76 -23.27 61.50 2.64
CA LYS G 76 -22.45 62.66 2.32
C LYS G 76 -21.86 62.53 0.92
N PRO G 77 -21.89 63.59 0.10
CA PRO G 77 -21.29 63.50 -1.22
C PRO G 77 -19.79 63.34 -1.13
N PRO G 78 -19.16 62.73 -2.14
CA PRO G 78 -17.70 62.61 -2.13
C PRO G 78 -17.02 63.97 -2.28
N ARG G 79 -15.80 64.04 -1.79
CA ARG G 79 -14.97 65.23 -1.98
C ARG G 79 -14.27 65.17 -3.34
N THR G 80 -13.96 66.34 -3.88
CA THR G 80 -13.48 66.47 -5.25
C THR G 80 -12.24 67.36 -5.27
N HIS G 81 -11.47 67.24 -6.35
CA HIS G 81 -10.25 68.03 -6.50
C HIS G 81 -10.50 69.51 -6.32
N TRP G 82 -11.67 69.99 -6.77
CA TRP G 82 -11.96 71.42 -6.63
C TRP G 82 -12.08 71.81 -5.16
N ASP G 83 -12.77 71.00 -4.36
CA ASP G 83 -12.83 71.27 -2.92
C ASP G 83 -11.44 71.21 -2.31
N MET G 84 -10.64 70.24 -2.75
CA MET G 84 -9.27 70.11 -2.26
C MET G 84 -8.41 71.29 -2.67
N LEU G 85 -8.80 72.03 -3.71
CA LEU G 85 -8.09 73.23 -4.11
C LEU G 85 -8.57 74.44 -3.30
N LEU G 86 -9.88 74.56 -3.10
CA LEU G 86 -10.41 75.68 -2.32
C LEU G 86 -9.87 75.66 -0.90
N GLU G 87 -9.46 74.48 -0.41
CA GLU G 87 -8.90 74.37 0.94
C GLU G 87 -7.50 74.97 1.04
N ARG G 88 -6.87 75.32 -0.09
CA ARG G 88 -5.53 75.88 -0.09
C ARG G 88 -5.40 77.12 -0.96
N ARG G 89 -6.51 77.66 -1.46
CA ARG G 89 -6.48 78.86 -2.28
C ARG G 89 -7.79 79.62 -2.11
N SER G 90 -7.73 80.92 -2.32
CA SER G 90 -8.91 81.77 -2.35
C SER G 90 -9.26 82.13 -3.78
N VAL G 91 -10.53 82.51 -3.99
CA VAL G 91 -11.02 82.77 -5.33
C VAL G 91 -10.22 83.87 -6.01
N GLU G 92 -9.70 84.83 -5.24
CA GLU G 92 -9.00 85.96 -5.82
C GLU G 92 -7.76 85.51 -6.60
N GLU G 93 -6.97 84.62 -6.01
CA GLU G 93 -5.76 84.15 -6.70
C GLU G 93 -6.12 83.39 -7.97
N LEU G 94 -7.19 82.59 -7.92
CA LEU G 94 -7.60 81.85 -9.11
C LEU G 94 -8.07 82.79 -10.22
N GLU G 95 -8.82 83.83 -9.86
CA GLU G 95 -9.21 84.82 -10.86
C GLU G 95 -7.99 85.54 -11.42
N GLU G 96 -7.00 85.81 -10.56
CA GLU G 96 -5.77 86.43 -11.03
C GLU G 96 -5.05 85.54 -12.04
N LEU G 97 -5.02 84.23 -11.77
CA LEU G 97 -4.39 83.30 -12.73
C LEU G 97 -5.18 83.25 -14.03
N LEU G 98 -6.51 83.26 -13.95
CA LEU G 98 -7.32 83.28 -15.16
C LEU G 98 -7.03 84.53 -15.98
N LYS G 99 -6.83 85.67 -15.31
CA LYS G 99 -6.39 86.87 -15.99
C LYS G 99 -5.02 86.67 -16.62
N GLU G 100 -4.09 86.08 -15.85
CA GLU G 100 -2.72 85.90 -16.34
C GLU G 100 -2.70 85.02 -17.58
N ARG G 101 -3.70 84.16 -17.76
CA ARG G 101 -3.77 83.26 -18.91
C ARG G 101 -4.66 83.82 -20.01
N LEU G 102 -4.64 85.15 -20.20
CA LEU G 102 -5.57 85.80 -21.10
C LEU G 102 -5.26 85.56 -22.57
N ASP G 103 -3.98 85.49 -22.95
CA ASP G 103 -3.64 85.39 -24.36
C ASP G 103 -2.24 84.81 -24.51
N LEU G 104 -1.92 84.44 -25.75
CA LEU G 104 -0.60 83.93 -26.10
C LEU G 104 0.11 84.88 -27.05
ZN ZN J . -20.51 -12.41 -34.74
ZN ZN K . -32.04 38.10 9.17
MG MG L . 2.21 -13.87 1.88
#